data_8TLQ
#
_entry.id   8TLQ
#
_cell.length_a   1.00
_cell.length_b   1.00
_cell.length_c   1.00
_cell.angle_alpha   90.00
_cell.angle_beta   90.00
_cell.angle_gamma   90.00
#
_symmetry.space_group_name_H-M   'P 1'
#
loop_
_entity.id
_entity.type
_entity.pdbx_description
1 polymer 'DNA polymerase zeta catalytic subunit'
2 polymer 'DNA polymerase zeta processivity subunit'
3 polymer 'DNA polymerase delta small subunit'
4 polymer 'DNA polymerase delta subunit 3'
5 polymer 'DNA repair protein REV1'
6 polymer 'DNA (30-MER)'
7 non-polymer 'CALCIUM ION'
8 non-polymer "2'-DEOXYCYTIDINE-5'-TRIPHOSPHATE"
9 non-polymer 'IRON/SULFUR CLUSTER'
10 water water
#
loop_
_entity_poly.entity_id
_entity_poly.type
_entity_poly.pdbx_seq_one_letter_code
_entity_poly.pdbx_strand_id
1 'polypeptide(L)'
;MDYKDDDDKGDHNHRHKHGDPLEVLFQGPGGDPHMSRESNDTIQSDTVRSSSKSDYFRIQLNNQDYYMSKPTFLDPSHGE
SLPLNQFSQVPNIRVFGALPTGHQVLCHVHGILPYMFIKYDGQITDTSTLRHQRCAQVHKTLEVKIRASFKRKKDDKHDL
AGDKLGNLNFVADVSVVKGIPFYGYHVGWNLFYKISLLNPSCLSRISELIRDGKIFGKKFEIYESHIPYLLQWTADFNLF
GCSWINVDRCYFRSPVLNSILDIDKLTINDDLQLLLDRFCDFKCNVLSRRDFPRVGNGLIEIDILPQFIKNREKLQHRDI
HHDFLEKLGDISDIPVKPYVSSARDMINELTMQREELSLKEYKEPPETKRHVSGHQWQSSGEFEAFYKKAQHKTSTFDGQ
IPNFENFIDKNQKFSAINTPYEALPQLWPRLPQIEINNNSMQDKKNDDQVNASFTEYEICGVDNENEGVKGSNIKSRSYS
WLPESIASPKDSTILLDHQTKYHNTINFSMDCAMTQNMASKRKLRSSVSANKTSLLSRKRKKVMAAGLRYGKRAFVYGEP
PFGYQDILNKLEDEGFPKIDYKDPFFSNPVDLENKPYAYAGKRFEISSTHVSTRIPVQFGGETVSVYNKPTFDMFSSWKY
ALKPPTYDAVQKWYNKVPSMGNKKTESQISMHTPHSKFLYKFASDVSGKQKRKKSSVHDSLTHLTLEIHANTRSDKIPDP
AIDEVSMIIWCLEEETFPLDLDIAYEGIMIVHKASEDSTFPTKIQHCINEIPVMFYESEFEMFEALTDLVLLLDPDILSG
FEIHNFSWGYIIERCQKIHQFDIVRELARVKCQIKTKLSDTWGYAHSSGIMITGRHMINIWRALRSDVNLTQYTIESAAF
NILHKRLPHFSFESLTNMWNAKKSTTELKTVLNYWLSRAQINIQLLRKQDYIARNIEQARLIGIDFHSVYYRGSQFKVES
FLIRICKSESFILLSPGKKDVRKQKALECVPLVMEPESAFYKSPLIVLDFQSLYPSIMIGYNYCYSTMIGRVREINLTEN
NLGVSKFSLPRNILALLKNDVTIAPNGVVYAKTSVRKSTLSKMLTDILDVRVMIKKTMNEIGDDNTTLKRLLNNKQLALK
LLANVTYGYTSASFSGRMPCSDLADSIVQTGRETLEKAIDIIEKDETWNAKVVYGDTDSLFVYLPGKTAIEAFSIGHAMA
ERVTQNNPKPIFLKFEKVYHPSILISKKRYVGFSYESPSQTLPIFDAKGIETVRRDGIPAQQKIIEKCIRLLFQTKDLSK
IKKYLQNEFFKIQIGKVSAQDFCFAKEVKLGAYKSEKTAPAGAVVVKRRINEDHRAEPQYKERIPYLVVKGKQGQLLRER
CVSPEEFLEGENLELDSEYYINKILIPPLDRLFNLIGINVGNWAQEIVKSKRASTTTTKVENITRVGTSATCCNCGEELT
KICSLQLCDDCLEKRSTTTLSFLIKKLKRQKEYQTLKTVCRTCSYRYTSDAGIENDHIASKCNSYDCPVFYSRVKAERYL
RDNQSVQREEALISLNDW
;
A
2 'polypeptide(L)'
;MNRWVEKWLRVYLKCYINLILFYRNVYPPQSFDYTTYQSFNLPQFVPINRHPALIDYIEELILDVLSKLTHVYRFSICII
NKKNDLCIEKYVLDFSELQHVDKDDQIITETEVFDEFRSSLNSLIMHLEKLPKVNDDTITFEAVINAIELELGHKLDRNR
RVDSLEEKAEIERDSNWVKCQEDENLPDNNGFQPPKIKLTSLVGSDVGPLIIHQFSEKLISGDDKILNGVYSQYEEGESI
FGSLF
;
D,E
3 'polypeptide(L)'
;GPGGDLHMDALLTKFNEDRSLQDENLSQPRTRVRIVDDNLYNKSNPFQLCYKKRDYGSQYYHIYQYRLKTFRERVLKECD
KRWDAGFTLNGQLVLKKDKVLDIQGNQPCWCVGSIYCEMKYKPNVLDEVINDTYGAPDLTKSYTDKEGGSDEIMLEDESG
RVLLVGDFIRSTPFITGVVVGILGMEAEAGTFQVLDICYPTPLPQNPFPAPIATCPTRGKIALVSGLNLNNTSPDRLLRL
EILREFLMGRINNKIDDISLIGRLLICGNSVDFDIKSVNKDELMISLTEFSKFLHNILPSISVDIMPGTNDPSDKSLPQQ
PFHKSLFDKSLESYFNGSNKEILNLVTNPYEFSYNGVDVLAVSGKNINDICKYVIPSNDNGESENKVEEGESNDFKDDIE
HRLDLMECTMKWQNIAPTAPDTLWCYPYTDKDPFVLDKWPHVYIVANQPYFGTRVVEIGGKNIKIISVPEFSSTGMIILL
DLETLEAETVKIDI
;
F
4 'polypeptide(L)'
;MDQKASYFINEKLFTEVKPVLFTDLIHHLKIGPSMAKKLMFDYYKQTTNAKYNCVVICCYKDQTIKIIHDLSNIPQQDSI
IDCFIYAFNPMDSFIPYYDIIDQKDCLTIKNSYELKVSESSKIIERTKTLEEKSKPLVRPTARSKTTPEETTGRKSKSKD
MGLRSTALLAKMKKDRDDKETSRQNELRKRKEENLQKINKQNPEREAQMKELNNLFVEDDLDTEEVNGGSKPNSPKETDS
NDKDKNNDDLEDLLETTAEDSLMDVPKIQQTKPSETEHSKEPKSEEEPSSFIDEDGYIVTKRPATSTPPRKPSPVVKRAL
SSSKKQETPSSNKRLKKQGTLESFFKRKAK
;
G
5 'polypeptide(L)'
;MGEHGGLVDLLDSDLEYSINRETPDKNNCLSQQSVNDSHLTAKTGGLNARSFLSTLSDDSLIEYVNQLSQTNKNNSNPTA
GTLRFTTKNISCDELHADLGGGEDSPIARSVIEIQESDSNGDDVKKNTVYTREAYFHEKAHGQTLQDQILKDQYKDQISS
QSSKIFKNCVIYINGYTKPGRLQLHEMIVLHGGKFLHYLSSKKTVTHIVASNLPLKKRIEFANYKVVSPDWIVDSVKEAR
LLPWQNYSLTSKLDEQQKKLDNCKTVNSIPLPSETSLHKGSKCVGSALLPVEQQSPVNLNNLEAKRIVACDDPDFLTSYF
AHSRLHHLSAWKANLKDKFLNENIHKYTKITDKDTYIIFHIDFDCFFATVAYLCRSSSFSACDFKRDPIVVCHGTKNSDI
ASCNYVARSYGIKNGMWVSQAEKMLPNGIKLISLPYTFEQFQLKSEAFYSTLKRLNIFNLILPISIDEAVCVRIIPDNIH
NTNTLNARLCEEIRQEIFQGTNGCTVSIGCSDSLVLARLALKMAKPNGYNITFKSNLSEEFWSSFKLDDLPGVGHSTLSR
LESTFDSPHSLNDLRKRYTLDALKASVGSKLGMKIHLALQGQDDEESLKILYDPKEVLQRKSLSIDINWGIRFKNITQVD
LFIERGCQYLLEKLNEINKTTSQITLKLMRRCKDAPIEPPKYMGMGRCDSFSRSSRLGIPTNEFGIIATEMKSLYRTLGC
PPMELRGLALQFNKLVDVGPDNNQLKLRLPFKTIVTNRAFEALPEDVKNDINNEFEKRNYKRKESGLTSNSLSSKKKGFA
ISRLEVNDLPSTMEEQFMNELPTQIRAEVRHDLRIQKKIQQTKLGNLQEKIKRREESLQNEKNHFMGQNSIFQPIKFQNL
TRFKKICQLVKQWVAETLGDGGPHEKDVKLFVKYLIKLCDSNRVHLVLHLSNLISRELNLCAFLNQDHSGFQTWERILLN
DIIPLLNRNKHTYQTVRKLDMDFEV
;
B
6 'polydeoxyribonucleotide'
;(DT)(DA)(DA)(DT)(DG)(DG)(DT)(DA)(DG)(DG)(DG)(DG)(DA)(DG)(DG)(DG)(DA)(DA)(DT)(DC)
(DC)(DC)(DT)(DC)(DC)(DC)(DC)(DT)(DA)(DC)
;
P,T
#
# COMPACT_ATOMS: atom_id res chain seq x y z
N SER A 54 -17.80 -28.20 43.40
CA SER A 54 -17.44 -29.54 43.84
C SER A 54 -17.37 -29.61 45.37
N ASP A 55 -16.94 -30.76 45.88
CA ASP A 55 -16.82 -30.98 47.32
C ASP A 55 -15.39 -30.80 47.82
N TYR A 56 -14.49 -30.29 46.99
CA TYR A 56 -13.10 -30.10 47.36
C TYR A 56 -12.75 -28.61 47.28
N PHE A 57 -11.97 -28.15 48.25
CA PHE A 57 -11.50 -26.77 48.23
C PHE A 57 -10.53 -26.58 47.07
N ARG A 58 -10.77 -25.55 46.27
CA ARG A 58 -9.99 -25.29 45.06
C ARG A 58 -9.33 -23.92 45.15
N ILE A 59 -8.02 -23.89 44.95
CA ILE A 59 -7.25 -22.64 44.89
C ILE A 59 -6.37 -22.70 43.64
N GLN A 60 -6.46 -21.66 42.82
CA GLN A 60 -5.68 -21.61 41.58
C GLN A 60 -4.24 -21.21 41.91
N LEU A 61 -3.29 -22.11 41.64
CA LEU A 61 -1.89 -21.85 41.95
C LEU A 61 -1.32 -20.81 41.01
N ASN A 62 -1.32 -19.54 41.44
CA ASN A 62 -0.83 -18.44 40.61
C ASN A 62 0.66 -18.20 40.82
N ASN A 63 1.05 -17.95 42.06
CA ASN A 63 2.45 -17.70 42.40
C ASN A 63 2.86 -18.61 43.56
N GLN A 64 4.11 -19.06 43.53
CA GLN A 64 4.65 -19.96 44.55
C GLN A 64 5.98 -19.42 45.05
N ASP A 65 6.17 -19.49 46.38
CA ASP A 65 7.40 -19.05 46.99
C ASP A 65 7.66 -19.89 48.24
N TYR A 66 8.92 -19.95 48.63
CA TYR A 66 9.35 -20.74 49.79
C TYR A 66 10.12 -19.85 50.76
N TYR A 67 9.86 -20.03 52.04
CA TYR A 67 10.54 -19.29 53.09
C TYR A 67 10.85 -20.21 54.25
N MET A 68 11.96 -19.95 54.93
CA MET A 68 12.34 -20.72 56.10
C MET A 68 11.63 -20.21 57.34
N SER A 69 11.21 -21.14 58.21
CA SER A 69 10.50 -20.78 59.42
C SER A 69 10.85 -21.77 60.52
N LYS A 70 10.64 -21.34 61.76
CA LYS A 70 10.89 -22.22 62.91
C LYS A 70 9.89 -23.37 62.90
N PRO A 71 10.32 -24.58 63.28
CA PRO A 71 9.40 -25.72 63.28
C PRO A 71 8.26 -25.53 64.26
N THR A 72 7.08 -26.02 63.87
CA THR A 72 5.89 -25.99 64.72
C THR A 72 5.33 -27.41 64.84
N PHE A 73 4.15 -27.54 65.43
CA PHE A 73 3.52 -28.86 65.54
C PHE A 73 2.79 -29.26 64.26
N LEU A 74 2.72 -28.38 63.26
CA LEU A 74 2.24 -28.72 61.93
C LEU A 74 3.38 -29.19 61.02
N ASP A 75 4.63 -29.08 61.46
CA ASP A 75 5.79 -29.45 60.67
C ASP A 75 6.52 -30.63 61.32
N PRO A 76 7.22 -31.44 60.53
CA PRO A 76 7.95 -32.59 61.11
C PRO A 76 9.15 -32.11 61.92
N SER A 77 9.16 -32.45 63.20
CA SER A 77 10.23 -32.07 64.11
C SER A 77 11.20 -33.22 64.39
N HIS A 78 11.03 -34.37 63.74
CA HIS A 78 11.90 -35.52 63.94
C HIS A 78 12.24 -36.14 62.60
N GLY A 79 13.39 -36.78 62.54
CA GLY A 79 13.85 -37.45 61.33
C GLY A 79 13.98 -38.95 61.57
N GLU A 80 13.65 -39.72 60.53
CA GLU A 80 13.73 -41.18 60.66
C GLU A 80 15.17 -41.64 60.84
N SER A 81 16.11 -41.06 60.10
CA SER A 81 17.50 -41.44 60.22
C SER A 81 18.06 -41.10 61.60
N LEU A 82 17.74 -39.92 62.11
CA LEU A 82 18.24 -39.44 63.40
C LEU A 82 17.07 -39.00 64.25
N PRO A 83 16.39 -39.94 64.93
CA PRO A 83 15.24 -39.57 65.77
C PRO A 83 15.62 -38.80 67.03
N LEU A 84 16.90 -38.75 67.38
CA LEU A 84 17.35 -38.06 68.59
C LEU A 84 17.76 -36.61 68.32
N ASN A 85 17.64 -36.14 67.08
CA ASN A 85 18.02 -34.78 66.72
C ASN A 85 16.82 -34.07 66.11
N GLN A 86 16.60 -32.83 66.52
CA GLN A 86 15.50 -32.02 66.03
C GLN A 86 15.97 -31.22 64.81
N PHE A 87 15.12 -30.29 64.35
CA PHE A 87 15.44 -29.43 63.22
C PHE A 87 15.52 -27.98 63.69
N SER A 88 16.63 -27.31 63.38
CA SER A 88 16.74 -25.90 63.70
C SER A 88 15.74 -25.07 62.89
N GLN A 89 15.56 -25.40 61.61
CA GLN A 89 14.60 -24.72 60.76
C GLN A 89 14.10 -25.69 59.70
N VAL A 90 12.88 -25.47 59.25
CA VAL A 90 12.26 -26.32 58.22
C VAL A 90 11.72 -25.44 57.11
N PRO A 91 11.68 -25.91 55.86
CA PRO A 91 11.17 -25.07 54.78
C PRO A 91 9.65 -25.12 54.69
N ASN A 92 9.07 -23.98 54.33
CA ASN A 92 7.64 -23.84 54.12
C ASN A 92 7.39 -23.16 52.78
N ILE A 93 6.32 -23.57 52.11
CA ILE A 93 5.97 -23.05 50.78
C ILE A 93 4.74 -22.18 50.91
N ARG A 94 4.85 -20.94 50.42
CA ARG A 94 3.73 -20.01 50.38
C ARG A 94 3.16 -19.98 48.97
N VAL A 95 1.87 -20.27 48.85
CA VAL A 95 1.17 -20.30 47.57
C VAL A 95 0.11 -19.21 47.59
N PHE A 96 0.18 -18.31 46.61
CA PHE A 96 -0.81 -17.24 46.47
C PHE A 96 -1.87 -17.72 45.47
N GLY A 97 -3.04 -18.10 45.98
CA GLY A 97 -4.08 -18.68 45.18
C GLY A 97 -5.34 -17.82 45.16
N ALA A 98 -6.23 -18.16 44.23
CA ALA A 98 -7.51 -17.48 44.07
C ALA A 98 -8.63 -18.52 44.10
N LEU A 99 -9.65 -18.26 44.91
CA LEU A 99 -10.80 -19.14 44.97
C LEU A 99 -11.61 -19.06 43.67
N PRO A 100 -12.41 -20.08 43.38
CA PRO A 100 -13.26 -20.01 42.17
C PRO A 100 -14.19 -18.81 42.17
N THR A 101 -14.61 -18.33 43.33
CA THR A 101 -15.40 -17.11 43.40
C THR A 101 -14.61 -15.88 42.95
N GLY A 102 -13.27 -15.95 42.96
CA GLY A 102 -12.43 -14.86 42.54
C GLY A 102 -11.64 -14.20 43.65
N HIS A 103 -11.97 -14.47 44.91
CA HIS A 103 -11.24 -13.86 46.01
C HIS A 103 -9.86 -14.48 46.15
N GLN A 104 -8.90 -13.66 46.61
CA GLN A 104 -7.54 -14.11 46.79
C GLN A 104 -7.40 -14.91 48.08
N VAL A 105 -6.40 -15.79 48.11
CA VAL A 105 -6.13 -16.62 49.28
C VAL A 105 -4.65 -16.94 49.33
N LEU A 106 -4.08 -16.86 50.53
CA LEU A 106 -2.68 -17.21 50.76
C LEU A 106 -2.62 -18.61 51.37
N CYS A 107 -1.88 -19.51 50.72
CA CYS A 107 -1.81 -20.91 51.12
C CYS A 107 -0.40 -21.23 51.59
N HIS A 108 -0.30 -21.80 52.79
CA HIS A 108 0.97 -22.25 53.35
C HIS A 108 1.04 -23.77 53.27
N VAL A 109 2.11 -24.26 52.67
CA VAL A 109 2.32 -25.70 52.50
C VAL A 109 3.49 -26.10 53.40
N HIS A 110 3.23 -27.04 54.31
CA HIS A 110 4.23 -27.52 55.25
C HIS A 110 4.64 -28.94 54.89
N GLY A 111 5.75 -29.38 55.48
CA GLY A 111 6.19 -30.75 55.32
C GLY A 111 6.84 -31.07 53.99
N ILE A 112 7.10 -30.08 53.14
CA ILE A 112 7.71 -30.29 51.84
C ILE A 112 9.21 -30.02 51.99
N LEU A 113 10.02 -31.06 51.77
CA LEU A 113 11.45 -30.98 51.94
C LEU A 113 12.15 -31.39 50.65
N PRO A 114 13.04 -30.56 50.11
CA PRO A 114 13.78 -30.95 48.91
C PRO A 114 14.70 -32.13 49.19
N TYR A 115 14.87 -32.98 48.19
CA TYR A 115 15.68 -34.18 48.33
C TYR A 115 16.45 -34.44 47.04
N MET A 116 17.57 -35.15 47.19
CA MET A 116 18.41 -35.52 46.07
C MET A 116 18.89 -36.96 46.26
N PHE A 117 19.26 -37.59 45.15
CA PHE A 117 19.65 -38.99 45.15
C PHE A 117 21.13 -39.13 44.83
N ILE A 118 21.77 -40.12 45.45
CA ILE A 118 23.17 -40.46 45.18
C ILE A 118 23.30 -41.98 45.16
N LYS A 119 24.43 -42.45 44.65
CA LYS A 119 24.67 -43.88 44.56
C LYS A 119 24.79 -44.51 45.94
N TYR A 120 24.22 -45.70 46.09
CA TYR A 120 24.28 -46.43 47.35
C TYR A 120 25.59 -47.19 47.46
N ASP A 121 26.25 -47.07 48.60
CA ASP A 121 27.53 -47.72 48.85
C ASP A 121 27.39 -49.10 49.48
N GLY A 122 26.16 -49.54 49.77
CA GLY A 122 25.92 -50.84 50.37
C GLY A 122 25.66 -51.92 49.34
N GLN A 123 24.96 -52.96 49.79
CA GLN A 123 24.61 -54.10 48.95
C GLN A 123 23.12 -54.38 49.08
N ILE A 124 22.64 -55.36 48.31
CA ILE A 124 21.24 -55.75 48.32
C ILE A 124 20.97 -56.92 49.26
N THR A 125 21.96 -57.38 50.00
CA THR A 125 21.81 -58.50 50.91
C THR A 125 21.67 -58.06 52.37
N ASP A 126 21.46 -56.77 52.61
CA ASP A 126 21.31 -56.28 53.97
C ASP A 126 20.03 -56.80 54.60
N THR A 127 20.08 -56.97 55.93
CA THR A 127 18.95 -57.50 56.69
C THR A 127 18.05 -56.42 57.26
N SER A 128 17.99 -55.26 56.60
CA SER A 128 17.16 -54.12 57.01
C SER A 128 17.56 -53.53 58.35
N THR A 129 18.71 -53.96 58.91
CA THR A 129 19.23 -53.43 60.15
C THR A 129 20.54 -52.69 59.96
N LEU A 130 21.47 -53.26 59.19
CA LEU A 130 22.71 -52.55 58.87
C LEU A 130 22.44 -51.34 57.99
N ARG A 131 21.35 -51.37 57.22
CA ARG A 131 21.03 -50.23 56.36
C ARG A 131 20.76 -48.97 57.18
N HIS A 132 20.02 -49.11 58.28
CA HIS A 132 19.73 -47.95 59.13
C HIS A 132 21.00 -47.40 59.77
N GLN A 133 21.89 -48.28 60.22
CA GLN A 133 23.15 -47.83 60.81
C GLN A 133 24.02 -47.12 59.77
N ARG A 134 24.08 -47.66 58.55
CA ARG A 134 24.85 -47.01 57.50
C ARG A 134 24.26 -45.66 57.15
N CYS A 135 22.92 -45.57 57.09
CA CYS A 135 22.28 -44.29 56.81
C CYS A 135 22.59 -43.27 57.90
N ALA A 136 22.52 -43.69 59.17
CA ALA A 136 22.84 -42.77 60.26
C ALA A 136 24.29 -42.31 60.19
N GLN A 137 25.21 -43.23 59.91
CA GLN A 137 26.62 -42.87 59.82
C GLN A 137 26.88 -41.89 58.69
N VAL A 138 26.30 -42.15 57.52
CA VAL A 138 26.52 -41.28 56.37
C VAL A 138 25.85 -39.92 56.60
N HIS A 139 24.70 -39.91 57.27
CA HIS A 139 24.03 -38.65 57.59
C HIS A 139 24.89 -37.81 58.54
N LYS A 140 25.43 -38.45 59.58
CA LYS A 140 26.29 -37.73 60.52
C LYS A 140 27.54 -37.21 59.83
N THR A 141 28.18 -38.03 59.00
CA THR A 141 29.39 -37.59 58.31
C THR A 141 29.10 -36.44 57.37
N LEU A 142 28.00 -36.53 56.60
CA LEU A 142 27.65 -35.45 55.68
C LEU A 142 27.34 -34.16 56.43
N GLU A 143 26.60 -34.25 57.53
CA GLU A 143 26.30 -33.05 58.31
C GLU A 143 27.55 -32.43 58.89
N VAL A 144 28.46 -33.25 59.43
CA VAL A 144 29.68 -32.73 60.03
C VAL A 144 30.54 -32.04 58.96
N LYS A 145 30.70 -32.69 57.80
CA LYS A 145 31.51 -32.09 56.74
C LYS A 145 30.87 -30.82 56.21
N ILE A 146 29.55 -30.81 56.05
CA ILE A 146 28.86 -29.63 55.54
C ILE A 146 29.00 -28.46 56.51
N ARG A 147 28.82 -28.73 57.81
CA ARG A 147 28.96 -27.68 58.81
C ARG A 147 30.39 -27.16 58.88
N ALA A 148 31.37 -28.06 58.77
CA ALA A 148 32.76 -27.62 58.76
C ALA A 148 33.07 -26.75 57.55
N SER A 149 32.53 -27.11 56.38
CA SER A 149 32.71 -26.29 55.19
C SER A 149 32.03 -24.94 55.34
N PHE A 150 30.85 -24.91 55.98
CA PHE A 150 30.16 -23.65 56.18
C PHE A 150 30.95 -22.71 57.08
N LYS A 151 31.53 -23.23 58.15
CA LYS A 151 32.32 -22.45 59.10
C LYS A 151 31.56 -21.24 59.63
N LYS A 164 29.65 -34.85 67.90
CA LYS A 164 28.41 -35.02 67.14
C LYS A 164 27.47 -33.84 67.35
N LEU A 165 27.31 -33.44 68.61
CA LEU A 165 26.46 -32.32 69.01
C LEU A 165 25.03 -32.64 68.57
N GLY A 166 24.38 -31.77 67.81
CA GLY A 166 23.01 -32.04 67.40
C GLY A 166 22.39 -30.82 66.74
N ASN A 167 21.06 -30.74 66.83
CA ASN A 167 20.28 -29.63 66.29
C ASN A 167 20.53 -29.45 64.79
N LEU A 168 20.09 -30.46 64.04
CA LEU A 168 20.28 -30.48 62.60
C LEU A 168 19.64 -29.25 61.96
N ASN A 169 20.37 -28.62 61.04
CA ASN A 169 19.91 -27.37 60.45
C ASN A 169 20.01 -27.39 58.92
N PHE A 170 20.93 -28.18 58.38
CA PHE A 170 21.18 -28.21 56.94
C PHE A 170 20.66 -29.47 56.27
N VAL A 171 21.02 -30.64 56.78
CA VAL A 171 20.59 -31.93 56.24
C VAL A 171 19.54 -32.52 57.16
N ALA A 172 18.38 -32.85 56.60
CA ALA A 172 17.24 -33.30 57.40
C ALA A 172 17.28 -34.80 57.66
N ASP A 173 17.25 -35.61 56.60
CA ASP A 173 17.20 -37.06 56.75
C ASP A 173 17.76 -37.71 55.50
N VAL A 174 18.29 -38.92 55.68
CA VAL A 174 18.78 -39.74 54.58
C VAL A 174 18.11 -41.11 54.69
N SER A 175 17.70 -41.65 53.55
CA SER A 175 17.07 -42.97 53.49
C SER A 175 17.62 -43.74 52.31
N VAL A 176 17.21 -45.01 52.22
CA VAL A 176 17.60 -45.89 51.13
C VAL A 176 16.34 -46.21 50.33
N VAL A 177 16.35 -45.84 49.04
CA VAL A 177 15.22 -46.08 48.16
C VAL A 177 15.73 -46.75 46.88
N LYS A 178 14.81 -47.44 46.21
CA LYS A 178 15.10 -48.10 44.95
C LYS A 178 14.69 -47.21 43.78
N GLY A 179 15.25 -47.49 42.62
CA GLY A 179 14.93 -46.72 41.44
C GLY A 179 15.66 -47.26 40.23
N ILE A 180 15.29 -46.75 39.06
CA ILE A 180 15.88 -47.12 37.79
C ILE A 180 16.57 -45.88 37.22
N PRO A 181 17.89 -45.92 36.98
CA PRO A 181 18.56 -44.75 36.40
C PRO A 181 18.00 -44.41 35.03
N PHE A 182 17.92 -43.11 34.74
CA PHE A 182 17.38 -42.63 33.48
C PHE A 182 18.45 -42.38 32.42
N TYR A 183 19.70 -42.13 32.84
CA TYR A 183 20.79 -41.87 31.91
C TYR A 183 21.42 -43.20 31.54
N GLY A 184 20.93 -43.80 30.46
CA GLY A 184 21.40 -45.09 30.00
C GLY A 184 20.33 -46.15 30.12
N TYR A 185 20.67 -47.34 29.62
CA TYR A 185 19.76 -48.48 29.62
C TYR A 185 20.02 -49.30 30.88
N HIS A 186 19.15 -49.15 31.88
CA HIS A 186 19.22 -49.92 33.11
C HIS A 186 17.90 -50.65 33.32
N VAL A 187 17.97 -51.94 33.61
CA VAL A 187 16.80 -52.79 33.79
C VAL A 187 16.61 -53.18 35.24
N GLY A 188 17.68 -53.66 35.89
CA GLY A 188 17.56 -54.12 37.26
C GLY A 188 17.35 -52.98 38.24
N TRP A 189 16.86 -53.34 39.42
CA TRP A 189 16.64 -52.38 40.48
C TRP A 189 17.98 -51.81 40.97
N ASN A 190 18.01 -50.51 41.21
CA ASN A 190 19.19 -49.82 41.71
C ASN A 190 18.83 -49.07 42.98
N LEU A 191 19.64 -49.26 44.03
CA LEU A 191 19.42 -48.62 45.31
C LEU A 191 20.05 -47.23 45.31
N PHE A 192 19.31 -46.25 45.83
CA PHE A 192 19.75 -44.87 45.88
C PHE A 192 19.53 -44.30 47.28
N TYR A 193 20.48 -43.48 47.72
CA TYR A 193 20.28 -42.71 48.94
C TYR A 193 19.29 -41.58 48.69
N LYS A 194 18.57 -41.19 49.73
CA LYS A 194 17.57 -40.12 49.66
C LYS A 194 17.92 -39.07 50.72
N ILE A 195 18.79 -38.14 50.36
CA ILE A 195 19.21 -37.08 51.28
C ILE A 195 18.20 -35.94 51.19
N SER A 196 17.54 -35.66 52.31
CA SER A 196 16.58 -34.57 52.39
C SER A 196 17.24 -33.35 53.03
N LEU A 197 17.11 -32.20 52.38
CA LEU A 197 17.73 -30.97 52.84
C LEU A 197 16.67 -30.05 53.47
N LEU A 198 17.13 -29.25 54.43
CA LEU A 198 16.25 -28.30 55.10
C LEU A 198 16.21 -26.94 54.44
N ASN A 199 17.30 -26.51 53.82
CA ASN A 199 17.36 -25.22 53.15
C ASN A 199 17.42 -25.43 51.65
N PRO A 200 16.33 -25.18 50.91
CA PRO A 200 16.36 -25.36 49.45
C PRO A 200 17.33 -24.43 48.74
N SER A 201 17.68 -23.28 49.35
CA SER A 201 18.57 -22.33 48.70
C SER A 201 20.00 -22.85 48.59
N CYS A 202 20.36 -23.85 49.38
CA CYS A 202 21.72 -24.40 49.38
C CYS A 202 21.83 -25.68 48.57
N LEU A 203 20.79 -26.03 47.81
CA LEU A 203 20.81 -27.30 47.08
C LEU A 203 21.95 -27.33 46.07
N SER A 204 22.14 -26.24 45.32
CA SER A 204 23.21 -26.19 44.32
C SER A 204 24.58 -26.27 44.98
N ARG A 205 24.75 -25.58 46.11
CA ARG A 205 26.03 -25.60 46.81
C ARG A 205 26.34 -27.01 47.33
N ILE A 206 25.35 -27.68 47.90
CA ILE A 206 25.57 -29.03 48.41
C ILE A 206 25.85 -29.99 47.26
N SER A 207 25.16 -29.82 46.13
CA SER A 207 25.43 -30.65 44.96
C SER A 207 26.86 -30.45 44.45
N GLU A 208 27.31 -29.19 44.40
CA GLU A 208 28.68 -28.92 43.99
C GLU A 208 29.68 -29.53 44.95
N LEU A 209 29.42 -29.45 46.25
CA LEU A 209 30.31 -30.04 47.24
C LEU A 209 30.37 -31.55 47.10
N ILE A 210 29.21 -32.19 46.87
CA ILE A 210 29.18 -33.64 46.75
C ILE A 210 29.88 -34.10 45.47
N ARG A 211 29.64 -33.40 44.36
CA ARG A 211 30.22 -33.81 43.08
C ARG A 211 31.74 -33.69 43.08
N ASP A 212 32.29 -32.78 43.89
CA ASP A 212 33.73 -32.59 43.97
C ASP A 212 34.40 -33.45 45.03
N GLY A 213 33.62 -34.28 45.73
CA GLY A 213 34.19 -35.13 46.78
C GLY A 213 34.73 -34.37 47.96
N LYS A 214 34.07 -33.28 48.35
CA LYS A 214 34.52 -32.52 49.51
C LYS A 214 34.15 -33.20 50.82
N ILE A 215 33.03 -33.91 50.86
CA ILE A 215 32.57 -34.57 52.09
C ILE A 215 33.16 -35.97 52.15
N PHE A 216 32.91 -36.78 51.12
CA PHE A 216 33.40 -38.15 51.06
C PHE A 216 34.69 -38.23 50.26
N GLY A 217 35.42 -39.33 50.47
CA GLY A 217 36.68 -39.50 49.78
C GLY A 217 36.53 -39.63 48.27
N LYS A 218 35.53 -40.40 47.83
CA LYS A 218 35.28 -40.61 46.41
C LYS A 218 34.39 -39.50 45.85
N LYS A 219 34.46 -39.32 44.53
CA LYS A 219 33.65 -38.32 43.84
C LYS A 219 32.33 -38.97 43.45
N PHE A 220 31.43 -39.05 44.42
CA PHE A 220 30.13 -39.66 44.20
C PHE A 220 29.29 -38.82 43.24
N GLU A 221 28.63 -39.50 42.30
CA GLU A 221 27.74 -38.82 41.37
C GLU A 221 26.41 -38.51 42.03
N ILE A 222 25.88 -37.33 41.74
CA ILE A 222 24.62 -36.89 42.32
C ILE A 222 23.51 -37.04 41.30
N TYR A 223 22.30 -37.29 41.79
CA TYR A 223 21.13 -37.51 40.94
C TYR A 223 19.99 -36.61 41.40
N GLU A 224 19.27 -36.05 40.43
CA GLU A 224 18.10 -35.20 40.69
C GLU A 224 18.48 -34.01 41.57
N SER A 225 19.38 -33.18 41.05
CA SER A 225 19.79 -31.96 41.73
C SER A 225 19.54 -30.69 40.92
N HIS A 226 19.43 -30.79 39.60
CA HIS A 226 19.17 -29.62 38.76
C HIS A 226 17.70 -29.20 38.79
N ILE A 227 16.81 -30.07 39.25
CA ILE A 227 15.39 -29.73 39.29
C ILE A 227 15.14 -28.72 40.40
N PRO A 228 14.40 -27.65 40.15
CA PRO A 228 14.11 -26.67 41.20
C PRO A 228 13.22 -27.27 42.28
N TYR A 229 13.31 -26.68 43.48
CA TYR A 229 12.53 -27.16 44.62
C TYR A 229 11.04 -27.06 44.34
N LEU A 230 10.59 -25.91 43.84
CA LEU A 230 9.17 -25.75 43.52
C LEU A 230 8.75 -26.70 42.41
N LEU A 231 9.57 -26.82 41.36
CA LEU A 231 9.26 -27.74 40.28
C LEU A 231 9.24 -29.19 40.76
N GLN A 232 10.20 -29.56 41.62
CA GLN A 232 10.23 -30.91 42.16
C GLN A 232 8.99 -31.19 42.99
N TRP A 233 8.58 -30.24 43.83
CA TRP A 233 7.38 -30.43 44.63
C TRP A 233 6.13 -30.56 43.77
N THR A 234 6.01 -29.71 42.74
CA THR A 234 4.86 -29.78 41.86
C THR A 234 4.81 -31.10 41.10
N ALA A 235 5.96 -31.57 40.63
CA ALA A 235 6.01 -32.86 39.94
C ALA A 235 5.67 -34.01 40.89
N ASP A 236 6.16 -33.94 42.13
CA ASP A 236 5.87 -34.99 43.09
C ASP A 236 4.39 -35.05 43.44
N PHE A 237 3.75 -33.89 43.59
CA PHE A 237 2.35 -33.82 43.99
C PHE A 237 1.40 -33.66 42.81
N ASN A 238 1.91 -33.82 41.59
CA ASN A 238 1.10 -33.67 40.37
C ASN A 238 0.42 -32.30 40.32
N LEU A 239 1.18 -31.26 40.66
CA LEU A 239 0.67 -29.89 40.67
C LEU A 239 0.97 -29.21 39.34
N PHE A 240 0.01 -28.46 38.84
CA PHE A 240 0.14 -27.73 37.59
C PHE A 240 -0.01 -26.24 37.85
N GLY A 241 0.85 -25.45 37.22
CA GLY A 241 0.77 -24.01 37.37
C GLY A 241 -0.53 -23.45 36.78
N CYS A 242 -1.06 -22.42 37.43
CA CYS A 242 -2.32 -21.80 37.03
C CYS A 242 -3.45 -22.83 36.96
N SER A 243 -3.43 -23.77 37.89
CA SER A 243 -4.44 -24.83 37.94
C SER A 243 -4.92 -25.00 39.38
N TRP A 244 -6.12 -25.56 39.51
CA TRP A 244 -6.71 -25.75 40.82
C TRP A 244 -5.95 -26.77 41.64
N ILE A 245 -5.92 -26.55 42.95
CA ILE A 245 -5.39 -27.51 43.92
C ILE A 245 -6.56 -28.03 44.75
N ASN A 246 -6.53 -29.31 45.07
CA ASN A 246 -7.61 -29.96 45.80
C ASN A 246 -7.11 -30.41 47.17
N VAL A 247 -7.78 -29.95 48.22
CA VAL A 247 -7.47 -30.36 49.59
C VAL A 247 -8.76 -30.84 50.24
N ASP A 248 -8.66 -31.90 51.05
CA ASP A 248 -9.82 -32.39 51.78
C ASP A 248 -10.18 -31.48 52.94
N ARG A 249 -9.18 -31.00 53.67
CA ARG A 249 -9.41 -30.08 54.78
C ARG A 249 -8.21 -29.17 54.90
N CYS A 250 -8.44 -27.98 55.49
CA CYS A 250 -7.39 -26.99 55.65
C CYS A 250 -7.51 -26.36 57.03
N TYR A 251 -6.38 -25.84 57.51
CA TYR A 251 -6.32 -25.16 58.79
C TYR A 251 -6.35 -23.65 58.55
N PHE A 252 -7.38 -22.99 59.05
CA PHE A 252 -7.53 -21.55 58.85
C PHE A 252 -6.59 -20.78 59.76
N ARG A 253 -6.22 -19.58 59.33
CA ARG A 253 -5.35 -18.71 60.11
C ARG A 253 -6.15 -17.99 61.19
N SER A 254 -5.56 -16.96 61.79
CA SER A 254 -6.22 -16.23 62.86
C SER A 254 -7.56 -15.64 62.44
N PRO A 255 -7.62 -14.68 61.51
CA PRO A 255 -8.91 -14.12 61.13
C PRO A 255 -9.53 -14.86 59.95
N VAL A 256 -10.85 -15.07 59.99
CA VAL A 256 -11.53 -15.72 58.88
C VAL A 256 -11.66 -14.78 57.69
N LEU A 257 -11.56 -13.47 57.91
CA LEU A 257 -11.66 -12.49 56.83
C LEU A 257 -10.85 -11.26 57.25
N ASN A 258 -9.65 -11.12 56.69
CA ASN A 258 -8.80 -10.00 57.02
C ASN A 258 -9.39 -8.69 56.50
N SER A 259 -9.27 -7.64 57.30
CA SER A 259 -9.78 -6.32 56.96
C SER A 259 -8.66 -5.30 57.17
N ILE A 260 -7.89 -5.02 56.11
CA ILE A 260 -6.85 -4.01 56.15
C ILE A 260 -7.53 -2.66 56.30
N LEU A 261 -8.41 -2.32 55.37
CA LEU A 261 -9.26 -1.12 55.45
C LEU A 261 -10.73 -1.46 55.41
N ASP A 262 -11.22 -1.98 54.27
CA ASP A 262 -12.61 -2.43 54.15
C ASP A 262 -12.68 -3.74 53.40
N ILE A 263 -11.64 -4.57 53.49
CA ILE A 263 -11.56 -5.78 52.69
C ILE A 263 -12.62 -6.80 53.12
N ASP A 264 -12.80 -6.98 54.43
CA ASP A 264 -13.74 -8.00 54.91
C ASP A 264 -15.18 -7.64 54.54
N LYS A 265 -15.56 -6.37 54.69
CA LYS A 265 -16.93 -5.98 54.44
C LYS A 265 -17.25 -5.94 52.95
N LEU A 266 -16.32 -5.41 52.14
CA LEU A 266 -16.60 -5.23 50.71
C LEU A 266 -16.61 -6.57 49.97
N THR A 267 -15.72 -7.49 50.34
CA THR A 267 -15.57 -8.75 49.62
C THR A 267 -16.45 -9.86 50.15
N ILE A 268 -17.29 -9.59 51.16
CA ILE A 268 -18.15 -10.62 51.71
C ILE A 268 -19.26 -10.96 50.72
N ASN A 269 -19.49 -12.24 50.52
CA ASN A 269 -20.51 -12.70 49.58
C ASN A 269 -21.11 -14.01 50.10
N ASP A 270 -22.23 -14.40 49.49
CA ASP A 270 -22.92 -15.62 49.91
C ASP A 270 -22.08 -16.86 49.62
N ASP A 271 -21.36 -16.88 48.50
CA ASP A 271 -20.53 -18.03 48.16
C ASP A 271 -19.43 -18.24 49.20
N LEU A 272 -18.78 -17.15 49.62
CA LEU A 272 -17.77 -17.26 50.67
C LEU A 272 -18.37 -17.75 51.98
N GLN A 273 -19.56 -17.25 52.32
CA GLN A 273 -20.23 -17.69 53.54
C GLN A 273 -20.50 -19.19 53.50
N LEU A 274 -21.04 -19.68 52.38
CA LEU A 274 -21.32 -21.11 52.25
C LEU A 274 -20.04 -21.93 52.32
N LEU A 275 -18.99 -21.48 51.63
CA LEU A 275 -17.74 -22.24 51.61
C LEU A 275 -17.12 -22.31 53.01
N LEU A 276 -17.10 -21.18 53.73
CA LEU A 276 -16.51 -21.17 55.06
C LEU A 276 -17.38 -21.90 56.07
N ASP A 277 -18.70 -21.95 55.85
CA ASP A 277 -19.56 -22.72 56.74
C ASP A 277 -19.38 -24.21 56.51
N ARG A 278 -19.18 -24.63 55.25
CA ARG A 278 -19.03 -26.05 54.96
C ARG A 278 -17.64 -26.56 55.35
N PHE A 279 -16.60 -25.76 55.11
CA PHE A 279 -15.22 -26.22 55.29
C PHE A 279 -14.56 -25.68 56.56
N CYS A 280 -15.30 -24.97 57.40
CA CYS A 280 -14.75 -24.48 58.65
C CYS A 280 -15.83 -24.48 59.73
N ASP A 281 -15.44 -24.82 60.95
CA ASP A 281 -16.37 -24.90 62.07
C ASP A 281 -16.01 -23.97 63.22
N PHE A 282 -14.92 -23.22 63.12
CA PHE A 282 -14.48 -22.26 64.14
C PHE A 282 -14.11 -22.93 65.46
N LYS A 283 -13.86 -24.24 65.46
CA LYS A 283 -13.49 -24.95 66.67
C LYS A 283 -12.18 -25.70 66.48
N CYS A 284 -11.94 -26.23 65.28
CA CYS A 284 -10.76 -27.04 65.00
C CYS A 284 -9.92 -26.50 63.85
N ASN A 285 -10.56 -25.97 62.80
CA ASN A 285 -9.80 -25.46 61.66
C ASN A 285 -9.10 -24.15 62.00
N VAL A 286 -9.66 -23.37 62.93
CA VAL A 286 -9.09 -22.08 63.28
C VAL A 286 -7.88 -22.29 64.19
N LEU A 287 -6.75 -21.70 63.83
CA LEU A 287 -5.53 -21.82 64.62
C LEU A 287 -5.43 -20.66 65.61
N SER A 288 -4.55 -20.85 66.60
CA SER A 288 -4.37 -19.84 67.64
C SER A 288 -3.73 -18.57 67.07
N ARG A 289 -4.20 -17.42 67.56
CA ARG A 289 -3.66 -16.15 67.10
C ARG A 289 -2.19 -15.98 67.49
N ARG A 290 -1.84 -16.37 68.72
CA ARG A 290 -0.48 -16.11 69.21
C ARG A 290 0.56 -16.91 68.44
N ASP A 291 0.28 -18.20 68.17
CA ASP A 291 1.27 -19.06 67.56
C ASP A 291 1.29 -18.96 66.04
N PHE A 292 0.17 -18.61 65.41
CA PHE A 292 0.06 -18.55 63.95
C PHE A 292 -0.55 -17.21 63.54
N PRO A 293 0.22 -16.13 63.60
CA PRO A 293 -0.29 -14.84 63.11
C PRO A 293 -0.32 -14.80 61.60
N ARG A 294 -1.15 -13.90 61.08
CA ARG A 294 -1.26 -13.73 59.64
C ARG A 294 0.02 -13.12 59.07
N VAL A 295 0.46 -13.63 57.93
CA VAL A 295 1.69 -13.18 57.30
C VAL A 295 1.35 -12.54 55.96
N GLY A 296 0.29 -13.02 55.31
CA GLY A 296 -0.08 -12.54 53.99
C GLY A 296 -1.12 -11.43 54.03
N ASN A 297 -1.02 -10.53 53.06
CA ASN A 297 -1.97 -9.42 52.92
C ASN A 297 -3.14 -9.81 52.02
N GLY A 298 -3.80 -10.93 52.37
CA GLY A 298 -4.93 -11.43 51.62
C GLY A 298 -6.18 -11.51 52.48
N LEU A 299 -7.32 -11.70 51.82
CA LEU A 299 -8.59 -11.79 52.53
C LEU A 299 -8.62 -12.98 53.46
N ILE A 300 -8.15 -14.14 53.00
CA ILE A 300 -8.15 -15.36 53.78
C ILE A 300 -6.82 -16.07 53.60
N GLU A 301 -6.23 -16.53 54.71
CA GLU A 301 -4.99 -17.30 54.69
C GLU A 301 -5.25 -18.66 55.32
N ILE A 302 -4.77 -19.72 54.68
CA ILE A 302 -5.00 -21.09 55.13
C ILE A 302 -3.68 -21.83 55.19
N ASP A 303 -3.66 -22.89 55.99
CA ASP A 303 -2.51 -23.77 56.14
C ASP A 303 -2.94 -25.20 55.86
N ILE A 304 -2.16 -25.91 55.04
CA ILE A 304 -2.47 -27.27 54.65
C ILE A 304 -1.27 -28.16 54.93
N LEU A 305 -1.47 -29.45 54.72
CA LEU A 305 -0.47 -30.50 54.90
C LEU A 305 -0.42 -31.35 53.64
N PRO A 306 0.70 -32.05 53.41
CA PRO A 306 0.78 -32.90 52.21
C PRO A 306 -0.30 -33.97 52.16
N GLN A 307 -0.73 -34.49 53.31
CA GLN A 307 -1.83 -35.45 53.32
C GLN A 307 -3.14 -34.81 52.87
N PHE A 308 -3.35 -33.54 53.19
CA PHE A 308 -4.59 -32.86 52.84
C PHE A 308 -4.73 -32.71 51.33
N ILE A 309 -3.62 -32.45 50.63
CA ILE A 309 -3.67 -32.19 49.20
C ILE A 309 -4.19 -33.43 48.48
N LYS A 310 -5.34 -33.30 47.84
CA LYS A 310 -5.97 -34.39 47.10
C LYS A 310 -5.58 -34.41 45.63
N ASN A 311 -4.74 -33.47 45.18
CA ASN A 311 -4.27 -33.49 43.80
C ASN A 311 -3.41 -34.71 43.51
N ARG A 312 -2.81 -35.31 44.54
CA ARG A 312 -2.07 -36.55 44.38
C ARG A 312 -3.05 -37.72 44.41
N GLU A 313 -2.51 -38.94 44.50
CA GLU A 313 -3.27 -40.19 44.51
C GLU A 313 -4.03 -40.42 43.21
N LYS A 314 -3.85 -39.57 42.21
CA LYS A 314 -4.48 -39.73 40.91
C LYS A 314 -3.49 -40.08 39.81
N LEU A 315 -2.19 -40.06 40.10
CA LEU A 315 -1.19 -40.41 39.11
C LEU A 315 -1.20 -41.92 38.86
N GLN A 316 -0.77 -42.30 37.65
CA GLN A 316 -0.70 -43.70 37.26
C GLN A 316 0.75 -44.16 37.43
N HIS A 317 1.03 -44.85 38.53
CA HIS A 317 2.35 -45.37 38.81
C HIS A 317 2.49 -46.76 38.18
N ARG A 318 3.50 -46.94 37.35
CA ARG A 318 3.74 -48.19 36.65
C ARG A 318 5.13 -48.71 36.97
N ASP A 319 5.22 -50.00 37.26
CA ASP A 319 6.48 -50.69 37.53
C ASP A 319 6.69 -51.73 36.44
N ILE A 320 7.28 -51.30 35.32
CA ILE A 320 7.52 -52.18 34.18
C ILE A 320 8.98 -52.10 33.78
N HIS A 321 9.69 -51.11 34.33
CA HIS A 321 11.10 -50.90 34.01
C HIS A 321 12.03 -51.75 34.84
N HIS A 322 11.53 -52.45 35.86
CA HIS A 322 12.37 -53.28 36.71
C HIS A 322 12.81 -54.58 36.02
N ASP A 323 12.17 -54.95 34.92
CA ASP A 323 12.54 -56.15 34.18
C ASP A 323 12.05 -55.98 32.74
N PHE A 324 12.07 -57.07 31.98
CA PHE A 324 11.62 -57.06 30.59
C PHE A 324 10.13 -57.36 30.51
N LEU A 325 9.35 -56.56 31.25
CA LEU A 325 7.91 -56.74 31.26
C LEU A 325 7.30 -56.45 29.90
N GLU A 326 7.77 -55.40 29.22
CA GLU A 326 7.22 -55.05 27.92
C GLU A 326 7.49 -56.14 26.89
N LYS A 327 8.70 -56.68 26.87
CA LYS A 327 9.03 -57.74 25.92
C LYS A 327 8.26 -59.01 26.21
N LEU A 328 8.09 -59.36 27.49
CA LEU A 328 7.36 -60.57 27.85
C LEU A 328 5.87 -60.45 27.55
N GLY A 329 5.35 -59.24 27.37
CA GLY A 329 3.95 -59.04 27.06
C GLY A 329 3.03 -58.92 28.26
N ASP A 330 3.55 -59.12 29.48
CA ASP A 330 2.72 -59.00 30.66
C ASP A 330 2.33 -57.55 30.90
N ILE A 331 1.08 -57.34 31.30
CA ILE A 331 0.55 -56.01 31.58
C ILE A 331 0.71 -55.09 30.37
N LYS A 337 -2.41 -43.73 25.95
CA LYS A 337 -1.83 -42.71 25.07
C LYS A 337 -1.67 -41.34 25.75
N PRO A 338 -2.72 -40.82 26.43
CA PRO A 338 -2.56 -39.53 27.12
C PRO A 338 -1.67 -39.66 28.35
N TYR A 339 -0.36 -39.74 28.14
CA TYR A 339 0.57 -39.83 29.26
C TYR A 339 0.52 -38.57 30.12
N VAL A 340 0.46 -37.40 29.49
CA VAL A 340 0.38 -36.13 30.20
C VAL A 340 -1.09 -35.75 30.37
N SER A 341 -1.47 -35.43 31.60
CA SER A 341 -2.85 -35.06 31.89
C SER A 341 -3.22 -33.66 31.40
N SER A 342 -2.23 -32.79 31.22
CA SER A 342 -2.51 -31.42 30.80
C SER A 342 -3.01 -31.37 29.36
N ALA A 343 -2.50 -32.26 28.50
CA ALA A 343 -2.90 -32.24 27.09
C ALA A 343 -4.38 -32.58 26.92
N ARG A 344 -4.94 -33.40 27.81
CA ARG A 344 -6.35 -33.75 27.71
C ARG A 344 -7.24 -32.52 27.86
N ASP A 345 -6.92 -31.65 28.83
CA ASP A 345 -7.70 -30.43 29.02
C ASP A 345 -7.64 -29.52 27.80
N MET A 346 -6.44 -29.37 27.23
CA MET A 346 -6.29 -28.55 26.03
C MET A 346 -7.07 -29.13 24.87
N ILE A 347 -7.02 -30.45 24.69
CA ILE A 347 -7.76 -31.10 23.61
C ILE A 347 -9.25 -30.90 23.80
N ASN A 348 -9.75 -31.06 25.02
CA ASN A 348 -11.18 -30.87 25.29
C ASN A 348 -11.60 -29.43 25.03
N GLU A 349 -10.77 -28.46 25.46
CA GLU A 349 -11.09 -27.06 25.23
C GLU A 349 -11.10 -26.74 23.74
N LEU A 350 -10.14 -27.28 22.99
CA LEU A 350 -10.10 -27.02 21.56
C LEU A 350 -11.29 -27.65 20.84
N THR A 351 -11.69 -28.86 21.25
CA THR A 351 -12.86 -29.49 20.65
C THR A 351 -14.12 -28.69 20.97
N MET A 352 -14.23 -28.19 22.20
CA MET A 352 -15.38 -27.34 22.55
C MET A 352 -15.39 -26.07 21.72
N GLN A 353 -14.22 -25.46 21.51
CA GLN A 353 -14.15 -24.25 20.70
C GLN A 353 -14.54 -24.52 19.25
N ARG A 354 -14.07 -25.63 18.68
CA ARG A 354 -14.40 -25.95 17.31
C ARG A 354 -15.84 -26.42 17.15
N GLU A 355 -16.47 -26.91 18.23
CA GLU A 355 -17.87 -27.31 18.15
C GLU A 355 -18.81 -26.12 18.13
N GLU A 356 -18.36 -24.95 18.57
CA GLU A 356 -19.20 -23.76 18.55
C GLU A 356 -19.44 -23.26 17.13
N LEU A 357 -18.65 -23.72 16.15
CA LEU A 357 -18.81 -23.33 14.76
C LEU A 357 -19.55 -24.38 13.94
N SER A 358 -20.22 -25.33 14.60
CA SER A 358 -20.95 -26.41 13.95
C SER A 358 -20.04 -27.20 12.99
N LEU A 359 -18.85 -27.53 13.47
CA LEU A 359 -17.88 -28.28 12.67
C LEU A 359 -18.14 -29.77 12.84
N LYS A 360 -17.31 -30.59 12.19
CA LYS A 360 -17.43 -32.02 12.20
C LYS A 360 -16.51 -32.63 13.26
N GLU A 361 -16.51 -33.96 13.34
CA GLU A 361 -15.70 -34.67 14.32
C GLU A 361 -14.24 -34.67 13.89
N TYR A 362 -13.40 -35.22 14.76
CA TYR A 362 -11.95 -35.25 14.57
C TYR A 362 -11.51 -36.67 14.22
N LYS A 363 -10.75 -36.81 13.15
CA LYS A 363 -10.22 -38.11 12.74
C LYS A 363 -8.99 -37.89 11.88
N GLU A 364 -8.19 -38.95 11.76
CA GLU A 364 -6.98 -38.92 10.94
C GLU A 364 -6.72 -40.29 10.34
N PRO A 365 -6.80 -40.44 9.03
CA PRO A 365 -6.57 -41.75 8.41
C PRO A 365 -5.09 -41.99 8.16
N PRO A 366 -4.51 -43.01 8.78
CA PRO A 366 -3.10 -43.31 8.53
C PRO A 366 -2.93 -44.14 7.25
N GLU A 367 -1.66 -44.25 6.83
CA GLU A 367 -1.31 -45.02 5.65
C GLU A 367 -0.20 -46.01 5.99
N THR A 368 -0.22 -47.15 5.31
CA THR A 368 0.77 -48.18 5.55
C THR A 368 2.12 -47.77 4.97
N LYS A 369 3.18 -47.98 5.75
CA LYS A 369 4.54 -47.65 5.34
C LYS A 369 5.28 -48.94 5.00
N ARG A 370 5.98 -48.94 3.86
CA ARG A 370 6.70 -50.10 3.37
C ARG A 370 8.21 -49.99 3.60
N HIS A 371 8.62 -49.41 4.72
CA HIS A 371 10.03 -49.27 5.02
C HIS A 371 10.68 -50.65 5.23
N VAL A 372 11.96 -50.73 4.90
CA VAL A 372 12.71 -51.97 5.05
C VAL A 372 13.05 -52.21 6.52
N HIS A 375 15.75 -49.74 8.15
CA HIS A 375 16.39 -48.89 7.14
C HIS A 375 17.91 -48.85 7.34
N GLN A 376 18.63 -49.58 6.49
CA GLN A 376 20.08 -49.61 6.59
C GLN A 376 20.67 -48.25 6.22
N TRP A 377 21.69 -47.85 6.96
CA TRP A 377 22.34 -46.57 6.74
C TRP A 377 23.56 -46.75 5.83
N GLN A 378 24.36 -45.68 5.68
CA GLN A 378 25.52 -45.75 4.80
C GLN A 378 26.57 -46.72 5.33
N SER A 379 26.78 -46.76 6.64
CA SER A 379 27.79 -47.59 7.26
C SER A 379 27.17 -48.66 8.15
N SER A 380 26.10 -49.29 7.65
CA SER A 380 25.42 -50.33 8.43
C SER A 380 26.30 -51.56 8.61
N GLY A 381 27.05 -51.95 7.57
CA GLY A 381 27.85 -53.16 7.67
C GLY A 381 28.97 -53.06 8.68
N GLU A 382 29.69 -51.93 8.69
CA GLU A 382 30.77 -51.74 9.66
C GLU A 382 30.23 -51.72 11.08
N PHE A 383 29.09 -51.05 11.29
CA PHE A 383 28.48 -51.03 12.61
C PHE A 383 28.04 -52.41 13.05
N GLU A 384 27.49 -53.20 12.12
CA GLU A 384 27.09 -54.56 12.45
C GLU A 384 28.29 -55.41 12.81
N ALA A 385 29.40 -55.27 12.07
CA ALA A 385 30.60 -56.02 12.37
C ALA A 385 31.16 -55.63 13.75
N PHE A 386 31.16 -54.33 14.05
CA PHE A 386 31.63 -53.88 15.35
C PHE A 386 30.72 -54.38 16.48
N TYR A 387 29.41 -54.41 16.24
CA TYR A 387 28.49 -54.95 17.22
C TYR A 387 28.73 -56.43 17.46
N LYS A 388 28.99 -57.18 16.39
CA LYS A 388 29.33 -58.60 16.55
C LYS A 388 30.61 -58.77 17.34
N LYS A 389 31.62 -57.94 17.06
CA LYS A 389 32.87 -58.01 17.81
C LYS A 389 32.66 -57.70 19.28
N ALA A 390 31.85 -56.68 19.58
CA ALA A 390 31.56 -56.33 20.96
C ALA A 390 30.80 -57.44 21.67
N GLN A 391 29.83 -58.06 20.98
CA GLN A 391 29.11 -59.19 21.56
C GLN A 391 30.04 -60.35 21.84
N HIS A 392 30.99 -60.61 20.95
CA HIS A 392 32.00 -61.63 21.21
C HIS A 392 32.84 -61.27 22.43
N LYS A 393 33.20 -60.00 22.56
CA LYS A 393 34.01 -59.57 23.71
C LYS A 393 33.21 -59.66 25.00
N THR A 394 31.99 -59.13 25.01
CA THR A 394 31.16 -59.08 26.22
C THR A 394 30.19 -60.25 26.19
N SER A 395 30.70 -61.43 26.52
CA SER A 395 29.88 -62.63 26.60
C SER A 395 30.59 -63.66 27.47
N THR A 396 29.80 -64.40 28.25
CA THR A 396 30.35 -65.45 29.08
C THR A 396 30.87 -66.60 28.23
N PHE A 397 31.91 -67.27 28.72
CA PHE A 397 32.52 -68.38 28.01
C PHE A 397 31.55 -69.56 28.01
N ASP A 398 30.94 -69.83 26.87
CA ASP A 398 29.97 -70.91 26.69
C ASP A 398 28.83 -70.69 27.69
N GLY A 399 28.35 -71.73 28.36
CA GLY A 399 27.29 -71.58 29.32
C GLY A 399 25.91 -71.49 28.67
N GLN A 400 24.90 -71.34 29.52
CA GLN A 400 23.53 -71.22 29.04
C GLN A 400 23.30 -69.87 28.37
N ILE A 401 22.56 -69.89 27.27
CA ILE A 401 22.25 -68.65 26.56
C ILE A 401 21.29 -67.81 27.40
N PRO A 402 21.45 -66.49 27.44
CA PRO A 402 20.53 -65.66 28.22
C PRO A 402 19.13 -65.67 27.63
N ASN A 403 18.14 -65.56 28.52
CA ASN A 403 16.74 -65.52 28.14
C ASN A 403 16.06 -64.33 28.81
N PHE A 404 15.00 -63.84 28.17
CA PHE A 404 14.27 -62.69 28.71
C PHE A 404 13.63 -62.99 30.06
N GLU A 405 13.38 -64.26 30.38
CA GLU A 405 12.70 -64.60 31.61
C GLU A 405 13.64 -64.63 32.80
N ASN A 406 14.84 -65.20 32.63
CA ASN A 406 15.75 -65.41 33.74
C ASN A 406 17.02 -64.56 33.66
N PHE A 407 17.03 -63.54 32.79
CA PHE A 407 18.20 -62.66 32.72
C PHE A 407 18.38 -61.88 34.02
N ILE A 408 17.29 -61.37 34.59
CA ILE A 408 17.37 -60.62 35.83
C ILE A 408 17.49 -61.58 37.01
N ASP A 409 18.03 -61.06 38.11
CA ASP A 409 18.23 -61.87 39.33
C ASP A 409 16.93 -61.86 40.13
N LYS A 410 16.19 -62.96 40.08
CA LYS A 410 14.95 -63.09 40.83
C LYS A 410 15.25 -63.39 42.30
N ASN A 411 14.22 -63.21 43.13
CA ASN A 411 14.32 -63.44 44.57
C ASN A 411 15.46 -62.61 45.18
N GLN A 412 15.54 -61.35 44.77
CA GLN A 412 16.58 -60.45 45.25
C GLN A 412 16.22 -59.74 46.55
N LYS A 413 15.03 -60.03 47.10
CA LYS A 413 14.57 -59.42 48.35
C LYS A 413 14.54 -57.89 48.25
N PHE A 414 14.05 -57.39 47.12
CA PHE A 414 13.95 -55.96 46.89
C PHE A 414 12.62 -55.38 47.37
N SER A 415 11.72 -56.21 47.89
CA SER A 415 10.44 -55.73 48.38
C SER A 415 10.58 -54.95 49.68
N ALA A 416 11.67 -55.16 50.42
CA ALA A 416 11.87 -54.43 51.67
C ALA A 416 12.01 -52.93 51.43
N ILE A 417 12.74 -52.54 50.38
CA ILE A 417 12.93 -51.14 50.04
C ILE A 417 11.63 -50.57 49.50
N ASN A 418 11.54 -49.25 49.43
CA ASN A 418 10.33 -48.57 48.99
C ASN A 418 10.60 -47.76 47.73
N THR A 419 9.56 -47.63 46.90
CA THR A 419 9.66 -46.87 45.67
C THR A 419 9.78 -45.38 45.98
N PRO A 420 10.33 -44.59 45.05
CA PRO A 420 10.47 -43.15 45.30
C PRO A 420 9.16 -42.46 45.62
N TYR A 421 8.06 -42.83 44.96
CA TYR A 421 6.77 -42.24 45.27
C TYR A 421 6.16 -42.82 46.54
N GLU A 422 6.57 -44.03 46.94
CA GLU A 422 6.12 -44.61 48.20
C GLU A 422 6.88 -44.06 49.40
N ALA A 423 8.05 -43.44 49.18
CA ALA A 423 8.79 -42.81 50.25
C ALA A 423 8.30 -41.40 50.55
N LEU A 424 7.49 -40.82 49.67
CA LEU A 424 6.94 -39.48 49.93
C LEU A 424 6.08 -39.43 51.18
N PRO A 425 5.16 -40.38 51.43
CA PRO A 425 4.36 -40.31 52.67
C PRO A 425 5.20 -40.37 53.94
N GLN A 426 6.41 -40.92 53.89
CA GLN A 426 7.26 -40.95 55.06
C GLN A 426 7.73 -39.55 55.42
N LEU A 427 8.08 -39.38 56.71
CA LEU A 427 8.55 -38.11 57.26
C LEU A 427 7.50 -37.01 57.19
N TRP A 428 6.23 -37.38 56.99
CA TRP A 428 5.16 -36.40 56.98
C TRP A 428 4.79 -35.99 58.39
N PRO A 429 4.21 -34.79 58.57
CA PRO A 429 3.86 -34.35 59.93
C PRO A 429 2.91 -35.29 60.66
N ARG A 430 1.96 -35.90 59.94
CA ARG A 430 0.99 -36.83 60.52
C ARG A 430 0.21 -36.17 61.65
N LEU A 431 -0.54 -35.14 61.28
CA LEU A 431 -1.33 -34.39 62.26
C LEU A 431 -2.45 -35.27 62.82
N PRO A 432 -2.80 -35.09 64.10
CA PRO A 432 -3.88 -35.84 64.75
C PRO A 432 -5.23 -35.67 64.04
N GLY A 547 -22.35 -29.43 -43.92
CA GLY A 547 -21.12 -28.67 -43.85
C GLY A 547 -20.73 -28.03 -45.18
N LEU A 548 -19.67 -27.24 -45.16
CA LEU A 548 -19.21 -26.58 -46.37
C LEU A 548 -18.58 -27.59 -47.33
N ARG A 549 -18.99 -27.54 -48.59
CA ARG A 549 -18.44 -28.43 -49.59
C ARG A 549 -17.00 -28.07 -49.91
N TYR A 550 -16.16 -29.10 -50.07
CA TYR A 550 -14.76 -28.87 -50.39
C TYR A 550 -14.62 -28.21 -51.77
N GLY A 551 -15.37 -28.68 -52.74
CA GLY A 551 -15.31 -28.13 -54.08
C GLY A 551 -15.70 -29.18 -55.10
N LYS A 552 -15.74 -28.73 -56.36
CA LYS A 552 -16.08 -29.64 -57.45
C LYS A 552 -15.02 -30.72 -57.61
N ARG A 553 -13.74 -30.36 -57.52
CA ARG A 553 -12.64 -31.30 -57.61
C ARG A 553 -11.58 -30.85 -56.60
N ALA A 554 -11.54 -31.51 -55.45
CA ALA A 554 -10.67 -31.13 -54.36
C ALA A 554 -9.84 -32.34 -53.91
N PHE A 555 -8.55 -32.09 -53.67
CA PHE A 555 -7.64 -33.10 -53.16
C PHE A 555 -7.46 -32.88 -51.66
N VAL A 556 -7.61 -33.96 -50.89
CA VAL A 556 -7.46 -33.90 -49.44
C VAL A 556 -6.09 -34.42 -49.06
N TYR A 557 -5.45 -33.74 -48.11
CA TYR A 557 -4.12 -34.11 -47.65
C TYR A 557 -4.22 -35.11 -46.51
N GLY A 558 -3.06 -35.67 -46.14
CA GLY A 558 -3.01 -36.62 -45.05
C GLY A 558 -3.33 -35.96 -43.71
N GLU A 559 -3.80 -36.80 -42.79
CA GLU A 559 -4.15 -36.32 -41.46
C GLU A 559 -2.89 -35.86 -40.73
N PRO A 560 -3.00 -34.83 -39.88
CA PRO A 560 -1.85 -34.36 -39.12
C PRO A 560 -1.30 -35.45 -38.22
N PRO A 561 0.02 -35.56 -38.09
CA PRO A 561 0.58 -36.61 -37.23
C PRO A 561 0.20 -36.48 -35.77
N PHE A 562 -0.03 -35.26 -35.29
CA PHE A 562 -0.29 -34.99 -33.88
C PHE A 562 -1.76 -34.68 -33.66
N GLY A 563 -2.11 -34.49 -32.39
CA GLY A 563 -3.45 -34.11 -31.99
C GLY A 563 -3.44 -32.93 -31.06
N TYR A 564 -4.60 -32.58 -30.49
CA TYR A 564 -4.64 -31.44 -29.58
C TYR A 564 -3.99 -31.77 -28.24
N GLN A 565 -4.15 -32.99 -27.76
CA GLN A 565 -3.63 -33.39 -26.46
C GLN A 565 -2.27 -34.06 -26.53
N ASP A 566 -1.98 -34.78 -27.61
CA ASP A 566 -0.72 -35.50 -27.73
C ASP A 566 0.44 -34.61 -28.17
N ILE A 567 0.16 -33.40 -28.67
CA ILE A 567 1.23 -32.53 -29.14
C ILE A 567 2.14 -32.12 -27.98
N LEU A 568 1.56 -31.77 -26.84
CA LEU A 568 2.36 -31.36 -25.69
C LEU A 568 3.22 -32.52 -25.17
N ASN A 569 2.63 -33.72 -25.09
CA ASN A 569 3.40 -34.88 -24.63
C ASN A 569 4.54 -35.21 -25.59
N LYS A 570 4.26 -35.15 -26.90
CA LYS A 570 5.32 -35.42 -27.88
C LYS A 570 6.42 -34.37 -27.80
N LEU A 571 6.04 -33.09 -27.61
CA LEU A 571 7.04 -32.03 -27.49
C LEU A 571 7.88 -32.21 -26.24
N GLU A 572 7.26 -32.61 -25.12
CA GLU A 572 8.01 -32.87 -23.90
C GLU A 572 8.96 -34.05 -24.08
N ASP A 573 8.51 -35.11 -24.76
CA ASP A 573 9.36 -36.25 -25.02
C ASP A 573 10.50 -35.90 -25.96
N GLU A 574 10.30 -34.91 -26.84
CA GLU A 574 11.35 -34.49 -27.75
C GLU A 574 12.53 -33.83 -27.04
N GLY A 575 12.33 -33.38 -25.80
CA GLY A 575 13.39 -32.74 -25.03
C GLY A 575 13.15 -31.29 -24.67
N PHE A 576 12.05 -30.68 -25.11
CA PHE A 576 11.76 -29.29 -24.79
C PHE A 576 10.69 -29.20 -23.71
N PRO A 577 10.71 -28.16 -22.87
CA PRO A 577 9.69 -28.04 -21.83
C PRO A 577 8.30 -27.84 -22.42
N LYS A 578 7.30 -28.34 -21.69
CA LYS A 578 5.92 -28.25 -22.15
C LYS A 578 5.47 -26.79 -22.26
N ILE A 579 5.81 -25.97 -21.27
CA ILE A 579 5.45 -24.56 -21.25
C ILE A 579 6.72 -23.74 -21.29
N ASP A 580 6.83 -22.86 -22.29
CA ASP A 580 8.00 -21.99 -22.43
C ASP A 580 7.70 -20.66 -21.75
N TYR A 581 7.94 -20.64 -20.44
CA TYR A 581 7.77 -19.41 -19.67
C TYR A 581 8.75 -18.35 -20.15
N LYS A 582 8.27 -17.12 -20.29
CA LYS A 582 9.07 -16.05 -20.85
C LYS A 582 10.12 -15.58 -19.85
N ASP A 583 11.38 -15.59 -20.28
CA ASP A 583 12.46 -15.07 -19.45
C ASP A 583 12.38 -13.56 -19.35
N PRO A 584 13.00 -12.96 -18.34
CA PRO A 584 12.99 -11.49 -18.24
C PRO A 584 13.58 -10.85 -19.50
N PHE A 585 12.95 -9.77 -19.93
CA PHE A 585 13.28 -9.13 -21.19
C PHE A 585 13.30 -7.62 -20.98
N PHE A 586 13.38 -6.88 -22.08
CA PHE A 586 13.33 -5.43 -22.08
C PHE A 586 12.17 -4.97 -22.95
N SER A 587 11.36 -4.05 -22.42
CA SER A 587 10.24 -3.53 -23.18
C SER A 587 10.71 -2.79 -24.42
N ASN A 588 11.78 -2.01 -24.29
CA ASN A 588 12.37 -1.29 -25.41
C ASN A 588 13.83 -1.68 -25.58
N PRO A 589 14.30 -1.80 -26.83
CA PRO A 589 15.68 -2.25 -27.05
C PRO A 589 16.74 -1.21 -26.69
N VAL A 590 16.34 0.00 -26.30
CA VAL A 590 17.32 1.03 -25.94
C VAL A 590 18.10 0.66 -24.69
N ASP A 591 17.57 -0.23 -23.86
CA ASP A 591 18.24 -0.68 -22.65
C ASP A 591 19.06 -1.96 -22.85
N LEU A 592 19.05 -2.51 -24.07
CA LEU A 592 19.83 -3.73 -24.33
C LEU A 592 21.32 -3.47 -24.19
N GLU A 593 21.79 -2.31 -24.67
CA GLU A 593 23.17 -1.85 -24.61
C GLU A 593 24.11 -2.64 -25.51
N ASN A 594 23.63 -3.69 -26.17
CA ASN A 594 24.44 -4.50 -27.10
C ASN A 594 25.71 -5.01 -26.43
N LYS A 595 25.56 -5.51 -25.22
CA LYS A 595 26.68 -6.03 -24.45
C LYS A 595 26.38 -7.43 -23.95
N PRO A 596 27.40 -8.28 -23.80
CA PRO A 596 27.17 -9.64 -23.28
C PRO A 596 26.76 -9.59 -21.81
N TYR A 597 25.68 -10.29 -21.49
CA TYR A 597 25.17 -10.37 -20.13
C TYR A 597 25.64 -11.68 -19.50
N ALA A 598 26.50 -11.58 -18.50
CA ALA A 598 27.03 -12.75 -17.83
C ALA A 598 27.41 -12.41 -16.40
N TYR A 599 27.48 -13.43 -15.57
CA TYR A 599 27.85 -13.26 -14.17
C TYR A 599 28.48 -14.55 -13.65
N ALA A 600 29.67 -14.43 -13.06
CA ALA A 600 30.39 -15.56 -12.48
C ALA A 600 30.61 -16.68 -13.52
N GLY A 601 30.89 -16.28 -14.75
CA GLY A 601 31.19 -17.23 -15.81
C GLY A 601 29.98 -17.88 -16.45
N LYS A 602 28.77 -17.51 -16.06
CA LYS A 602 27.55 -18.07 -16.63
C LYS A 602 26.96 -17.09 -17.63
N ARG A 603 26.78 -17.53 -18.87
CA ARG A 603 26.25 -16.67 -19.91
C ARG A 603 24.74 -16.63 -19.86
N PHE A 604 24.17 -15.42 -19.97
CA PHE A 604 22.74 -15.21 -19.97
C PHE A 604 22.31 -14.54 -21.26
N GLU A 605 21.26 -15.06 -21.89
CA GLU A 605 20.74 -14.53 -23.13
C GLU A 605 19.48 -13.73 -22.84
N ILE A 606 19.53 -12.42 -23.10
CA ILE A 606 18.40 -11.53 -22.88
C ILE A 606 18.07 -10.86 -24.21
N SER A 607 16.82 -10.98 -24.64
CA SER A 607 16.35 -10.40 -25.88
C SER A 607 15.04 -9.67 -25.64
N SER A 608 14.84 -8.58 -26.38
CA SER A 608 13.64 -7.76 -26.23
C SER A 608 12.54 -8.27 -27.15
N THR A 609 11.30 -8.00 -26.75
CA THR A 609 10.13 -8.39 -27.53
C THR A 609 9.76 -7.36 -28.59
N HIS A 610 10.47 -6.25 -28.66
CA HIS A 610 10.20 -5.23 -29.68
C HIS A 610 10.51 -5.77 -31.07
N VAL A 611 9.82 -5.20 -32.07
CA VAL A 611 9.97 -5.67 -33.44
C VAL A 611 11.37 -5.37 -33.98
N SER A 612 12.11 -4.45 -33.35
CA SER A 612 13.44 -4.11 -33.85
C SER A 612 14.41 -5.28 -33.71
N THR A 613 14.36 -5.99 -32.58
CA THR A 613 15.30 -7.06 -32.29
C THR A 613 14.74 -8.46 -32.55
N ARG A 614 13.50 -8.56 -33.02
CA ARG A 614 12.91 -9.86 -33.30
C ARG A 614 13.47 -10.43 -34.60
N ILE A 615 13.93 -11.67 -34.56
CA ILE A 615 14.52 -12.31 -35.73
C ILE A 615 13.42 -12.57 -36.76
N PRO A 616 13.70 -12.46 -38.06
CA PRO A 616 12.69 -12.75 -39.07
C PRO A 616 12.32 -14.23 -39.07
N VAL A 617 11.09 -14.51 -39.51
CA VAL A 617 10.63 -15.88 -39.62
C VAL A 617 11.45 -16.61 -40.69
N GLN A 618 11.98 -17.77 -40.33
CA GLN A 618 12.86 -18.53 -41.20
C GLN A 618 12.15 -19.78 -41.70
N PHE A 619 12.30 -20.05 -43.00
CA PHE A 619 11.75 -21.24 -43.63
C PHE A 619 12.88 -22.23 -43.89
N GLY A 620 12.73 -23.44 -43.37
CA GLY A 620 13.77 -24.44 -43.54
C GLY A 620 15.03 -24.19 -42.74
N GLY A 621 14.95 -23.38 -41.69
CA GLY A 621 16.11 -23.07 -40.88
C GLY A 621 16.98 -21.93 -41.39
N GLU A 622 16.61 -21.32 -42.50
CA GLU A 622 17.37 -20.21 -43.08
C GLU A 622 16.49 -18.96 -43.09
N THR A 623 17.04 -17.87 -42.56
CA THR A 623 16.30 -16.61 -42.53
C THR A 623 16.16 -16.02 -43.92
N VAL A 624 15.07 -15.28 -44.13
CA VAL A 624 14.77 -14.63 -45.39
C VAL A 624 14.69 -13.13 -45.16
N SER A 625 15.38 -12.37 -46.02
CA SER A 625 15.39 -10.92 -45.92
C SER A 625 15.70 -10.33 -47.28
N VAL A 626 15.40 -9.03 -47.41
CA VAL A 626 15.64 -8.32 -48.67
C VAL A 626 17.04 -7.72 -48.64
N TYR A 627 17.81 -7.97 -49.71
CA TYR A 627 19.15 -7.43 -49.86
C TYR A 627 19.20 -6.21 -50.75
N ASN A 628 18.42 -6.21 -51.84
CA ASN A 628 18.38 -5.06 -52.74
C ASN A 628 17.70 -3.88 -52.08
N LYS A 629 18.10 -2.68 -52.50
CA LYS A 629 17.52 -1.47 -51.95
C LYS A 629 16.04 -1.36 -52.36
N PRO A 630 15.18 -0.88 -51.46
CA PRO A 630 13.77 -0.72 -51.83
C PRO A 630 13.58 0.28 -52.95
N THR A 631 12.57 0.03 -53.78
CA THR A 631 12.25 0.89 -54.93
C THR A 631 10.85 1.45 -54.72
N PHE A 632 10.78 2.68 -54.21
CA PHE A 632 9.50 3.34 -53.99
C PHE A 632 8.99 3.97 -55.27
N ASP A 633 7.70 3.84 -55.52
CA ASP A 633 7.06 4.40 -56.69
C ASP A 633 6.42 5.73 -56.35
N MET A 634 5.69 6.30 -57.30
CA MET A 634 5.02 7.58 -57.12
C MET A 634 3.55 7.36 -56.80
N PHE A 635 3.00 8.22 -55.95
CA PHE A 635 1.57 8.24 -55.63
C PHE A 635 1.14 6.91 -55.01
N SER A 636 1.73 6.60 -53.84
CA SER A 636 1.46 5.38 -53.11
C SER A 636 0.67 5.71 -51.85
N SER A 637 -0.42 4.96 -51.61
CA SER A 637 -1.26 5.15 -50.45
C SER A 637 -0.91 4.12 -49.37
N TRP A 638 -1.03 4.53 -48.12
CA TRP A 638 -0.69 3.69 -46.98
C TRP A 638 -1.78 3.77 -45.94
N LYS A 639 -1.89 2.71 -45.13
CA LYS A 639 -2.92 2.59 -44.11
C LYS A 639 -2.29 2.20 -42.78
N TYR A 640 -2.80 2.79 -41.69
CA TYR A 640 -2.28 2.50 -40.36
C TYR A 640 -2.53 1.05 -39.98
N ALA A 641 -1.59 0.49 -39.22
CA ALA A 641 -1.62 -0.93 -38.87
C ALA A 641 -2.21 -1.19 -37.49
N LEU A 642 -1.80 -0.43 -36.47
CA LEU A 642 -2.24 -0.69 -35.11
C LEU A 642 -3.75 -0.47 -34.98
N LYS A 643 -4.43 -1.41 -34.34
CA LYS A 643 -5.87 -1.31 -34.13
C LYS A 643 -6.17 -0.30 -33.03
N PRO A 644 -7.22 0.50 -33.19
CA PRO A 644 -7.61 1.45 -32.14
C PRO A 644 -8.32 0.74 -31.00
N PRO A 645 -8.42 1.38 -29.83
CA PRO A 645 -9.19 0.78 -28.73
C PRO A 645 -10.64 0.57 -29.12
N THR A 646 -11.22 -0.52 -28.62
CA THR A 646 -12.59 -0.88 -28.97
C THR A 646 -13.60 -0.03 -28.20
N TYR A 647 -14.83 -0.01 -28.73
CA TYR A 647 -15.91 0.70 -28.07
C TYR A 647 -16.22 0.09 -26.71
N ASP A 648 -16.23 -1.23 -26.63
CA ASP A 648 -16.56 -1.91 -25.37
C ASP A 648 -15.54 -1.59 -24.29
N ALA A 649 -14.26 -1.52 -24.64
CA ALA A 649 -13.23 -1.20 -23.65
C ALA A 649 -13.43 0.21 -23.10
N VAL A 650 -13.72 1.18 -23.98
CA VAL A 650 -13.93 2.55 -23.53
C VAL A 650 -15.17 2.64 -22.65
N GLN A 651 -16.24 1.95 -23.05
CA GLN A 651 -17.46 1.97 -22.24
C GLN A 651 -17.22 1.35 -20.87
N LYS A 652 -16.49 0.24 -20.81
CA LYS A 652 -16.20 -0.40 -19.53
C LYS A 652 -15.32 0.51 -18.67
N TRP A 653 -14.34 1.17 -19.27
CA TRP A 653 -13.49 2.08 -18.51
C TRP A 653 -14.29 3.24 -17.94
N TYR A 654 -15.21 3.78 -18.74
CA TYR A 654 -16.04 4.87 -18.24
C TYR A 654 -16.98 4.41 -17.14
N ASN A 655 -17.50 3.18 -17.26
CA ASN A 655 -18.45 2.68 -16.27
C ASN A 655 -17.82 2.57 -14.89
N LYS A 656 -16.59 2.04 -14.82
CA LYS A 656 -15.93 1.90 -13.52
C LYS A 656 -15.43 3.23 -13.00
N VAL A 657 -14.94 4.10 -13.89
CA VAL A 657 -14.43 5.40 -13.49
C VAL A 657 -14.50 6.38 -14.66
N SER A 695 -18.93 -17.67 33.49
CA SER A 695 -19.13 -19.05 33.91
C SER A 695 -19.15 -19.15 35.44
N SER A 696 -19.13 -17.99 36.10
CA SER A 696 -19.17 -17.87 37.56
C SER A 696 -17.97 -18.51 38.24
N VAL A 697 -16.94 -18.88 37.48
CA VAL A 697 -15.72 -19.48 38.02
C VAL A 697 -14.54 -18.64 37.54
N HIS A 698 -13.67 -18.24 38.46
CA HIS A 698 -12.52 -17.42 38.14
C HIS A 698 -11.41 -18.31 37.60
N ASP A 699 -11.14 -18.19 36.29
CA ASP A 699 -10.08 -18.97 35.65
C ASP A 699 -9.05 -18.07 34.97
N SER A 700 -8.96 -16.81 35.39
CA SER A 700 -8.03 -15.85 34.81
C SER A 700 -7.27 -15.15 35.94
N LEU A 701 -6.42 -14.21 35.57
CA LEU A 701 -5.61 -13.45 36.51
C LEU A 701 -6.01 -11.98 36.48
N THR A 702 -6.15 -11.39 37.66
CA THR A 702 -6.48 -9.97 37.75
C THR A 702 -5.34 -9.13 37.19
N HIS A 703 -5.68 -8.03 36.53
CA HIS A 703 -4.72 -7.20 35.83
C HIS A 703 -4.83 -5.75 36.32
N LEU A 704 -3.67 -5.10 36.45
CA LEU A 704 -3.61 -3.70 36.82
C LEU A 704 -2.56 -3.00 35.97
N THR A 705 -2.87 -1.78 35.54
CA THR A 705 -1.98 -0.97 34.71
C THR A 705 -1.75 0.37 35.38
N LEU A 706 -0.50 0.82 35.40
CA LEU A 706 -0.13 2.09 36.02
C LEU A 706 0.73 2.90 35.07
N GLU A 707 0.49 4.21 35.07
CA GLU A 707 1.30 5.15 34.31
C GLU A 707 1.49 6.41 35.15
N ILE A 708 2.57 7.14 34.87
CA ILE A 708 2.96 8.29 35.69
C ILE A 708 3.15 9.51 34.80
N HIS A 709 3.13 10.68 35.44
CA HIS A 709 3.45 11.94 34.80
C HIS A 709 4.37 12.73 35.73
N ALA A 710 5.50 13.19 35.19
CA ALA A 710 6.50 13.91 35.97
C ALA A 710 6.72 15.29 35.38
N ASN A 711 6.82 16.29 36.26
CA ASN A 711 7.06 17.67 35.85
C ASN A 711 8.56 17.90 35.79
N THR A 712 9.16 17.66 34.62
CA THR A 712 10.58 17.85 34.44
C THR A 712 10.91 19.33 34.29
N ARG A 713 12.18 19.66 34.55
CA ARG A 713 12.68 21.01 34.42
C ARG A 713 13.31 21.19 33.04
N SER A 714 12.84 22.19 32.30
CA SER A 714 13.27 22.47 30.92
C SER A 714 13.07 21.20 30.11
N ASP A 715 14.07 20.71 29.37
CA ASP A 715 13.97 19.49 28.59
C ASP A 715 15.05 18.53 29.08
N LYS A 716 14.70 17.75 30.11
CA LYS A 716 15.65 16.79 30.67
C LYS A 716 15.00 15.45 31.00
N ILE A 717 13.75 15.24 30.64
CA ILE A 717 13.00 14.00 30.88
C ILE A 717 12.80 13.78 32.38
N PRO A 718 11.96 12.84 32.78
CA PRO A 718 11.77 12.58 34.21
C PRO A 718 13.04 12.07 34.86
N ASP A 719 13.24 12.46 36.12
CA ASP A 719 14.42 12.06 36.89
C ASP A 719 13.94 11.58 38.26
N PRO A 720 14.24 10.35 38.66
CA PRO A 720 13.76 9.86 39.97
C PRO A 720 14.51 10.47 41.14
N ALA A 721 15.37 11.46 40.89
CA ALA A 721 16.14 12.10 41.94
C ALA A 721 15.83 13.57 42.14
N ILE A 722 15.36 14.28 41.11
CA ILE A 722 15.13 15.72 41.22
C ILE A 722 13.73 16.05 40.75
N ASP A 723 13.05 15.10 40.14
CA ASP A 723 11.70 15.29 39.61
C ASP A 723 10.72 14.42 40.39
N GLU A 724 9.58 15.00 40.77
CA GLU A 724 8.56 14.31 41.53
C GLU A 724 7.41 13.87 40.64
N VAL A 725 6.67 12.88 41.12
CA VAL A 725 5.52 12.37 40.40
C VAL A 725 4.33 13.29 40.64
N SER A 726 3.70 13.74 39.55
CA SER A 726 2.58 14.67 39.65
C SER A 726 1.23 14.00 39.39
N MET A 727 1.19 12.92 38.62
CA MET A 727 -0.07 12.26 38.30
C MET A 727 0.18 10.78 38.06
N ILE A 728 -0.74 9.96 38.56
CA ILE A 728 -0.72 8.52 38.34
C ILE A 728 -2.10 8.08 37.89
N ILE A 729 -2.15 7.29 36.81
CA ILE A 729 -3.40 6.80 36.24
C ILE A 729 -3.39 5.28 36.30
N TRP A 730 -4.46 4.70 36.84
CA TRP A 730 -4.60 3.26 36.93
C TRP A 730 -5.91 2.82 36.30
N CYS A 731 -5.90 1.64 35.69
CA CYS A 731 -7.10 1.11 35.03
C CYS A 731 -7.04 -0.41 35.13
N LEU A 732 -7.77 -0.97 36.09
CA LEU A 732 -7.86 -2.41 36.22
C LEU A 732 -8.67 -2.99 35.06
N GLU A 733 -8.19 -4.11 34.51
CA GLU A 733 -8.87 -4.76 33.40
C GLU A 733 -10.18 -5.36 33.90
N GLU A 734 -11.30 -4.78 33.45
CA GLU A 734 -12.62 -5.22 33.91
C GLU A 734 -13.07 -6.53 33.27
N GLU A 735 -12.42 -6.96 32.18
CA GLU A 735 -12.84 -8.19 31.52
C GLU A 735 -12.65 -9.40 32.42
N THR A 736 -11.52 -9.47 33.13
CA THR A 736 -11.19 -10.62 33.96
C THR A 736 -11.13 -10.26 35.44
N PHE A 737 -11.82 -9.21 35.87
CA PHE A 737 -11.81 -8.81 37.27
C PHE A 737 -13.11 -9.25 37.93
N PRO A 738 -13.08 -10.23 38.84
CA PRO A 738 -14.32 -10.67 39.48
C PRO A 738 -14.68 -9.84 40.70
N LEU A 739 -15.71 -10.29 41.43
CA LEU A 739 -16.25 -9.77 42.68
C LEU A 739 -17.08 -8.50 42.49
N ASP A 740 -17.02 -7.84 41.33
CA ASP A 740 -17.85 -6.69 41.01
C ASP A 740 -17.99 -5.68 42.14
N LEU A 741 -16.89 -5.35 42.80
CA LEU A 741 -16.96 -4.44 43.94
C LEU A 741 -17.19 -3.01 43.47
N ASP A 742 -17.51 -2.14 44.42
CA ASP A 742 -17.88 -0.77 44.12
C ASP A 742 -16.67 0.08 43.74
N ILE A 743 -16.33 0.09 42.45
CA ILE A 743 -15.24 0.90 41.93
C ILE A 743 -15.53 1.21 40.47
N ALA A 744 -14.94 2.30 39.98
CA ALA A 744 -15.14 2.73 38.60
C ALA A 744 -14.16 2.11 37.63
N TYR A 745 -13.25 1.25 38.11
CA TYR A 745 -12.23 0.55 37.34
C TYR A 745 -11.16 1.48 36.78
N GLU A 746 -11.29 2.79 36.99
CA GLU A 746 -10.29 3.76 36.55
C GLU A 746 -10.23 4.88 37.58
N GLY A 747 -9.02 5.38 37.84
CA GLY A 747 -8.85 6.43 38.82
C GLY A 747 -7.67 7.31 38.47
N ILE A 748 -7.71 8.55 38.96
CA ILE A 748 -6.67 9.54 38.74
C ILE A 748 -6.20 10.05 40.09
N MET A 749 -4.89 10.00 40.32
CA MET A 749 -4.28 10.52 41.55
C MET A 749 -3.31 11.63 41.17
N ILE A 750 -3.55 12.82 41.70
CA ILE A 750 -2.72 13.99 41.42
C ILE A 750 -2.44 14.71 42.74
N VAL A 751 -1.18 15.09 42.94
CA VAL A 751 -0.82 15.88 44.12
C VAL A 751 -1.19 17.33 43.86
N HIS A 752 -1.75 17.98 44.89
CA HIS A 752 -2.12 19.39 44.78
C HIS A 752 -2.14 19.97 46.20
N LYS A 753 -1.10 20.72 46.55
CA LYS A 753 -1.04 21.36 47.86
C LYS A 753 -2.10 22.46 47.95
N ALA A 754 -2.60 22.66 49.17
CA ALA A 754 -3.61 23.69 49.40
C ALA A 754 -3.05 25.09 49.19
N SER A 755 -1.74 25.28 49.27
CA SER A 755 -1.14 26.59 49.05
C SER A 755 -1.14 27.01 47.59
N GLU A 756 -1.46 26.10 46.67
CA GLU A 756 -1.47 26.41 45.25
C GLU A 756 -2.78 27.13 44.89
N ASP A 757 -3.03 27.30 43.60
CA ASP A 757 -4.24 27.97 43.15
C ASP A 757 -5.48 27.16 43.51
N SER A 758 -6.51 27.87 43.97
CA SER A 758 -7.75 27.22 44.38
C SER A 758 -8.62 26.90 43.15
N THR A 759 -9.71 26.19 43.40
CA THR A 759 -10.69 25.77 42.40
C THR A 759 -10.08 24.86 41.34
N PHE A 760 -8.81 24.50 41.51
CA PHE A 760 -8.19 23.52 40.61
C PHE A 760 -8.84 22.15 40.70
N PRO A 761 -9.09 21.57 41.88
CA PRO A 761 -9.79 20.28 41.92
C PRO A 761 -11.16 20.30 41.26
N THR A 762 -11.92 21.38 41.46
CA THR A 762 -13.22 21.48 40.80
C THR A 762 -13.08 21.54 39.30
N LYS A 763 -12.09 22.29 38.80
CA LYS A 763 -11.86 22.38 37.37
C LYS A 763 -11.49 21.02 36.79
N ILE A 764 -10.61 20.28 37.47
CA ILE A 764 -10.21 18.96 36.99
C ILE A 764 -11.40 18.00 37.00
N GLN A 765 -12.19 18.02 38.08
CA GLN A 765 -13.34 17.12 38.17
C GLN A 765 -14.36 17.43 37.09
N HIS A 766 -14.61 18.71 36.81
CA HIS A 766 -15.54 19.06 35.75
C HIS A 766 -14.99 18.72 34.37
N CYS A 767 -13.67 18.84 34.19
CA CYS A 767 -13.07 18.46 32.91
C CYS A 767 -13.21 16.96 32.66
N ILE A 768 -12.99 16.14 33.70
CA ILE A 768 -13.11 14.70 33.53
C ILE A 768 -14.58 14.29 33.58
N ASN A 769 -15.23 14.49 34.74
CA ASN A 769 -16.67 14.31 34.90
C ASN A 769 -17.11 12.87 34.73
N GLU A 770 -16.18 11.96 34.44
CA GLU A 770 -16.50 10.54 34.30
C GLU A 770 -15.71 9.67 35.27
N ILE A 771 -14.41 9.84 35.34
CA ILE A 771 -13.55 9.03 36.21
C ILE A 771 -13.33 9.80 37.51
N PRO A 772 -13.67 9.23 38.66
CA PRO A 772 -13.40 9.92 39.94
C PRO A 772 -11.91 10.17 40.12
N VAL A 773 -11.59 11.33 40.69
CA VAL A 773 -10.22 11.78 40.87
C VAL A 773 -9.98 12.02 42.35
N MET A 774 -8.88 11.47 42.87
CA MET A 774 -8.48 11.65 44.26
C MET A 774 -7.28 12.58 44.32
N PHE A 775 -7.32 13.54 45.24
CA PHE A 775 -6.29 14.56 45.38
C PHE A 775 -5.66 14.47 46.76
N TYR A 776 -4.33 14.57 46.81
CA TYR A 776 -3.58 14.43 48.05
C TYR A 776 -2.59 15.57 48.19
N GLU A 777 -2.36 15.97 49.45
CA GLU A 777 -1.51 17.13 49.71
C GLU A 777 -0.07 16.89 49.30
N SER A 778 0.47 15.70 49.60
CA SER A 778 1.88 15.41 49.39
C SER A 778 2.02 14.13 48.57
N GLU A 779 3.22 13.94 48.03
CA GLU A 779 3.50 12.76 47.22
C GLU A 779 3.50 11.49 48.08
N PHE A 780 3.96 11.59 49.33
CA PHE A 780 3.98 10.43 50.21
C PHE A 780 2.57 9.94 50.51
N GLU A 781 1.64 10.87 50.76
CA GLU A 781 0.25 10.48 50.99
C GLU A 781 -0.34 9.82 49.76
N MET A 782 -0.03 10.34 48.56
CA MET A 782 -0.51 9.73 47.34
C MET A 782 0.04 8.33 47.15
N PHE A 783 1.33 8.14 47.46
CA PHE A 783 1.93 6.81 47.36
C PHE A 783 1.29 5.84 48.35
N GLU A 784 1.02 6.31 49.57
CA GLU A 784 0.36 5.46 50.56
C GLU A 784 -1.05 5.09 50.11
N ALA A 785 -1.78 6.04 49.53
CA ALA A 785 -3.11 5.76 49.02
C ALA A 785 -3.07 4.75 47.87
N LEU A 786 -2.07 4.89 46.99
CA LEU A 786 -1.91 3.93 45.90
C LEU A 786 -1.62 2.53 46.43
N THR A 787 -0.75 2.44 47.45
CA THR A 787 -0.47 1.15 48.07
C THR A 787 -1.72 0.55 48.70
N ASP A 788 -2.52 1.38 49.38
CA ASP A 788 -3.76 0.90 49.98
C ASP A 788 -4.74 0.42 48.92
N LEU A 789 -4.85 1.14 47.81
CA LEU A 789 -5.73 0.73 46.73
C LEU A 789 -5.26 -0.59 46.10
N VAL A 790 -3.95 -0.74 45.94
CA VAL A 790 -3.41 -1.98 45.40
C VAL A 790 -3.72 -3.15 46.33
N LEU A 791 -3.55 -2.93 47.64
CA LEU A 791 -3.87 -3.98 48.61
C LEU A 791 -5.35 -4.32 48.59
N LEU A 792 -6.22 -3.31 48.47
CA LEU A 792 -7.65 -3.55 48.44
C LEU A 792 -8.06 -4.34 47.21
N LEU A 793 -7.61 -3.90 46.03
CA LEU A 793 -7.95 -4.62 44.80
C LEU A 793 -7.21 -5.96 44.73
N ASP A 794 -5.98 -6.01 45.23
CA ASP A 794 -5.14 -7.20 45.18
C ASP A 794 -5.02 -7.78 43.77
N PRO A 795 -4.48 -7.01 42.83
CA PRO A 795 -4.31 -7.54 41.47
C PRO A 795 -3.20 -8.59 41.43
N ASP A 796 -3.36 -9.54 40.50
CA ASP A 796 -2.36 -10.59 40.33
C ASP A 796 -1.26 -10.18 39.36
N ILE A 797 -1.53 -9.26 38.45
CA ILE A 797 -0.55 -8.82 37.45
C ILE A 797 -0.46 -7.30 37.50
N LEU A 798 0.76 -6.79 37.66
CA LEU A 798 1.05 -5.37 37.57
C LEU A 798 1.79 -5.10 36.28
N SER A 799 1.34 -4.11 35.52
CA SER A 799 1.87 -3.90 34.18
C SER A 799 2.33 -2.47 33.93
N GLY A 800 2.67 -2.17 32.69
CA GLY A 800 3.19 -0.88 32.28
C GLY A 800 4.06 -1.07 31.05
N PHE A 801 4.04 -0.07 30.17
CA PHE A 801 4.81 -0.15 28.94
C PHE A 801 6.31 -0.22 29.22
N GLU A 802 6.79 0.58 30.17
CA GLU A 802 8.19 0.57 30.57
C GLU A 802 8.23 0.70 32.09
N ILE A 803 8.37 -0.44 32.77
CA ILE A 803 8.33 -0.47 34.23
C ILE A 803 9.75 -0.38 34.79
N HIS A 804 10.70 -0.01 33.94
CA HIS A 804 12.09 0.17 34.36
C HIS A 804 12.42 1.64 34.58
N ASN A 805 12.24 2.46 33.56
CA ASN A 805 12.48 3.90 33.67
C ASN A 805 11.23 4.71 33.98
N PHE A 806 10.07 4.07 34.01
CA PHE A 806 8.80 4.76 34.27
C PHE A 806 7.86 3.80 34.98
N SER A 807 6.62 4.25 35.19
CA SER A 807 5.54 3.44 35.76
C SER A 807 5.96 2.95 37.13
N TRP A 808 6.00 1.64 37.40
CA TRP A 808 6.33 1.15 38.74
C TRP A 808 7.78 1.41 39.09
N GLY A 809 8.68 1.32 38.10
CA GLY A 809 10.10 1.52 38.38
C GLY A 809 10.41 2.91 38.89
N TYR A 810 9.82 3.93 38.27
CA TYR A 810 10.05 5.30 38.70
C TYR A 810 9.55 5.53 40.13
N ILE A 811 8.36 4.99 40.45
CA ILE A 811 7.83 5.15 41.80
C ILE A 811 8.71 4.44 42.82
N ILE A 812 9.16 3.23 42.48
CA ILE A 812 10.03 2.47 43.38
C ILE A 812 11.33 3.22 43.60
N GLU A 813 11.92 3.75 42.53
CA GLU A 813 13.16 4.51 42.67
C GLU A 813 12.97 5.76 43.52
N ARG A 814 11.87 6.48 43.31
CA ARG A 814 11.58 7.67 44.10
C ARG A 814 11.45 7.31 45.58
N CYS A 815 10.68 6.26 45.89
CA CYS A 815 10.48 5.88 47.27
C CYS A 815 11.78 5.41 47.92
N GLN A 816 12.61 4.69 47.18
CA GLN A 816 13.88 4.21 47.72
C GLN A 816 14.89 5.35 47.90
N LYS A 817 14.82 6.37 47.05
CA LYS A 817 15.82 7.43 47.07
C LYS A 817 15.47 8.57 48.01
N ILE A 818 14.34 9.24 47.78
CA ILE A 818 14.02 10.48 48.48
C ILE A 818 13.06 10.24 49.64
N HIS A 819 12.05 9.39 49.46
CA HIS A 819 11.10 9.11 50.52
C HIS A 819 11.62 8.09 51.53
N GLN A 820 12.68 7.37 51.20
CA GLN A 820 13.25 6.33 52.08
C GLN A 820 12.20 5.32 52.50
N PHE A 821 11.32 4.97 51.56
CA PHE A 821 10.22 4.05 51.81
C PHE A 821 10.39 2.81 50.94
N ASP A 822 10.25 1.63 51.55
CA ASP A 822 10.33 0.37 50.81
C ASP A 822 8.94 0.00 50.33
N ILE A 823 8.53 0.63 49.23
CA ILE A 823 7.20 0.41 48.69
C ILE A 823 7.06 -0.98 48.07
N VAL A 824 8.18 -1.65 47.77
CA VAL A 824 8.12 -3.00 47.22
C VAL A 824 7.51 -3.96 48.23
N ARG A 825 7.93 -3.87 49.49
CA ARG A 825 7.37 -4.73 50.53
C ARG A 825 5.90 -4.43 50.77
N GLU A 826 5.53 -3.14 50.76
CA GLU A 826 4.13 -2.78 50.96
C GLU A 826 3.25 -3.29 49.82
N LEU A 827 3.73 -3.18 48.57
CA LEU A 827 2.98 -3.67 47.43
C LEU A 827 2.92 -5.19 47.39
N ALA A 828 3.81 -5.88 48.10
CA ALA A 828 3.82 -7.33 48.11
C ALA A 828 2.62 -7.87 48.90
N ARG A 829 2.34 -9.14 48.69
CA ARG A 829 1.19 -9.79 49.32
C ARG A 829 1.50 -10.31 50.72
N VAL A 830 2.74 -10.15 51.20
CA VAL A 830 3.14 -10.60 52.52
C VAL A 830 3.64 -9.41 53.32
N LYS A 831 3.14 -9.27 54.55
CA LYS A 831 3.57 -8.16 55.41
C LYS A 831 5.05 -8.28 55.76
N CYS A 832 5.50 -9.50 56.08
CA CYS A 832 6.89 -9.72 56.46
C CYS A 832 7.52 -10.84 55.65
N GLN A 833 8.72 -11.25 56.02
CA GLN A 833 9.46 -12.31 55.33
C GLN A 833 9.65 -11.98 53.85
N ILE A 834 9.95 -10.71 53.57
CA ILE A 834 10.17 -10.22 52.21
C ILE A 834 8.96 -10.52 51.32
N LYS A 837 15.83 -9.22 48.52
CA LYS A 837 17.15 -9.70 48.90
C LYS A 837 18.23 -9.02 48.08
N LEU A 838 18.44 -9.51 46.86
CA LEU A 838 19.45 -8.96 45.96
C LEU A 838 18.85 -8.79 44.56
N SER A 839 19.41 -7.83 43.82
CA SER A 839 18.94 -7.58 42.47
C SER A 839 19.38 -8.69 41.53
N ASP A 840 18.65 -8.83 40.43
CA ASP A 840 18.92 -9.85 39.42
C ASP A 840 19.13 -9.16 38.08
N THR A 841 20.37 -9.18 37.57
CA THR A 841 20.66 -8.55 36.29
C THR A 841 19.98 -9.29 35.14
N TRP A 842 19.79 -10.61 35.27
CA TRP A 842 19.11 -11.36 34.22
C TRP A 842 17.67 -10.90 34.06
N GLY A 843 16.99 -10.61 35.19
CA GLY A 843 15.64 -10.10 35.09
C GLY A 843 15.57 -8.75 34.40
N TYR A 844 16.51 -7.85 34.72
CA TYR A 844 16.54 -6.55 34.07
C TYR A 844 16.82 -6.68 32.57
N ALA A 845 17.75 -7.56 32.20
CA ALA A 845 18.11 -7.69 30.79
C ALA A 845 17.00 -8.36 29.99
N HIS A 846 16.46 -9.47 30.48
CA HIS A 846 15.50 -10.25 29.70
C HIS A 846 14.09 -9.70 29.84
N SER A 847 13.52 -9.74 31.04
CA SER A 847 12.15 -9.29 31.30
C SER A 847 11.90 -9.35 32.80
N SER A 848 11.01 -8.46 33.25
CA SER A 848 10.59 -8.40 34.65
C SER A 848 11.78 -8.18 35.59
N GLY A 849 12.40 -7.01 35.44
CA GLY A 849 13.57 -6.70 36.25
C GLY A 849 13.25 -6.59 37.73
N ILE A 850 12.15 -5.94 38.07
CA ILE A 850 11.75 -5.74 39.46
C ILE A 850 10.80 -6.86 39.87
N MET A 851 11.07 -7.46 41.03
CA MET A 851 10.29 -8.58 41.53
C MET A 851 9.52 -8.16 42.77
N ILE A 852 8.21 -8.41 42.77
CA ILE A 852 7.34 -8.15 43.91
C ILE A 852 6.73 -9.48 44.34
N THR A 853 6.82 -9.79 45.63
CA THR A 853 6.35 -11.06 46.13
C THR A 853 4.83 -11.15 46.03
N GLY A 854 4.35 -12.25 45.45
CA GLY A 854 2.92 -12.50 45.31
C GLY A 854 2.29 -11.95 44.06
N ARG A 855 3.01 -11.15 43.28
CA ARG A 855 2.49 -10.55 42.06
C ARG A 855 3.48 -10.76 40.93
N HIS A 856 2.95 -10.84 39.71
CA HIS A 856 3.75 -10.99 38.50
C HIS A 856 3.76 -9.69 37.72
N MET A 857 4.96 -9.22 37.38
CA MET A 857 5.12 -8.00 36.59
C MET A 857 5.73 -8.34 35.24
N ILE A 858 5.25 -7.66 34.20
CA ILE A 858 5.68 -7.91 32.83
C ILE A 858 6.14 -6.61 32.20
N ASN A 859 7.26 -6.67 31.48
CA ASN A 859 7.70 -5.55 30.65
C ASN A 859 6.94 -5.64 29.33
N ILE A 860 5.87 -4.86 29.22
CA ILE A 860 4.92 -5.05 28.13
C ILE A 860 5.55 -4.70 26.78
N TRP A 861 6.43 -3.69 26.75
CA TRP A 861 7.14 -3.40 25.51
C TRP A 861 8.03 -4.57 25.11
N ARG A 862 8.68 -5.21 26.09
CA ARG A 862 9.47 -6.40 25.80
C ARG A 862 8.60 -7.55 25.32
N ALA A 863 7.41 -7.71 25.91
CA ALA A 863 6.50 -8.76 25.46
C ALA A 863 6.05 -8.52 24.02
N LEU A 864 5.76 -7.26 23.67
CA LEU A 864 5.42 -6.93 22.29
C LEU A 864 6.59 -7.19 21.36
N ARG A 865 7.81 -6.88 21.82
CA ARG A 865 8.99 -7.17 21.01
C ARG A 865 9.12 -8.67 20.75
N SER A 866 8.88 -9.49 21.77
CA SER A 866 8.93 -10.93 21.58
C SER A 866 7.78 -11.44 20.71
N ASP A 867 6.60 -10.82 20.81
CA ASP A 867 5.44 -11.31 20.08
C ASP A 867 5.44 -10.82 18.64
N VAL A 868 5.39 -9.50 18.44
CA VAL A 868 5.31 -8.92 17.11
C VAL A 868 6.66 -8.33 16.73
N ASN A 869 6.99 -8.40 15.44
CA ASN A 869 8.27 -7.94 14.92
C ASN A 869 8.10 -6.53 14.35
N LEU A 870 8.04 -5.55 15.24
CA LEU A 870 7.96 -4.16 14.84
C LEU A 870 9.37 -3.57 14.67
N THR A 871 9.43 -2.33 14.20
CA THR A 871 10.70 -1.68 13.93
C THR A 871 11.03 -0.56 14.92
N GLN A 872 10.09 -0.14 15.74
CA GLN A 872 10.34 0.93 16.70
C GLN A 872 10.00 0.54 18.13
N TYR A 873 8.98 -0.28 18.34
CA TYR A 873 8.54 -0.70 19.67
C TYR A 873 8.21 0.51 20.55
N THR A 874 7.60 1.52 19.94
CA THR A 874 7.14 2.72 20.63
C THR A 874 5.64 2.61 20.85
N ILE A 875 5.17 3.16 21.97
CA ILE A 875 3.76 3.04 22.34
C ILE A 875 2.87 3.56 21.22
N GLU A 876 3.19 4.72 20.66
CA GLU A 876 2.44 5.24 19.52
C GLU A 876 2.59 4.32 18.31
N SER A 877 3.82 3.90 18.02
CA SER A 877 4.06 3.02 16.87
C SER A 877 3.38 1.68 17.06
N ALA A 878 3.47 1.11 18.27
CA ALA A 878 2.81 -0.17 18.53
C ALA A 878 1.29 -0.04 18.41
N ALA A 879 0.72 1.05 18.93
CA ALA A 879 -0.71 1.27 18.82
C ALA A 879 -1.14 1.38 17.36
N PHE A 880 -0.39 2.14 16.57
CA PHE A 880 -0.73 2.29 15.15
C PHE A 880 -0.60 0.96 14.41
N ASN A 881 0.42 0.17 14.76
CA ASN A 881 0.65 -1.08 14.03
C ASN A 881 -0.35 -2.16 14.41
N ILE A 882 -0.82 -2.19 15.65
CA ILE A 882 -1.69 -3.27 16.10
C ILE A 882 -3.14 -2.81 16.14
N LEU A 883 -3.44 -1.81 16.97
CA LEU A 883 -4.82 -1.37 17.15
C LEU A 883 -5.27 -0.40 16.05
N HIS A 884 -4.38 -0.01 15.15
CA HIS A 884 -4.70 0.93 14.07
C HIS A 884 -5.21 2.26 14.61
N LYS A 885 -4.62 2.71 15.71
CA LYS A 885 -4.94 4.00 16.31
C LYS A 885 -3.68 4.84 16.39
N ARG A 886 -3.76 6.07 15.91
CA ARG A 886 -2.63 7.00 15.92
C ARG A 886 -2.74 7.90 17.15
N LEU A 887 -1.64 8.02 17.89
CA LEU A 887 -1.61 8.81 19.12
C LEU A 887 -0.52 9.87 19.01
N PRO A 888 -0.88 11.15 19.04
CA PRO A 888 0.15 12.20 19.03
C PRO A 888 1.04 12.11 20.26
N HIS A 889 2.32 12.42 20.06
CA HIS A 889 3.32 12.40 21.13
C HIS A 889 3.84 13.80 21.36
N PHE A 890 3.82 14.23 22.62
CA PHE A 890 4.30 15.55 23.01
C PHE A 890 5.56 15.41 23.86
N SER A 891 6.46 16.37 23.70
CA SER A 891 7.69 16.38 24.48
C SER A 891 7.38 16.63 25.95
N PHE A 892 8.28 16.16 26.81
CA PHE A 892 8.09 16.32 28.25
C PHE A 892 8.05 17.79 28.66
N GLU A 893 8.78 18.64 27.94
CA GLU A 893 8.70 20.08 28.19
C GLU A 893 7.29 20.59 27.91
N SER A 894 6.67 20.11 26.82
CA SER A 894 5.29 20.49 26.54
C SER A 894 4.35 20.00 27.64
N LEU A 895 4.58 18.80 28.15
CA LEU A 895 3.75 18.28 29.23
C LEU A 895 3.88 19.14 30.48
N THR A 896 5.10 19.51 30.85
CA THR A 896 5.31 20.32 32.05
C THR A 896 4.87 21.76 31.86
N ASN A 897 4.78 22.24 30.62
CA ASN A 897 4.24 23.58 30.38
C ASN A 897 2.73 23.59 30.31
N MET A 898 2.12 22.46 29.95
CA MET A 898 0.67 22.34 29.91
C MET A 898 0.07 21.93 31.25
N TRP A 899 0.88 21.35 32.14
CA TRP A 899 0.39 20.91 33.44
C TRP A 899 0.54 21.96 34.54
N ASN A 900 1.13 23.11 34.23
CA ASN A 900 1.33 24.14 35.24
C ASN A 900 0.00 24.77 35.65
N ALA A 901 0.02 25.43 36.81
CA ALA A 901 -1.17 26.07 37.33
C ALA A 901 -1.53 27.31 36.51
N LYS A 902 -2.75 27.80 36.72
CA LYS A 902 -3.29 28.98 36.03
C LYS A 902 -3.36 28.80 34.53
N LYS A 903 -3.40 27.55 34.07
CA LYS A 903 -3.50 27.25 32.65
C LYS A 903 -4.96 27.05 32.25
N SER A 904 -5.20 27.00 30.94
CA SER A 904 -6.54 26.80 30.43
C SER A 904 -7.02 25.38 30.71
N THR A 905 -8.34 25.22 30.79
CA THR A 905 -8.92 23.91 31.00
C THR A 905 -8.62 22.97 29.83
N THR A 906 -8.43 23.52 28.63
CA THR A 906 -8.16 22.70 27.47
C THR A 906 -6.84 21.94 27.62
N GLU A 907 -5.81 22.59 28.16
CA GLU A 907 -4.53 21.91 28.34
C GLU A 907 -4.63 20.77 29.36
N LEU A 908 -5.33 21.01 30.47
CA LEU A 908 -5.51 19.96 31.46
C LEU A 908 -6.30 18.80 30.90
N LYS A 909 -7.36 19.08 30.14
CA LYS A 909 -8.11 18.03 29.47
C LYS A 909 -7.21 17.27 28.50
N THR A 910 -6.34 17.99 27.77
CA THR A 910 -5.46 17.36 26.80
C THR A 910 -4.51 16.39 27.48
N VAL A 911 -3.88 16.81 28.58
CA VAL A 911 -2.91 15.93 29.24
C VAL A 911 -3.62 14.75 29.91
N LEU A 912 -4.77 15.00 30.52
CA LEU A 912 -5.52 13.90 31.15
C LEU A 912 -5.96 12.88 30.12
N ASN A 913 -6.48 13.33 28.97
CA ASN A 913 -6.88 12.42 27.91
C ASN A 913 -5.66 11.74 27.29
N TYR A 914 -4.52 12.42 27.25
CA TYR A 914 -3.29 11.81 26.76
C TYR A 914 -2.92 10.61 27.60
N TRP A 915 -2.87 10.79 28.92
CA TRP A 915 -2.50 9.67 29.80
C TRP A 915 -3.57 8.59 29.81
N LEU A 916 -4.85 8.98 29.77
CA LEU A 916 -5.92 7.99 29.71
C LEU A 916 -5.85 7.17 28.44
N SER A 917 -5.57 7.82 27.31
CA SER A 917 -5.42 7.11 26.04
C SER A 917 -4.22 6.19 26.07
N ARG A 918 -3.10 6.63 26.66
CA ARG A 918 -1.95 5.75 26.80
C ARG A 918 -2.32 4.48 27.58
N ALA A 919 -2.97 4.65 28.74
CA ALA A 919 -3.31 3.51 29.57
C ALA A 919 -4.30 2.58 28.86
N GLN A 920 -5.33 3.16 28.25
CA GLN A 920 -6.34 2.34 27.58
C GLN A 920 -5.76 1.63 26.36
N ILE A 921 -4.87 2.31 25.63
CA ILE A 921 -4.24 1.70 24.47
C ILE A 921 -3.36 0.54 24.90
N ASN A 922 -2.61 0.70 26.00
CA ASN A 922 -1.79 -0.40 26.49
C ASN A 922 -2.66 -1.59 26.93
N ILE A 923 -3.77 -1.30 27.62
CA ILE A 923 -4.67 -2.37 28.04
C ILE A 923 -5.24 -3.10 26.82
N GLN A 924 -5.67 -2.35 25.80
CA GLN A 924 -6.20 -2.94 24.60
C GLN A 924 -5.14 -3.73 23.84
N LEU A 925 -3.89 -3.26 23.85
CA LEU A 925 -2.81 -4.01 23.22
C LEU A 925 -2.62 -5.36 23.90
N LEU A 926 -2.59 -5.37 25.23
CA LEU A 926 -2.45 -6.63 25.95
C LEU A 926 -3.64 -7.55 25.70
N ARG A 927 -4.85 -6.99 25.66
CA ARG A 927 -6.02 -7.81 25.38
C ARG A 927 -5.98 -8.40 23.98
N LYS A 928 -5.59 -7.60 22.98
CA LYS A 928 -5.58 -8.06 21.60
C LYS A 928 -4.50 -9.11 21.38
N GLN A 929 -3.31 -8.91 21.95
CA GLN A 929 -2.24 -9.88 21.78
C GLN A 929 -2.53 -11.20 22.50
N ASP A 930 -3.50 -11.20 23.42
CA ASP A 930 -3.86 -12.39 24.19
C ASP A 930 -2.65 -12.96 24.92
N TYR A 931 -1.78 -12.06 25.39
CA TYR A 931 -0.57 -12.49 26.08
C TYR A 931 -0.90 -13.23 27.37
N ILE A 932 -1.84 -12.70 28.16
CA ILE A 932 -2.18 -13.32 29.43
C ILE A 932 -2.80 -14.69 29.22
N ALA A 933 -3.76 -14.79 28.29
CA ALA A 933 -4.43 -16.07 28.05
C ALA A 933 -3.47 -17.11 27.50
N ARG A 934 -2.63 -16.72 26.54
CA ARG A 934 -1.65 -17.65 25.97
C ARG A 934 -0.65 -18.12 27.03
N ASN A 935 -0.17 -17.20 27.86
CA ASN A 935 0.76 -17.59 28.92
C ASN A 935 0.10 -18.50 29.94
N ILE A 936 -1.17 -18.24 30.28
CA ILE A 936 -1.88 -19.10 31.22
C ILE A 936 -2.05 -20.49 30.64
N GLU A 937 -2.41 -20.59 29.36
CA GLU A 937 -2.55 -21.88 28.72
C GLU A 937 -1.22 -22.63 28.67
N GLN A 938 -0.14 -21.91 28.36
CA GLN A 938 1.18 -22.55 28.33
C GLN A 938 1.60 -23.04 29.71
N ALA A 939 1.32 -22.24 30.75
CA ALA A 939 1.64 -22.67 32.11
C ALA A 939 0.82 -23.90 32.50
N ARG A 940 -0.46 -23.92 32.13
CA ARG A 940 -1.30 -25.07 32.43
C ARG A 940 -0.79 -26.33 31.73
N LEU A 941 -0.41 -26.20 30.46
CA LEU A 941 0.06 -27.35 29.71
C LEU A 941 1.40 -27.85 30.23
N ILE A 942 2.37 -26.95 30.41
CA ILE A 942 3.69 -27.34 30.87
C ILE A 942 3.65 -27.76 32.33
N GLY A 943 2.96 -27.00 33.16
CA GLY A 943 2.90 -27.25 34.60
C GLY A 943 3.66 -26.27 35.44
N ILE A 944 4.48 -25.41 34.84
CA ILE A 944 5.22 -24.39 35.59
C ILE A 944 4.28 -23.24 35.92
N ASP A 945 4.71 -22.36 36.82
CA ASP A 945 3.87 -21.25 37.23
C ASP A 945 3.82 -20.18 36.14
N PHE A 946 3.04 -19.14 36.39
CA PHE A 946 2.84 -18.09 35.40
C PHE A 946 4.14 -17.33 35.10
N HIS A 947 4.93 -17.03 36.14
CA HIS A 947 6.12 -16.21 35.96
C HIS A 947 7.15 -16.91 35.08
N SER A 948 7.38 -18.21 35.31
CA SER A 948 8.45 -18.92 34.62
C SER A 948 8.19 -19.11 33.13
N VAL A 949 6.96 -18.86 32.66
CA VAL A 949 6.66 -19.00 31.24
C VAL A 949 7.46 -17.98 30.43
N TYR A 950 7.50 -16.74 30.91
CA TYR A 950 8.23 -15.68 30.22
C TYR A 950 9.50 -15.24 30.94
N TYR A 951 9.74 -15.72 32.16
CA TYR A 951 10.94 -15.34 32.89
C TYR A 951 12.07 -16.36 32.68
N ARG A 952 11.77 -17.64 32.89
CA ARG A 952 12.76 -18.69 32.72
C ARG A 952 12.81 -19.14 31.26
N GLY A 953 13.85 -19.92 30.95
CA GLY A 953 14.04 -20.41 29.60
C GLY A 953 13.22 -21.64 29.30
N SER A 954 13.36 -22.12 28.06
CA SER A 954 12.63 -23.31 27.62
C SER A 954 13.16 -24.58 28.27
N GLN A 955 14.42 -24.56 28.75
CA GLN A 955 14.95 -25.72 29.46
C GLN A 955 14.15 -26.02 30.72
N PHE A 956 13.62 -24.98 31.37
CA PHE A 956 12.76 -25.21 32.53
C PHE A 956 11.50 -25.98 32.14
N LYS A 957 10.88 -25.60 31.02
CA LYS A 957 9.70 -26.32 30.54
C LYS A 957 10.04 -27.77 30.18
N VAL A 958 11.18 -27.96 29.51
CA VAL A 958 11.59 -29.31 29.13
C VAL A 958 11.82 -30.17 30.37
N GLU A 959 12.50 -29.60 31.37
CA GLU A 959 12.76 -30.33 32.60
C GLU A 959 11.44 -30.66 33.32
N SER A 960 10.51 -29.71 33.36
CA SER A 960 9.23 -29.96 34.00
C SER A 960 8.49 -31.11 33.32
N PHE A 961 8.42 -31.07 31.99
CA PHE A 961 7.74 -32.13 31.25
C PHE A 961 8.42 -33.48 31.48
N LEU A 962 9.75 -33.51 31.40
CA LEU A 962 10.48 -34.76 31.56
C LEU A 962 10.29 -35.34 32.95
N ILE A 963 10.38 -34.49 33.98
CA ILE A 963 10.21 -34.97 35.36
C ILE A 963 8.79 -35.47 35.58
N ARG A 964 7.79 -34.73 35.09
CA ARG A 964 6.40 -35.14 35.29
C ARG A 964 6.13 -36.46 34.59
N ILE A 965 6.67 -36.66 33.39
CA ILE A 965 6.44 -37.90 32.67
C ILE A 965 7.18 -39.06 33.34
N CYS A 966 8.43 -38.85 33.75
CA CYS A 966 9.27 -39.94 34.23
C CYS A 966 9.04 -40.29 35.68
N LYS A 967 8.37 -39.44 36.46
CA LYS A 967 8.15 -39.75 37.86
C LYS A 967 7.15 -40.89 38.06
N SER A 968 6.38 -41.25 37.03
CA SER A 968 5.43 -42.35 37.13
C SER A 968 6.10 -43.72 36.95
N GLU A 969 7.35 -43.76 36.51
CA GLU A 969 8.06 -45.02 36.28
C GLU A 969 9.21 -45.21 37.26
N SER A 970 9.22 -44.48 38.37
CA SER A 970 10.28 -44.56 39.39
C SER A 970 11.65 -44.29 38.79
N PHE A 971 11.71 -43.38 37.83
CA PHE A 971 12.97 -43.03 37.20
C PHE A 971 13.78 -42.08 38.08
N ILE A 972 15.10 -42.16 37.96
CA ILE A 972 16.02 -41.30 38.68
C ILE A 972 16.86 -40.54 37.66
N LEU A 973 16.88 -39.22 37.78
CA LEU A 973 17.50 -38.35 36.79
C LEU A 973 18.90 -37.95 37.23
N LEU A 974 19.87 -38.11 36.34
CA LEU A 974 21.23 -37.67 36.61
C LEU A 974 21.33 -36.15 36.54
N SER A 975 22.20 -35.59 37.38
CA SER A 975 22.43 -34.15 37.45
C SER A 975 23.92 -33.88 37.27
N PRO A 976 24.43 -33.93 36.06
CA PRO A 976 25.87 -33.68 35.83
C PRO A 976 26.22 -32.23 36.14
N GLY A 977 27.47 -32.03 36.57
CA GLY A 977 27.96 -30.71 36.89
C GLY A 977 28.44 -29.96 35.65
N LYS A 978 28.92 -28.74 35.91
CA LYS A 978 29.43 -27.91 34.82
C LYS A 978 30.66 -28.52 34.17
N LYS A 979 31.55 -29.09 34.98
CA LYS A 979 32.77 -29.70 34.43
C LYS A 979 32.44 -30.90 33.55
N ASP A 980 31.46 -31.72 33.97
CA ASP A 980 31.07 -32.88 33.16
C ASP A 980 30.50 -32.44 31.82
N VAL A 981 29.67 -31.40 31.83
CA VAL A 981 29.11 -30.89 30.57
C VAL A 981 30.22 -30.31 29.68
N ARG A 982 31.15 -29.58 30.27
CA ARG A 982 32.24 -28.99 29.50
C ARG A 982 33.12 -30.07 28.88
N LYS A 983 33.39 -31.15 29.62
CA LYS A 983 34.27 -32.20 29.14
C LYS A 983 33.54 -33.24 28.28
N GLN A 984 32.26 -33.02 27.98
CA GLN A 984 31.52 -33.97 27.17
C GLN A 984 32.00 -33.93 25.72
N LYS A 985 31.60 -34.96 24.96
CA LYS A 985 31.99 -35.06 23.56
C LYS A 985 31.39 -33.92 22.75
N ALA A 986 32.12 -33.48 21.74
CA ALA A 986 31.66 -32.41 20.87
C ALA A 986 30.58 -32.93 19.91
N LEU A 987 29.96 -31.99 19.20
CA LEU A 987 28.88 -32.28 18.26
C LEU A 987 29.42 -32.12 16.84
N GLU A 988 29.94 -33.22 16.29
CA GLU A 988 30.47 -33.18 14.92
C GLU A 988 29.34 -33.26 13.89
N CYS A 989 28.29 -34.01 14.19
CA CYS A 989 27.20 -34.18 13.24
C CYS A 989 26.37 -32.90 13.16
N VAL A 990 26.11 -32.44 11.94
CA VAL A 990 25.38 -31.18 11.71
C VAL A 990 24.22 -31.45 10.76
N PRO A 991 23.16 -30.64 10.80
CA PRO A 991 22.07 -30.80 9.84
C PRO A 991 22.52 -30.42 8.43
N LEU A 992 21.83 -31.00 7.44
CA LEU A 992 22.18 -30.77 6.05
C LEU A 992 21.59 -29.46 5.55
N VAL A 993 22.44 -28.62 4.98
CA VAL A 993 22.02 -27.35 4.37
C VAL A 993 22.58 -27.34 2.95
N MET A 994 21.77 -27.79 2.00
CA MET A 994 22.22 -27.87 0.61
C MET A 994 22.42 -26.49 0.02
N GLU A 995 23.50 -26.32 -0.72
CA GLU A 995 23.79 -25.04 -1.36
C GLU A 995 22.90 -24.89 -2.59
N PRO A 996 22.11 -23.82 -2.68
CA PRO A 996 21.23 -23.65 -3.84
C PRO A 996 21.99 -23.09 -5.04
N GLU A 997 21.36 -23.22 -6.20
CA GLU A 997 21.89 -22.67 -7.45
C GLU A 997 21.32 -21.27 -7.65
N SER A 998 22.20 -20.29 -7.78
CA SER A 998 21.78 -18.90 -7.93
C SER A 998 21.23 -18.67 -9.33
N ALA A 999 19.91 -18.76 -9.47
CA ALA A 999 19.26 -18.56 -10.76
C ALA A 999 17.81 -18.18 -10.53
N PHE A 1000 17.19 -17.61 -11.57
CA PHE A 1000 15.79 -17.23 -11.53
C PHE A 1000 14.96 -18.39 -12.07
N TYR A 1001 14.15 -19.01 -11.21
CA TYR A 1001 13.36 -20.18 -11.58
C TYR A 1001 12.01 -19.71 -12.07
N LYS A 1002 11.85 -19.64 -13.40
CA LYS A 1002 10.57 -19.25 -13.97
C LYS A 1002 9.54 -20.36 -13.81
N SER A 1003 9.95 -21.61 -13.96
CA SER A 1003 9.04 -22.73 -13.81
C SER A 1003 8.64 -22.89 -12.34
N PRO A 1004 7.47 -23.48 -12.08
CA PRO A 1004 7.06 -23.69 -10.69
C PRO A 1004 8.05 -24.56 -9.93
N LEU A 1005 8.30 -24.19 -8.67
CA LEU A 1005 9.21 -24.91 -7.79
C LEU A 1005 8.40 -25.50 -6.64
N ILE A 1006 8.52 -26.81 -6.46
CA ILE A 1006 7.79 -27.52 -5.41
C ILE A 1006 8.70 -27.64 -4.20
N VAL A 1007 8.25 -27.11 -3.06
CA VAL A 1007 8.98 -27.19 -1.81
C VAL A 1007 8.28 -28.20 -0.92
N LEU A 1008 9.04 -29.14 -0.38
CA LEU A 1008 8.52 -30.16 0.53
C LEU A 1008 9.26 -30.06 1.84
N ASP A 1009 8.53 -29.87 2.93
CA ASP A 1009 9.13 -29.72 4.25
C ASP A 1009 8.51 -30.73 5.21
N PHE A 1010 9.36 -31.45 5.94
CA PHE A 1010 8.88 -32.40 6.94
C PHE A 1010 8.22 -31.65 8.09
N GLN A 1011 7.17 -32.25 8.64
CA GLN A 1011 6.47 -31.68 9.78
C GLN A 1011 6.95 -32.37 11.05
N SER A 1012 7.55 -31.59 11.96
CA SER A 1012 8.13 -32.11 13.20
C SER A 1012 9.08 -33.27 12.92
N LEU A 1013 10.08 -32.99 12.08
CA LEU A 1013 11.00 -34.03 11.63
C LEU A 1013 11.74 -34.66 12.82
N TYR A 1014 12.32 -33.81 13.67
CA TYR A 1014 13.05 -34.34 14.84
C TYR A 1014 12.12 -35.06 15.82
N PRO A 1015 10.96 -34.50 16.21
CA PRO A 1015 10.05 -35.28 17.06
C PRO A 1015 9.57 -36.58 16.40
N SER A 1016 9.37 -36.57 15.09
CA SER A 1016 9.02 -37.81 14.39
C SER A 1016 10.16 -38.82 14.48
N ILE A 1017 11.41 -38.35 14.40
CA ILE A 1017 12.56 -39.22 14.56
C ILE A 1017 12.56 -39.83 15.96
N MET A 1018 12.31 -39.01 16.99
CA MET A 1018 12.24 -39.54 18.35
C MET A 1018 11.13 -40.58 18.48
N ILE A 1019 9.98 -40.32 17.89
CA ILE A 1019 8.85 -41.25 18.00
C ILE A 1019 9.17 -42.57 17.28
N GLY A 1020 9.78 -42.49 16.10
CA GLY A 1020 10.00 -43.67 15.30
C GLY A 1020 11.21 -44.51 15.68
N TYR A 1021 12.39 -43.88 15.70
CA TYR A 1021 13.63 -44.61 15.95
C TYR A 1021 13.91 -44.84 17.43
N ASN A 1022 13.03 -44.36 18.31
CA ASN A 1022 13.16 -44.57 19.76
C ASN A 1022 14.49 -44.02 20.28
N TYR A 1023 14.66 -42.71 20.14
CA TYR A 1023 15.85 -42.01 20.62
C TYR A 1023 15.49 -41.26 21.88
N CYS A 1024 16.02 -41.73 23.02
CA CYS A 1024 15.79 -41.08 24.30
C CYS A 1024 16.89 -41.52 25.26
N TYR A 1025 16.95 -40.84 26.41
CA TYR A 1025 18.01 -41.09 27.38
C TYR A 1025 17.94 -42.50 27.95
N SER A 1026 16.73 -43.04 28.12
CA SER A 1026 16.55 -44.34 28.76
C SER A 1026 16.74 -45.52 27.81
N THR A 1027 16.94 -45.28 26.52
CA THR A 1027 17.06 -46.35 25.54
C THR A 1027 18.40 -46.32 24.84
N MET A 1028 19.46 -45.96 25.55
CA MET A 1028 20.81 -45.94 24.99
C MET A 1028 21.63 -47.06 25.61
N ILE A 1029 22.14 -47.95 24.75
CA ILE A 1029 23.09 -48.96 25.21
C ILE A 1029 24.52 -48.42 25.20
N GLY A 1030 24.83 -47.53 24.27
CA GLY A 1030 26.15 -46.95 24.17
C GLY A 1030 26.61 -46.85 22.73
N ARG A 1031 27.76 -46.20 22.51
CA ARG A 1031 28.33 -46.15 21.17
C ARG A 1031 28.69 -47.56 20.71
N VAL A 1032 28.50 -47.81 19.41
CA VAL A 1032 28.72 -49.15 18.87
C VAL A 1032 30.17 -49.58 19.08
N ARG A 1033 31.11 -48.68 18.82
CA ARG A 1033 32.51 -48.95 19.09
C ARG A 1033 32.81 -48.79 20.58
N GLU A 1034 33.99 -49.28 20.98
CA GLU A 1034 34.56 -49.11 22.31
C GLU A 1034 33.74 -49.79 23.41
N ILE A 1035 32.70 -50.54 23.07
CA ILE A 1035 31.89 -51.22 24.08
C ILE A 1035 32.75 -52.23 24.82
N ASN A 1036 32.67 -52.20 26.15
CA ASN A 1036 33.38 -53.15 27.00
C ASN A 1036 32.58 -53.33 28.29
N LEU A 1037 32.92 -54.38 29.02
CA LEU A 1037 32.21 -54.72 30.25
C LEU A 1037 32.78 -54.04 31.48
N THR A 1038 33.75 -53.14 31.32
CA THR A 1038 34.39 -52.46 32.44
C THR A 1038 34.01 -50.99 32.52
N GLU A 1039 34.23 -50.23 31.45
CA GLU A 1039 33.94 -48.79 31.47
C GLU A 1039 33.75 -48.29 30.05
N ASN A 1040 32.65 -47.59 29.81
CA ASN A 1040 32.37 -46.99 28.51
C ASN A 1040 31.92 -45.55 28.71
N ASN A 1041 32.19 -44.72 27.71
CA ASN A 1041 31.82 -43.31 27.73
C ASN A 1041 30.59 -43.10 26.85
N LEU A 1042 29.55 -42.51 27.43
CA LEU A 1042 28.30 -42.28 26.70
C LEU A 1042 27.64 -41.03 27.30
N GLY A 1043 27.75 -39.91 26.58
CA GLY A 1043 27.16 -38.67 27.04
C GLY A 1043 28.02 -37.95 28.06
N VAL A 1044 27.50 -37.81 29.28
CA VAL A 1044 28.21 -37.11 30.35
C VAL A 1044 28.43 -38.02 31.55
N SER A 1045 28.32 -39.33 31.36
CA SER A 1045 28.49 -40.27 32.46
C SER A 1045 29.08 -41.58 31.92
N LYS A 1046 29.67 -42.34 32.84
CA LYS A 1046 30.27 -43.64 32.51
C LYS A 1046 29.61 -44.70 33.39
N PHE A 1047 29.18 -45.80 32.77
CA PHE A 1047 28.51 -46.87 33.47
C PHE A 1047 29.05 -48.20 32.95
N SER A 1048 28.52 -49.30 33.50
CA SER A 1048 28.92 -50.65 33.13
C SER A 1048 27.72 -51.42 32.60
N LEU A 1049 27.96 -52.27 31.60
CA LEU A 1049 26.91 -53.07 30.98
C LEU A 1049 26.88 -54.47 31.58
N PRO A 1050 25.72 -55.12 31.55
CA PRO A 1050 25.63 -56.51 32.02
C PRO A 1050 26.51 -57.44 31.19
N ARG A 1051 26.72 -58.64 31.72
CA ARG A 1051 27.63 -59.58 31.08
C ARG A 1051 27.15 -60.00 29.70
N ASN A 1052 25.85 -60.26 29.55
CA ASN A 1052 25.27 -60.73 28.30
C ASN A 1052 24.08 -59.89 27.90
N ILE A 1053 24.19 -58.57 28.04
CA ILE A 1053 23.11 -57.68 27.64
C ILE A 1053 22.99 -57.64 26.12
N LEU A 1054 24.13 -57.63 25.41
CA LEU A 1054 24.09 -57.56 23.95
C LEU A 1054 23.63 -58.87 23.34
N ALA A 1055 24.05 -60.00 23.92
CA ALA A 1055 23.64 -61.30 23.39
C ALA A 1055 22.14 -61.49 23.50
N LEU A 1056 21.55 -61.09 24.63
CA LEU A 1056 20.11 -61.23 24.81
C LEU A 1056 19.34 -60.26 23.92
N LEU A 1057 19.90 -59.06 23.70
CA LEU A 1057 19.27 -58.04 22.86
C LEU A 1057 19.79 -58.06 21.43
N LYS A 1058 20.13 -59.25 20.91
CA LYS A 1058 20.69 -59.36 19.57
C LYS A 1058 19.67 -59.00 18.49
N ASN A 1059 18.37 -58.98 18.82
CA ASN A 1059 17.32 -58.69 17.85
C ASN A 1059 16.61 -57.37 18.11
N ASP A 1060 16.36 -57.02 19.37
CA ASP A 1060 15.63 -55.80 19.71
C ASP A 1060 16.59 -54.64 19.95
N VAL A 1061 17.35 -54.31 18.91
CA VAL A 1061 18.31 -53.20 18.95
C VAL A 1061 18.19 -52.39 17.66
N THR A 1062 18.61 -51.14 17.74
CA THR A 1062 18.64 -50.24 16.58
C THR A 1062 19.97 -49.50 16.59
N ILE A 1063 20.65 -49.50 15.44
CA ILE A 1063 21.96 -48.88 15.30
C ILE A 1063 21.77 -47.48 14.71
N ALA A 1064 22.25 -46.47 15.41
CA ALA A 1064 22.16 -45.11 14.92
C ALA A 1064 23.17 -44.90 13.77
N PRO A 1065 22.90 -43.94 12.89
CA PRO A 1065 23.83 -43.71 11.76
C PRO A 1065 25.22 -43.29 12.19
N ASN A 1066 25.40 -42.72 13.38
CA ASN A 1066 26.72 -42.36 13.86
C ASN A 1066 27.40 -43.47 14.65
N GLY A 1067 26.70 -44.58 14.92
CA GLY A 1067 27.30 -45.69 15.62
C GLY A 1067 26.92 -45.79 17.09
N VAL A 1068 25.64 -45.58 17.39
CA VAL A 1068 25.13 -45.71 18.76
C VAL A 1068 24.00 -46.74 18.75
N VAL A 1069 24.06 -47.68 19.68
CA VAL A 1069 23.08 -48.75 19.78
C VAL A 1069 21.91 -48.28 20.64
N TYR A 1070 20.70 -48.42 20.10
CA TYR A 1070 19.48 -48.04 20.80
C TYR A 1070 18.55 -49.23 20.90
N ALA A 1071 17.90 -49.37 22.06
CA ALA A 1071 16.96 -50.46 22.26
C ALA A 1071 15.71 -50.24 21.42
N LYS A 1072 15.17 -51.34 20.90
CA LYS A 1072 13.98 -51.27 20.07
C LYS A 1072 12.74 -50.94 20.91
N THR A 1073 11.69 -50.51 20.24
CA THR A 1073 10.45 -50.17 20.93
C THR A 1073 9.81 -51.40 21.57
N SER A 1074 10.08 -52.59 21.04
CA SER A 1074 9.48 -53.79 21.59
C SER A 1074 9.96 -54.06 23.01
N VAL A 1075 11.25 -53.84 23.27
CA VAL A 1075 11.81 -54.15 24.58
C VAL A 1075 11.72 -52.96 25.55
N ARG A 1076 11.69 -51.73 25.04
CA ARG A 1076 11.68 -50.56 25.90
C ARG A 1076 11.01 -49.40 25.17
N LYS A 1077 9.92 -48.90 25.73
CA LYS A 1077 9.24 -47.72 25.21
C LYS A 1077 9.71 -46.50 25.98
N SER A 1078 10.12 -45.47 25.24
CA SER A 1078 10.74 -44.29 25.85
C SER A 1078 9.69 -43.28 26.28
N THR A 1079 9.94 -42.65 27.43
CA THR A 1079 9.05 -41.60 27.93
C THR A 1079 9.06 -40.39 27.00
N LEU A 1080 10.24 -40.05 26.46
CA LEU A 1080 10.33 -38.95 25.51
C LEU A 1080 9.44 -39.19 24.30
N SER A 1081 9.36 -40.46 23.86
CA SER A 1081 8.49 -40.78 22.74
C SER A 1081 7.03 -40.48 23.07
N LYS A 1082 6.60 -40.85 24.28
CA LYS A 1082 5.22 -40.57 24.69
C LYS A 1082 4.95 -39.07 24.75
N MET A 1083 5.87 -38.32 25.36
CA MET A 1083 5.68 -36.88 25.49
C MET A 1083 5.62 -36.20 24.12
N LEU A 1084 6.55 -36.57 23.24
CA LEU A 1084 6.57 -35.97 21.90
C LEU A 1084 5.36 -36.40 21.09
N THR A 1085 4.88 -37.64 21.27
CA THR A 1085 3.68 -38.07 20.58
C THR A 1085 2.46 -37.27 21.02
N ASP A 1086 2.33 -37.02 22.34
CA ASP A 1086 1.23 -36.21 22.82
C ASP A 1086 1.31 -34.78 22.29
N ILE A 1087 2.52 -34.20 22.30
CA ILE A 1087 2.70 -32.84 21.80
C ILE A 1087 2.36 -32.77 20.32
N LEU A 1088 2.82 -33.76 19.54
CA LEU A 1088 2.54 -33.77 18.11
C LEU A 1088 1.05 -33.97 17.83
N ASP A 1089 0.38 -34.80 18.62
CA ASP A 1089 -1.07 -34.97 18.46
C ASP A 1089 -1.80 -33.66 18.71
N VAL A 1090 -1.41 -32.94 19.77
CA VAL A 1090 -2.03 -31.64 20.05
C VAL A 1090 -1.78 -30.67 18.91
N ARG A 1091 -0.53 -30.63 18.41
CA ARG A 1091 -0.20 -29.71 17.33
C ARG A 1091 -0.97 -30.06 16.05
N VAL A 1092 -1.09 -31.35 15.74
CA VAL A 1092 -1.81 -31.77 14.55
C VAL A 1092 -3.29 -31.42 14.67
N MET A 1093 -3.87 -31.61 15.84
CA MET A 1093 -5.27 -31.24 16.03
C MET A 1093 -5.47 -29.73 15.88
N ILE A 1094 -4.54 -28.94 16.43
CA ILE A 1094 -4.64 -27.49 16.30
C ILE A 1094 -4.52 -27.08 14.82
N LYS A 1095 -3.59 -27.69 14.09
CA LYS A 1095 -3.45 -27.37 12.67
C LYS A 1095 -4.68 -27.77 11.87
N LYS A 1096 -5.27 -28.92 12.19
CA LYS A 1096 -6.49 -29.34 11.52
C LYS A 1096 -7.63 -28.37 11.78
N THR A 1097 -7.78 -27.92 13.03
CA THR A 1097 -8.80 -26.94 13.36
C THR A 1097 -8.55 -25.62 12.62
N MET A 1098 -7.29 -25.21 12.52
CA MET A 1098 -6.95 -23.99 11.79
C MET A 1098 -7.32 -24.11 10.31
N ASN A 1099 -7.00 -25.26 9.70
CA ASN A 1099 -7.30 -25.44 8.29
C ASN A 1099 -8.79 -25.62 8.05
N GLU A 1100 -9.54 -26.08 9.05
CA GLU A 1100 -10.98 -26.28 8.89
C GLU A 1100 -11.76 -24.97 8.89
N ILE A 1101 -11.17 -23.88 9.36
CA ILE A 1101 -11.82 -22.58 9.44
C ILE A 1101 -11.19 -21.68 8.38
N GLY A 1102 -11.97 -21.31 7.37
CA GLY A 1102 -11.47 -20.43 6.34
C GLY A 1102 -12.16 -19.07 6.31
N ASP A 1103 -11.44 -18.03 6.74
CA ASP A 1103 -11.89 -16.64 6.70
C ASP A 1103 -13.13 -16.40 7.55
N ASP A 1104 -13.56 -17.38 8.34
CA ASP A 1104 -14.73 -17.18 9.19
C ASP A 1104 -14.43 -16.25 10.34
N ASN A 1105 -13.28 -16.44 11.01
CA ASN A 1105 -12.87 -15.60 12.13
C ASN A 1105 -11.34 -15.48 12.05
N THR A 1106 -10.87 -14.33 11.58
CA THR A 1106 -9.43 -14.15 11.40
C THR A 1106 -8.67 -14.06 12.72
N THR A 1107 -9.34 -13.67 13.81
CA THR A 1107 -8.66 -13.64 15.10
C THR A 1107 -8.52 -15.04 15.69
N LEU A 1108 -9.52 -15.90 15.49
CA LEU A 1108 -9.41 -17.29 15.94
C LEU A 1108 -8.31 -18.02 15.20
N LYS A 1109 -8.18 -17.76 13.89
CA LYS A 1109 -7.09 -18.37 13.12
C LYS A 1109 -5.74 -17.89 13.63
N ARG A 1110 -5.62 -16.60 13.94
CA ARG A 1110 -4.37 -16.08 14.48
C ARG A 1110 -4.04 -16.70 15.83
N LEU A 1111 -5.04 -16.86 16.70
CA LEU A 1111 -4.81 -17.48 17.99
C LEU A 1111 -4.38 -18.94 17.84
N LEU A 1112 -5.03 -19.67 16.93
CA LEU A 1112 -4.65 -21.06 16.69
C LEU A 1112 -3.25 -21.15 16.11
N ASN A 1113 -2.89 -20.23 15.22
CA ASN A 1113 -1.53 -20.21 14.67
C ASN A 1113 -0.50 -19.93 15.77
N ASN A 1114 -0.81 -19.01 16.68
CA ASN A 1114 0.10 -18.74 17.79
C ASN A 1114 0.24 -19.97 18.69
N LYS A 1115 -0.88 -20.66 18.96
CA LYS A 1115 -0.82 -21.87 19.79
C LYS A 1115 0.01 -22.96 19.13
N GLN A 1116 -0.15 -23.14 17.81
CA GLN A 1116 0.61 -24.18 17.12
C GLN A 1116 2.08 -23.80 17.01
N LEU A 1117 2.39 -22.51 16.86
CA LEU A 1117 3.77 -22.04 16.93
C LEU A 1117 4.37 -22.35 18.29
N ALA A 1118 3.61 -22.10 19.37
CA ALA A 1118 4.09 -22.40 20.70
C ALA A 1118 4.35 -23.89 20.89
N LEU A 1119 3.44 -24.74 20.38
CA LEU A 1119 3.63 -26.18 20.48
C LEU A 1119 4.85 -26.64 19.71
N LYS A 1120 5.05 -26.11 18.50
CA LYS A 1120 6.23 -26.45 17.71
C LYS A 1120 7.50 -26.00 18.41
N LEU A 1121 7.48 -24.80 19.01
CA LEU A 1121 8.64 -24.33 19.76
C LEU A 1121 8.90 -25.22 20.97
N LEU A 1122 7.85 -25.68 21.64
CA LEU A 1122 8.02 -26.60 22.77
C LEU A 1122 8.66 -27.91 22.33
N ALA A 1123 8.21 -28.45 21.19
CA ALA A 1123 8.83 -29.68 20.67
C ALA A 1123 10.28 -29.45 20.29
N ASN A 1124 10.58 -28.31 19.67
CA ASN A 1124 11.96 -27.99 19.30
C ASN A 1124 12.84 -27.86 20.54
N VAL A 1125 12.30 -27.24 21.61
CA VAL A 1125 13.06 -27.12 22.85
C VAL A 1125 13.25 -28.48 23.50
N THR A 1126 12.24 -29.36 23.41
CA THR A 1126 12.39 -30.71 23.92
C THR A 1126 13.51 -31.44 23.22
N TYR A 1127 13.61 -31.28 21.90
CA TYR A 1127 14.77 -31.80 21.19
C TYR A 1127 16.06 -31.13 21.67
N GLY A 1128 16.02 -29.80 21.84
CA GLY A 1128 17.20 -29.02 22.17
C GLY A 1128 17.67 -29.17 23.59
N TYR A 1129 16.95 -29.92 24.43
CA TYR A 1129 17.48 -30.28 25.74
C TYR A 1129 18.79 -31.05 25.59
N THR A 1130 18.90 -31.86 24.53
CA THR A 1130 20.17 -32.44 24.14
C THR A 1130 20.97 -31.45 23.30
N SER A 1131 22.25 -31.79 23.07
CA SER A 1131 23.21 -30.95 22.37
C SER A 1131 23.47 -29.63 23.07
N ALA A 1132 23.02 -29.48 24.31
CA ALA A 1132 23.24 -28.25 25.08
C ALA A 1132 24.60 -28.33 25.77
N SER A 1133 25.65 -28.31 24.95
CA SER A 1133 27.01 -28.34 25.46
C SER A 1133 27.34 -27.10 26.28
N PHE A 1134 26.63 -26.00 26.06
CA PHE A 1134 26.78 -24.77 26.82
C PHE A 1134 25.49 -24.47 27.56
N SER A 1135 25.60 -24.19 28.86
CA SER A 1135 24.44 -23.89 29.70
C SER A 1135 23.40 -25.00 29.66
N GLY A 1136 23.87 -26.25 29.67
CA GLY A 1136 23.00 -27.41 29.63
C GLY A 1136 23.07 -28.16 30.95
N ARG A 1137 21.90 -28.50 31.48
CA ARG A 1137 21.82 -29.21 32.75
C ARG A 1137 21.85 -30.72 32.59
N MET A 1138 21.15 -31.25 31.58
CA MET A 1138 21.19 -32.67 31.25
C MET A 1138 21.39 -32.83 29.74
N PRO A 1139 22.60 -32.57 29.25
CA PRO A 1139 22.88 -32.73 27.83
C PRO A 1139 23.39 -34.13 27.50
N CYS A 1140 23.36 -34.45 26.21
CA CYS A 1140 23.88 -35.73 25.74
C CYS A 1140 24.28 -35.55 24.28
N SER A 1141 25.60 -35.52 24.03
CA SER A 1141 26.08 -35.29 22.67
C SER A 1141 25.72 -36.44 21.74
N ASP A 1142 25.82 -37.68 22.23
CA ASP A 1142 25.60 -38.83 21.37
C ASP A 1142 24.17 -38.87 20.83
N LEU A 1143 23.18 -38.62 21.69
CA LEU A 1143 21.79 -38.70 21.27
C LEU A 1143 21.46 -37.63 20.22
N ALA A 1144 21.86 -36.39 20.47
CA ALA A 1144 21.58 -35.31 19.52
C ALA A 1144 22.34 -35.53 18.22
N ASP A 1145 23.59 -36.00 18.30
CA ASP A 1145 24.33 -36.30 17.09
C ASP A 1145 23.64 -37.37 16.27
N SER A 1146 23.13 -38.43 16.93
CA SER A 1146 22.39 -39.46 16.23
C SER A 1146 21.11 -38.89 15.60
N ILE A 1147 20.42 -38.01 16.33
CA ILE A 1147 19.18 -37.44 15.81
C ILE A 1147 19.44 -36.65 14.53
N VAL A 1148 20.44 -35.75 14.58
CA VAL A 1148 20.70 -34.93 13.40
C VAL A 1148 21.30 -35.77 12.27
N GLN A 1149 22.08 -36.80 12.59
CA GLN A 1149 22.64 -37.64 11.55
C GLN A 1149 21.56 -38.47 10.86
N THR A 1150 20.61 -39.02 11.62
CA THR A 1150 19.54 -39.76 10.98
C THR A 1150 18.58 -38.84 10.23
N GLY A 1151 18.43 -37.59 10.68
CA GLY A 1151 17.69 -36.62 9.90
C GLY A 1151 18.35 -36.33 8.57
N ARG A 1152 19.67 -36.13 8.58
CA ARG A 1152 20.40 -35.90 7.34
C ARG A 1152 20.31 -37.12 6.42
N GLU A 1153 20.43 -38.32 6.99
CA GLU A 1153 20.32 -39.54 6.18
C GLU A 1153 18.93 -39.68 5.58
N THR A 1154 17.88 -39.36 6.35
CA THR A 1154 16.53 -39.41 5.82
C THR A 1154 16.36 -38.39 4.68
N LEU A 1155 16.91 -37.19 4.85
CA LEU A 1155 16.85 -36.20 3.77
C LEU A 1155 17.57 -36.69 2.52
N GLU A 1156 18.75 -37.29 2.69
CA GLU A 1156 19.49 -37.82 1.55
C GLU A 1156 18.72 -38.93 0.86
N LYS A 1157 18.09 -39.81 1.64
CA LYS A 1157 17.30 -40.89 1.06
C LYS A 1157 16.09 -40.34 0.30
N ALA A 1158 15.44 -39.31 0.85
CA ALA A 1158 14.34 -38.68 0.16
C ALA A 1158 14.79 -38.04 -1.15
N ILE A 1159 15.95 -37.39 -1.13
CA ILE A 1159 16.49 -36.79 -2.35
C ILE A 1159 16.78 -37.86 -3.40
N ASP A 1160 17.37 -38.98 -2.97
CA ASP A 1160 17.67 -40.07 -3.89
C ASP A 1160 16.39 -40.67 -4.46
N ILE A 1161 15.36 -40.83 -3.62
CA ILE A 1161 14.09 -41.36 -4.11
C ILE A 1161 13.46 -40.41 -5.12
N ILE A 1162 13.50 -39.11 -4.84
CA ILE A 1162 12.92 -38.13 -5.75
C ILE A 1162 13.64 -38.14 -7.09
N GLU A 1163 14.98 -38.17 -7.06
CA GLU A 1163 15.76 -38.10 -8.29
C GLU A 1163 15.82 -39.43 -9.03
N LYS A 1164 15.48 -40.54 -8.37
CA LYS A 1164 15.59 -41.85 -9.01
C LYS A 1164 14.44 -42.09 -9.99
N ASP A 1165 13.23 -41.63 -9.65
CA ASP A 1165 12.07 -41.90 -10.48
C ASP A 1165 12.19 -41.19 -11.82
N GLU A 1166 11.94 -41.93 -12.91
CA GLU A 1166 12.00 -41.37 -14.25
C GLU A 1166 10.67 -40.76 -14.69
N THR A 1167 9.61 -40.92 -13.91
CA THR A 1167 8.34 -40.28 -14.23
C THR A 1167 8.41 -38.77 -14.14
N TRP A 1168 9.36 -38.24 -13.36
CA TRP A 1168 9.58 -36.81 -13.26
C TRP A 1168 11.09 -36.56 -13.23
N ASN A 1169 11.57 -35.77 -14.18
CA ASN A 1169 12.99 -35.40 -14.28
C ASN A 1169 13.39 -34.34 -13.26
N ALA A 1170 12.53 -34.07 -12.29
CA ALA A 1170 12.78 -33.04 -11.29
C ALA A 1170 14.08 -33.29 -10.56
N LYS A 1171 14.88 -32.24 -10.39
CA LYS A 1171 16.14 -32.30 -9.68
C LYS A 1171 16.10 -31.31 -8.52
N VAL A 1172 16.53 -31.77 -7.34
CA VAL A 1172 16.54 -30.91 -6.15
C VAL A 1172 17.65 -29.89 -6.29
N VAL A 1173 17.30 -28.61 -6.13
CA VAL A 1173 18.26 -27.53 -6.24
C VAL A 1173 18.61 -26.90 -4.89
N TYR A 1174 17.69 -26.92 -3.93
CA TYR A 1174 17.93 -26.35 -2.61
C TYR A 1174 17.32 -27.26 -1.56
N GLY A 1175 17.92 -27.24 -0.38
CA GLY A 1175 17.40 -28.04 0.73
C GLY A 1175 17.80 -27.50 2.09
N ASP A 1176 16.82 -27.32 2.97
CA ASP A 1176 17.06 -26.92 4.34
C ASP A 1176 17.30 -28.17 5.19
N THR A 1177 17.27 -28.01 6.52
CA THR A 1177 17.44 -29.16 7.39
C THR A 1177 16.38 -30.23 7.14
N ASP A 1178 15.16 -29.81 6.79
CA ASP A 1178 14.10 -30.76 6.47
C ASP A 1178 13.44 -30.41 5.15
N SER A 1179 13.44 -29.12 4.79
CA SER A 1179 12.79 -28.68 3.56
C SER A 1179 13.54 -29.17 2.33
N LEU A 1180 12.79 -29.40 1.26
CA LEU A 1180 13.37 -29.87 0.00
C LEU A 1180 12.74 -29.08 -1.14
N PHE A 1181 13.57 -28.39 -1.91
CA PHE A 1181 13.12 -27.58 -3.04
C PHE A 1181 13.24 -28.42 -4.31
N VAL A 1182 12.09 -28.80 -4.88
CA VAL A 1182 12.04 -29.62 -6.08
C VAL A 1182 11.65 -28.73 -7.26
N TYR A 1183 12.45 -28.75 -8.31
CA TYR A 1183 12.20 -27.95 -9.51
C TYR A 1183 11.39 -28.74 -10.51
N LEU A 1184 10.30 -28.14 -11.01
CA LEU A 1184 9.42 -28.76 -11.99
C LEU A 1184 9.43 -27.91 -13.26
N PRO A 1185 10.28 -28.25 -14.24
CA PRO A 1185 10.38 -27.43 -15.45
C PRO A 1185 9.17 -27.56 -16.36
N GLY A 1186 8.42 -26.46 -16.50
CA GLY A 1186 7.32 -26.41 -17.45
C GLY A 1186 6.20 -27.39 -17.19
N LYS A 1187 5.75 -27.49 -15.94
CA LYS A 1187 4.66 -28.37 -15.57
C LYS A 1187 3.31 -27.66 -15.50
N THR A 1188 3.23 -26.42 -15.98
CA THR A 1188 2.02 -25.61 -16.10
C THR A 1188 1.39 -25.27 -14.76
N ALA A 1189 2.02 -25.61 -13.63
CA ALA A 1189 1.60 -25.29 -12.27
C ALA A 1189 0.29 -25.94 -11.87
N ILE A 1190 -0.35 -26.71 -12.75
CA ILE A 1190 -1.58 -27.43 -12.42
C ILE A 1190 -1.30 -28.89 -12.07
N GLU A 1191 -0.55 -29.58 -12.93
CA GLU A 1191 -0.10 -30.93 -12.61
C GLU A 1191 0.97 -30.93 -11.53
N ALA A 1192 1.56 -29.77 -11.25
CA ALA A 1192 2.59 -29.68 -10.22
C ALA A 1192 2.02 -30.02 -8.85
N PHE A 1193 0.77 -29.64 -8.59
CA PHE A 1193 0.14 -29.98 -7.32
C PHE A 1193 0.07 -31.49 -7.12
N SER A 1194 -0.42 -32.21 -8.13
CA SER A 1194 -0.51 -33.66 -8.05
C SER A 1194 0.87 -34.29 -7.97
N ILE A 1195 1.85 -33.75 -8.71
CA ILE A 1195 3.20 -34.31 -8.68
C ILE A 1195 3.80 -34.17 -7.29
N GLY A 1196 3.64 -32.99 -6.67
CA GLY A 1196 4.15 -32.79 -5.33
C GLY A 1196 3.43 -33.67 -4.31
N HIS A 1197 2.12 -33.83 -4.46
CA HIS A 1197 1.39 -34.73 -3.56
C HIS A 1197 1.89 -36.16 -3.69
N ALA A 1198 2.13 -36.61 -4.93
CA ALA A 1198 2.65 -37.96 -5.15
C ALA A 1198 4.03 -38.13 -4.53
N MET A 1199 4.91 -37.14 -4.71
CA MET A 1199 6.24 -37.20 -4.11
C MET A 1199 6.15 -37.28 -2.59
N ALA A 1200 5.30 -36.44 -2.00
CA ALA A 1200 5.15 -36.45 -0.54
C ALA A 1200 4.62 -37.80 -0.05
N GLU A 1201 3.62 -38.35 -0.75
CA GLU A 1201 3.07 -39.64 -0.36
C GLU A 1201 4.11 -40.75 -0.47
N ARG A 1202 4.89 -40.75 -1.56
CA ARG A 1202 5.92 -41.78 -1.73
C ARG A 1202 7.00 -41.68 -0.67
N VAL A 1203 7.44 -40.45 -0.37
CA VAL A 1203 8.48 -40.27 0.65
C VAL A 1203 7.97 -40.70 2.02
N THR A 1204 6.72 -40.34 2.34
CA THR A 1204 6.14 -40.76 3.61
C THR A 1204 6.02 -42.27 3.69
N GLN A 1205 5.62 -42.91 2.59
CA GLN A 1205 5.51 -44.37 2.58
C GLN A 1205 6.87 -45.02 2.78
N ASN A 1206 7.92 -44.48 2.15
CA ASN A 1206 9.25 -45.05 2.29
C ASN A 1206 9.88 -44.75 3.65
N ASN A 1207 9.30 -43.82 4.43
CA ASN A 1207 9.84 -43.47 5.73
C ASN A 1207 9.10 -44.21 6.84
N PRO A 1208 9.49 -44.01 8.11
CA PRO A 1208 8.80 -44.72 9.20
C PRO A 1208 7.39 -44.18 9.44
N LYS A 1209 6.65 -44.83 10.33
CA LYS A 1209 5.27 -44.43 10.59
C LYS A 1209 5.14 -43.02 11.15
N PRO A 1210 5.87 -42.62 12.21
CA PRO A 1210 5.72 -41.24 12.69
C PRO A 1210 6.16 -40.18 11.69
N ILE A 1211 7.13 -40.48 10.84
CA ILE A 1211 7.64 -39.50 9.90
C ILE A 1211 6.62 -39.26 8.80
N PHE A 1212 6.29 -37.98 8.57
CA PHE A 1212 5.33 -37.58 7.56
C PHE A 1212 5.87 -36.41 6.78
N LEU A 1213 5.58 -36.38 5.47
CA LEU A 1213 5.97 -35.30 4.59
C LEU A 1213 4.72 -34.67 4.00
N LYS A 1214 4.65 -33.34 4.04
CA LYS A 1214 3.50 -32.60 3.56
C LYS A 1214 3.88 -31.77 2.33
N PHE A 1215 2.89 -31.51 1.49
CA PHE A 1215 3.14 -30.74 0.28
C PHE A 1215 3.56 -29.31 0.60
N GLU A 1216 2.93 -28.70 1.61
CA GLU A 1216 3.16 -27.30 2.00
C GLU A 1216 2.74 -26.43 0.82
N LYS A 1217 3.57 -25.52 0.33
CA LYS A 1217 3.21 -24.62 -0.76
C LYS A 1217 4.07 -24.92 -1.99
N VAL A 1218 3.85 -24.13 -3.04
CA VAL A 1218 4.58 -24.26 -4.30
C VAL A 1218 5.01 -22.87 -4.74
N TYR A 1219 6.26 -22.75 -5.17
CA TYR A 1219 6.83 -21.47 -5.62
C TYR A 1219 6.80 -21.44 -7.15
N HIS A 1220 5.81 -20.77 -7.72
CA HIS A 1220 5.75 -20.63 -9.16
C HIS A 1220 6.90 -19.73 -9.62
N PRO A 1221 6.84 -18.43 -9.32
CA PRO A 1221 8.02 -17.58 -9.51
C PRO A 1221 8.91 -17.60 -8.28
N SER A 1222 10.14 -18.07 -8.41
CA SER A 1222 11.03 -18.17 -7.26
C SER A 1222 12.44 -17.74 -7.64
N ILE A 1223 13.10 -17.04 -6.73
CA ILE A 1223 14.49 -16.63 -6.88
C ILE A 1223 15.27 -17.21 -5.72
N LEU A 1224 16.33 -17.96 -6.02
CA LEU A 1224 17.20 -18.55 -5.02
C LEU A 1224 18.52 -17.80 -5.04
N ILE A 1225 18.82 -17.08 -3.96
CA ILE A 1225 20.03 -16.27 -3.88
C ILE A 1225 21.15 -17.09 -3.25
N SER A 1226 20.95 -17.54 -2.02
CA SER A 1226 21.95 -18.29 -1.29
C SER A 1226 21.24 -19.13 -0.23
N LYS A 1227 22.03 -19.73 0.66
CA LYS A 1227 21.46 -20.54 1.73
C LYS A 1227 20.69 -19.67 2.72
N LYS A 1228 19.52 -20.16 3.14
CA LYS A 1228 18.63 -19.44 4.05
C LYS A 1228 18.24 -18.07 3.51
N ARG A 1229 18.12 -17.95 2.18
CA ARG A 1229 17.77 -16.69 1.55
C ARG A 1229 17.09 -17.00 0.22
N TYR A 1230 15.77 -16.86 0.18
CA TYR A 1230 15.00 -17.07 -1.03
C TYR A 1230 13.72 -16.25 -0.97
N VAL A 1231 13.27 -15.78 -2.12
CA VAL A 1231 12.07 -14.97 -2.23
C VAL A 1231 11.27 -15.44 -3.43
N GLY A 1232 9.96 -15.58 -3.26
CA GLY A 1232 9.12 -16.02 -4.36
C GLY A 1232 7.66 -15.92 -4.00
N PHE A 1233 6.82 -16.26 -4.99
CA PHE A 1233 5.37 -16.25 -4.83
C PHE A 1233 4.89 -17.64 -4.47
N SER A 1234 4.09 -17.73 -3.41
CA SER A 1234 3.64 -19.00 -2.88
C SER A 1234 2.16 -19.21 -3.17
N TYR A 1235 1.81 -20.41 -3.63
CA TYR A 1235 0.43 -20.82 -3.86
C TYR A 1235 0.13 -21.96 -2.90
N GLU A 1236 -0.51 -21.64 -1.78
CA GLU A 1236 -0.80 -22.65 -0.76
C GLU A 1236 -1.74 -23.73 -1.29
N SER A 1237 -2.78 -23.33 -2.02
CA SER A 1237 -3.76 -24.26 -2.55
C SER A 1237 -4.07 -23.92 -4.01
N PRO A 1238 -4.48 -24.92 -4.80
CA PRO A 1238 -4.87 -24.63 -6.19
C PRO A 1238 -6.03 -23.66 -6.30
N SER A 1239 -6.95 -23.66 -5.31
CA SER A 1239 -8.08 -22.75 -5.34
C SER A 1239 -7.66 -21.30 -5.13
N GLN A 1240 -6.45 -21.06 -4.64
CA GLN A 1240 -5.98 -19.69 -4.44
C GLN A 1240 -5.79 -18.98 -5.77
N THR A 1241 -6.24 -17.73 -5.82
CA THR A 1241 -6.14 -16.91 -7.02
C THR A 1241 -5.09 -15.81 -6.91
N LEU A 1242 -4.96 -15.18 -5.75
CA LEU A 1242 -3.98 -14.13 -5.54
C LEU A 1242 -2.79 -14.70 -4.78
N PRO A 1243 -1.62 -14.82 -5.41
CA PRO A 1243 -0.45 -15.35 -4.69
C PRO A 1243 -0.01 -14.41 -3.57
N ILE A 1244 0.57 -15.01 -2.54
CA ILE A 1244 1.04 -14.27 -1.37
C ILE A 1244 2.55 -14.12 -1.45
N PHE A 1245 3.04 -12.91 -1.24
CA PHE A 1245 4.48 -12.65 -1.31
C PHE A 1245 5.19 -13.31 -0.13
N ASP A 1246 6.10 -14.22 -0.43
CA ASP A 1246 6.87 -14.95 0.59
C ASP A 1246 8.34 -14.61 0.43
N ALA A 1247 8.94 -14.11 1.51
CA ALA A 1247 10.36 -13.75 1.52
C ALA A 1247 11.01 -14.32 2.78
N LYS A 1248 12.20 -14.88 2.61
CA LYS A 1248 12.95 -15.49 3.71
C LYS A 1248 14.39 -15.00 3.66
N GLY A 1249 14.83 -14.32 4.72
CA GLY A 1249 16.21 -13.90 4.85
C GLY A 1249 16.62 -12.72 4.01
N ILE A 1250 15.82 -12.32 3.03
CA ILE A 1250 16.17 -11.19 2.16
C ILE A 1250 15.95 -9.90 2.92
N GLU A 1251 16.44 -8.78 2.35
CA GLU A 1251 16.41 -7.50 3.05
C GLU A 1251 15.01 -7.00 3.33
N THR A 1252 14.00 -7.54 2.63
CA THR A 1252 12.62 -7.12 2.89
C THR A 1252 12.19 -7.49 4.31
N VAL A 1253 12.54 -8.69 4.77
CA VAL A 1253 12.15 -9.14 6.09
C VAL A 1253 13.16 -8.73 7.17
N ARG A 1254 14.39 -8.40 6.80
CA ARG A 1254 15.39 -8.00 7.77
C ARG A 1254 15.12 -6.57 8.24
N ARG A 1255 15.33 -6.33 9.54
CA ARG A 1255 15.13 -5.02 10.14
C ARG A 1255 16.41 -4.22 10.25
N ASP A 1256 17.52 -4.72 9.70
CA ASP A 1256 18.79 -4.01 9.77
C ASP A 1256 18.89 -2.89 8.74
N GLY A 1257 17.96 -2.79 7.81
CA GLY A 1257 17.97 -1.78 6.77
C GLY A 1257 17.00 -0.65 7.06
N ILE A 1258 16.35 -0.17 6.00
CA ILE A 1258 15.41 0.95 6.11
C ILE A 1258 14.12 0.57 5.41
N PRO A 1259 12.98 1.16 5.79
CA PRO A 1259 11.73 0.83 5.08
C PRO A 1259 11.75 1.17 3.60
N ALA A 1260 12.48 2.21 3.21
CA ALA A 1260 12.52 2.60 1.80
C ALA A 1260 13.15 1.52 0.95
N GLN A 1261 14.27 0.93 1.41
CA GLN A 1261 14.90 -0.13 0.64
C GLN A 1261 14.02 -1.37 0.59
N GLN A 1262 13.30 -1.66 1.68
CA GLN A 1262 12.38 -2.80 1.69
C GLN A 1262 11.27 -2.60 0.66
N LYS A 1263 10.68 -1.40 0.63
CA LYS A 1263 9.62 -1.11 -0.34
C LYS A 1263 10.15 -1.19 -1.77
N ILE A 1264 11.34 -0.63 -2.01
CA ILE A 1264 11.91 -0.66 -3.35
C ILE A 1264 12.17 -2.09 -3.80
N ILE A 1265 12.75 -2.91 -2.91
CA ILE A 1265 13.04 -4.29 -3.25
C ILE A 1265 11.75 -5.06 -3.51
N GLU A 1266 10.74 -4.86 -2.67
CA GLU A 1266 9.47 -5.57 -2.86
C GLU A 1266 8.83 -5.17 -4.19
N LYS A 1267 8.83 -3.88 -4.52
CA LYS A 1267 8.24 -3.43 -5.78
C LYS A 1267 9.00 -4.00 -6.97
N CYS A 1268 10.33 -3.99 -6.91
CA CYS A 1268 11.12 -4.53 -8.01
C CYS A 1268 10.89 -6.03 -8.19
N ILE A 1269 10.83 -6.77 -7.09
CA ILE A 1269 10.60 -8.21 -7.18
C ILE A 1269 9.22 -8.50 -7.74
N ARG A 1270 8.20 -7.76 -7.27
CA ARG A 1270 6.85 -7.96 -7.79
C ARG A 1270 6.77 -7.64 -9.27
N LEU A 1271 7.40 -6.55 -9.71
CA LEU A 1271 7.40 -6.21 -11.12
C LEU A 1271 8.11 -7.28 -11.96
N LEU A 1272 9.24 -7.77 -11.47
CA LEU A 1272 9.97 -8.81 -12.20
C LEU A 1272 9.17 -10.10 -12.29
N PHE A 1273 8.48 -10.45 -11.21
CA PHE A 1273 7.73 -11.70 -11.19
C PHE A 1273 6.43 -11.61 -12.00
N GLN A 1274 5.84 -10.42 -12.11
CA GLN A 1274 4.57 -10.29 -12.81
C GLN A 1274 4.77 -9.91 -14.28
N THR A 1275 5.40 -8.77 -14.55
CA THR A 1275 5.55 -8.31 -15.92
C THR A 1275 6.75 -8.95 -16.62
N LYS A 1276 7.77 -9.34 -15.86
CA LYS A 1276 9.00 -9.92 -16.41
C LYS A 1276 9.67 -8.99 -17.42
N ASP A 1277 9.47 -7.68 -17.26
CA ASP A 1277 10.06 -6.68 -18.14
C ASP A 1277 11.07 -5.87 -17.35
N LEU A 1278 12.35 -6.01 -17.68
CA LEU A 1278 13.40 -5.29 -16.97
C LEU A 1278 13.38 -3.80 -17.27
N SER A 1279 12.77 -3.39 -18.39
CA SER A 1279 12.70 -1.97 -18.70
C SER A 1279 11.87 -1.20 -17.68
N LYS A 1280 10.74 -1.78 -17.25
CA LYS A 1280 9.90 -1.14 -16.23
C LYS A 1280 10.65 -1.03 -14.91
N ILE A 1281 11.38 -2.08 -14.53
CA ILE A 1281 12.17 -2.05 -13.31
C ILE A 1281 13.25 -0.98 -13.40
N LYS A 1282 13.91 -0.90 -14.54
CA LYS A 1282 14.96 0.12 -14.73
C LYS A 1282 14.37 1.53 -14.64
N LYS A 1283 13.21 1.75 -15.26
CA LYS A 1283 12.59 3.07 -15.19
C LYS A 1283 12.18 3.41 -13.76
N TYR A 1284 11.60 2.45 -13.04
CA TYR A 1284 11.23 2.70 -11.65
C TYR A 1284 12.45 3.00 -10.78
N LEU A 1285 13.53 2.25 -10.99
CA LEU A 1285 14.75 2.48 -10.22
C LEU A 1285 15.34 3.85 -10.52
N GLN A 1286 15.35 4.24 -11.80
CA GLN A 1286 15.84 5.57 -12.15
C GLN A 1286 14.99 6.66 -11.53
N ASN A 1287 13.67 6.49 -11.54
CA ASN A 1287 12.80 7.48 -10.92
C ASN A 1287 13.04 7.57 -9.42
N GLU A 1288 13.20 6.43 -8.75
CA GLU A 1288 13.46 6.44 -7.32
C GLU A 1288 14.80 7.10 -7.01
N PHE A 1289 15.83 6.79 -7.81
CA PHE A 1289 17.14 7.39 -7.59
C PHE A 1289 17.10 8.90 -7.80
N PHE A 1290 16.38 9.36 -8.82
CA PHE A 1290 16.25 10.79 -9.06
C PHE A 1290 15.49 11.46 -7.91
N LYS A 1291 14.44 10.82 -7.41
CA LYS A 1291 13.70 11.38 -6.28
C LYS A 1291 14.57 11.48 -5.04
N ILE A 1292 15.39 10.45 -4.79
CA ILE A 1292 16.28 10.48 -3.62
C ILE A 1292 17.33 11.57 -3.78
N GLN A 1293 17.92 11.69 -4.98
CA GLN A 1293 18.93 12.71 -5.20
C GLN A 1293 18.37 14.11 -5.07
N ILE A 1294 17.17 14.35 -5.60
CA ILE A 1294 16.54 15.66 -5.49
C ILE A 1294 16.22 15.97 -4.03
N GLY A 1295 15.69 15.01 -3.29
CA GLY A 1295 15.33 15.19 -1.91
C GLY A 1295 13.85 15.10 -1.60
N LYS A 1296 13.02 14.72 -2.58
CA LYS A 1296 11.58 14.61 -2.37
C LYS A 1296 11.26 13.23 -1.78
N VAL A 1297 11.64 13.06 -0.51
CA VAL A 1297 11.42 11.82 0.21
C VAL A 1297 10.80 12.15 1.56
N SER A 1298 10.13 11.15 2.14
CA SER A 1298 9.44 11.35 3.41
C SER A 1298 10.41 11.47 4.58
N ALA A 1299 11.67 11.07 4.41
CA ALA A 1299 12.71 11.16 5.43
C ALA A 1299 12.39 10.29 6.65
N GLN A 1300 11.32 9.51 6.57
CA GLN A 1300 10.97 8.56 7.62
C GLN A 1300 11.33 7.13 7.28
N ASP A 1301 11.34 6.78 6.00
CA ASP A 1301 11.70 5.45 5.55
C ASP A 1301 13.20 5.31 5.30
N PHE A 1302 13.99 6.35 5.58
CA PHE A 1302 15.43 6.31 5.40
C PHE A 1302 16.18 6.27 6.74
N CYS A 1303 15.50 5.87 7.80
CA CYS A 1303 16.11 5.78 9.13
C CYS A 1303 16.32 4.32 9.50
N PHE A 1304 17.45 4.03 10.12
CA PHE A 1304 17.80 2.68 10.52
C PHE A 1304 17.23 2.36 11.90
N ALA A 1305 17.05 1.06 12.16
CA ALA A 1305 16.51 0.59 13.44
C ALA A 1305 17.31 -0.65 13.85
N LYS A 1306 18.38 -0.42 14.63
CA LYS A 1306 19.22 -1.49 15.14
C LYS A 1306 19.31 -1.37 16.65
N GLU A 1307 19.07 -2.48 17.35
CA GLU A 1307 19.17 -2.49 18.80
C GLU A 1307 20.63 -2.39 19.24
N VAL A 1308 20.84 -1.77 20.39
CA VAL A 1308 22.18 -1.53 20.92
C VAL A 1308 22.24 -2.09 22.34
N LYS A 1309 23.31 -2.82 22.64
CA LYS A 1309 23.58 -3.35 23.98
C LYS A 1309 24.78 -2.60 24.54
N LEU A 1310 24.54 -1.71 25.50
CA LEU A 1310 25.60 -0.86 26.02
C LEU A 1310 26.68 -1.68 26.71
N GLY A 1311 26.28 -2.68 27.50
CA GLY A 1311 27.21 -3.48 28.26
C GLY A 1311 27.75 -4.71 27.57
N ALA A 1312 27.47 -4.89 26.29
CA ALA A 1312 27.90 -6.07 25.54
C ALA A 1312 28.80 -5.68 24.38
N TYR A 1313 29.62 -4.65 24.56
CA TYR A 1313 30.55 -4.20 23.54
C TYR A 1313 31.97 -4.32 24.07
N LYS A 1314 32.86 -4.90 23.25
CA LYS A 1314 34.24 -5.09 23.66
C LYS A 1314 34.95 -3.76 23.87
N SER A 1315 34.74 -2.81 22.97
CA SER A 1315 35.42 -1.52 23.05
C SER A 1315 34.60 -0.48 22.30
N GLU A 1316 34.94 0.79 22.52
CA GLU A 1316 34.25 1.87 21.85
C GLU A 1316 34.46 1.85 20.34
N LYS A 1317 35.65 1.42 19.89
CA LYS A 1317 35.92 1.34 18.47
C LYS A 1317 35.03 0.30 17.79
N THR A 1318 34.77 -0.82 18.47
CA THR A 1318 33.93 -1.88 17.91
C THR A 1318 32.46 -1.65 18.16
N ALA A 1319 32.08 -0.55 18.82
CA ALA A 1319 30.68 -0.29 19.09
C ALA A 1319 29.91 -0.02 17.80
N PRO A 1320 28.61 -0.33 17.76
CA PRO A 1320 27.84 -0.15 16.53
C PRO A 1320 27.55 1.32 16.24
N ALA A 1321 26.90 1.57 15.10
CA ALA A 1321 26.57 2.95 14.73
C ALA A 1321 25.58 3.57 15.71
N GLY A 1322 24.58 2.80 16.13
CA GLY A 1322 23.62 3.31 17.10
C GLY A 1322 24.20 3.56 18.48
N ALA A 1323 25.30 2.88 18.81
CA ALA A 1323 25.95 3.10 20.10
C ALA A 1323 26.50 4.52 20.19
N VAL A 1324 26.98 5.07 19.07
CA VAL A 1324 27.48 6.44 19.07
C VAL A 1324 26.34 7.41 19.38
N VAL A 1325 25.18 7.21 18.77
CA VAL A 1325 24.03 8.07 19.02
C VAL A 1325 23.57 7.93 20.47
N VAL A 1326 23.57 6.70 20.99
CA VAL A 1326 23.15 6.47 22.37
C VAL A 1326 24.10 7.17 23.33
N LYS A 1327 25.40 7.09 23.08
CA LYS A 1327 26.37 7.76 23.95
C LYS A 1327 26.25 9.27 23.85
N ARG A 1328 26.00 9.80 22.64
CA ARG A 1328 25.83 11.23 22.47
C ARG A 1328 24.61 11.72 23.24
N ARG A 1329 23.50 10.97 23.18
CA ARG A 1329 22.31 11.34 23.95
C ARG A 1329 22.54 11.20 25.44
N ILE A 1330 23.33 10.21 25.87
CA ILE A 1330 23.61 10.03 27.29
C ILE A 1330 24.46 11.17 27.81
N ASN A 1331 25.40 11.67 26.99
CA ASN A 1331 26.30 12.73 27.44
C ASN A 1331 25.53 14.00 27.82
N GLU A 1332 24.54 14.38 27.01
CA GLU A 1332 23.74 15.56 27.32
C GLU A 1332 22.74 15.32 28.43
N ASP A 1333 22.37 14.07 28.70
CA ASP A 1333 21.43 13.75 29.77
C ASP A 1333 21.58 12.28 30.11
N HIS A 1334 21.90 12.00 31.37
CA HIS A 1334 22.14 10.62 31.81
C HIS A 1334 20.86 9.80 31.94
N ARG A 1335 19.69 10.44 31.93
CA ARG A 1335 18.44 9.72 32.08
C ARG A 1335 17.96 9.05 30.79
N ALA A 1336 18.58 9.38 29.65
CA ALA A 1336 18.19 8.78 28.37
C ALA A 1336 18.98 7.51 28.08
N GLU A 1337 18.87 6.57 29.03
CA GLU A 1337 19.55 5.29 28.89
C GLU A 1337 18.59 4.27 28.30
N PRO A 1338 18.84 3.77 27.10
CA PRO A 1338 17.93 2.79 26.50
C PRO A 1338 17.99 1.44 27.23
N GLN A 1339 16.88 0.71 27.16
CA GLN A 1339 16.83 -0.62 27.74
C GLN A 1339 17.65 -1.60 26.91
N TYR A 1340 17.88 -2.79 27.47
CA TYR A 1340 18.64 -3.81 26.78
C TYR A 1340 17.93 -4.25 25.50
N LYS A 1341 18.69 -4.32 24.41
CA LYS A 1341 18.17 -4.70 23.10
C LYS A 1341 16.99 -3.82 22.68
N GLU A 1342 17.24 -2.52 22.67
CA GLU A 1342 16.24 -1.53 22.28
C GLU A 1342 16.71 -0.83 21.00
N ARG A 1343 15.85 -0.79 19.99
CA ARG A 1343 16.21 -0.17 18.73
C ARG A 1343 16.33 1.33 18.89
N ILE A 1344 17.40 1.90 18.32
CA ILE A 1344 17.64 3.33 18.39
C ILE A 1344 17.66 3.90 16.97
N PRO A 1345 16.67 4.69 16.57
CA PRO A 1345 16.67 5.24 15.22
C PRO A 1345 17.79 6.25 15.01
N TYR A 1346 18.31 6.28 13.78
CA TYR A 1346 19.35 7.23 13.42
C TYR A 1346 19.37 7.35 11.90
N LEU A 1347 19.99 8.43 11.43
CA LEU A 1347 20.14 8.71 10.01
C LEU A 1347 21.59 9.07 9.72
N VAL A 1348 21.94 9.04 8.43
CA VAL A 1348 23.30 9.35 7.98
C VAL A 1348 23.22 10.59 7.11
N VAL A 1349 23.71 11.72 7.64
CA VAL A 1349 23.73 12.98 6.90
C VAL A 1349 24.97 13.02 6.02
N LYS A 1350 25.01 13.97 5.09
CA LYS A 1350 26.17 14.13 4.22
C LYS A 1350 27.38 14.59 5.02
N GLY A 1351 28.55 14.08 4.65
CA GLY A 1351 29.79 14.41 5.33
C GLY A 1351 30.93 14.56 4.35
N LYS A 1352 32.08 14.96 4.89
CA LYS A 1352 33.27 15.15 4.09
C LYS A 1352 33.81 13.80 3.58
N GLN A 1353 34.60 13.87 2.52
CA GLN A 1353 35.18 12.67 1.93
C GLN A 1353 36.14 12.01 2.92
N GLY A 1354 36.04 10.69 3.04
CA GLY A 1354 36.87 9.93 3.95
C GLY A 1354 36.34 9.82 5.36
N GLN A 1355 35.24 10.49 5.67
CA GLN A 1355 34.67 10.41 7.02
C GLN A 1355 34.06 9.05 7.26
N LEU A 1356 34.23 8.53 8.48
CA LEU A 1356 33.69 7.23 8.83
C LEU A 1356 32.16 7.31 8.96
N LEU A 1357 31.51 6.16 8.76
CA LEU A 1357 30.05 6.11 8.87
C LEU A 1357 29.60 6.39 10.30
N ARG A 1358 30.32 5.86 11.28
CA ARG A 1358 29.96 6.07 12.67
C ARG A 1358 30.16 7.51 13.13
N GLU A 1359 30.97 8.29 12.39
CA GLU A 1359 31.25 9.66 12.81
C GLU A 1359 30.00 10.53 12.73
N ARG A 1360 29.30 10.50 11.58
CA ARG A 1360 28.12 11.33 11.40
C ARG A 1360 27.02 10.95 12.37
N CYS A 1361 26.47 9.74 12.23
CA CYS A 1361 25.48 9.16 13.14
C CYS A 1361 24.42 10.20 13.55
N VAL A 1362 23.74 10.75 12.55
CA VAL A 1362 22.78 11.82 12.79
C VAL A 1362 21.50 11.23 13.36
N SER A 1363 21.12 11.69 14.55
CA SER A 1363 19.86 11.27 15.15
C SER A 1363 18.69 11.97 14.45
N PRO A 1364 17.53 11.31 14.36
CA PRO A 1364 16.37 11.98 13.74
C PRO A 1364 15.98 13.27 14.42
N GLU A 1365 16.08 13.33 15.74
CA GLU A 1365 15.80 14.58 16.45
C GLU A 1365 16.79 15.67 16.05
N GLU A 1366 18.07 15.33 15.95
CA GLU A 1366 19.06 16.30 15.51
C GLU A 1366 18.96 16.58 14.01
N PHE A 1367 18.58 15.58 13.22
CA PHE A 1367 18.46 15.77 11.78
C PHE A 1367 17.33 16.73 11.43
N LEU A 1368 16.15 16.51 12.02
CA LEU A 1368 15.02 17.39 11.74
C LEU A 1368 15.25 18.79 12.27
N GLU A 1369 15.84 18.91 13.46
CA GLU A 1369 16.12 20.22 14.03
C GLU A 1369 17.27 20.93 13.31
N GLY A 1370 18.11 20.18 12.61
CA GLY A 1370 19.22 20.78 11.87
C GLY A 1370 18.76 21.71 10.78
N GLU A 1371 19.29 22.94 10.78
CA GLU A 1371 18.88 23.92 9.78
C GLU A 1371 19.50 23.62 8.43
N ASN A 1372 20.75 23.16 8.41
CA ASN A 1372 21.49 22.90 7.17
C ASN A 1372 22.03 21.47 7.17
N LEU A 1373 21.17 20.52 7.52
CA LEU A 1373 21.52 19.11 7.53
C LEU A 1373 20.87 18.42 6.35
N GLU A 1374 21.68 17.81 5.49
CA GLU A 1374 21.22 17.11 4.30
C GLU A 1374 21.63 15.65 4.38
N LEU A 1375 20.70 14.76 4.10
CA LEU A 1375 21.00 13.34 4.13
C LEU A 1375 21.95 12.96 3.00
N ASP A 1376 22.78 11.94 3.25
CA ASP A 1376 23.76 11.47 2.27
C ASP A 1376 23.03 10.67 1.22
N SER A 1377 22.59 11.36 0.16
CA SER A 1377 21.85 10.70 -0.91
C SER A 1377 22.72 9.67 -1.63
N GLU A 1378 23.97 10.03 -1.94
CA GLU A 1378 24.85 9.11 -2.63
C GLU A 1378 25.16 7.88 -1.78
N TYR A 1379 25.46 8.09 -0.50
CA TYR A 1379 25.78 6.97 0.38
C TYR A 1379 24.61 6.01 0.49
N TYR A 1380 23.41 6.55 0.70
CA TYR A 1380 22.23 5.70 0.77
C TYR A 1380 22.02 4.96 -0.54
N ILE A 1381 22.00 5.70 -1.66
CA ILE A 1381 21.68 5.10 -2.96
C ILE A 1381 22.65 3.98 -3.28
N ASN A 1382 23.93 4.16 -2.96
CA ASN A 1382 24.89 3.09 -3.24
C ASN A 1382 24.76 1.97 -2.21
N LYS A 1383 25.08 2.25 -0.95
CA LYS A 1383 25.32 1.21 0.04
C LYS A 1383 24.05 0.55 0.57
N ILE A 1384 22.87 1.06 0.25
CA ILE A 1384 21.63 0.42 0.71
C ILE A 1384 20.86 -0.20 -0.45
N LEU A 1385 21.13 0.19 -1.69
CA LEU A 1385 20.39 -0.30 -2.84
C LEU A 1385 21.23 -1.16 -3.77
N ILE A 1386 22.46 -0.76 -4.10
CA ILE A 1386 23.25 -1.49 -5.09
C ILE A 1386 23.55 -2.93 -4.66
N PRO A 1387 24.01 -3.20 -3.44
CA PRO A 1387 24.32 -4.59 -3.08
C PRO A 1387 23.10 -5.51 -3.10
N PRO A 1388 21.99 -5.17 -2.43
CA PRO A 1388 20.87 -6.12 -2.44
C PRO A 1388 20.23 -6.27 -3.80
N LEU A 1389 20.07 -5.18 -4.56
CA LEU A 1389 19.50 -5.27 -5.90
C LEU A 1389 20.42 -6.07 -6.82
N ASP A 1390 21.73 -5.88 -6.70
CA ASP A 1390 22.67 -6.68 -7.49
C ASP A 1390 22.56 -8.16 -7.14
N ARG A 1391 22.46 -8.47 -5.84
CA ARG A 1391 22.34 -9.86 -5.42
C ARG A 1391 21.05 -10.48 -5.96
N LEU A 1392 19.96 -9.72 -5.93
CA LEU A 1392 18.68 -10.22 -6.43
C LEU A 1392 18.59 -10.24 -7.95
N PHE A 1393 19.47 -9.53 -8.65
CA PHE A 1393 19.40 -9.40 -10.09
C PHE A 1393 20.59 -9.97 -10.84
N ASN A 1394 21.73 -10.18 -10.19
CA ASN A 1394 22.88 -10.76 -10.89
C ASN A 1394 22.62 -12.18 -11.35
N LEU A 1395 21.67 -12.88 -10.72
CA LEU A 1395 21.30 -14.21 -11.18
C LEU A 1395 20.61 -14.17 -12.54
N ILE A 1396 20.12 -13.00 -12.95
CA ILE A 1396 19.52 -12.86 -14.27
C ILE A 1396 20.56 -12.49 -15.33
N GLY A 1397 21.59 -11.75 -14.96
CA GLY A 1397 22.64 -11.39 -15.88
C GLY A 1397 22.84 -9.90 -16.06
N ILE A 1398 22.22 -9.09 -15.18
CA ILE A 1398 22.31 -7.65 -15.25
C ILE A 1398 22.75 -7.12 -13.89
N ASN A 1399 23.32 -5.91 -13.91
CA ASN A 1399 23.79 -5.24 -12.71
C ASN A 1399 23.09 -3.90 -12.56
N VAL A 1400 22.66 -3.59 -11.34
CA VAL A 1400 21.95 -2.34 -11.07
C VAL A 1400 22.89 -1.15 -10.94
N GLY A 1401 24.20 -1.38 -10.91
CA GLY A 1401 25.13 -0.26 -10.81
C GLY A 1401 25.13 0.62 -12.03
N ASN A 1402 25.01 0.01 -13.22
CA ASN A 1402 24.98 0.79 -14.46
C ASN A 1402 23.75 1.70 -14.50
N TRP A 1403 22.60 1.18 -14.07
CA TRP A 1403 21.39 2.00 -14.05
C TRP A 1403 21.54 3.18 -13.09
N ALA A 1404 22.14 2.94 -11.92
CA ALA A 1404 22.35 4.03 -10.97
C ALA A 1404 23.32 5.07 -11.51
N GLN A 1405 24.41 4.62 -12.16
CA GLN A 1405 25.40 5.56 -12.66
C GLN A 1405 24.93 6.28 -13.91
N GLU A 1406 23.94 5.74 -14.64
CA GLU A 1406 23.42 6.43 -15.81
C GLU A 1406 22.61 7.67 -15.45
N ILE A 1407 22.13 7.76 -14.21
CA ILE A 1407 21.34 8.91 -13.78
C ILE A 1407 22.20 9.86 -12.97
N CYS A 1435 23.04 29.48 -10.50
CA CYS A 1435 22.60 30.85 -10.73
C CYS A 1435 21.38 30.90 -11.63
N GLY A 1436 20.22 31.18 -11.02
CA GLY A 1436 18.98 31.27 -11.77
C GLY A 1436 17.81 30.62 -11.05
N GLU A 1437 16.70 31.36 -10.94
CA GLU A 1437 15.52 30.81 -10.29
C GLU A 1437 14.95 29.63 -11.06
N GLU A 1438 14.89 29.74 -12.38
CA GLU A 1438 14.39 28.68 -13.23
C GLU A 1438 15.54 27.91 -13.88
N LEU A 1439 15.20 26.78 -14.48
CA LEU A 1439 16.19 25.94 -15.14
C LEU A 1439 16.35 26.32 -16.61
N LYS A 1441 16.96 28.77 -19.22
CA LYS A 1441 18.28 29.41 -19.24
C LYS A 1441 19.25 28.67 -18.33
N ILE A 1442 20.40 28.28 -18.88
CA ILE A 1442 21.42 27.60 -18.10
C ILE A 1442 21.96 28.51 -17.00
N CYS A 1443 22.26 29.76 -17.35
CA CYS A 1443 22.80 30.71 -16.39
C CYS A 1443 22.26 32.09 -16.71
N SER A 1444 22.29 32.97 -15.71
CA SER A 1444 21.81 34.33 -15.87
C SER A 1444 22.95 35.34 -15.68
N LEU A 1447 20.76 39.67 -8.89
CA LEU A 1447 19.47 40.33 -9.08
C LEU A 1447 18.33 39.34 -8.91
N CYS A 1448 17.41 39.32 -9.87
CA CYS A 1448 16.26 38.42 -9.83
C CYS A 1448 16.59 37.01 -10.30
N ASP A 1449 17.78 36.80 -10.87
CA ASP A 1449 18.23 35.49 -11.34
C ASP A 1449 17.26 34.93 -12.39
N ASP A 1450 16.99 35.74 -13.41
CA ASP A 1450 16.11 35.33 -14.50
C ASP A 1450 16.49 36.11 -15.75
N CYS A 1451 16.92 35.41 -16.80
CA CYS A 1451 17.33 36.08 -18.03
C CYS A 1451 16.11 36.53 -18.83
N LEU A 1452 15.28 35.58 -19.26
CA LEU A 1452 14.06 35.91 -19.99
C LEU A 1452 13.00 36.38 -19.01
N GLU A 1453 12.38 37.53 -19.30
CA GLU A 1453 11.39 38.10 -18.40
C GLU A 1453 10.19 37.17 -18.26
N LYS A 1454 9.43 36.98 -19.34
CA LYS A 1454 8.25 36.11 -19.37
C LYS A 1454 7.39 36.31 -18.13
N ARG A 1455 7.02 37.57 -17.88
CA ARG A 1455 6.35 37.91 -16.64
C ARG A 1455 5.04 37.16 -16.47
N SER A 1456 4.20 37.15 -17.52
CA SER A 1456 2.88 36.53 -17.42
C SER A 1456 2.96 35.03 -17.16
N THR A 1457 4.08 34.39 -17.51
CA THR A 1457 4.27 32.97 -17.23
C THR A 1457 5.05 32.71 -15.96
N THR A 1458 6.10 33.51 -15.69
CA THR A 1458 6.88 33.32 -14.48
C THR A 1458 6.05 33.58 -13.23
N THR A 1459 5.27 34.67 -13.23
CA THR A 1459 4.44 34.95 -12.06
C THR A 1459 3.35 33.91 -11.90
N LEU A 1460 2.82 33.38 -13.01
CA LEU A 1460 1.81 32.32 -12.91
C LEU A 1460 2.41 31.06 -12.32
N SER A 1461 3.62 30.68 -12.75
CA SER A 1461 4.27 29.50 -12.20
C SER A 1461 4.58 29.68 -10.72
N PHE A 1462 5.08 30.86 -10.34
CA PHE A 1462 5.36 31.13 -8.93
C PHE A 1462 4.10 31.06 -8.09
N LEU A 1463 3.00 31.65 -8.58
CA LEU A 1463 1.73 31.59 -7.87
C LEU A 1463 1.23 30.16 -7.74
N ILE A 1464 1.37 29.36 -8.80
CA ILE A 1464 0.92 27.97 -8.76
C ILE A 1464 1.71 27.20 -7.71
N LYS A 1465 3.04 27.35 -7.71
CA LYS A 1465 3.87 26.65 -6.74
C LYS A 1465 3.53 27.07 -5.31
N LYS A 1466 3.39 28.38 -5.08
CA LYS A 1466 3.08 28.87 -3.74
C LYS A 1466 1.70 28.38 -3.30
N LEU A 1467 0.73 28.39 -4.19
CA LEU A 1467 -0.61 27.93 -3.85
C LEU A 1467 -0.61 26.44 -3.52
N LYS A 1468 0.13 25.63 -4.29
CA LYS A 1468 0.21 24.21 -4.01
C LYS A 1468 0.84 23.96 -2.65
N ARG A 1469 1.95 24.66 -2.35
CA ARG A 1469 2.59 24.49 -1.05
C ARG A 1469 1.68 24.92 0.09
N GLN A 1470 0.99 26.05 -0.07
CA GLN A 1470 0.09 26.53 0.97
C GLN A 1470 -1.08 25.59 1.19
N LYS A 1471 -1.64 25.05 0.10
CA LYS A 1471 -2.74 24.10 0.23
C LYS A 1471 -2.29 22.82 0.92
N GLU A 1472 -1.09 22.32 0.57
CA GLU A 1472 -0.57 21.15 1.25
C GLU A 1472 -0.37 21.41 2.74
N TYR A 1473 0.19 22.58 3.08
CA TYR A 1473 0.39 22.91 4.48
C TYR A 1473 -0.93 23.02 5.23
N GLN A 1474 -1.94 23.63 4.60
CA GLN A 1474 -3.25 23.75 5.23
C GLN A 1474 -3.89 22.39 5.46
N THR A 1475 -3.79 21.50 4.47
CA THR A 1475 -4.33 20.15 4.63
C THR A 1475 -3.62 19.41 5.75
N LEU A 1476 -2.29 19.54 5.83
CA LEU A 1476 -1.54 18.89 6.91
C LEU A 1476 -1.95 19.45 8.26
N LYS A 1477 -2.12 20.77 8.35
CA LYS A 1477 -2.53 21.37 9.62
C LYS A 1477 -3.93 20.90 10.02
N THR A 1478 -4.84 20.80 9.06
CA THR A 1478 -6.19 20.31 9.35
C THR A 1478 -6.15 18.87 9.84
N VAL A 1479 -5.33 18.03 9.20
CA VAL A 1479 -5.21 16.63 9.62
C VAL A 1479 -4.64 16.55 11.03
N CYS A 1480 -3.61 17.36 11.32
CA CYS A 1480 -3.02 17.35 12.66
C CYS A 1480 -4.01 17.84 13.70
N ARG A 1481 -4.80 18.86 13.38
CA ARG A 1481 -5.82 19.35 14.30
C ARG A 1481 -6.87 18.28 14.57
N THR A 1482 -7.32 17.59 13.53
CA THR A 1482 -8.29 16.52 13.71
C THR A 1482 -7.72 15.39 14.57
N CYS A 1483 -6.45 15.07 14.37
CA CYS A 1483 -5.81 14.03 15.18
C CYS A 1483 -5.67 14.47 16.64
N SER A 1484 -5.31 15.72 16.87
CA SER A 1484 -5.15 16.23 18.24
C SER A 1484 -6.48 16.46 18.93
N TYR A 1485 -7.59 16.49 18.17
CA TYR A 1485 -8.91 16.59 18.78
C TYR A 1485 -9.19 15.44 19.73
N ARG A 1486 -8.49 14.31 19.57
CA ARG A 1486 -8.68 13.17 20.47
C ARG A 1486 -8.38 13.55 21.92
N TYR A 1487 -7.29 14.28 22.14
CA TYR A 1487 -6.96 14.76 23.48
C TYR A 1487 -7.61 16.10 23.80
N THR A 1488 -7.56 17.04 22.85
CA THR A 1488 -8.05 18.39 23.13
C THR A 1488 -9.56 18.42 23.33
N SER A 1489 -10.29 17.60 22.56
CA SER A 1489 -11.76 17.60 22.57
C SER A 1489 -12.31 18.99 22.26
N ASP A 1490 -11.64 19.70 21.35
CA ASP A 1490 -12.07 21.02 20.93
C ASP A 1490 -11.49 21.29 19.54
N ALA A 1491 -12.30 21.92 18.69
CA ALA A 1491 -11.90 22.20 17.31
C ALA A 1491 -11.57 23.67 17.08
N GLY A 1492 -11.56 24.49 18.12
CA GLY A 1492 -11.30 25.91 18.01
C GLY A 1492 -9.86 26.26 18.34
N ILE A 1493 -9.67 27.50 18.79
CA ILE A 1493 -8.33 27.96 19.16
C ILE A 1493 -7.88 27.26 20.43
N GLU A 1494 -6.55 27.17 20.59
CA GLU A 1494 -5.80 26.49 21.66
C GLU A 1494 -5.74 24.99 21.41
N ASN A 1495 -6.35 24.49 20.33
CA ASN A 1495 -6.17 23.12 19.90
C ASN A 1495 -5.21 23.01 18.72
N ASP A 1496 -5.20 24.01 17.83
CA ASP A 1496 -4.21 24.04 16.75
C ASP A 1496 -2.80 24.19 17.31
N HIS A 1497 -2.65 24.98 18.37
CA HIS A 1497 -1.35 25.09 19.03
C HIS A 1497 -0.90 23.76 19.60
N ILE A 1498 -1.82 23.02 20.24
CA ILE A 1498 -1.49 21.71 20.77
C ILE A 1498 -1.17 20.75 19.64
N ALA A 1499 -1.92 20.82 18.53
CA ALA A 1499 -1.65 19.96 17.39
C ALA A 1499 -0.26 20.23 16.82
N SER A 1500 0.13 21.51 16.70
CA SER A 1500 1.46 21.84 16.23
C SER A 1500 2.54 21.48 17.24
N LYS A 1501 2.19 21.39 18.52
CA LYS A 1501 3.15 20.98 19.54
C LYS A 1501 3.55 19.51 19.42
N CYS A 1502 2.80 18.72 18.65
CA CYS A 1502 3.11 17.31 18.50
C CYS A 1502 4.41 17.13 17.71
N ASN A 1503 5.24 16.17 18.15
CA ASN A 1503 6.50 15.88 17.49
C ASN A 1503 6.75 14.38 17.40
N SER A 1504 5.68 13.59 17.26
CA SER A 1504 5.83 12.14 17.17
C SER A 1504 6.61 11.76 15.92
N TYR A 1505 7.62 10.91 16.10
CA TYR A 1505 8.49 10.49 15.01
C TYR A 1505 8.04 9.19 14.35
N ASP A 1506 6.92 8.61 14.79
CA ASP A 1506 6.38 7.40 14.21
C ASP A 1506 5.22 7.67 13.24
N CYS A 1507 4.97 8.93 12.92
CA CYS A 1507 3.86 9.31 12.05
C CYS A 1507 4.40 10.11 10.87
N PRO A 1508 4.14 9.69 9.63
CA PRO A 1508 4.67 10.45 8.48
C PRO A 1508 4.09 11.85 8.35
N VAL A 1509 2.93 12.12 8.97
CA VAL A 1509 2.33 13.45 8.86
C VAL A 1509 3.22 14.49 9.52
N PHE A 1510 3.85 14.13 10.64
CA PHE A 1510 4.78 15.06 11.30
C PHE A 1510 5.97 15.39 10.41
N TYR A 1511 6.54 14.37 9.76
CA TYR A 1511 7.66 14.61 8.85
C TYR A 1511 7.24 15.47 7.66
N SER A 1512 6.04 15.22 7.11
CA SER A 1512 5.56 16.02 6.00
C SER A 1512 5.34 17.47 6.44
N ARG A 1513 4.79 17.68 7.63
CA ARG A 1513 4.60 19.03 8.15
C ARG A 1513 5.93 19.74 8.35
N VAL A 1514 6.93 19.01 8.88
CA VAL A 1514 8.25 19.60 9.06
C VAL A 1514 8.86 20.00 7.72
N LYS A 1515 8.72 19.13 6.72
CA LYS A 1515 9.23 19.45 5.39
C LYS A 1515 8.52 20.66 4.79
N ALA A 1516 7.20 20.74 4.96
CA ALA A 1516 6.45 21.88 4.45
C ALA A 1516 6.87 23.18 5.14
N GLU A 1517 7.07 23.13 6.46
CA GLU A 1517 7.52 24.31 7.19
C GLU A 1517 8.92 24.73 6.73
N ARG A 1518 9.81 23.76 6.52
CA ARG A 1518 11.15 24.07 6.03
C ARG A 1518 11.09 24.70 4.64
N TYR A 1519 10.23 24.17 3.76
CA TYR A 1519 10.08 24.74 2.43
C TYR A 1519 9.54 26.16 2.50
N LEU A 1520 8.56 26.41 3.36
CA LEU A 1520 8.01 27.75 3.50
C LEU A 1520 9.05 28.73 4.04
N ARG A 1521 9.85 28.28 5.01
CA ARG A 1521 10.85 29.13 5.64
C ARG A 1521 12.21 29.07 4.94
N ASP A 1522 12.32 28.34 3.83
CA ASP A 1522 13.60 28.24 3.14
C ASP A 1522 13.95 29.54 2.44
N ASN A 1523 15.24 29.67 2.09
CA ASN A 1523 15.70 30.84 1.35
C ASN A 1523 15.10 30.89 -0.04
N GLN A 1524 14.75 29.72 -0.61
CA GLN A 1524 14.15 29.70 -1.94
C GLN A 1524 12.81 30.43 -1.96
N SER A 1525 12.00 30.27 -0.91
CA SER A 1525 10.73 30.98 -0.82
C SER A 1525 10.94 32.48 -0.78
N VAL A 1526 11.97 32.94 -0.05
CA VAL A 1526 12.29 34.37 -0.01
C VAL A 1526 12.69 34.85 -1.40
N GLN A 1527 13.49 34.05 -2.12
CA GLN A 1527 13.89 34.42 -3.47
C GLN A 1527 12.69 34.53 -4.41
N ARG A 1528 11.74 33.59 -4.28
CA ARG A 1528 10.54 33.66 -5.11
C ARG A 1528 9.72 34.90 -4.80
N GLU A 1529 9.60 35.26 -3.52
CA GLU A 1529 8.86 36.47 -3.15
C GLU A 1529 9.56 37.71 -3.69
N GLU A 1530 10.89 37.76 -3.61
CA GLU A 1530 11.62 38.90 -4.14
C GLU A 1530 11.46 39.00 -5.65
N ALA A 1531 11.50 37.87 -6.35
CA ALA A 1531 11.28 37.88 -7.80
C ALA A 1531 9.87 38.36 -8.14
N LEU A 1532 8.88 37.91 -7.37
CA LEU A 1532 7.51 38.36 -7.58
C LEU A 1532 7.38 39.86 -7.39
N ILE A 1533 8.01 40.38 -6.32
CA ILE A 1533 7.96 41.82 -6.07
C ILE A 1533 8.63 42.59 -7.20
N SER A 1534 9.78 42.11 -7.66
CA SER A 1534 10.48 42.78 -8.75
C SER A 1534 9.65 42.77 -10.03
N LEU A 1535 9.02 41.64 -10.35
CA LEU A 1535 8.21 41.56 -11.56
C LEU A 1535 6.94 42.39 -11.45
N ASN A 1536 6.39 42.53 -10.24
CA ASN A 1536 5.19 43.33 -10.03
C ASN A 1536 5.49 44.79 -9.77
N ASP A 1537 6.77 45.19 -9.79
CA ASP A 1537 7.14 46.58 -9.53
C ASP A 1537 6.80 47.51 -10.68
N TRP A 1538 6.40 46.98 -11.83
CA TRP A 1538 6.05 47.81 -12.98
C TRP A 1538 4.72 48.53 -12.75
N MET B 1 12.23 -13.33 -61.78
CA MET B 1 10.86 -12.90 -61.49
C MET B 1 10.18 -13.90 -60.57
N ASN B 2 9.96 -15.12 -61.07
CA ASN B 2 9.28 -16.14 -60.28
C ASN B 2 10.07 -16.56 -59.04
N ARG B 3 11.39 -16.35 -59.04
CA ARG B 3 12.20 -16.72 -57.89
C ARG B 3 11.77 -15.95 -56.64
N TRP B 4 11.62 -14.63 -56.77
CA TRP B 4 11.17 -13.82 -55.63
C TRP B 4 9.75 -14.22 -55.22
N VAL B 5 8.89 -14.50 -56.20
CA VAL B 5 7.51 -14.88 -55.89
C VAL B 5 7.49 -16.15 -55.03
N GLU B 6 8.23 -17.18 -55.46
CA GLU B 6 8.27 -18.41 -54.67
C GLU B 6 8.93 -18.21 -53.32
N LYS B 7 10.03 -17.44 -53.28
CA LYS B 7 10.75 -17.23 -52.04
C LYS B 7 9.88 -16.55 -50.99
N TRP B 8 9.11 -15.55 -51.40
CA TRP B 8 8.24 -14.88 -50.44
C TRP B 8 6.93 -15.64 -50.20
N LEU B 9 6.49 -16.43 -51.18
CA LEU B 9 5.27 -17.22 -50.99
C LEU B 9 5.48 -18.31 -49.97
N ARG B 10 6.68 -18.90 -49.92
CA ARG B 10 6.97 -19.89 -48.89
C ARG B 10 6.78 -19.30 -47.49
N VAL B 11 7.39 -18.15 -47.25
CA VAL B 11 7.31 -17.52 -45.92
C VAL B 11 5.88 -17.08 -45.64
N TYR B 12 5.19 -16.52 -46.64
CA TYR B 12 3.82 -16.06 -46.44
C TYR B 12 2.90 -17.22 -46.10
N LEU B 13 3.03 -18.35 -46.80
CA LEU B 13 2.21 -19.52 -46.51
C LEU B 13 2.52 -20.07 -45.13
N LYS B 14 3.80 -20.15 -44.76
CA LYS B 14 4.16 -20.64 -43.44
C LYS B 14 3.56 -19.76 -42.34
N CYS B 15 3.69 -18.43 -42.50
CA CYS B 15 3.15 -17.52 -41.49
C CYS B 15 1.64 -17.59 -41.42
N TYR B 16 0.97 -17.68 -42.57
CA TYR B 16 -0.49 -17.77 -42.59
C TYR B 16 -0.96 -19.06 -41.91
N ILE B 17 -0.31 -20.18 -42.21
CA ILE B 17 -0.70 -21.45 -41.59
C ILE B 17 -0.47 -21.40 -40.09
N ASN B 18 0.67 -20.85 -39.66
CA ASN B 18 0.96 -20.77 -38.23
C ASN B 18 -0.05 -19.87 -37.52
N LEU B 19 -0.39 -18.73 -38.12
CA LEU B 19 -1.37 -17.83 -37.51
C LEU B 19 -2.74 -18.48 -37.44
N ILE B 20 -3.15 -19.18 -38.49
CA ILE B 20 -4.44 -19.86 -38.46
C ILE B 20 -4.46 -20.94 -37.38
N LEU B 21 -3.36 -21.68 -37.25
CA LEU B 21 -3.28 -22.72 -36.24
C LEU B 21 -3.35 -22.14 -34.83
N PHE B 22 -2.62 -21.04 -34.58
CA PHE B 22 -2.57 -20.50 -33.23
C PHE B 22 -3.87 -19.79 -32.85
N TYR B 23 -4.41 -18.96 -33.75
CA TYR B 23 -5.59 -18.18 -33.42
C TYR B 23 -6.83 -19.04 -33.25
N ARG B 24 -6.83 -20.25 -33.80
CA ARG B 24 -7.89 -21.22 -33.56
C ARG B 24 -7.40 -22.26 -32.55
N ASN B 25 -8.27 -23.21 -32.22
CA ASN B 25 -7.98 -24.22 -31.21
C ASN B 25 -7.65 -25.58 -31.80
N VAL B 26 -7.07 -25.61 -33.01
CA VAL B 26 -6.59 -26.88 -33.56
C VAL B 26 -5.41 -27.38 -32.73
N TYR B 27 -4.59 -26.47 -32.23
CA TYR B 27 -3.48 -26.78 -31.33
C TYR B 27 -3.54 -25.82 -30.15
N PRO B 28 -3.12 -26.27 -28.96
CA PRO B 28 -3.30 -25.45 -27.75
C PRO B 28 -2.34 -24.28 -27.72
N PRO B 29 -2.70 -23.21 -27.01
CA PRO B 29 -1.79 -22.08 -26.82
C PRO B 29 -0.52 -22.46 -26.08
N GLN B 30 0.35 -21.47 -25.84
CA GLN B 30 1.62 -21.61 -25.13
C GLN B 30 2.45 -22.79 -25.65
N SER B 31 2.10 -23.28 -26.84
CA SER B 31 2.89 -24.24 -27.58
C SER B 31 3.59 -23.62 -28.78
N PHE B 32 3.42 -22.31 -28.97
CA PHE B 32 4.01 -21.58 -30.08
C PHE B 32 5.08 -20.62 -29.57
N ASP B 33 5.76 -19.96 -30.50
CA ASP B 33 6.80 -18.99 -30.19
C ASP B 33 6.39 -17.65 -30.83
N TYR B 34 5.65 -16.85 -30.06
CA TYR B 34 5.16 -15.56 -30.53
C TYR B 34 6.01 -14.38 -30.06
N THR B 35 7.11 -14.64 -29.37
CA THR B 35 7.90 -13.58 -28.75
C THR B 35 9.17 -13.25 -29.51
N THR B 36 9.78 -14.22 -30.19
CA THR B 36 11.08 -14.04 -30.84
C THR B 36 11.00 -14.33 -32.33
N TYR B 37 9.95 -13.81 -32.99
CA TYR B 37 9.80 -14.00 -34.43
C TYR B 37 8.97 -12.87 -35.00
N GLN B 38 9.39 -12.37 -36.16
CA GLN B 38 8.64 -11.38 -36.92
C GLN B 38 8.42 -11.90 -38.34
N SER B 39 7.21 -11.71 -38.85
CA SER B 39 6.84 -12.28 -40.14
C SER B 39 7.32 -11.41 -41.30
N PHE B 40 6.79 -10.20 -41.39
CA PHE B 40 7.12 -9.27 -42.47
C PHE B 40 7.33 -7.87 -41.90
N ASN B 41 8.08 -7.80 -40.80
CA ASN B 41 8.37 -6.56 -40.09
C ASN B 41 7.12 -5.90 -39.53
N LEU B 42 6.04 -6.66 -39.35
CA LEU B 42 4.83 -6.12 -38.77
C LEU B 42 4.97 -5.95 -37.26
N PRO B 43 4.35 -4.93 -36.68
CA PRO B 43 4.37 -4.79 -35.21
C PRO B 43 3.67 -5.93 -34.48
N GLN B 44 2.77 -6.65 -35.14
CA GLN B 44 2.06 -7.74 -34.50
C GLN B 44 2.99 -8.94 -34.27
N PHE B 45 2.64 -9.74 -33.27
CA PHE B 45 3.41 -10.93 -32.92
C PHE B 45 2.93 -12.12 -33.75
N VAL B 46 3.84 -12.74 -34.49
CA VAL B 46 3.54 -13.91 -35.30
C VAL B 46 3.99 -15.14 -34.53
N PRO B 47 3.11 -16.09 -34.23
CA PRO B 47 3.52 -17.29 -33.48
C PRO B 47 4.00 -18.40 -34.39
N ILE B 48 5.01 -19.13 -33.91
CA ILE B 48 5.58 -20.27 -34.62
C ILE B 48 5.62 -21.44 -33.65
N ASN B 49 5.13 -22.60 -34.10
CA ASN B 49 5.07 -23.78 -33.25
C ASN B 49 6.47 -24.21 -32.83
N ARG B 50 6.62 -24.57 -31.55
CA ARG B 50 7.90 -24.98 -31.02
C ARG B 50 8.28 -26.40 -31.41
N HIS B 51 7.32 -27.23 -31.79
CA HIS B 51 7.61 -28.62 -32.11
C HIS B 51 8.24 -28.72 -33.49
N PRO B 52 9.45 -29.27 -33.61
CA PRO B 52 10.07 -29.39 -34.94
C PRO B 52 9.28 -30.26 -35.91
N ALA B 53 8.60 -31.29 -35.41
CA ALA B 53 7.88 -32.20 -36.30
C ALA B 53 6.72 -31.48 -37.01
N LEU B 54 5.95 -30.69 -36.27
CA LEU B 54 4.83 -29.98 -36.87
C LEU B 54 5.30 -28.94 -37.88
N ILE B 55 6.38 -28.22 -37.55
CA ILE B 55 6.93 -27.23 -38.46
C ILE B 55 7.44 -27.90 -39.73
N ASP B 56 8.12 -29.04 -39.58
CA ASP B 56 8.62 -29.77 -40.75
C ASP B 56 7.46 -30.27 -41.60
N TYR B 57 6.40 -30.75 -40.98
CA TYR B 57 5.23 -31.21 -41.73
C TYR B 57 4.59 -30.06 -42.50
N ILE B 58 4.46 -28.90 -41.85
CA ILE B 58 3.88 -27.73 -42.51
C ILE B 58 4.75 -27.30 -43.69
N GLU B 59 6.07 -27.27 -43.50
CA GLU B 59 6.98 -26.89 -44.57
C GLU B 59 6.91 -27.87 -45.73
N GLU B 60 6.83 -29.17 -45.42
CA GLU B 60 6.71 -30.18 -46.48
C GLU B 60 5.40 -30.01 -47.25
N LEU B 61 4.31 -29.73 -46.55
CA LEU B 61 3.03 -29.50 -47.22
C LEU B 61 3.10 -28.28 -48.13
N ILE B 62 3.72 -27.20 -47.64
CA ILE B 62 3.85 -25.99 -48.44
C ILE B 62 4.71 -26.25 -49.68
N LEU B 63 5.81 -26.98 -49.51
CA LEU B 63 6.68 -27.29 -50.64
C LEU B 63 5.97 -28.16 -51.67
N ASP B 64 5.19 -29.14 -51.19
CA ASP B 64 4.43 -29.99 -52.11
C ASP B 64 3.38 -29.19 -52.86
N VAL B 65 2.71 -28.25 -52.17
CA VAL B 65 1.73 -27.40 -52.82
C VAL B 65 2.38 -26.53 -53.88
N LEU B 66 3.53 -25.94 -53.56
CA LEU B 66 4.22 -25.08 -54.52
C LEU B 66 4.84 -25.86 -55.67
N SER B 67 5.12 -27.15 -55.48
CA SER B 67 5.65 -27.96 -56.57
C SER B 67 4.65 -28.07 -57.70
N LYS B 68 3.36 -28.24 -57.37
CA LYS B 68 2.28 -28.31 -58.34
C LYS B 68 1.49 -27.01 -58.41
N LEU B 69 2.18 -25.87 -58.27
CA LEU B 69 1.50 -24.58 -58.26
C LEU B 69 0.77 -24.30 -59.57
N THR B 70 1.31 -24.78 -60.69
CA THR B 70 0.68 -24.58 -61.99
C THR B 70 -0.56 -25.45 -62.18
N HIS B 71 -0.79 -26.41 -61.28
CA HIS B 71 -1.92 -27.33 -61.43
C HIS B 71 -2.95 -27.20 -60.32
N VAL B 72 -2.79 -26.26 -59.39
CA VAL B 72 -3.74 -26.06 -58.29
C VAL B 72 -4.48 -24.75 -58.54
N TYR B 73 -5.81 -24.80 -58.42
CA TYR B 73 -6.66 -23.64 -58.63
C TYR B 73 -7.03 -22.94 -57.32
N ARG B 74 -7.24 -23.70 -56.24
CA ARG B 74 -7.61 -23.14 -54.96
C ARG B 74 -6.89 -23.89 -53.84
N PHE B 75 -6.41 -23.14 -52.86
CA PHE B 75 -5.78 -23.70 -51.67
C PHE B 75 -6.48 -23.11 -50.44
N SER B 76 -6.83 -23.98 -49.49
CA SER B 76 -7.59 -23.55 -48.34
C SER B 76 -7.25 -24.41 -47.13
N ILE B 77 -7.49 -23.84 -45.94
CA ILE B 77 -7.31 -24.53 -44.67
C ILE B 77 -8.68 -24.65 -44.01
N CYS B 78 -9.05 -25.85 -43.60
CA CYS B 78 -10.37 -26.13 -43.08
C CYS B 78 -10.39 -26.15 -41.56
N ILE B 79 -11.54 -25.80 -41.00
CA ILE B 79 -11.82 -25.93 -39.58
C ILE B 79 -12.88 -27.01 -39.42
N ILE B 80 -12.51 -28.12 -38.79
CA ILE B 80 -13.38 -29.29 -38.69
C ILE B 80 -13.73 -29.52 -37.23
N ASN B 81 -15.03 -29.68 -36.96
CA ASN B 81 -15.49 -30.00 -35.62
C ASN B 81 -15.37 -31.50 -35.38
N LYS B 82 -14.76 -31.87 -34.26
CA LYS B 82 -14.61 -33.29 -33.94
C LYS B 82 -15.97 -33.93 -33.67
N LYS B 83 -16.07 -35.21 -34.00
CA LYS B 83 -17.28 -36.02 -33.89
C LYS B 83 -18.39 -35.52 -34.80
N ASN B 84 -18.09 -34.64 -35.75
CA ASN B 84 -19.08 -34.17 -36.70
C ASN B 84 -18.56 -34.30 -38.13
N ASP B 85 -17.24 -34.18 -38.30
CA ASP B 85 -16.60 -34.29 -39.60
C ASP B 85 -17.18 -33.29 -40.60
N LEU B 86 -17.43 -32.06 -40.15
CA LEU B 86 -17.97 -31.00 -40.99
C LEU B 86 -17.03 -29.80 -40.95
N CYS B 87 -16.90 -29.13 -42.10
CA CYS B 87 -16.03 -27.97 -42.23
C CYS B 87 -16.75 -26.75 -41.68
N ILE B 88 -16.46 -26.40 -40.43
CA ILE B 88 -17.11 -25.24 -39.80
C ILE B 88 -16.65 -23.95 -40.46
N GLU B 89 -15.34 -23.79 -40.66
CA GLU B 89 -14.78 -22.62 -41.30
C GLU B 89 -13.79 -23.04 -42.37
N LYS B 90 -13.71 -22.25 -43.43
CA LYS B 90 -12.77 -22.47 -44.52
C LYS B 90 -12.12 -21.15 -44.89
N TYR B 91 -10.79 -21.12 -44.90
CA TYR B 91 -10.01 -19.95 -45.25
C TYR B 91 -9.35 -20.22 -46.59
N VAL B 92 -9.92 -19.66 -47.66
CA VAL B 92 -9.55 -20.01 -49.03
C VAL B 92 -8.62 -18.94 -49.60
N LEU B 93 -7.54 -19.38 -50.22
CA LEU B 93 -6.62 -18.50 -50.95
C LEU B 93 -6.77 -18.82 -52.43
N ASP B 94 -7.60 -18.02 -53.11
CA ASP B 94 -7.84 -18.25 -54.53
C ASP B 94 -6.58 -17.94 -55.34
N PHE B 95 -6.33 -18.77 -56.35
CA PHE B 95 -5.16 -18.62 -57.23
C PHE B 95 -5.63 -18.37 -58.64
N SER B 96 -5.20 -17.26 -59.22
CA SER B 96 -5.50 -16.95 -60.62
C SER B 96 -4.29 -16.36 -61.35
N GLU B 97 -3.09 -16.54 -60.81
CA GLU B 97 -1.90 -15.96 -61.41
C GLU B 97 -1.52 -16.71 -62.69
N LEU B 98 -0.89 -15.99 -63.61
CA LEU B 98 -0.43 -16.55 -64.88
C LEU B 98 1.09 -16.54 -64.89
N GLN B 99 1.68 -17.70 -65.14
CA GLN B 99 3.13 -17.83 -65.16
C GLN B 99 3.73 -17.25 -66.44
N ILE B 107 10.40 -7.81 -64.73
CA ILE B 107 8.95 -7.78 -64.62
C ILE B 107 8.53 -7.24 -63.26
N ILE B 108 7.95 -8.13 -62.44
CA ILE B 108 7.49 -7.73 -61.11
C ILE B 108 8.69 -7.64 -60.18
N THR B 109 8.80 -6.52 -59.48
CA THR B 109 9.91 -6.30 -58.55
C THR B 109 9.65 -7.01 -57.23
N GLU B 110 10.73 -7.16 -56.45
CA GLU B 110 10.64 -7.93 -55.20
C GLU B 110 9.92 -7.15 -54.11
N THR B 111 10.18 -5.85 -54.00
CA THR B 111 9.58 -5.08 -52.91
C THR B 111 8.07 -4.95 -53.07
N GLU B 112 7.56 -4.92 -54.30
CA GLU B 112 6.10 -4.91 -54.50
C GLU B 112 5.47 -6.19 -53.96
N VAL B 113 6.08 -7.34 -54.25
CA VAL B 113 5.58 -8.61 -53.73
C VAL B 113 5.67 -8.63 -52.21
N PHE B 114 6.78 -8.11 -51.66
CA PHE B 114 6.94 -8.07 -50.22
C PHE B 114 5.83 -7.24 -49.57
N ASP B 115 5.56 -6.06 -50.12
CA ASP B 115 4.51 -5.20 -49.56
C ASP B 115 3.13 -5.83 -49.71
N GLU B 116 2.87 -6.48 -50.85
CA GLU B 116 1.57 -7.13 -51.05
C GLU B 116 1.37 -8.26 -50.03
N PHE B 117 2.40 -9.08 -49.82
CA PHE B 117 2.29 -10.16 -48.83
C PHE B 117 2.16 -9.59 -47.42
N ARG B 118 2.87 -8.50 -47.13
CA ARG B 118 2.74 -7.87 -45.82
C ARG B 118 1.31 -7.38 -45.58
N SER B 119 0.71 -6.73 -46.59
CA SER B 119 -0.66 -6.27 -46.45
C SER B 119 -1.63 -7.43 -46.30
N SER B 120 -1.43 -8.50 -47.06
CA SER B 120 -2.30 -9.67 -46.93
C SER B 120 -2.19 -10.29 -45.55
N LEU B 121 -0.98 -10.40 -45.01
CA LEU B 121 -0.80 -10.95 -43.67
C LEU B 121 -1.42 -10.03 -42.62
N ASN B 122 -1.29 -8.72 -42.80
CA ASN B 122 -1.91 -7.79 -41.87
C ASN B 122 -3.43 -7.95 -41.88
N SER B 123 -4.02 -8.07 -43.07
CA SER B 123 -5.46 -8.27 -43.17
C SER B 123 -5.88 -9.58 -42.51
N LEU B 124 -5.11 -10.65 -42.74
CA LEU B 124 -5.43 -11.94 -42.12
C LEU B 124 -5.37 -11.85 -40.60
N ILE B 125 -4.33 -11.20 -40.07
CA ILE B 125 -4.19 -11.06 -38.62
C ILE B 125 -5.33 -10.23 -38.05
N MET B 126 -5.70 -9.14 -38.72
CA MET B 126 -6.80 -8.31 -38.24
C MET B 126 -8.12 -9.09 -38.25
N HIS B 127 -8.35 -9.88 -39.30
CA HIS B 127 -9.57 -10.68 -39.37
C HIS B 127 -9.59 -11.75 -38.27
N LEU B 128 -8.45 -12.39 -38.01
CA LEU B 128 -8.39 -13.43 -37.00
C LEU B 128 -8.46 -12.88 -35.57
N GLU B 129 -8.09 -11.61 -35.39
CA GLU B 129 -8.10 -11.03 -34.04
C GLU B 129 -9.50 -10.96 -33.47
N LYS B 130 -10.48 -10.58 -34.29
CA LYS B 130 -11.85 -10.38 -33.82
C LYS B 130 -12.69 -11.66 -33.82
N LEU B 131 -12.11 -12.79 -34.21
CA LEU B 131 -12.86 -14.03 -34.25
C LEU B 131 -13.26 -14.47 -32.85
N PRO B 132 -14.44 -15.07 -32.69
CA PRO B 132 -14.88 -15.51 -31.36
C PRO B 132 -14.02 -16.63 -30.82
N LYS B 133 -13.93 -16.70 -29.51
CA LYS B 133 -13.15 -17.73 -28.84
C LYS B 133 -13.78 -19.10 -29.04
N VAL B 134 -12.93 -20.12 -29.09
CA VAL B 134 -13.36 -21.50 -29.33
C VAL B 134 -12.75 -22.39 -28.25
N ASN B 135 -13.54 -23.35 -27.76
CA ASN B 135 -13.11 -24.22 -26.68
C ASN B 135 -11.98 -25.14 -27.15
N ASP B 136 -11.37 -25.82 -26.17
CA ASP B 136 -10.21 -26.66 -26.41
C ASP B 136 -10.61 -28.08 -26.77
N ASP B 137 -9.71 -28.76 -27.49
CA ASP B 137 -9.88 -30.18 -27.85
C ASP B 137 -11.20 -30.42 -28.59
N THR B 138 -11.54 -29.51 -29.50
CA THR B 138 -12.75 -29.66 -30.30
C THR B 138 -12.56 -29.36 -31.78
N ILE B 139 -11.39 -28.90 -32.22
CA ILE B 139 -11.18 -28.47 -33.60
C ILE B 139 -9.93 -29.14 -34.15
N THR B 140 -10.01 -29.57 -35.40
CA THR B 140 -8.87 -30.10 -36.15
C THR B 140 -8.82 -29.44 -37.51
N PHE B 141 -7.63 -29.42 -38.11
CA PHE B 141 -7.40 -28.74 -39.37
C PHE B 141 -7.02 -29.75 -40.46
N GLU B 142 -7.18 -29.31 -41.71
CA GLU B 142 -6.85 -30.14 -42.87
C GLU B 142 -6.61 -29.22 -44.05
N ALA B 143 -5.59 -29.55 -44.84
CA ALA B 143 -5.23 -28.78 -46.02
C ALA B 143 -5.83 -29.43 -47.26
N VAL B 144 -6.47 -28.62 -48.10
CA VAL B 144 -7.14 -29.11 -49.31
C VAL B 144 -6.75 -28.20 -50.47
N ILE B 145 -6.43 -28.82 -51.61
CA ILE B 145 -6.14 -28.10 -52.84
C ILE B 145 -7.16 -28.51 -53.89
N ASN B 146 -7.41 -27.61 -54.83
CA ASN B 146 -8.35 -27.84 -55.91
C ASN B 146 -7.60 -27.90 -57.23
N ALA B 147 -7.77 -28.99 -57.96
CA ALA B 147 -7.09 -29.17 -59.24
C ALA B 147 -7.78 -28.39 -60.34
N ILE B 148 -6.98 -27.70 -61.15
CA ILE B 148 -7.51 -26.93 -62.26
C ILE B 148 -7.76 -27.85 -63.43
N GLU B 149 -8.99 -27.84 -63.95
CA GLU B 149 -9.39 -28.68 -65.08
C GLU B 149 -9.14 -30.16 -64.80
N ASN B 176 0.37 -37.64 -48.77
CA ASN B 176 -0.16 -37.87 -50.11
C ASN B 176 -1.49 -37.13 -50.30
N TRP B 177 -2.09 -37.33 -51.46
CA TRP B 177 -3.36 -36.71 -51.81
C TRP B 177 -4.39 -37.78 -52.13
N VAL B 178 -5.63 -37.55 -51.68
CA VAL B 178 -6.73 -38.48 -51.92
C VAL B 178 -7.92 -37.70 -52.46
N LYS B 179 -8.77 -38.39 -53.22
CA LYS B 179 -9.95 -37.76 -53.78
C LYS B 179 -10.98 -37.48 -52.70
N CYS B 180 -11.75 -36.41 -52.90
CA CYS B 180 -12.80 -36.03 -51.96
C CYS B 180 -14.15 -36.53 -52.42
N LYS B 196 -25.44 -22.72 -45.95
CA LYS B 196 -25.19 -21.41 -45.36
C LYS B 196 -23.70 -21.08 -45.35
N ILE B 197 -23.37 -19.87 -45.79
CA ILE B 197 -21.99 -19.41 -45.85
C ILE B 197 -21.95 -17.94 -45.47
N LYS B 198 -20.84 -17.54 -44.82
CA LYS B 198 -20.60 -16.15 -44.42
C LYS B 198 -19.24 -15.74 -44.98
N LEU B 199 -19.24 -15.25 -46.22
CA LEU B 199 -18.01 -14.87 -46.88
C LEU B 199 -17.50 -13.54 -46.35
N THR B 200 -16.21 -13.48 -46.04
CA THR B 200 -15.55 -12.25 -45.62
C THR B 200 -14.33 -12.06 -46.52
N SER B 201 -14.37 -11.03 -47.37
CA SER B 201 -13.30 -10.80 -48.32
C SER B 201 -12.11 -10.13 -47.65
N LEU B 202 -10.91 -10.55 -48.05
CA LEU B 202 -9.67 -9.97 -47.55
C LEU B 202 -8.83 -9.50 -48.73
N VAL B 203 -8.02 -8.47 -48.50
CA VAL B 203 -7.21 -7.90 -49.57
C VAL B 203 -6.06 -8.83 -49.88
N GLY B 204 -5.89 -9.15 -51.17
CA GLY B 204 -4.81 -9.98 -51.64
C GLY B 204 -3.83 -9.19 -52.51
N SER B 205 -2.84 -9.92 -53.02
CA SER B 205 -1.83 -9.32 -53.89
C SER B 205 -2.41 -9.08 -55.27
N ASP B 206 -2.34 -7.83 -55.74
CA ASP B 206 -2.84 -7.47 -57.06
C ASP B 206 -1.93 -6.46 -57.74
N VAL B 207 -0.62 -6.53 -57.48
CA VAL B 207 0.31 -5.53 -57.98
C VAL B 207 0.85 -5.92 -59.35
N GLY B 208 0.34 -7.01 -59.92
CA GLY B 208 0.79 -7.46 -61.22
C GLY B 208 0.28 -8.85 -61.56
N PRO B 209 1.20 -9.72 -62.00
CA PRO B 209 0.79 -11.10 -62.35
C PRO B 209 0.20 -11.88 -61.20
N LEU B 210 0.51 -11.51 -59.96
CA LEU B 210 -0.08 -12.16 -58.80
C LEU B 210 -1.50 -11.64 -58.59
N ILE B 211 -2.48 -12.54 -58.69
CA ILE B 211 -3.88 -12.18 -58.52
C ILE B 211 -4.48 -13.01 -57.39
N ILE B 212 -3.66 -13.34 -56.38
CA ILE B 212 -4.12 -14.16 -55.28
C ILE B 212 -5.21 -13.43 -54.51
N HIS B 213 -6.36 -14.08 -54.36
CA HIS B 213 -7.50 -13.53 -53.64
C HIS B 213 -7.71 -14.33 -52.36
N GLN B 214 -7.83 -13.61 -51.24
CA GLN B 214 -7.99 -14.22 -49.93
C GLN B 214 -9.38 -13.92 -49.38
N PHE B 215 -10.09 -14.97 -48.98
CA PHE B 215 -11.40 -14.83 -48.37
C PHE B 215 -11.65 -16.01 -47.44
N SER B 216 -12.57 -15.81 -46.51
CA SER B 216 -12.89 -16.82 -45.50
C SER B 216 -14.39 -16.99 -45.40
N GLU B 217 -14.83 -18.18 -44.99
CA GLU B 217 -16.23 -18.51 -44.81
C GLU B 217 -16.43 -19.16 -43.45
N LYS B 218 -17.61 -18.93 -42.87
CA LYS B 218 -17.96 -19.47 -41.57
C LYS B 218 -19.35 -20.06 -41.61
N LEU B 219 -19.58 -21.04 -40.74
CA LEU B 219 -20.87 -21.72 -40.62
C LEU B 219 -21.32 -22.32 -41.97
N LEU B 227 -22.09 -27.12 -35.61
CA LEU B 227 -21.50 -27.09 -34.27
C LEU B 227 -22.57 -27.21 -33.19
N ASN B 228 -22.17 -27.71 -32.02
CA ASN B 228 -23.06 -27.89 -30.88
C ASN B 228 -22.37 -27.34 -29.64
N GLY B 229 -22.54 -26.03 -29.39
CA GLY B 229 -21.96 -25.41 -28.22
C GLY B 229 -20.46 -25.36 -28.19
N VAL B 230 -19.80 -25.53 -29.34
CA VAL B 230 -18.34 -25.51 -29.36
C VAL B 230 -17.82 -24.09 -29.12
N TYR B 231 -18.46 -23.10 -29.74
CA TYR B 231 -18.01 -21.72 -29.62
C TYR B 231 -18.51 -21.13 -28.30
N SER B 232 -17.57 -20.72 -27.45
CA SER B 232 -17.88 -20.11 -26.16
C SER B 232 -17.13 -18.80 -26.04
N GLN B 233 -17.86 -17.73 -25.73
CA GLN B 233 -17.24 -16.42 -25.57
C GLN B 233 -16.37 -16.39 -24.32
N TYR B 234 -15.20 -15.75 -24.44
CA TYR B 234 -14.27 -15.65 -23.32
C TYR B 234 -13.62 -14.28 -23.28
N SER B 239 -7.59 -11.44 -26.38
CA SER B 239 -6.62 -11.53 -25.30
C SER B 239 -5.93 -12.90 -25.30
N ILE B 240 -5.70 -13.44 -26.50
CA ILE B 240 -5.06 -14.74 -26.61
C ILE B 240 -3.58 -14.67 -26.25
N PHE B 241 -3.00 -13.48 -26.24
CA PHE B 241 -1.58 -13.30 -25.92
C PHE B 241 -1.33 -13.10 -24.43
N GLY B 242 -2.37 -13.15 -23.61
CA GLY B 242 -2.21 -12.97 -22.18
C GLY B 242 -1.77 -14.20 -21.42
N SER B 243 -1.59 -15.34 -22.09
CA SER B 243 -1.16 -16.56 -21.43
C SER B 243 -0.10 -17.27 -22.26
N ASN C 2 9.08 26.02 -39.03
CA ASN C 2 9.09 24.58 -38.82
C ASN C 2 8.84 24.28 -37.34
N ARG C 3 8.89 25.32 -36.51
CA ARG C 3 8.65 25.17 -35.09
C ARG C 3 7.19 25.44 -34.73
N TRP C 4 6.69 26.63 -35.07
CA TRP C 4 5.30 26.96 -34.77
C TRP C 4 4.33 26.26 -35.72
N VAL C 5 4.76 26.01 -36.96
CA VAL C 5 3.87 25.37 -37.94
C VAL C 5 3.51 23.96 -37.50
N GLU C 6 4.51 23.20 -37.01
CA GLU C 6 4.24 21.83 -36.59
C GLU C 6 3.28 21.80 -35.40
N LYS C 7 3.44 22.73 -34.46
CA LYS C 7 2.55 22.78 -33.31
C LYS C 7 1.10 23.05 -33.74
N TRP C 8 0.91 24.02 -34.63
CA TRP C 8 -0.43 24.34 -35.09
C TRP C 8 -1.03 23.17 -35.88
N LEU C 9 -0.22 22.51 -36.70
CA LEU C 9 -0.71 21.37 -37.47
C LEU C 9 -1.10 20.22 -36.53
N ARG C 10 -0.29 19.97 -35.50
CA ARG C 10 -0.63 18.93 -34.54
C ARG C 10 -1.92 19.25 -33.80
N VAL C 11 -2.09 20.51 -33.38
CA VAL C 11 -3.31 20.90 -32.69
C VAL C 11 -4.52 20.71 -33.60
N TYR C 12 -4.40 21.16 -34.86
CA TYR C 12 -5.51 21.03 -35.80
C TYR C 12 -5.85 19.57 -36.05
N LEU C 13 -4.83 18.72 -36.22
CA LEU C 13 -5.08 17.29 -36.45
C LEU C 13 -5.74 16.65 -35.24
N LYS C 14 -5.31 17.02 -34.03
CA LYS C 14 -5.91 16.46 -32.82
C LYS C 14 -7.38 16.87 -32.72
N CYS C 15 -7.68 18.15 -32.96
CA CYS C 15 -9.06 18.59 -32.92
C CYS C 15 -9.90 17.90 -33.99
N TYR C 16 -9.33 17.75 -35.20
CA TYR C 16 -10.03 17.07 -36.29
C TYR C 16 -10.39 15.64 -35.90
N ILE C 17 -9.41 14.90 -35.38
CA ILE C 17 -9.64 13.50 -35.02
C ILE C 17 -10.65 13.41 -33.89
N ASN C 18 -10.53 14.26 -32.87
CA ASN C 18 -11.45 14.20 -31.74
C ASN C 18 -12.87 14.53 -32.17
N LEU C 19 -13.04 15.57 -32.99
CA LEU C 19 -14.37 15.93 -33.48
C LEU C 19 -14.96 14.81 -34.33
N ILE C 20 -14.14 14.19 -35.19
CA ILE C 20 -14.64 13.12 -36.04
C ILE C 20 -15.08 11.93 -35.20
N LEU C 21 -14.29 11.58 -34.19
CA LEU C 21 -14.65 10.47 -33.32
C LEU C 21 -15.92 10.78 -32.52
N PHE C 22 -16.05 12.01 -32.02
CA PHE C 22 -17.19 12.36 -31.19
C PHE C 22 -18.48 12.41 -31.99
N TYR C 23 -18.46 13.07 -33.14
CA TYR C 23 -19.70 13.31 -33.89
C TYR C 23 -20.16 12.10 -34.68
N ARG C 24 -19.30 11.11 -34.92
CA ARG C 24 -19.66 9.91 -35.66
C ARG C 24 -19.99 8.73 -34.75
N ASN C 25 -20.05 8.96 -33.42
CA ASN C 25 -20.36 7.92 -32.45
C ASN C 25 -19.39 6.76 -32.53
N VAL C 26 -18.13 7.03 -32.88
CA VAL C 26 -17.10 5.99 -32.87
C VAL C 26 -16.84 5.54 -31.43
N TYR C 27 -16.89 6.47 -30.49
CA TYR C 27 -16.71 6.23 -29.06
C TYR C 27 -17.85 6.89 -28.30
N PRO C 28 -18.18 6.38 -27.12
CA PRO C 28 -19.36 6.90 -26.39
C PRO C 28 -19.20 8.38 -26.09
N PRO C 29 -20.28 9.16 -26.26
CA PRO C 29 -20.20 10.59 -25.96
C PRO C 29 -19.92 10.90 -24.50
N GLN C 30 -20.23 9.96 -23.59
CA GLN C 30 -19.99 10.20 -22.17
C GLN C 30 -18.49 10.35 -21.88
N SER C 31 -17.66 9.54 -22.53
CA SER C 31 -16.22 9.65 -22.36
C SER C 31 -15.72 11.01 -22.87
N PHE C 32 -16.24 11.46 -24.01
CA PHE C 32 -15.86 12.76 -24.53
C PHE C 32 -16.35 13.88 -23.63
N ASP C 33 -15.48 14.86 -23.41
CA ASP C 33 -15.81 16.02 -22.58
C ASP C 33 -15.38 17.29 -23.31
N TYR C 34 -16.25 18.29 -23.31
CA TYR C 34 -15.93 19.57 -23.93
C TYR C 34 -14.87 20.28 -23.11
N THR C 35 -13.73 20.55 -23.73
CA THR C 35 -12.62 21.19 -23.03
C THR C 35 -11.81 22.01 -24.02
N THR C 36 -11.05 22.96 -23.48
CA THR C 36 -10.18 23.83 -24.26
C THR C 36 -8.71 23.47 -24.16
N TYR C 37 -8.26 23.01 -23.00
CA TYR C 37 -6.86 22.68 -22.77
C TYR C 37 -6.66 21.18 -22.83
N GLN C 38 -5.78 20.74 -23.73
CA GLN C 38 -5.36 19.35 -23.86
C GLN C 38 -3.83 19.32 -23.99
N SER C 39 -3.17 20.05 -23.08
CA SER C 39 -1.74 20.39 -23.07
C SER C 39 -1.39 21.38 -24.16
N PHE C 40 -2.33 21.75 -25.02
CA PHE C 40 -2.13 22.77 -26.04
C PHE C 40 -3.36 23.66 -26.08
N ASN C 41 -3.20 24.88 -26.60
CA ASN C 41 -4.31 25.83 -26.69
C ASN C 41 -5.15 25.48 -27.90
N LEU C 42 -6.24 24.74 -27.69
CA LEU C 42 -7.12 24.40 -28.79
C LEU C 42 -7.89 25.63 -29.27
N PRO C 43 -8.19 25.71 -30.57
CA PRO C 43 -8.90 26.89 -31.09
C PRO C 43 -10.28 27.11 -30.48
N GLN C 44 -11.00 26.03 -30.16
CA GLN C 44 -12.35 26.14 -29.63
C GLN C 44 -12.54 25.09 -28.54
N PHE C 45 -13.79 24.90 -28.12
CA PHE C 45 -14.13 23.90 -27.10
C PHE C 45 -14.31 22.54 -27.77
N VAL C 46 -13.22 22.04 -28.32
CA VAL C 46 -13.24 20.74 -29.01
C VAL C 46 -13.38 19.62 -27.98
N PRO C 47 -14.36 18.74 -28.11
CA PRO C 47 -14.50 17.62 -27.16
C PRO C 47 -13.35 16.63 -27.31
N ILE C 48 -12.61 16.42 -26.23
CA ILE C 48 -11.46 15.50 -26.21
C ILE C 48 -11.80 14.37 -25.26
N ASN C 49 -11.58 13.13 -25.73
CA ASN C 49 -11.83 11.96 -24.90
C ASN C 49 -10.82 11.90 -23.75
N ARG C 50 -11.27 11.33 -22.64
CA ARG C 50 -10.46 11.23 -21.42
C ARG C 50 -9.79 9.87 -21.28
N HIS C 51 -9.91 8.99 -22.26
CA HIS C 51 -9.27 7.68 -22.18
C HIS C 51 -7.77 7.80 -22.36
N PRO C 52 -6.95 7.39 -21.39
CA PRO C 52 -5.50 7.54 -21.55
C PRO C 52 -4.94 6.77 -22.73
N ALA C 53 -5.40 5.54 -22.96
CA ALA C 53 -4.91 4.76 -24.08
C ALA C 53 -5.30 5.42 -25.41
N LEU C 54 -6.54 5.89 -25.52
CA LEU C 54 -6.97 6.57 -26.74
C LEU C 54 -6.20 7.87 -26.95
N ILE C 55 -5.94 8.61 -25.86
CA ILE C 55 -5.17 9.84 -25.98
C ILE C 55 -3.76 9.55 -26.49
N ASP C 56 -3.12 8.53 -25.92
CA ASP C 56 -1.78 8.15 -26.36
C ASP C 56 -1.77 7.70 -27.81
N TYR C 57 -2.78 6.91 -28.21
CA TYR C 57 -2.86 6.45 -29.59
C TYR C 57 -3.04 7.62 -30.55
N ILE C 58 -3.92 8.56 -30.21
CA ILE C 58 -4.15 9.72 -31.07
C ILE C 58 -2.89 10.57 -31.18
N GLU C 59 -2.21 10.79 -30.05
CA GLU C 59 -0.99 11.58 -30.06
C GLU C 59 0.09 10.92 -30.90
N GLU C 60 0.24 9.59 -30.77
CA GLU C 60 1.23 8.87 -31.57
C GLU C 60 0.90 8.93 -33.05
N LEU C 61 -0.38 8.79 -33.39
CA LEU C 61 -0.78 8.89 -34.79
C LEU C 61 -0.50 10.27 -35.36
N ILE C 62 -0.82 11.32 -34.60
CA ILE C 62 -0.57 12.68 -35.07
C ILE C 62 0.93 12.92 -35.24
N LEU C 63 1.73 12.45 -34.29
CA LEU C 63 3.18 12.62 -34.39
C LEU C 63 3.74 11.88 -35.60
N ASP C 64 3.26 10.65 -35.84
CA ASP C 64 3.73 9.89 -36.98
C ASP C 64 3.34 10.56 -38.29
N VAL C 65 2.13 11.10 -38.37
CA VAL C 65 1.70 11.81 -39.58
C VAL C 65 2.55 13.05 -39.80
N LEU C 66 2.82 13.81 -38.73
CA LEU C 66 3.61 15.03 -38.86
C LEU C 66 5.07 14.73 -39.19
N SER C 67 5.57 13.57 -38.77
CA SER C 67 6.97 13.24 -39.04
C SER C 67 7.23 13.05 -40.54
N LYS C 68 6.27 12.52 -41.27
CA LYS C 68 6.39 12.30 -42.71
C LYS C 68 5.50 13.25 -43.50
N LEU C 69 5.22 14.43 -42.95
CA LEU C 69 4.36 15.40 -43.63
C LEU C 69 5.00 15.94 -44.91
N THR C 70 6.32 15.86 -45.05
CA THR C 70 6.97 16.33 -46.26
C THR C 70 6.56 15.48 -47.46
N HIS C 71 6.50 14.17 -47.29
CA HIS C 71 6.15 13.25 -48.37
C HIS C 71 4.68 12.88 -48.39
N VAL C 72 3.87 13.44 -47.49
CA VAL C 72 2.44 13.15 -47.42
C VAL C 72 1.70 14.39 -47.93
N TYR C 73 0.87 14.20 -48.95
CA TYR C 73 0.08 15.27 -49.53
C TYR C 73 -1.41 15.10 -49.30
N ARG C 74 -1.83 14.08 -48.56
CA ARG C 74 -3.26 13.86 -48.32
C ARG C 74 -3.41 12.95 -47.11
N PHE C 75 -4.11 13.43 -46.09
CA PHE C 75 -4.39 12.66 -44.88
C PHE C 75 -5.89 12.44 -44.79
N SER C 76 -6.30 11.20 -44.57
CA SER C 76 -7.71 10.83 -44.53
C SER C 76 -8.00 9.96 -43.31
N ILE C 77 -9.20 10.11 -42.79
CA ILE C 77 -9.71 9.26 -41.70
C ILE C 77 -10.80 8.38 -42.27
N CYS C 78 -10.59 7.07 -42.19
CA CYS C 78 -11.50 6.10 -42.79
C CYS C 78 -12.42 5.53 -41.72
N ILE C 79 -13.73 5.58 -42.00
CA ILE C 79 -14.74 5.02 -41.11
C ILE C 79 -15.24 3.71 -41.72
N ILE C 80 -15.06 2.62 -41.00
CA ILE C 80 -15.39 1.28 -41.49
C ILE C 80 -16.29 0.59 -40.49
N ASN C 81 -17.25 -0.18 -40.99
CA ASN C 81 -18.14 -0.94 -40.13
C ASN C 81 -17.39 -2.05 -39.41
N LYS C 82 -17.74 -2.26 -38.14
CA LYS C 82 -17.07 -3.28 -37.35
C LYS C 82 -17.40 -4.69 -37.85
N LYS C 83 -18.65 -4.91 -38.25
CA LYS C 83 -19.06 -6.25 -38.67
C LYS C 83 -18.39 -6.66 -39.98
N ASN C 84 -18.61 -5.89 -41.04
CA ASN C 84 -18.04 -6.17 -42.35
C ASN C 84 -17.10 -5.05 -42.76
N ASP C 85 -15.99 -5.43 -43.38
CA ASP C 85 -14.92 -4.47 -43.74
C ASP C 85 -15.34 -3.66 -44.96
N LEU C 86 -16.25 -2.72 -44.73
CA LEU C 86 -16.73 -1.81 -45.76
C LEU C 86 -16.57 -0.38 -45.26
N CYS C 87 -15.99 0.48 -46.10
CA CYS C 87 -15.80 1.88 -45.75
C CYS C 87 -17.09 2.63 -46.07
N ILE C 88 -17.76 3.11 -45.03
CA ILE C 88 -19.03 3.82 -45.22
C ILE C 88 -18.86 5.34 -45.21
N GLU C 89 -17.77 5.85 -44.64
CA GLU C 89 -17.52 7.29 -44.58
C GLU C 89 -16.03 7.54 -44.68
N LYS C 90 -15.65 8.53 -45.50
CA LYS C 90 -14.26 8.89 -45.69
C LYS C 90 -14.12 10.39 -45.57
N TYR C 91 -13.35 10.84 -44.58
CA TYR C 91 -13.07 12.25 -44.35
C TYR C 91 -11.61 12.52 -44.67
N VAL C 92 -11.37 13.50 -45.53
CA VAL C 92 -10.03 13.74 -46.08
C VAL C 92 -9.59 15.15 -45.70
N LEU C 93 -8.37 15.25 -45.19
CA LEU C 93 -7.72 16.54 -44.90
C LEU C 93 -6.66 16.76 -45.99
N ASP C 94 -7.06 17.44 -47.06
CA ASP C 94 -6.20 17.59 -48.22
C ASP C 94 -5.10 18.61 -47.91
N PHE C 95 -3.84 18.16 -47.94
CA PHE C 95 -2.69 19.04 -47.79
C PHE C 95 -2.11 19.30 -49.18
N SER C 96 -2.74 20.24 -49.88
CA SER C 96 -2.36 20.51 -51.27
C SER C 96 -0.93 21.02 -51.37
N GLU C 97 -0.61 22.08 -50.62
CA GLU C 97 0.74 22.62 -50.62
C GLU C 97 1.35 22.70 -49.24
N LEU C 98 0.58 23.15 -48.24
CA LEU C 98 1.01 23.25 -46.85
C LEU C 98 2.15 24.27 -46.66
N GLN C 99 2.59 24.89 -47.75
CA GLN C 99 3.63 25.92 -47.75
C GLN C 99 4.82 25.51 -46.87
N HIS C 100 5.46 24.41 -47.26
CA HIS C 100 6.58 23.86 -46.51
C HIS C 100 7.79 24.78 -46.67
N VAL C 101 8.07 25.56 -45.64
CA VAL C 101 9.21 26.47 -45.61
C VAL C 101 9.93 26.33 -44.28
N ASP C 102 11.26 26.33 -44.33
CA ASP C 102 12.09 26.20 -43.14
C ASP C 102 12.37 27.53 -42.46
N LYS C 103 11.92 28.64 -43.04
CA LYS C 103 12.15 29.96 -42.46
C LYS C 103 11.31 30.17 -41.21
N ILE C 108 3.07 35.15 -38.85
CA ILE C 108 1.66 34.90 -39.06
C ILE C 108 0.90 34.94 -37.73
N THR C 109 1.67 34.95 -36.64
CA THR C 109 1.11 35.04 -35.29
C THR C 109 0.22 33.86 -34.97
N GLU C 110 -0.49 33.92 -33.84
CA GLU C 110 -1.39 32.85 -33.42
C GLU C 110 -2.86 33.17 -33.62
N THR C 111 -3.22 34.47 -33.65
CA THR C 111 -4.63 34.83 -33.76
C THR C 111 -5.20 34.44 -35.11
N GLU C 112 -4.49 34.73 -36.20
CA GLU C 112 -5.01 34.44 -37.53
C GLU C 112 -5.07 32.94 -37.78
N VAL C 113 -4.03 32.20 -37.39
CA VAL C 113 -4.01 30.77 -37.59
C VAL C 113 -5.12 30.10 -36.79
N PHE C 114 -5.33 30.54 -35.54
CA PHE C 114 -6.39 29.97 -34.74
C PHE C 114 -7.77 30.37 -35.26
N ASP C 115 -7.90 31.56 -35.84
CA ASP C 115 -9.17 31.94 -36.46
C ASP C 115 -9.48 31.05 -37.67
N GLU C 116 -8.47 30.79 -38.50
CA GLU C 116 -8.68 29.88 -39.64
C GLU C 116 -9.02 28.47 -39.16
N PHE C 117 -8.34 28.00 -38.11
CA PHE C 117 -8.64 26.69 -37.56
C PHE C 117 -10.06 26.64 -36.99
N ARG C 118 -10.49 27.71 -36.31
CA ARG C 118 -11.84 27.77 -35.79
C ARG C 118 -12.87 27.73 -36.91
N SER C 119 -12.61 28.46 -37.99
CA SER C 119 -13.54 28.43 -39.13
C SER C 119 -13.61 27.03 -39.74
N SER C 120 -12.46 26.38 -39.90
CA SER C 120 -12.45 25.04 -40.47
C SER C 120 -13.20 24.05 -39.58
N LEU C 121 -12.95 24.11 -38.27
CA LEU C 121 -13.63 23.21 -37.34
C LEU C 121 -15.12 23.49 -37.28
N ASN C 122 -15.50 24.76 -37.38
CA ASN C 122 -16.92 25.11 -37.39
C ASN C 122 -17.61 24.57 -38.64
N SER C 123 -16.95 24.67 -39.80
CA SER C 123 -17.50 24.08 -41.01
C SER C 123 -17.61 22.57 -40.89
N LEU C 124 -16.59 21.93 -40.31
CA LEU C 124 -16.65 20.48 -40.10
C LEU C 124 -17.81 20.11 -39.20
N ILE C 125 -18.02 20.86 -38.12
CA ILE C 125 -19.13 20.59 -37.22
C ILE C 125 -20.46 20.77 -37.94
N MET C 126 -20.59 21.83 -38.72
CA MET C 126 -21.82 22.06 -39.49
C MET C 126 -22.09 20.89 -40.43
N HIS C 127 -21.04 20.35 -41.05
CA HIS C 127 -21.20 19.16 -41.89
C HIS C 127 -21.64 17.96 -41.04
N LEU C 128 -21.07 17.83 -39.84
CA LEU C 128 -21.25 16.61 -39.05
C LEU C 128 -22.63 16.52 -38.40
N GLU C 129 -23.18 17.66 -37.94
CA GLU C 129 -24.49 17.60 -37.27
C GLU C 129 -25.58 17.16 -38.23
N LYS C 130 -25.52 17.59 -39.49
CA LYS C 130 -26.54 17.22 -40.46
C LYS C 130 -26.53 15.73 -40.79
N LEU C 131 -25.45 15.03 -40.47
CA LEU C 131 -25.37 13.61 -40.78
C LEU C 131 -26.27 12.81 -39.82
N PRO C 132 -26.80 11.68 -40.28
CA PRO C 132 -27.66 10.86 -39.41
C PRO C 132 -26.88 10.22 -38.27
N LYS C 133 -27.61 9.88 -37.22
CA LYS C 133 -27.01 9.28 -36.04
C LYS C 133 -26.47 7.89 -36.35
N VAL C 134 -25.46 7.48 -35.58
CA VAL C 134 -24.78 6.20 -35.76
C VAL C 134 -25.00 5.36 -34.51
N ASN C 135 -25.34 4.09 -34.71
CA ASN C 135 -25.60 3.19 -33.59
C ASN C 135 -24.34 2.99 -32.74
N ASP C 136 -24.54 2.51 -31.53
CA ASP C 136 -23.48 2.36 -30.56
C ASP C 136 -22.80 1.00 -30.71
N ASP C 137 -21.47 1.00 -30.59
CA ASP C 137 -20.66 -0.22 -30.63
C ASP C 137 -20.87 -0.99 -31.93
N THR C 138 -21.03 -0.26 -33.03
CA THR C 138 -21.22 -0.88 -34.34
C THR C 138 -20.46 -0.12 -35.42
N ILE C 139 -19.37 0.55 -35.06
CA ILE C 139 -18.61 1.37 -36.01
C ILE C 139 -17.17 1.47 -35.52
N THR C 140 -16.26 1.64 -36.47
CA THR C 140 -14.84 1.77 -36.16
C THR C 140 -14.21 2.77 -37.12
N PHE C 141 -13.08 3.33 -36.71
CA PHE C 141 -12.37 4.32 -37.50
C PHE C 141 -10.95 3.85 -37.79
N GLU C 142 -10.44 4.25 -38.95
CA GLU C 142 -9.09 3.92 -39.38
C GLU C 142 -8.42 5.17 -39.94
N ALA C 143 -7.10 5.09 -40.11
CA ALA C 143 -6.30 6.19 -40.62
C ALA C 143 -5.59 5.75 -41.89
N VAL C 144 -5.90 6.40 -43.00
CA VAL C 144 -5.29 6.12 -44.29
C VAL C 144 -4.69 7.40 -44.83
N ILE C 145 -3.41 7.36 -45.19
CA ILE C 145 -2.70 8.52 -45.72
C ILE C 145 -2.26 8.21 -47.14
N ASN C 146 -2.15 9.28 -47.94
CA ASN C 146 -1.70 9.18 -49.32
C ASN C 146 -0.35 9.88 -49.45
N ALA C 147 0.65 9.14 -49.93
CA ALA C 147 2.00 9.64 -50.07
C ALA C 147 2.39 9.74 -51.53
N ILE C 148 3.50 10.43 -51.78
CA ILE C 148 4.03 10.63 -53.12
C ILE C 148 5.29 9.79 -53.35
N GLU C 149 6.26 9.87 -52.43
CA GLU C 149 7.53 9.15 -52.59
C GLU C 149 8.03 8.76 -51.20
N LEU C 150 7.69 7.54 -50.78
CA LEU C 150 8.25 6.95 -49.57
C LEU C 150 7.88 5.46 -49.54
N GLU C 151 8.75 4.67 -48.90
CA GLU C 151 8.52 3.25 -48.68
C GLU C 151 8.54 2.98 -47.18
N LEU C 152 7.50 2.30 -46.69
CA LEU C 152 7.34 2.03 -45.28
C LEU C 152 7.47 0.53 -45.02
N GLY C 153 8.06 0.19 -43.87
CA GLY C 153 8.21 -1.20 -43.47
C GLY C 153 9.48 -1.87 -43.95
N HIS C 154 10.28 -1.21 -44.78
CA HIS C 154 11.52 -1.77 -45.29
C HIS C 154 12.75 -1.27 -44.55
N LYS C 155 12.56 -0.54 -43.45
CA LYS C 155 13.68 -0.02 -42.68
C LYS C 155 14.25 -1.04 -41.69
N LEU C 156 13.58 -2.18 -41.52
CA LEU C 156 14.02 -3.21 -40.58
C LEU C 156 14.86 -4.29 -41.25
N ASP C 157 15.31 -4.06 -42.47
CA ASP C 157 16.12 -5.05 -43.20
C ASP C 157 17.60 -4.97 -42.87
N ARG C 158 18.03 -3.95 -42.13
CA ARG C 158 19.43 -3.79 -41.77
C ARG C 158 19.76 -4.27 -40.37
N ASN C 159 18.78 -4.84 -39.65
CA ASN C 159 18.96 -5.32 -38.28
C ASN C 159 19.54 -4.21 -37.39
N ARG C 160 19.01 -3.00 -37.54
CA ARG C 160 19.52 -1.86 -36.80
C ARG C 160 19.19 -1.99 -35.31
N ARG C 161 20.18 -1.70 -34.47
CA ARG C 161 20.01 -1.71 -33.03
C ARG C 161 19.87 -0.27 -32.53
N VAL C 162 18.80 -0.01 -31.80
CA VAL C 162 18.50 1.35 -31.36
C VAL C 162 19.41 1.74 -30.20
N ASP C 163 19.79 3.01 -30.16
CA ASP C 163 20.58 3.56 -29.06
C ASP C 163 19.98 4.81 -28.46
N SER C 164 19.00 5.42 -29.09
CA SER C 164 18.34 6.62 -28.56
C SER C 164 16.84 6.50 -28.82
N LEU C 165 16.07 7.31 -28.08
CA LEU C 165 14.62 7.27 -28.21
C LEU C 165 14.17 7.71 -29.60
N GLU C 166 14.86 8.69 -30.19
CA GLU C 166 14.45 9.22 -31.48
C GLU C 166 14.55 8.16 -32.58
N GLU C 167 15.67 7.43 -32.62
CA GLU C 167 15.85 6.42 -33.65
C GLU C 167 14.88 5.25 -33.44
N LYS C 168 14.62 4.88 -32.18
CA LYS C 168 13.63 3.84 -31.91
C LYS C 168 12.24 4.28 -32.38
N ALA C 169 11.87 5.54 -32.12
CA ALA C 169 10.58 6.04 -32.58
C ALA C 169 10.51 6.06 -34.10
N GLU C 170 11.61 6.44 -34.76
CA GLU C 170 11.63 6.44 -36.22
C GLU C 170 11.46 5.03 -36.78
N ILE C 171 12.18 4.06 -36.21
CA ILE C 171 12.09 2.69 -36.71
C ILE C 171 10.72 2.09 -36.40
N GLU C 172 10.06 2.55 -35.32
CA GLU C 172 8.71 2.10 -35.04
C GLU C 172 7.71 2.70 -36.03
N ARG C 173 7.84 3.99 -36.33
CA ARG C 173 6.92 4.64 -37.25
C ARG C 173 7.11 4.14 -38.68
N ASP C 174 8.33 3.74 -39.04
CA ASP C 174 8.59 3.27 -40.40
C ASP C 174 7.83 1.97 -40.68
N SER C 175 7.74 1.09 -39.69
CA SER C 175 7.10 -0.22 -39.87
C SER C 175 5.67 -0.24 -39.38
N ASN C 176 5.10 0.91 -39.03
CA ASN C 176 3.73 0.98 -38.51
C ASN C 176 2.70 1.19 -39.61
N TRP C 177 3.12 1.23 -40.87
CA TRP C 177 2.20 1.44 -41.99
C TRP C 177 2.33 0.28 -42.98
N VAL C 178 1.21 -0.09 -43.59
CA VAL C 178 1.17 -1.14 -44.60
C VAL C 178 0.69 -0.54 -45.91
N LYS C 179 1.09 -1.17 -47.01
CA LYS C 179 0.74 -0.67 -48.34
C LYS C 179 -0.69 -1.09 -48.69
N CYS C 180 -1.47 -0.13 -49.17
CA CYS C 180 -2.84 -0.40 -49.60
C CYS C 180 -3.08 0.15 -51.00
N GLN C 181 -4.33 0.10 -51.45
CA GLN C 181 -4.70 0.58 -52.78
C GLN C 181 -5.87 1.56 -52.65
N GLU C 182 -5.93 2.50 -53.59
CA GLU C 182 -7.02 3.46 -53.60
C GLU C 182 -8.33 2.76 -53.94
N ASP C 183 -9.40 3.17 -53.25
CA ASP C 183 -10.74 2.60 -53.43
C ASP C 183 -10.71 1.09 -53.17
N GLU C 184 -10.19 0.71 -52.01
CA GLU C 184 -10.04 -0.69 -51.63
C GLU C 184 -11.20 -1.19 -50.79
N ASN C 185 -11.57 -0.46 -49.74
CA ASN C 185 -12.63 -0.87 -48.84
C ASN C 185 -14.02 -0.52 -49.33
N LEU C 186 -14.13 0.18 -50.46
CA LEU C 186 -15.42 0.52 -51.03
C LEU C 186 -16.06 -0.72 -51.66
N PRO C 187 -17.39 -0.71 -51.85
CA PRO C 187 -18.05 -1.86 -52.48
C PRO C 187 -17.55 -2.09 -53.90
N ASP C 188 -17.57 -3.35 -54.32
CA ASP C 188 -16.95 -3.79 -55.55
C ASP C 188 -17.85 -3.63 -56.77
N ASN C 189 -18.84 -2.73 -56.71
CA ASN C 189 -19.71 -2.41 -57.86
C ASN C 189 -20.43 -3.66 -58.35
N ASN C 190 -21.31 -4.16 -57.48
CA ASN C 190 -22.05 -5.38 -57.79
C ASN C 190 -22.89 -5.23 -59.06
N GLY C 191 -23.40 -4.03 -59.33
CA GLY C 191 -24.17 -3.76 -60.52
C GLY C 191 -25.67 -3.71 -60.32
N PHE C 192 -26.16 -4.27 -59.22
CA PHE C 192 -27.59 -4.22 -58.89
C PHE C 192 -27.81 -2.97 -58.03
N GLN C 193 -28.20 -1.87 -58.69
CA GLN C 193 -28.28 -0.56 -58.07
C GLN C 193 -26.96 -0.22 -57.41
N PRO C 194 -25.91 0.02 -58.19
CA PRO C 194 -24.57 0.22 -57.60
C PRO C 194 -24.53 1.44 -56.71
N PRO C 195 -23.78 1.39 -55.61
CA PRO C 195 -23.64 2.57 -54.75
C PRO C 195 -22.93 3.70 -55.47
N LYS C 196 -23.34 4.93 -55.14
CA LYS C 196 -22.74 6.14 -55.69
C LYS C 196 -22.24 6.99 -54.53
N ILE C 197 -20.92 7.12 -54.41
CA ILE C 197 -20.34 7.87 -53.31
C ILE C 197 -20.77 9.33 -53.41
N LYS C 198 -20.88 9.98 -52.25
CA LYS C 198 -21.31 11.37 -52.17
C LYS C 198 -20.13 12.23 -51.72
N LEU C 199 -19.86 13.29 -52.46
CA LEU C 199 -18.77 14.21 -52.17
C LEU C 199 -19.32 15.53 -51.66
N THR C 200 -18.78 15.98 -50.52
CA THR C 200 -19.17 17.26 -49.94
C THR C 200 -17.91 18.09 -49.70
N SER C 201 -17.93 19.34 -50.13
CA SER C 201 -16.79 20.23 -50.02
C SER C 201 -16.94 21.15 -48.82
N LEU C 202 -15.84 21.35 -48.10
CA LEU C 202 -15.82 22.21 -46.93
C LEU C 202 -14.65 23.17 -47.03
N VAL C 203 -14.81 24.35 -46.42
CA VAL C 203 -13.75 25.35 -46.42
C VAL C 203 -12.58 24.88 -45.55
N GLY C 204 -11.39 25.33 -45.91
CA GLY C 204 -10.20 24.95 -45.18
C GLY C 204 -9.38 26.17 -44.78
N SER C 205 -8.48 25.96 -43.82
CA SER C 205 -7.61 27.03 -43.37
C SER C 205 -6.67 27.47 -44.49
N ASP C 206 -6.50 28.77 -44.63
CA ASP C 206 -5.68 29.36 -45.67
C ASP C 206 -4.77 30.44 -45.11
N VAL C 207 -4.09 30.12 -44.00
CA VAL C 207 -3.14 31.03 -43.39
C VAL C 207 -1.91 31.13 -44.29
N GLY C 208 -1.04 32.11 -44.02
CA GLY C 208 0.18 32.27 -44.79
C GLY C 208 1.11 31.09 -44.76
N PRO C 209 1.36 30.48 -43.60
CA PRO C 209 2.25 29.32 -43.56
C PRO C 209 1.53 28.00 -43.82
N LEU C 210 0.23 27.95 -43.56
CA LEU C 210 -0.55 26.73 -43.66
C LEU C 210 -1.68 26.92 -44.67
N ILE C 211 -1.69 26.08 -45.71
CA ILE C 211 -2.78 26.03 -46.68
C ILE C 211 -3.36 24.62 -46.64
N ILE C 212 -4.66 24.52 -46.35
CA ILE C 212 -5.30 23.24 -46.13
C ILE C 212 -6.66 23.24 -46.83
N HIS C 213 -6.96 22.16 -47.53
CA HIS C 213 -8.28 21.93 -48.12
C HIS C 213 -8.95 20.74 -47.45
N GLN C 214 -10.28 20.74 -47.45
CA GLN C 214 -11.05 19.74 -46.73
C GLN C 214 -12.25 19.30 -47.56
N PHE C 215 -12.54 18.00 -47.53
CA PHE C 215 -13.74 17.46 -48.14
C PHE C 215 -14.02 16.10 -47.50
N SER C 216 -15.24 15.61 -47.72
CA SER C 216 -15.70 14.38 -47.10
C SER C 216 -16.39 13.50 -48.13
N GLU C 217 -16.42 12.20 -47.85
CA GLU C 217 -17.04 11.21 -48.72
C GLU C 217 -18.10 10.44 -47.94
N LYS C 218 -19.21 10.13 -48.63
CA LYS C 218 -20.33 9.42 -48.03
C LYS C 218 -20.89 8.43 -49.04
N LEU C 219 -21.17 7.21 -48.57
CA LEU C 219 -21.72 6.19 -49.46
C LEU C 219 -23.11 6.61 -49.95
N ILE C 220 -24.01 6.95 -49.03
CA ILE C 220 -25.35 7.45 -49.33
C ILE C 220 -26.09 6.54 -50.30
N SER C 221 -25.76 5.25 -50.29
CA SER C 221 -26.36 4.28 -51.19
C SER C 221 -25.92 2.88 -50.76
N GLY C 222 -26.49 1.88 -51.40
CA GLY C 222 -26.14 0.50 -51.10
C GLY C 222 -26.98 -0.45 -51.93
N ASP C 223 -26.63 -1.73 -51.82
CA ASP C 223 -27.31 -2.83 -52.49
C ASP C 223 -27.55 -3.97 -51.52
N ASP C 224 -28.13 -3.63 -50.36
CA ASP C 224 -28.36 -4.56 -49.25
C ASP C 224 -27.03 -5.00 -48.62
N LYS C 225 -27.08 -5.38 -47.34
CA LYS C 225 -25.92 -5.77 -46.54
C LYS C 225 -24.93 -4.63 -46.36
N ILE C 226 -25.28 -3.41 -46.77
CA ILE C 226 -24.44 -2.23 -46.60
C ILE C 226 -25.25 -1.18 -45.85
N LEU C 227 -24.61 -0.53 -44.87
CA LEU C 227 -25.26 0.46 -44.02
C LEU C 227 -26.50 -0.13 -43.33
N ASN C 228 -26.39 -1.38 -42.89
CA ASN C 228 -27.49 -2.09 -42.25
C ASN C 228 -27.31 -2.03 -40.74
N GLY C 229 -28.29 -1.45 -40.05
CA GLY C 229 -28.24 -1.36 -38.61
C GLY C 229 -27.07 -0.56 -38.07
N VAL C 230 -26.70 0.52 -38.76
CA VAL C 230 -25.58 1.35 -38.37
C VAL C 230 -25.99 2.82 -38.37
N TYR C 231 -27.19 3.10 -38.88
CA TYR C 231 -27.68 4.46 -39.01
C TYR C 231 -28.89 4.74 -38.12
N SER C 232 -29.12 3.89 -37.11
CA SER C 232 -30.22 4.07 -36.15
C SER C 232 -31.57 4.18 -36.86
N GLN C 233 -31.79 3.31 -37.85
CA GLN C 233 -33.04 3.23 -38.60
C GLN C 233 -33.25 4.59 -39.30
N TYR C 234 -34.44 5.18 -39.25
CA TYR C 234 -34.66 6.45 -39.92
C TYR C 234 -33.93 7.58 -39.23
N GLU C 235 -34.01 7.64 -37.90
CA GLU C 235 -33.36 8.69 -37.13
C GLU C 235 -33.13 8.27 -35.69
N LEU D 6 -48.42 31.91 -27.99
CA LEU D 6 -48.06 32.43 -29.31
C LEU D 6 -46.74 31.85 -29.78
N HIS D 7 -46.57 31.79 -31.10
CA HIS D 7 -45.36 31.26 -31.69
C HIS D 7 -44.21 32.27 -31.57
N MET D 8 -43.00 31.79 -31.85
CA MET D 8 -41.83 32.66 -31.81
C MET D 8 -41.93 33.78 -32.83
N ASP D 9 -42.43 33.47 -34.03
CA ASP D 9 -42.58 34.49 -35.07
C ASP D 9 -43.57 35.56 -34.65
N ALA D 10 -44.66 35.16 -33.99
CA ALA D 10 -45.64 36.13 -33.53
C ALA D 10 -45.04 37.10 -32.52
N LEU D 11 -44.28 36.57 -31.55
CA LEU D 11 -43.62 37.44 -30.59
C LEU D 11 -42.59 38.34 -31.26
N LEU D 12 -41.86 37.80 -32.22
CA LEU D 12 -40.85 38.59 -32.93
C LEU D 12 -41.49 39.75 -33.69
N THR D 13 -42.59 39.48 -34.39
CA THR D 13 -43.25 40.55 -35.14
C THR D 13 -44.04 41.49 -34.23
N LYS D 14 -44.39 41.05 -33.02
CA LYS D 14 -45.04 41.96 -32.07
C LYS D 14 -44.02 42.90 -31.43
N PHE D 15 -42.82 42.42 -31.11
CA PHE D 15 -41.85 43.20 -30.37
C PHE D 15 -40.85 43.91 -31.28
N ASN D 16 -40.09 43.15 -32.08
CA ASN D 16 -38.97 43.73 -32.82
C ASN D 16 -39.44 44.60 -33.98
N GLU D 17 -40.60 44.29 -34.57
CA GLU D 17 -41.07 45.06 -35.72
C GLU D 17 -41.35 46.51 -35.34
N ASP D 18 -41.96 46.73 -34.17
CA ASP D 18 -42.26 48.09 -33.70
C ASP D 18 -41.14 48.65 -32.83
N ARG D 19 -39.92 48.62 -33.37
CA ARG D 19 -38.78 49.14 -32.63
C ARG D 19 -38.86 50.67 -32.53
N SER D 20 -38.54 51.19 -31.35
CA SER D 20 -38.57 52.64 -31.16
C SER D 20 -37.51 53.33 -32.02
N LEU D 21 -36.31 52.75 -32.09
CA LEU D 21 -35.19 53.30 -32.86
C LEU D 21 -34.92 54.75 -32.46
N GLN D 22 -34.93 55.02 -31.17
CA GLN D 22 -34.73 56.35 -30.64
C GLN D 22 -33.74 56.31 -29.47
N ASP D 23 -33.15 57.46 -29.19
CA ASP D 23 -32.16 57.60 -28.12
C ASP D 23 -30.97 56.66 -28.31
N GLU D 24 -30.60 56.45 -29.57
CA GLU D 24 -29.47 55.61 -29.94
C GLU D 24 -28.61 56.30 -30.99
N ASN D 25 -28.34 57.59 -30.79
CA ASN D 25 -27.52 58.34 -31.74
C ASN D 25 -26.10 57.82 -31.78
N LEU D 26 -25.54 57.44 -30.62
CA LEU D 26 -24.19 56.90 -30.43
C LEU D 26 -23.10 57.93 -30.71
N SER D 27 -23.46 59.17 -31.07
CA SER D 27 -22.47 60.23 -31.27
C SER D 27 -22.15 60.95 -29.96
N GLN D 28 -23.14 61.12 -29.09
CA GLN D 28 -22.96 61.72 -27.78
C GLN D 28 -23.58 60.80 -26.74
N PRO D 29 -22.88 59.74 -26.37
CA PRO D 29 -23.45 58.78 -25.41
C PRO D 29 -23.67 59.42 -24.04
N ARG D 30 -24.70 58.93 -23.35
CA ARG D 30 -25.04 59.46 -22.04
C ARG D 30 -23.98 59.07 -21.02
N THR D 31 -23.65 60.02 -20.14
CA THR D 31 -22.59 59.80 -19.17
C THR D 31 -23.09 58.91 -18.03
N ARG D 32 -22.25 57.94 -17.65
CA ARG D 32 -22.58 57.03 -16.56
C ARG D 32 -22.57 57.77 -15.22
N VAL D 33 -23.32 57.23 -14.25
CA VAL D 33 -23.38 57.85 -12.93
C VAL D 33 -22.01 57.80 -12.28
N ARG D 34 -21.54 58.95 -11.80
CA ARG D 34 -20.22 59.07 -11.22
C ARG D 34 -20.24 58.56 -9.78
N ILE D 35 -19.60 57.41 -9.56
CA ILE D 35 -19.47 56.81 -8.23
C ILE D 35 -17.99 56.78 -7.89
N VAL D 36 -17.62 57.42 -6.79
CA VAL D 36 -16.22 57.55 -6.38
C VAL D 36 -15.98 56.65 -5.18
N ASP D 37 -14.72 56.22 -5.04
CA ASP D 37 -14.29 55.41 -3.90
C ASP D 37 -13.39 56.28 -3.03
N ASP D 38 -13.90 56.68 -1.86
CA ASP D 38 -13.14 57.53 -0.96
C ASP D 38 -11.92 56.83 -0.38
N ASN D 39 -11.92 55.51 -0.36
CA ASN D 39 -10.78 54.74 0.16
C ASN D 39 -9.80 54.33 -0.92
N LEU D 40 -10.02 54.74 -2.17
CA LEU D 40 -9.10 54.38 -3.25
C LEU D 40 -7.73 54.99 -3.02
N TYR D 41 -7.68 56.26 -2.61
CA TYR D 41 -6.43 56.96 -2.33
C TYR D 41 -6.22 57.23 -0.85
N ASN D 42 -7.20 56.90 0.00
CA ASN D 42 -7.03 57.09 1.44
C ASN D 42 -5.97 56.17 2.02
N LYS D 43 -5.83 54.98 1.45
CA LYS D 43 -4.85 53.97 1.90
C LYS D 43 -5.17 53.61 3.34
N SER D 44 -4.14 53.27 4.12
CA SER D 44 -4.31 52.85 5.52
C SER D 44 -5.27 51.67 5.64
N ASN D 45 -5.16 50.71 4.73
CA ASN D 45 -6.03 49.55 4.74
C ASN D 45 -5.64 48.63 5.88
N PRO D 46 -6.56 48.33 6.81
CA PRO D 46 -6.21 47.41 7.90
C PRO D 46 -5.83 46.01 7.42
N PHE D 47 -6.42 45.54 6.33
CA PHE D 47 -6.19 44.20 5.84
C PHE D 47 -5.02 44.13 4.86
N GLN D 48 -4.34 45.25 4.60
CA GLN D 48 -3.18 45.24 3.72
C GLN D 48 -1.96 44.72 4.46
N LEU D 49 -1.33 43.69 3.90
CA LEU D 49 -0.16 43.06 4.51
C LEU D 49 1.04 43.16 3.57
N CYS D 50 2.23 43.14 4.16
CA CYS D 50 3.47 43.22 3.40
C CYS D 50 4.03 41.82 3.20
N TYR D 51 4.34 41.48 1.95
CA TYR D 51 4.86 40.16 1.65
C TYR D 51 6.30 39.97 2.13
N LYS D 52 7.03 41.07 2.35
CA LYS D 52 8.40 40.95 2.85
C LYS D 52 8.43 40.34 4.24
N LYS D 53 7.53 40.77 5.12
CA LYS D 53 7.44 40.17 6.44
C LYS D 53 7.00 38.71 6.37
N ARG D 54 6.03 38.42 5.50
CA ARG D 54 5.52 37.07 5.30
C ARG D 54 4.99 36.45 6.59
N ASP D 55 4.86 35.13 6.61
CA ASP D 55 4.38 34.39 7.77
C ASP D 55 5.47 33.45 8.25
N TYR D 56 5.74 33.48 9.56
CA TYR D 56 6.77 32.64 10.16
C TYR D 56 6.23 31.30 10.63
N GLY D 57 4.94 31.02 10.42
CA GLY D 57 4.37 29.77 10.87
C GLY D 57 4.09 29.70 12.36
N SER D 58 4.08 30.83 13.05
CA SER D 58 3.87 30.86 14.49
C SER D 58 3.16 32.17 14.83
N GLN D 59 3.18 32.54 16.11
CA GLN D 59 2.58 33.78 16.61
C GLN D 59 1.07 33.79 16.35
N TYR D 60 0.39 32.78 16.89
CA TYR D 60 -1.05 32.68 16.86
C TYR D 60 -1.69 32.86 18.23
N TYR D 61 -1.05 32.36 19.28
CA TYR D 61 -1.57 32.56 20.63
C TYR D 61 -1.56 34.03 21.03
N HIS D 62 -0.62 34.81 20.49
CA HIS D 62 -0.60 36.25 20.77
C HIS D 62 -1.86 36.93 20.23
N ILE D 63 -2.22 36.62 18.98
CA ILE D 63 -3.42 37.22 18.40
C ILE D 63 -4.66 36.66 19.09
N TYR D 64 -4.63 35.41 19.53
CA TYR D 64 -5.75 34.86 20.28
C TYR D 64 -5.94 35.61 21.59
N GLN D 65 -4.86 35.88 22.31
CA GLN D 65 -4.94 36.62 23.56
C GLN D 65 -5.42 38.04 23.32
N TYR D 66 -4.93 38.68 22.25
CA TYR D 66 -5.38 40.03 21.92
C TYR D 66 -6.89 40.06 21.64
N ARG D 67 -7.37 39.12 20.83
CA ARG D 67 -8.79 39.06 20.52
C ARG D 67 -9.62 38.79 21.77
N LEU D 68 -9.16 37.85 22.61
CA LEU D 68 -9.89 37.54 23.84
C LEU D 68 -9.96 38.74 24.77
N LYS D 69 -8.83 39.46 24.93
CA LYS D 69 -8.82 40.63 25.79
C LYS D 69 -9.73 41.72 25.26
N THR D 70 -9.69 41.97 23.95
CA THR D 70 -10.54 43.02 23.37
C THR D 70 -12.01 42.68 23.53
N PHE D 71 -12.38 41.42 23.24
CA PHE D 71 -13.78 41.02 23.37
C PHE D 71 -14.24 41.05 24.82
N ARG D 72 -13.37 40.63 25.74
CA ARG D 72 -13.72 40.68 27.16
C ARG D 72 -13.93 42.11 27.63
N GLU D 73 -13.06 43.02 27.20
CA GLU D 73 -13.22 44.42 27.57
C GLU D 73 -14.52 44.99 27.00
N ARG D 74 -14.83 44.67 25.74
CA ARG D 74 -16.05 45.18 25.12
C ARG D 74 -17.28 44.65 25.84
N VAL D 75 -17.33 43.35 26.12
CA VAL D 75 -18.50 42.78 26.76
C VAL D 75 -18.62 43.26 28.20
N LEU D 76 -17.50 43.46 28.90
CA LEU D 76 -17.56 44.00 30.25
C LEU D 76 -18.09 45.44 30.25
N LYS D 77 -17.64 46.25 29.28
CA LYS D 77 -18.17 47.61 29.17
C LYS D 77 -19.66 47.61 28.89
N GLU D 78 -20.11 46.73 27.98
CA GLU D 78 -21.53 46.65 27.67
C GLU D 78 -22.34 46.19 28.88
N CYS D 79 -21.81 45.21 29.63
CA CYS D 79 -22.50 44.74 30.82
C CYS D 79 -22.59 45.83 31.88
N ASP D 80 -21.51 46.59 32.06
CA ASP D 80 -21.54 47.70 33.00
C ASP D 80 -22.55 48.76 32.57
N LYS D 81 -22.63 49.02 31.26
CA LYS D 81 -23.61 49.98 30.75
C LYS D 81 -25.04 49.50 31.00
N ARG D 82 -25.30 48.21 30.78
CA ARG D 82 -26.64 47.67 30.92
C ARG D 82 -26.92 47.17 32.34
N TRP D 83 -26.14 46.19 32.80
CA TRP D 83 -26.33 45.62 34.14
C TRP D 83 -25.45 46.36 35.14
N ASP D 84 -25.82 47.62 35.36
CA ASP D 84 -25.09 48.46 36.29
C ASP D 84 -25.37 48.05 37.74
N ALA D 85 -24.55 48.57 38.64
CA ALA D 85 -24.72 48.28 40.06
C ALA D 85 -26.07 48.80 40.57
N GLY D 86 -26.71 48.00 41.41
CA GLY D 86 -28.01 48.33 41.94
C GLY D 86 -29.18 47.79 41.16
N PHE D 87 -28.94 47.21 39.98
CA PHE D 87 -30.01 46.62 39.20
C PHE D 87 -30.47 45.32 39.84
N THR D 88 -31.79 45.16 39.99
CA THR D 88 -32.38 43.99 40.61
C THR D 88 -33.27 43.28 39.61
N LEU D 89 -33.12 41.96 39.53
CA LEU D 89 -33.94 41.15 38.63
C LEU D 89 -35.26 40.79 39.32
N ASN D 90 -36.06 39.93 38.68
CA ASN D 90 -37.33 39.53 39.28
C ASN D 90 -37.12 38.74 40.55
N GLY D 91 -36.13 37.86 40.57
CA GLY D 91 -35.85 37.07 41.76
C GLY D 91 -35.19 37.85 42.86
N GLN D 92 -34.04 38.46 42.57
CA GLN D 92 -33.28 39.24 43.54
C GLN D 92 -32.30 40.11 42.79
N LEU D 93 -31.45 40.82 43.53
CA LEU D 93 -30.43 41.67 42.92
C LEU D 93 -29.38 40.82 42.21
N VAL D 94 -28.98 41.25 41.02
CA VAL D 94 -28.00 40.52 40.23
C VAL D 94 -26.61 40.79 40.78
N LEU D 95 -25.85 39.73 41.01
CA LEU D 95 -24.50 39.82 41.55
C LEU D 95 -23.50 39.77 40.42
N LYS D 96 -22.53 40.69 40.43
CA LYS D 96 -21.51 40.77 39.39
C LYS D 96 -20.36 39.82 39.73
N LYS D 97 -20.64 38.53 39.55
CA LYS D 97 -19.64 37.50 39.81
C LYS D 97 -18.54 37.56 38.75
N ASP D 98 -17.29 37.38 39.20
CA ASP D 98 -16.15 37.41 38.31
C ASP D 98 -15.78 36.01 37.83
N LYS D 99 -15.49 35.11 38.76
CA LYS D 99 -15.14 33.73 38.41
C LYS D 99 -16.40 32.91 38.13
N VAL D 100 -16.33 32.06 37.10
CA VAL D 100 -17.47 31.23 36.73
C VAL D 100 -17.74 30.16 37.78
N LEU D 101 -16.75 29.81 38.60
CA LEU D 101 -16.92 28.80 39.63
C LEU D 101 -17.37 29.37 40.97
N ASP D 102 -17.59 30.68 41.06
CA ASP D 102 -18.01 31.32 42.30
C ASP D 102 -19.52 31.44 42.43
N ILE D 103 -20.28 30.95 41.45
CA ILE D 103 -21.74 31.05 41.49
C ILE D 103 -22.26 29.84 42.24
N GLN D 104 -22.33 29.97 43.57
CA GLN D 104 -22.80 28.90 44.45
C GLN D 104 -23.93 29.46 45.30
N GLY D 105 -25.15 29.37 44.80
CA GLY D 105 -26.31 29.84 45.54
C GLY D 105 -27.49 30.06 44.61
N ASN D 106 -28.64 30.32 45.23
CA ASN D 106 -29.88 30.57 44.51
C ASN D 106 -30.10 32.07 44.43
N GLN D 107 -29.35 32.70 43.52
CA GLN D 107 -29.42 34.14 43.33
C GLN D 107 -29.04 34.49 41.90
N PRO D 108 -29.77 35.42 41.27
CA PRO D 108 -29.40 35.82 39.90
C PRO D 108 -28.02 36.43 39.86
N CYS D 109 -27.30 36.18 38.76
CA CYS D 109 -25.94 36.66 38.62
C CYS D 109 -25.57 36.66 37.14
N TRP D 110 -24.50 37.40 36.82
CA TRP D 110 -23.99 37.49 35.46
C TRP D 110 -22.49 37.29 35.47
N CYS D 111 -21.96 36.69 34.40
CA CYS D 111 -20.54 36.44 34.29
C CYS D 111 -20.15 36.50 32.82
N VAL D 112 -18.85 36.67 32.58
CA VAL D 112 -18.29 36.81 31.25
C VAL D 112 -17.32 35.66 30.99
N GLY D 113 -17.50 34.98 29.87
CA GLY D 113 -16.63 33.88 29.52
C GLY D 113 -16.85 33.45 28.08
N SER D 114 -15.88 32.68 27.58
CA SER D 114 -15.95 32.19 26.21
C SER D 114 -16.89 31.00 26.11
N ILE D 115 -17.35 30.73 24.90
CA ILE D 115 -18.30 29.65 24.63
C ILE D 115 -17.53 28.46 24.09
N TYR D 116 -17.81 27.27 24.63
CA TYR D 116 -17.16 26.04 24.23
C TYR D 116 -18.18 25.13 23.55
N CYS D 117 -17.79 24.55 22.41
CA CYS D 117 -18.65 23.66 21.64
C CYS D 117 -17.80 22.56 21.02
N GLU D 118 -18.49 21.56 20.47
CA GLU D 118 -17.79 20.43 19.85
C GLU D 118 -17.25 20.81 18.48
N MET D 119 -18.13 21.23 17.57
CA MET D 119 -17.75 21.68 16.23
C MET D 119 -17.00 20.58 15.47
N LYS D 120 -17.68 19.47 15.26
CA LYS D 120 -17.08 18.33 14.56
C LYS D 120 -16.96 18.62 13.07
N TYR D 121 -15.93 18.04 12.46
CA TYR D 121 -15.71 18.21 11.03
C TYR D 121 -16.73 17.39 10.22
N LYS D 122 -17.04 17.89 9.03
CA LYS D 122 -17.93 17.16 8.13
C LYS D 122 -17.21 15.94 7.56
N PRO D 123 -17.95 14.85 7.31
CA PRO D 123 -17.30 13.65 6.76
C PRO D 123 -16.63 13.88 5.42
N ASN D 124 -17.22 14.73 4.56
CA ASN D 124 -16.61 14.98 3.26
C ASN D 124 -15.27 15.71 3.39
N VAL D 125 -15.18 16.66 4.33
CA VAL D 125 -13.92 17.35 4.58
C VAL D 125 -12.86 16.37 5.06
N LEU D 126 -13.25 15.47 5.97
CA LEU D 126 -12.32 14.46 6.47
C LEU D 126 -11.84 13.55 5.34
N ASP D 127 -12.76 13.12 4.48
CA ASP D 127 -12.37 12.28 3.35
C ASP D 127 -11.43 13.02 2.41
N GLU D 128 -11.68 14.30 2.17
CA GLU D 128 -10.83 15.08 1.28
C GLU D 128 -9.43 15.25 1.86
N VAL D 129 -9.34 15.61 3.14
CA VAL D 129 -8.03 15.84 3.74
C VAL D 129 -7.26 14.54 3.92
N ILE D 130 -7.96 13.43 4.15
CA ILE D 130 -7.29 12.15 4.33
C ILE D 130 -6.62 11.71 3.03
N ASN D 131 -7.31 11.87 1.90
CA ASN D 131 -6.78 11.42 0.62
C ASN D 131 -5.62 12.27 0.12
N ASP D 132 -5.37 13.43 0.73
CA ASP D 132 -4.31 14.34 0.31
C ASP D 132 -3.31 14.58 1.44
N THR D 133 -2.94 13.52 2.15
CA THR D 133 -1.97 13.63 3.23
C THR D 133 -0.87 12.57 3.19
N TYR D 134 -1.08 11.45 2.49
CA TYR D 134 -0.07 10.39 2.36
C TYR D 134 0.36 9.86 3.73
N GLY D 135 -0.61 9.28 4.44
CA GLY D 135 -0.35 8.73 5.75
C GLY D 135 -1.31 9.21 6.81
N ALA D 136 -2.42 9.80 6.38
CA ALA D 136 -3.41 10.31 7.32
C ALA D 136 -4.04 9.15 8.09
N PRO D 137 -4.18 9.27 9.41
CA PRO D 137 -4.84 8.21 10.18
C PRO D 137 -6.34 8.19 9.97
N ASP D 138 -7.03 7.26 10.63
CA ASP D 138 -8.48 7.19 10.53
C ASP D 138 -9.09 8.34 11.33
N LEU D 139 -9.40 9.45 10.63
CA LEU D 139 -9.88 10.65 11.31
C LEU D 139 -11.24 10.41 11.96
N THR D 140 -12.12 9.66 11.29
CA THR D 140 -13.41 9.35 11.89
C THR D 140 -13.25 8.50 13.14
N LYS D 141 -12.34 7.53 13.13
CA LYS D 141 -12.08 6.73 14.30
C LYS D 141 -11.54 7.58 15.45
N SER D 142 -10.64 8.52 15.14
CA SER D 142 -10.14 9.43 16.16
C SER D 142 -11.26 10.30 16.72
N TYR D 143 -12.20 10.72 15.86
CA TYR D 143 -13.36 11.46 16.33
C TYR D 143 -14.21 10.61 17.28
N THR D 144 -14.40 9.34 16.94
CA THR D 144 -15.17 8.39 17.76
C THR D 144 -16.56 8.92 18.10
N GLU D 147 -19.24 7.86 20.60
CA GLU D 147 -19.93 8.85 21.41
C GLU D 147 -20.55 9.93 20.53
N GLY D 148 -21.65 10.52 21.01
CA GLY D 148 -22.33 11.56 20.26
C GLY D 148 -21.68 12.93 20.32
N GLY D 149 -20.67 13.11 21.16
CA GLY D 149 -19.99 14.39 21.27
C GLY D 149 -20.54 15.25 22.39
N SER D 150 -20.62 16.56 22.13
CA SER D 150 -21.13 17.52 23.11
C SER D 150 -22.33 18.23 22.48
N ASP D 151 -23.53 17.94 23.00
CA ASP D 151 -24.76 18.54 22.52
C ASP D 151 -25.19 19.76 23.33
N GLU D 152 -24.36 20.20 24.29
CA GLU D 152 -24.70 21.33 25.14
C GLU D 152 -23.59 22.38 25.08
N ILE D 153 -23.98 23.63 25.27
CA ILE D 153 -23.05 24.76 25.22
C ILE D 153 -22.46 24.96 26.61
N MET D 154 -21.14 25.07 26.69
CA MET D 154 -20.44 25.26 27.95
C MET D 154 -19.61 26.53 27.90
N LEU D 155 -19.44 27.16 29.06
CA LEU D 155 -18.76 28.45 29.17
C LEU D 155 -17.43 28.27 29.88
N GLU D 156 -16.45 29.09 29.47
CA GLU D 156 -15.12 29.06 30.07
C GLU D 156 -14.56 30.47 30.08
N ASP D 157 -13.90 30.83 31.19
CA ASP D 157 -13.27 32.14 31.34
C ASP D 157 -11.90 32.01 31.98
N GLU D 158 -11.12 31.02 31.53
CA GLU D 158 -9.76 30.76 32.00
C GLU D 158 -9.72 30.44 33.49
N SER D 159 -10.85 30.11 34.10
CA SER D 159 -10.90 29.73 35.51
C SER D 159 -11.73 28.49 35.79
N GLY D 160 -12.65 28.12 34.90
CA GLY D 160 -13.46 26.93 35.12
C GLY D 160 -14.47 26.79 34.01
N ARG D 161 -15.10 25.63 33.97
CA ARG D 161 -16.11 25.32 32.96
C ARG D 161 -17.38 24.85 33.64
N VAL D 162 -18.52 25.44 33.25
CA VAL D 162 -19.82 25.09 33.80
C VAL D 162 -20.78 24.82 32.65
N LEU D 163 -21.83 24.08 32.96
CA LEU D 163 -22.85 23.74 31.98
C LEU D 163 -23.89 24.86 31.87
N LEU D 164 -24.33 25.13 30.64
CA LEU D 164 -25.33 26.15 30.38
C LEU D 164 -26.59 25.48 29.86
N VAL D 165 -27.73 25.82 30.47
CA VAL D 165 -29.02 25.25 30.11
C VAL D 165 -30.02 26.39 29.95
N GLY D 166 -31.11 26.10 29.25
CA GLY D 166 -32.16 27.07 29.00
C GLY D 166 -32.47 27.19 27.52
N ASP D 167 -33.73 27.55 27.23
CA ASP D 167 -34.16 27.70 25.85
C ASP D 167 -33.62 28.96 25.19
N PHE D 168 -33.19 29.95 25.97
CA PHE D 168 -32.66 31.17 25.40
C PHE D 168 -31.35 30.90 24.64
N ILE D 169 -30.47 30.08 25.21
CA ILE D 169 -29.20 29.77 24.56
C ILE D 169 -29.31 28.59 23.60
N ARG D 170 -30.34 27.76 23.73
CA ARG D 170 -30.48 26.60 22.84
C ARG D 170 -30.76 27.04 21.41
N SER D 171 -31.61 28.05 21.22
CA SER D 171 -31.99 28.51 19.89
C SER D 171 -31.08 29.64 19.40
N THR D 172 -29.77 29.40 19.44
CA THR D 172 -28.80 30.37 18.96
C THR D 172 -27.49 29.67 18.59
N PRO D 173 -27.06 29.77 17.33
CA PRO D 173 -25.77 29.18 16.96
C PRO D 173 -24.61 29.88 17.65
N PHE D 174 -23.56 29.12 17.91
CA PHE D 174 -22.40 29.64 18.63
C PHE D 174 -21.14 28.98 18.10
N ILE D 175 -20.06 29.76 18.04
CA ILE D 175 -18.76 29.28 17.59
C ILE D 175 -17.74 29.61 18.68
N THR D 176 -16.87 28.65 18.97
CA THR D 176 -15.86 28.84 20.01
C THR D 176 -14.93 29.98 19.66
N GLY D 177 -14.46 30.69 20.68
CA GLY D 177 -13.60 31.85 20.51
C GLY D 177 -14.30 33.17 20.75
N VAL D 178 -15.62 33.20 20.81
CA VAL D 178 -16.37 34.41 21.08
C VAL D 178 -16.77 34.43 22.55
N VAL D 179 -17.02 35.62 23.08
CA VAL D 179 -17.41 35.80 24.47
C VAL D 179 -18.78 36.47 24.52
N VAL D 180 -19.61 36.03 25.46
CA VAL D 180 -20.93 36.61 25.69
C VAL D 180 -21.13 36.79 27.19
N GLY D 181 -22.10 37.62 27.55
CA GLY D 181 -22.45 37.81 28.94
C GLY D 181 -23.65 36.99 29.36
N ILE D 182 -23.40 35.89 30.07
CA ILE D 182 -24.46 34.97 30.47
C ILE D 182 -25.04 35.42 31.80
N LEU D 183 -26.35 35.58 31.85
CA LEU D 183 -27.07 35.95 33.06
C LEU D 183 -28.14 34.90 33.35
N GLY D 184 -28.30 34.57 34.63
CA GLY D 184 -29.30 33.59 35.02
C GLY D 184 -29.10 33.18 36.47
N MET D 185 -29.72 32.05 36.82
CA MET D 185 -29.65 31.50 38.16
C MET D 185 -29.02 30.11 38.11
N GLU D 186 -28.35 29.74 39.21
CA GLU D 186 -27.73 28.43 39.29
C GLU D 186 -28.80 27.34 39.33
N ALA D 187 -28.56 26.26 38.58
CA ALA D 187 -29.50 25.16 38.52
C ALA D 187 -29.31 24.24 39.72
N GLU D 188 -30.12 23.17 39.76
CA GLU D 188 -30.01 22.21 40.85
C GLU D 188 -28.65 21.52 40.85
N ALA D 189 -28.18 21.12 39.68
CA ALA D 189 -26.88 20.48 39.54
C ALA D 189 -25.82 21.55 39.25
N GLY D 190 -24.63 21.11 38.88
CA GLY D 190 -23.55 22.03 38.54
C GLY D 190 -23.72 22.67 37.18
N THR D 191 -24.86 23.32 36.95
CA THR D 191 -25.17 23.94 35.68
C THR D 191 -25.71 25.34 35.93
N PHE D 192 -25.56 26.20 34.93
CA PHE D 192 -26.00 27.60 35.00
C PHE D 192 -27.12 27.81 34.00
N GLN D 193 -28.27 28.26 34.49
CA GLN D 193 -29.40 28.59 33.62
C GLN D 193 -29.14 29.90 32.88
N VAL D 194 -29.63 29.98 31.65
CA VAL D 194 -29.46 31.16 30.81
C VAL D 194 -30.81 31.85 30.69
N LEU D 195 -30.86 33.10 31.13
CA LEU D 195 -32.06 33.93 31.05
C LEU D 195 -31.90 35.11 30.09
N ASP D 196 -30.83 35.88 30.24
CA ASP D 196 -30.51 36.98 29.35
C ASP D 196 -29.06 36.86 28.91
N ILE D 197 -28.77 37.37 27.72
CA ILE D 197 -27.45 37.27 27.13
C ILE D 197 -26.95 38.68 26.81
N CYS D 198 -25.63 38.82 26.76
CA CYS D 198 -24.99 40.09 26.46
C CYS D 198 -24.00 39.91 25.32
N TYR D 199 -23.74 41.01 24.61
CA TYR D 199 -22.87 41.03 23.44
C TYR D 199 -21.98 42.26 23.54
N PRO D 200 -20.87 42.27 22.80
CA PRO D 200 -20.00 43.46 22.82
C PRO D 200 -20.73 44.70 22.37
N THR D 201 -20.32 45.84 22.93
CA THR D 201 -21.02 47.09 22.69
C THR D 201 -20.96 47.46 21.21
N PRO D 202 -22.01 48.05 20.66
CA PRO D 202 -22.00 48.43 19.24
C PRO D 202 -20.96 49.50 18.96
N LEU D 203 -20.37 49.42 17.77
CA LEU D 203 -19.38 50.38 17.30
C LEU D 203 -20.07 51.58 16.66
N PRO D 204 -19.42 52.75 16.66
CA PRO D 204 -20.00 53.91 15.96
C PRO D 204 -20.09 53.64 14.46
N GLN D 205 -21.13 54.21 13.85
CA GLN D 205 -21.40 54.04 12.44
C GLN D 205 -21.37 55.39 11.74
N ASN D 206 -20.75 55.44 10.56
CA ASN D 206 -20.69 56.66 9.79
C ASN D 206 -22.09 57.04 9.30
N PRO D 207 -22.36 58.35 9.16
CA PRO D 207 -23.66 58.78 8.64
C PRO D 207 -23.87 58.26 7.21
N PHE D 208 -25.11 57.92 6.90
CA PHE D 208 -25.46 57.38 5.58
C PHE D 208 -25.24 58.42 4.50
N THR D 217 -29.26 61.48 -8.25
CA THR D 217 -29.99 60.60 -7.36
C THR D 217 -29.15 59.39 -6.97
N ARG D 218 -27.90 59.65 -6.60
CA ARG D 218 -26.93 58.62 -6.19
C ARG D 218 -26.78 57.64 -7.36
N GLY D 219 -26.70 56.34 -7.11
CA GLY D 219 -26.54 55.39 -8.19
C GLY D 219 -26.69 53.98 -7.69
N LYS D 220 -26.39 53.03 -8.57
CA LYS D 220 -26.48 51.61 -8.28
C LYS D 220 -25.15 50.93 -8.57
N ILE D 221 -24.92 49.81 -7.88
CA ILE D 221 -23.71 49.02 -8.04
C ILE D 221 -24.11 47.58 -8.32
N ALA D 222 -23.53 46.99 -9.35
CA ALA D 222 -23.82 45.61 -9.74
C ALA D 222 -22.75 44.69 -9.15
N LEU D 223 -23.19 43.65 -8.47
CA LEU D 223 -22.31 42.70 -7.82
C LEU D 223 -22.44 41.34 -8.49
N VAL D 224 -21.32 40.81 -8.98
CA VAL D 224 -21.27 39.49 -9.61
C VAL D 224 -20.09 38.73 -9.00
N SER D 225 -20.33 37.48 -8.64
CA SER D 225 -19.30 36.65 -8.01
C SER D 225 -19.45 35.22 -8.48
N GLY D 226 -18.37 34.45 -8.30
CA GLY D 226 -18.36 33.07 -8.73
C GLY D 226 -18.43 32.85 -10.22
N LEU D 227 -17.67 33.64 -11.00
CA LEU D 227 -17.63 33.42 -12.44
C LEU D 227 -17.05 32.05 -12.77
N ASN D 228 -15.97 31.66 -12.08
CA ASN D 228 -15.38 30.33 -12.21
C ASN D 228 -15.02 30.01 -13.66
N LEU D 229 -14.39 30.97 -14.33
CA LEU D 229 -13.94 30.76 -15.70
C LEU D 229 -12.86 29.68 -15.74
N ASN D 230 -12.99 28.77 -16.70
CA ASN D 230 -12.03 27.68 -16.85
C ASN D 230 -11.96 27.31 -18.33
N ASN D 231 -11.36 26.14 -18.61
CA ASN D 231 -11.23 25.65 -19.97
C ASN D 231 -12.12 24.44 -20.23
N THR D 232 -13.14 24.23 -19.41
CA THR D 232 -14.03 23.09 -19.55
C THR D 232 -15.48 23.50 -19.81
N SER D 233 -16.01 24.45 -19.04
CA SER D 233 -17.40 24.85 -19.17
C SER D 233 -17.50 26.03 -20.12
N PRO D 234 -18.19 25.89 -21.26
CA PRO D 234 -18.34 27.03 -22.18
C PRO D 234 -19.54 27.90 -21.85
N ASP D 235 -20.47 27.36 -21.06
CA ASP D 235 -21.68 28.12 -20.71
C ASP D 235 -21.36 29.32 -19.84
N ARG D 236 -20.34 29.22 -18.98
CA ARG D 236 -19.98 30.34 -18.13
C ARG D 236 -19.50 31.53 -18.95
N LEU D 237 -18.73 31.27 -20.01
CA LEU D 237 -18.29 32.37 -20.88
C LEU D 237 -19.48 33.02 -21.57
N LEU D 238 -20.45 32.23 -22.03
CA LEU D 238 -21.65 32.78 -22.65
C LEU D 238 -22.44 33.64 -21.67
N ARG D 239 -22.60 33.17 -20.44
CA ARG D 239 -23.31 33.95 -19.43
C ARG D 239 -22.55 35.24 -19.11
N LEU D 240 -21.23 35.17 -19.05
CA LEU D 240 -20.44 36.37 -18.78
C LEU D 240 -20.58 37.38 -19.92
N GLU D 241 -20.57 36.89 -21.16
CA GLU D 241 -20.76 37.79 -22.30
C GLU D 241 -22.14 38.42 -22.28
N ILE D 242 -23.17 37.64 -21.91
CA ILE D 242 -24.51 38.19 -21.79
C ILE D 242 -24.55 39.27 -20.71
N LEU D 243 -23.89 39.03 -19.59
CA LEU D 243 -23.81 40.02 -18.53
C LEU D 243 -23.11 41.30 -19.01
N ARG D 244 -22.02 41.14 -19.75
CA ARG D 244 -21.30 42.31 -20.27
C ARG D 244 -22.17 43.10 -21.24
N GLU D 245 -22.90 42.41 -22.11
CA GLU D 245 -23.78 43.09 -23.05
C GLU D 245 -24.91 43.81 -22.31
N PHE D 246 -25.47 43.18 -21.27
CA PHE D 246 -26.54 43.81 -20.51
C PHE D 246 -26.05 45.03 -19.77
N LEU D 247 -24.85 44.96 -19.19
CA LEU D 247 -24.32 46.08 -18.43
C LEU D 247 -24.05 47.31 -19.29
N MET D 248 -23.92 47.13 -20.61
CA MET D 248 -23.72 48.24 -21.53
C MET D 248 -25.03 48.79 -22.08
N GLY D 249 -26.16 48.23 -21.67
CA GLY D 249 -27.45 48.67 -22.18
C GLY D 249 -27.81 48.11 -23.55
N ARG D 250 -27.02 47.18 -24.08
CA ARG D 250 -27.30 46.65 -25.41
C ARG D 250 -28.50 45.70 -25.40
N ILE D 251 -28.72 44.99 -24.29
CA ILE D 251 -29.76 43.98 -24.22
C ILE D 251 -31.10 44.61 -23.84
N ASN D 252 -31.15 45.23 -22.66
CA ASN D 252 -32.41 45.79 -22.18
C ASN D 252 -32.83 47.04 -22.93
N ASN D 253 -31.87 47.77 -23.53
CA ASN D 253 -32.07 48.98 -24.31
C ASN D 253 -32.53 50.17 -23.48
N LYS D 254 -32.78 49.98 -22.19
CA LYS D 254 -33.18 51.09 -21.30
C LYS D 254 -31.92 51.82 -20.87
N ILE D 255 -31.57 52.87 -21.62
CA ILE D 255 -30.33 53.59 -21.36
C ILE D 255 -30.36 54.26 -19.99
N ASP D 256 -31.49 54.87 -19.64
CA ASP D 256 -31.58 55.58 -18.36
C ASP D 256 -31.41 54.63 -17.18
N ASP D 257 -32.05 53.46 -17.25
CA ASP D 257 -31.95 52.51 -16.14
C ASP D 257 -30.55 51.90 -16.06
N ILE D 258 -29.96 51.56 -17.21
CA ILE D 258 -28.64 50.93 -17.22
C ILE D 258 -27.57 51.92 -16.77
N SER D 259 -27.70 53.18 -17.18
CA SER D 259 -26.68 54.18 -16.85
C SER D 259 -26.59 54.44 -15.34
N LEU D 260 -27.61 54.04 -14.57
CA LEU D 260 -27.57 54.23 -13.13
C LEU D 260 -26.56 53.31 -12.44
N ILE D 261 -26.05 52.30 -13.14
CA ILE D 261 -25.05 51.40 -12.57
C ILE D 261 -23.69 52.06 -12.68
N GLY D 262 -23.29 52.80 -11.64
CA GLY D 262 -22.03 53.53 -11.70
C GLY D 262 -20.81 52.64 -11.77
N ARG D 263 -20.77 51.59 -10.94
CA ARG D 263 -19.60 50.74 -10.82
C ARG D 263 -20.01 49.27 -10.83
N LEU D 264 -19.09 48.42 -11.28
CA LEU D 264 -19.26 46.98 -11.25
C LEU D 264 -18.22 46.37 -10.31
N LEU D 265 -18.67 45.54 -9.39
CA LEU D 265 -17.81 44.95 -8.37
C LEU D 265 -17.82 43.43 -8.54
N ILE D 266 -16.66 42.87 -8.90
CA ILE D 266 -16.48 41.42 -8.95
C ILE D 266 -15.92 40.99 -7.60
N CYS D 267 -16.64 40.11 -6.92
CA CYS D 267 -16.33 39.76 -5.54
C CYS D 267 -15.35 38.60 -5.42
N GLY D 268 -14.94 37.98 -6.53
CA GLY D 268 -13.94 36.95 -6.50
C GLY D 268 -14.38 35.72 -7.27
N ASN D 269 -13.57 34.67 -7.15
CA ASN D 269 -13.82 33.40 -7.84
C ASN D 269 -13.95 33.59 -9.35
N SER D 270 -13.10 34.45 -9.90
CA SER D 270 -13.11 34.69 -11.34
C SER D 270 -12.71 33.43 -12.11
N VAL D 271 -11.71 32.71 -11.63
CA VAL D 271 -11.21 31.50 -12.27
C VAL D 271 -11.18 30.39 -11.23
N ASP D 272 -11.71 29.22 -11.60
CA ASP D 272 -11.76 28.05 -10.72
C ASP D 272 -10.86 26.96 -11.28
N PHE D 273 -9.92 26.49 -10.46
CA PHE D 273 -8.99 25.44 -10.87
C PHE D 273 -8.55 24.66 -9.64
N ASP D 274 -8.04 23.46 -9.88
CA ASP D 274 -7.51 22.59 -8.83
C ASP D 274 -6.00 22.79 -8.78
N ILE D 275 -5.51 23.36 -7.68
CA ILE D 275 -4.09 23.65 -7.55
C ILE D 275 -3.25 22.38 -7.45
N LYS D 276 -3.87 21.25 -7.11
CA LYS D 276 -3.11 20.00 -7.00
C LYS D 276 -2.53 19.59 -8.34
N SER D 277 -3.31 19.71 -9.42
CA SER D 277 -2.88 19.33 -10.77
C SER D 277 -3.36 20.41 -11.73
N VAL D 278 -2.48 21.37 -12.00
CA VAL D 278 -2.80 22.48 -12.91
C VAL D 278 -1.50 22.98 -13.53
N ASN D 279 -1.57 23.33 -14.81
CA ASN D 279 -0.44 23.89 -15.54
C ASN D 279 -0.65 25.38 -15.74
N LYS D 280 0.46 26.08 -16.03
CA LYS D 280 0.40 27.52 -16.23
C LYS D 280 -0.31 27.90 -17.52
N ASP D 281 -0.37 27.00 -18.50
CA ASP D 281 -0.94 27.35 -19.80
C ASP D 281 -2.45 27.52 -19.71
N GLU D 282 -3.15 26.60 -19.05
CA GLU D 282 -4.60 26.70 -18.93
C GLU D 282 -4.99 27.90 -18.07
N LEU D 283 -4.26 28.14 -16.97
CA LEU D 283 -4.51 29.31 -16.15
C LEU D 283 -4.27 30.59 -16.93
N MET D 284 -3.21 30.61 -17.76
CA MET D 284 -2.96 31.77 -18.61
C MET D 284 -4.08 31.98 -19.62
N ILE D 285 -4.61 30.90 -20.18
CA ILE D 285 -5.73 31.02 -21.12
C ILE D 285 -6.95 31.61 -20.43
N SER D 286 -7.27 31.11 -19.23
CA SER D 286 -8.41 31.64 -18.49
C SER D 286 -8.20 33.11 -18.12
N LEU D 287 -6.99 33.46 -17.70
CA LEU D 287 -6.69 34.84 -17.35
C LEU D 287 -6.77 35.75 -18.58
N THR D 288 -6.34 35.26 -19.74
CA THR D 288 -6.46 36.06 -20.96
C THR D 288 -7.92 36.25 -21.34
N GLU D 289 -8.75 35.22 -21.15
CA GLU D 289 -10.19 35.39 -21.41
C GLU D 289 -10.79 36.43 -20.46
N PHE D 290 -10.41 36.38 -19.19
CA PHE D 290 -10.90 37.37 -18.23
C PHE D 290 -10.43 38.77 -18.60
N SER D 291 -9.18 38.89 -19.04
CA SER D 291 -8.66 40.19 -19.48
C SER D 291 -9.39 40.69 -20.72
N LYS D 292 -9.74 39.78 -21.63
CA LYS D 292 -10.52 40.16 -22.80
C LYS D 292 -11.87 40.73 -22.38
N PHE D 293 -12.54 40.05 -21.45
CA PHE D 293 -13.82 40.57 -20.94
C PHE D 293 -13.64 41.93 -20.28
N LEU D 294 -12.59 42.08 -19.47
CA LEU D 294 -12.36 43.35 -18.79
C LEU D 294 -12.12 44.47 -19.79
N HIS D 295 -11.29 44.22 -20.81
CA HIS D 295 -11.02 45.22 -21.84
C HIS D 295 -12.28 45.54 -22.65
N ASN D 296 -13.16 44.56 -22.83
CA ASN D 296 -14.40 44.81 -23.53
C ASN D 296 -15.45 45.49 -22.67
N ILE D 297 -15.28 45.52 -21.35
CA ILE D 297 -16.26 46.14 -20.47
C ILE D 297 -15.71 47.34 -19.70
N LEU D 298 -14.39 47.50 -19.58
CA LEU D 298 -13.85 48.63 -18.83
C LEU D 298 -14.24 49.99 -19.40
N PRO D 299 -14.16 50.24 -20.72
CA PRO D 299 -14.61 51.56 -21.21
C PRO D 299 -16.06 51.88 -20.87
N SER D 300 -16.93 50.88 -20.88
CA SER D 300 -18.35 51.14 -20.61
C SER D 300 -18.61 51.39 -19.13
N ILE D 301 -17.97 50.62 -18.25
CA ILE D 301 -18.22 50.71 -16.81
C ILE D 301 -16.94 50.40 -16.06
N SER D 302 -16.81 50.98 -14.87
CA SER D 302 -15.68 50.69 -14.00
C SER D 302 -15.84 49.32 -13.36
N VAL D 303 -14.73 48.60 -13.24
CA VAL D 303 -14.72 47.25 -12.71
C VAL D 303 -13.75 47.20 -11.54
N ASP D 304 -14.20 46.63 -10.42
CA ASP D 304 -13.37 46.41 -9.25
C ASP D 304 -13.17 44.91 -9.06
N ILE D 305 -11.92 44.47 -8.99
CA ILE D 305 -11.57 43.06 -8.90
C ILE D 305 -11.22 42.72 -7.46
N MET D 306 -11.79 41.62 -6.96
CA MET D 306 -11.53 41.14 -5.62
C MET D 306 -11.03 39.70 -5.67
N PRO D 307 -10.11 39.32 -4.78
CA PRO D 307 -9.62 37.94 -4.78
C PRO D 307 -10.69 36.97 -4.32
N GLY D 308 -10.56 35.72 -4.78
CA GLY D 308 -11.47 34.66 -4.43
C GLY D 308 -10.76 33.49 -3.76
N THR D 309 -11.55 32.52 -3.32
CA THR D 309 -10.98 31.37 -2.63
C THR D 309 -10.17 30.49 -3.57
N ASN D 310 -10.74 30.16 -4.74
CA ASN D 310 -10.07 29.30 -5.70
C ASN D 310 -9.20 30.06 -6.69
N ASP D 311 -9.22 31.39 -6.65
CA ASP D 311 -8.38 32.18 -7.54
C ASP D 311 -6.92 32.07 -7.12
N PRO D 312 -5.98 32.33 -8.04
CA PRO D 312 -4.56 32.27 -7.69
C PRO D 312 -4.15 33.39 -6.75
N SER D 313 -4.55 33.28 -5.48
CA SER D 313 -4.23 34.26 -4.45
C SER D 313 -3.92 33.53 -3.15
N ASP D 314 -3.52 34.28 -2.14
CA ASP D 314 -3.15 33.69 -0.86
C ASP D 314 -4.36 32.97 -0.24
N LYS D 315 -4.11 31.76 0.28
CA LYS D 315 -5.18 30.98 0.88
C LYS D 315 -5.67 31.57 2.19
N SER D 316 -4.85 32.37 2.87
CA SER D 316 -5.30 33.04 4.07
C SER D 316 -6.39 34.05 3.74
N LEU D 317 -7.28 34.29 4.70
CA LEU D 317 -8.40 35.19 4.46
C LEU D 317 -7.99 36.59 4.04
N PRO D 318 -6.99 37.26 4.65
CA PRO D 318 -6.58 38.57 4.13
C PRO D 318 -5.80 38.46 2.82
N GLN D 319 -6.49 38.07 1.76
CA GLN D 319 -5.82 37.90 0.47
C GLN D 319 -5.44 39.25 -0.12
N GLN D 320 -4.21 39.35 -0.64
CA GLN D 320 -3.77 40.54 -1.33
C GLN D 320 -4.42 40.61 -2.71
N PRO D 321 -4.43 41.80 -3.35
CA PRO D 321 -4.93 41.89 -4.73
C PRO D 321 -4.26 40.91 -5.67
N PHE D 322 -4.88 40.67 -6.83
CA PHE D 322 -4.44 39.58 -7.71
C PHE D 322 -2.98 39.72 -8.10
N HIS D 323 -2.67 40.74 -8.90
CA HIS D 323 -1.31 41.13 -9.29
C HIS D 323 -1.44 42.29 -10.27
N LYS D 324 -0.30 42.94 -10.52
CA LYS D 324 -0.20 43.84 -11.67
C LYS D 324 -0.07 43.07 -12.97
N SER D 325 0.44 41.85 -12.91
CA SER D 325 0.57 40.97 -14.07
C SER D 325 -0.67 40.09 -14.18
N LEU D 326 -0.57 39.01 -14.96
CA LEU D 326 -1.60 38.00 -15.20
C LEU D 326 -2.71 38.50 -16.11
N PHE D 327 -2.52 39.63 -16.79
CA PHE D 327 -3.51 40.18 -17.70
C PHE D 327 -2.88 40.46 -19.04
N ASP D 328 -3.72 40.55 -20.07
CA ASP D 328 -3.24 40.73 -21.43
C ASP D 328 -2.56 42.09 -21.58
N LYS D 329 -1.75 42.21 -22.65
CA LYS D 329 -1.01 43.43 -22.91
C LYS D 329 -1.90 44.61 -23.24
N SER D 330 -3.17 44.37 -23.57
CA SER D 330 -4.10 45.47 -23.86
C SER D 330 -4.49 46.25 -22.60
N LEU D 331 -4.13 45.77 -21.42
CA LEU D 331 -4.46 46.44 -20.17
C LEU D 331 -3.30 47.26 -19.61
N GLU D 332 -2.25 47.48 -20.42
CA GLU D 332 -1.12 48.27 -19.95
C GLU D 332 -1.52 49.72 -19.65
N SER D 333 -2.42 50.27 -20.48
CA SER D 333 -2.91 51.62 -20.23
C SER D 333 -3.70 51.68 -18.93
N TYR D 334 -4.53 50.66 -18.65
CA TYR D 334 -5.29 50.62 -17.42
C TYR D 334 -4.41 50.35 -16.20
N PHE D 335 -3.26 49.73 -16.40
CA PHE D 335 -2.34 49.38 -15.31
C PHE D 335 -1.13 50.30 -15.25
N ASN D 336 -1.24 51.51 -15.80
CA ASN D 336 -0.13 52.46 -15.73
C ASN D 336 0.15 52.93 -14.31
N GLY D 337 -0.83 52.81 -13.41
CA GLY D 337 -0.65 53.22 -12.03
C GLY D 337 -1.39 54.49 -11.69
N SER D 338 -1.46 55.43 -12.64
CA SER D 338 -2.18 56.67 -12.42
C SER D 338 -3.69 56.49 -12.52
N ASN D 339 -4.15 55.57 -13.38
CA ASN D 339 -5.58 55.35 -13.62
C ASN D 339 -6.01 54.10 -12.86
N LYS D 340 -6.43 54.28 -11.62
CA LYS D 340 -6.96 53.20 -10.80
C LYS D 340 -8.43 53.35 -10.46
N GLU D 341 -9.04 54.50 -10.78
CA GLU D 341 -10.43 54.75 -10.41
C GLU D 341 -11.41 53.90 -11.21
N ILE D 342 -11.04 53.46 -12.41
CA ILE D 342 -11.92 52.64 -13.23
C ILE D 342 -11.56 51.16 -13.17
N LEU D 343 -10.35 50.81 -12.75
CA LEU D 343 -9.94 49.41 -12.60
C LEU D 343 -9.04 49.35 -11.37
N ASN D 344 -9.60 48.93 -10.24
CA ASN D 344 -8.90 48.89 -8.97
C ASN D 344 -8.97 47.49 -8.39
N LEU D 345 -7.81 46.97 -7.97
CA LEU D 345 -7.71 45.68 -7.31
C LEU D 345 -7.47 45.91 -5.82
N VAL D 346 -8.31 45.32 -4.98
CA VAL D 346 -8.26 45.52 -3.54
C VAL D 346 -8.03 44.18 -2.85
N THR D 347 -7.79 44.23 -1.55
CA THR D 347 -7.64 43.03 -0.76
C THR D 347 -8.98 42.32 -0.60
N ASN D 348 -8.93 41.10 -0.08
CA ASN D 348 -10.15 40.33 0.12
C ASN D 348 -11.12 41.04 1.04
N PRO D 349 -10.73 41.45 2.25
CA PRO D 349 -11.62 42.32 3.04
C PRO D 349 -11.34 43.78 2.78
N TYR D 350 -12.37 44.55 2.45
CA TYR D 350 -12.18 45.96 2.13
C TYR D 350 -13.43 46.74 2.50
N GLU D 351 -13.27 48.05 2.66
CA GLU D 351 -14.35 48.96 3.00
C GLU D 351 -14.51 49.95 1.86
N PHE D 352 -15.38 49.62 0.90
CA PHE D 352 -15.63 50.48 -0.26
C PHE D 352 -16.51 51.64 0.18
N SER D 353 -15.94 52.84 0.23
CA SER D 353 -16.70 54.05 0.57
C SER D 353 -17.31 54.63 -0.70
N TYR D 354 -18.33 53.92 -1.20
CA TYR D 354 -18.99 54.28 -2.45
C TYR D 354 -19.94 55.43 -2.20
N ASN D 355 -19.60 56.61 -2.71
CA ASN D 355 -20.44 57.80 -2.62
C ASN D 355 -20.81 58.12 -1.17
N GLY D 356 -19.84 57.97 -0.27
CA GLY D 356 -20.06 58.20 1.14
C GLY D 356 -20.66 57.04 1.90
N VAL D 357 -20.92 55.92 1.24
CA VAL D 357 -21.46 54.72 1.87
C VAL D 357 -20.35 53.69 1.96
N ASP D 358 -19.97 53.33 3.18
CA ASP D 358 -18.93 52.33 3.41
C ASP D 358 -19.57 50.95 3.45
N VAL D 359 -19.10 50.06 2.58
CA VAL D 359 -19.62 48.69 2.52
C VAL D 359 -18.44 47.73 2.69
N LEU D 360 -18.73 46.61 3.35
CA LEU D 360 -17.73 45.59 3.62
C LEU D 360 -18.00 44.37 2.74
N ALA D 361 -16.99 43.96 1.98
CA ALA D 361 -17.12 42.84 1.06
C ALA D 361 -15.99 41.84 1.32
N VAL D 362 -16.35 40.56 1.36
CA VAL D 362 -15.39 39.48 1.54
C VAL D 362 -15.70 38.38 0.53
N SER D 363 -14.69 37.55 0.26
CA SER D 363 -14.87 36.45 -0.69
C SER D 363 -15.87 35.43 -0.18
N GLY D 364 -15.97 35.25 1.14
CA GLY D 364 -16.87 34.28 1.72
C GLY D 364 -16.21 33.05 2.29
N LYS D 365 -14.88 33.05 2.44
CA LYS D 365 -14.19 31.88 2.98
C LYS D 365 -14.55 31.63 4.44
N ASN D 366 -14.81 32.68 5.20
CA ASN D 366 -15.15 32.51 6.61
C ASN D 366 -16.47 31.76 6.77
N ILE D 367 -17.50 32.17 6.02
CA ILE D 367 -18.81 31.54 6.13
C ILE D 367 -18.72 30.07 5.70
N ASN D 368 -18.00 29.80 4.62
CA ASN D 368 -17.79 28.42 4.20
C ASN D 368 -16.99 27.64 5.24
N ASP D 369 -16.14 28.33 6.00
CA ASP D 369 -15.36 27.66 7.04
C ASP D 369 -16.26 27.22 8.20
N ILE D 370 -17.13 28.11 8.67
CA ILE D 370 -18.05 27.71 9.73
C ILE D 370 -19.07 26.71 9.20
N CYS D 371 -19.46 26.83 7.93
CA CYS D 371 -20.42 25.90 7.35
C CYS D 371 -19.87 24.48 7.30
N LYS D 372 -18.57 24.33 7.01
CA LYS D 372 -17.97 23.02 6.93
C LYS D 372 -17.92 22.31 8.27
N TYR D 373 -18.11 23.03 9.38
CA TYR D 373 -18.15 22.44 10.70
C TYR D 373 -19.57 21.98 11.03
N VAL D 374 -19.65 20.89 11.80
CA VAL D 374 -20.92 20.36 12.27
C VAL D 374 -21.06 20.71 13.74
N ILE D 375 -22.09 21.51 14.07
CA ILE D 375 -22.32 21.97 15.43
C ILE D 375 -23.60 21.35 15.94
N PRO D 376 -23.53 20.34 16.83
CA PRO D 376 -24.73 19.67 17.35
C PRO D 376 -25.39 20.40 18.52
N SER D 377 -25.50 21.72 18.39
CA SER D 377 -26.15 22.53 19.41
C SER D 377 -27.17 23.53 18.86
N ASN D 378 -27.08 23.93 17.59
CA ASN D 378 -28.00 24.89 17.01
C ASN D 378 -29.24 24.20 16.46
N ASP D 397 -27.82 23.55 6.02
CA ASP D 397 -27.34 24.43 4.94
C ASP D 397 -28.51 25.07 4.21
N ASP D 398 -29.14 26.05 4.85
CA ASP D 398 -30.28 26.76 4.28
C ASP D 398 -29.99 28.25 4.23
N ILE D 399 -30.81 28.97 3.46
CA ILE D 399 -30.64 30.42 3.33
C ILE D 399 -30.88 31.09 4.68
N GLU D 400 -31.92 30.65 5.41
CA GLU D 400 -32.19 31.21 6.73
C GLU D 400 -31.07 30.90 7.70
N HIS D 401 -30.52 29.68 7.64
CA HIS D 401 -29.39 29.33 8.50
C HIS D 401 -28.18 30.19 8.18
N ARG D 402 -27.92 30.42 6.89
CA ARG D 402 -26.80 31.28 6.51
C ARG D 402 -27.00 32.71 7.00
N LEU D 403 -28.22 33.22 6.91
CA LEU D 403 -28.50 34.57 7.39
C LEU D 403 -28.33 34.66 8.91
N ASP D 404 -28.77 33.63 9.63
CA ASP D 404 -28.55 33.59 11.08
C ASP D 404 -27.06 33.54 11.40
N LEU D 405 -26.29 32.80 10.60
CA LEU D 405 -24.85 32.76 10.78
C LEU D 405 -24.23 34.13 10.56
N MET D 406 -24.70 34.86 9.53
CA MET D 406 -24.22 36.22 9.31
C MET D 406 -24.59 37.14 10.47
N GLU D 407 -25.79 36.98 11.00
CA GLU D 407 -26.20 37.76 12.18
C GLU D 407 -25.29 37.48 13.36
N CYS D 408 -24.98 36.22 13.61
CA CYS D 408 -24.08 35.88 14.71
C CYS D 408 -22.69 36.45 14.48
N THR D 409 -22.21 36.39 13.24
CA THR D 409 -20.90 36.95 12.91
C THR D 409 -20.86 38.46 13.18
N MET D 410 -21.92 39.16 12.79
CA MET D 410 -21.99 40.60 13.05
C MET D 410 -22.08 40.88 14.55
N LYS D 411 -22.86 40.09 15.29
CA LYS D 411 -23.05 40.34 16.72
C LYS D 411 -21.78 40.07 17.51
N TRP D 412 -20.98 39.08 17.09
CA TRP D 412 -19.74 38.75 17.79
C TRP D 412 -18.64 39.77 17.56
N GLN D 413 -18.87 40.77 16.70
CA GLN D 413 -17.91 41.85 16.45
C GLN D 413 -16.60 41.33 15.86
N ASN D 414 -16.67 40.28 15.05
CA ASN D 414 -15.52 39.74 14.35
C ASN D 414 -15.96 39.23 12.99
N ILE D 415 -14.99 39.14 12.08
CA ILE D 415 -15.28 38.70 10.71
C ILE D 415 -15.10 37.20 10.56
N ALA D 416 -14.08 36.63 11.19
CA ALA D 416 -13.75 35.21 11.07
C ALA D 416 -13.74 34.58 12.46
N PRO D 417 -14.88 34.05 12.91
CA PRO D 417 -14.89 33.37 14.23
C PRO D 417 -13.95 32.19 14.30
N THR D 418 -13.78 31.45 13.20
CA THR D 418 -12.85 30.32 13.15
C THR D 418 -11.52 30.82 12.63
N ALA D 419 -10.68 31.32 13.54
CA ALA D 419 -9.39 31.87 13.15
C ALA D 419 -8.47 30.85 12.49
N PRO D 420 -8.25 29.65 13.04
CA PRO D 420 -7.31 28.71 12.38
C PRO D 420 -7.72 28.32 10.97
N ASP D 421 -9.03 28.19 10.71
CA ASP D 421 -9.48 27.81 9.37
C ASP D 421 -9.38 28.97 8.39
N THR D 422 -9.67 30.19 8.84
CA THR D 422 -9.76 31.32 7.93
C THR D 422 -8.40 31.92 7.62
N LEU D 423 -7.70 32.42 8.63
CA LEU D 423 -6.44 33.13 8.45
C LEU D 423 -5.31 32.40 9.14
N TRP D 424 -4.09 32.69 8.71
CA TRP D 424 -2.87 32.09 9.27
C TRP D 424 -1.89 33.21 9.60
N CYS D 425 -1.70 33.45 10.90
CA CYS D 425 -0.76 34.45 11.40
C CYS D 425 -1.07 35.85 10.85
N TYR D 426 -0.09 36.74 10.92
CA TYR D 426 -0.26 38.10 10.45
C TYR D 426 1.12 38.68 10.17
N PRO D 427 1.21 39.75 9.37
CA PRO D 427 2.50 40.39 9.04
C PRO D 427 2.42 41.92 9.10
N ASP D 432 -5.14 42.84 15.36
CA ASP D 432 -5.90 41.98 14.47
C ASP D 432 -6.87 42.81 13.61
N PRO D 433 -6.60 42.86 12.31
CA PRO D 433 -7.49 43.62 11.42
C PRO D 433 -8.91 43.08 11.37
N PHE D 434 -9.10 41.78 11.63
CA PHE D 434 -10.43 41.20 11.55
C PHE D 434 -11.33 41.66 12.69
N VAL D 435 -10.77 42.19 13.76
CA VAL D 435 -11.58 42.78 14.84
C VAL D 435 -12.15 44.10 14.32
N LEU D 436 -13.48 44.18 14.27
CA LEU D 436 -14.14 45.34 13.67
C LEU D 436 -13.89 46.59 14.52
N ASP D 437 -13.64 47.70 13.82
CA ASP D 437 -13.50 49.01 14.46
C ASP D 437 -14.59 49.99 14.06
N LYS D 438 -15.31 49.73 12.97
CA LYS D 438 -16.41 50.58 12.54
C LYS D 438 -17.39 49.72 11.77
N TRP D 439 -18.67 49.79 12.15
CA TRP D 439 -19.68 48.94 11.54
C TRP D 439 -19.99 49.42 10.12
N PRO D 440 -19.87 48.57 9.10
CA PRO D 440 -20.19 49.00 7.74
C PRO D 440 -21.70 49.12 7.52
N HIS D 441 -22.05 49.93 6.53
CA HIS D 441 -23.46 50.09 6.18
C HIS D 441 -24.03 48.83 5.54
N VAL D 442 -23.27 48.21 4.65
CA VAL D 442 -23.73 47.06 3.87
C VAL D 442 -22.70 45.94 3.99
N TYR D 443 -23.16 44.73 4.26
CA TYR D 443 -22.32 43.55 4.34
C TYR D 443 -22.45 42.72 3.07
N ILE D 444 -21.33 42.42 2.44
CA ILE D 444 -21.30 41.68 1.19
C ILE D 444 -20.46 40.42 1.38
N VAL D 445 -21.04 39.27 1.07
CA VAL D 445 -20.35 37.99 1.13
C VAL D 445 -20.63 37.23 -0.16
N ALA D 446 -19.59 36.67 -0.76
CA ALA D 446 -19.67 35.99 -2.04
C ALA D 446 -19.57 34.48 -1.85
N ASN D 447 -19.74 33.76 -2.96
CA ASN D 447 -19.61 32.30 -3.01
C ASN D 447 -20.55 31.62 -2.02
N GLN D 448 -21.85 31.86 -2.22
CA GLN D 448 -22.88 31.26 -1.39
C GLN D 448 -23.93 30.58 -2.26
N PRO D 449 -24.37 29.38 -1.89
CA PRO D 449 -25.37 28.68 -2.73
C PRO D 449 -26.71 29.37 -2.77
N TYR D 450 -27.02 30.23 -1.81
CA TYR D 450 -28.32 30.90 -1.75
C TYR D 450 -28.12 32.40 -1.62
N PHE D 451 -29.06 33.16 -2.17
CA PHE D 451 -29.06 34.61 -2.10
C PHE D 451 -30.12 35.07 -1.12
N GLY D 452 -29.75 35.95 -0.21
CA GLY D 452 -30.69 36.50 0.76
C GLY D 452 -30.27 37.90 1.17
N THR D 453 -31.27 38.71 1.49
CA THR D 453 -31.06 40.08 1.94
C THR D 453 -31.87 40.33 3.20
N ARG D 454 -31.30 41.13 4.11
CA ARG D 454 -31.95 41.40 5.38
C ARG D 454 -31.42 42.70 5.94
N VAL D 455 -32.31 43.49 6.54
CA VAL D 455 -31.96 44.71 7.26
C VAL D 455 -32.11 44.43 8.74
N VAL D 456 -31.11 44.84 9.52
CA VAL D 456 -31.04 44.53 10.94
C VAL D 456 -30.84 45.81 11.73
N GLU D 457 -31.10 45.72 13.03
CA GLU D 457 -30.93 46.85 13.95
C GLU D 457 -30.27 46.33 15.22
N ILE D 458 -28.96 46.54 15.34
CA ILE D 458 -28.18 46.13 16.50
C ILE D 458 -27.63 47.38 17.16
N GLY D 459 -27.99 47.60 18.42
CA GLY D 459 -27.51 48.75 19.16
C GLY D 459 -27.90 50.07 18.56
N GLY D 460 -29.09 50.17 17.97
CA GLY D 460 -29.54 51.39 17.36
C GLY D 460 -28.94 51.70 16.00
N LYS D 461 -28.16 50.78 15.44
CA LYS D 461 -27.53 50.97 14.14
C LYS D 461 -28.10 49.99 13.13
N ASN D 462 -28.30 50.46 11.90
CA ASN D 462 -28.88 49.66 10.83
C ASN D 462 -27.77 49.14 9.92
N ILE D 463 -27.72 47.82 9.76
CA ILE D 463 -26.72 47.16 8.92
C ILE D 463 -27.45 46.25 7.94
N LYS D 464 -27.10 46.35 6.66
CA LYS D 464 -27.69 45.53 5.62
C LYS D 464 -26.73 44.40 5.27
N ILE D 465 -27.25 43.17 5.21
CA ILE D 465 -26.45 41.99 4.90
C ILE D 465 -26.96 41.42 3.58
N ILE D 466 -26.06 41.32 2.61
CA ILE D 466 -26.36 40.80 1.29
C ILE D 466 -25.40 39.66 0.99
N SER D 467 -25.95 38.52 0.55
CA SER D 467 -25.17 37.33 0.21
C SER D 467 -25.33 37.07 -1.28
N VAL D 468 -24.42 37.64 -2.08
CA VAL D 468 -24.49 37.45 -3.53
C VAL D 468 -24.16 36.00 -3.86
N PRO D 469 -24.91 35.36 -4.76
CA PRO D 469 -24.63 33.96 -5.12
C PRO D 469 -23.57 33.85 -6.21
N GLU D 470 -23.14 32.62 -6.44
CA GLU D 470 -22.17 32.34 -7.48
C GLU D 470 -22.79 32.50 -8.86
N PHE D 471 -21.95 32.86 -9.83
CA PHE D 471 -22.41 33.06 -11.21
C PHE D 471 -22.29 31.81 -12.06
N SER D 472 -21.44 30.85 -11.68
CA SER D 472 -21.31 29.62 -12.45
C SER D 472 -22.60 28.81 -12.42
N SER D 473 -23.22 28.70 -11.25
CA SER D 473 -24.49 28.02 -11.09
C SER D 473 -25.52 29.00 -10.55
N THR D 474 -26.70 29.02 -11.15
CA THR D 474 -27.73 30.02 -10.86
C THR D 474 -27.14 31.43 -10.95
N GLY D 475 -26.68 31.77 -12.15
CA GLY D 475 -25.93 32.99 -12.37
C GLY D 475 -26.76 34.25 -12.33
N MET D 476 -27.25 34.60 -11.14
CA MET D 476 -27.97 35.85 -10.94
C MET D 476 -27.07 36.86 -10.24
N ILE D 477 -27.28 38.14 -10.58
CA ILE D 477 -26.49 39.22 -10.02
C ILE D 477 -27.40 40.14 -9.23
N ILE D 478 -26.79 40.98 -8.39
CA ILE D 478 -27.51 41.85 -7.47
C ILE D 478 -27.20 43.29 -7.80
N LEU D 479 -28.24 44.10 -7.98
CA LEU D 479 -28.10 45.54 -8.19
C LEU D 479 -28.47 46.24 -6.89
N LEU D 480 -27.47 46.83 -6.24
CA LEU D 480 -27.67 47.50 -4.96
C LEU D 480 -27.83 49.00 -5.22
N ASP D 481 -29.02 49.53 -4.92
CA ASP D 481 -29.30 50.94 -5.07
C ASP D 481 -28.86 51.68 -3.81
N LEU D 482 -27.95 52.63 -3.96
CA LEU D 482 -27.42 53.36 -2.81
C LEU D 482 -28.41 54.37 -2.25
N GLU D 483 -29.34 54.86 -3.07
CA GLU D 483 -30.28 55.89 -2.60
C GLU D 483 -31.28 55.32 -1.61
N THR D 484 -31.88 54.17 -1.93
CA THR D 484 -32.92 53.59 -1.09
C THR D 484 -32.46 52.33 -0.36
N LEU D 485 -31.18 51.97 -0.48
CA LEU D 485 -30.63 50.78 0.16
C LEU D 485 -31.45 49.53 -0.18
N GLU D 486 -31.77 49.41 -1.47
CA GLU D 486 -32.58 48.29 -1.98
C GLU D 486 -31.75 47.48 -2.96
N ALA D 487 -31.90 46.16 -2.88
CA ALA D 487 -31.17 45.22 -3.72
C ALA D 487 -32.15 44.46 -4.60
N GLU D 488 -31.89 44.46 -5.91
CA GLU D 488 -32.70 43.73 -6.87
C GLU D 488 -31.83 42.73 -7.61
N THR D 489 -32.43 41.62 -8.01
CA THR D 489 -31.71 40.51 -8.64
C THR D 489 -32.06 40.41 -10.12
N VAL D 490 -31.05 40.15 -10.94
CA VAL D 490 -31.21 39.94 -12.38
C VAL D 490 -30.70 38.53 -12.68
N LYS D 491 -31.56 37.72 -13.26
CA LYS D 491 -31.25 36.32 -13.54
C LYS D 491 -30.89 36.15 -15.01
N ILE D 492 -29.78 35.45 -15.27
CA ILE D 492 -29.32 35.15 -16.62
C ILE D 492 -29.37 33.65 -16.81
N ASP D 493 -30.08 33.19 -17.83
CA ASP D 493 -30.24 31.78 -18.13
C ASP D 493 -29.58 31.46 -19.46
N ILE D 494 -28.68 30.49 -19.44
CA ILE D 494 -27.96 30.04 -20.63
C ILE D 494 -27.26 31.21 -21.33
N MET E 1 -28.95 51.92 -44.92
CA MET E 1 -28.21 50.97 -44.10
C MET E 1 -28.32 49.55 -44.66
N ASP E 2 -29.38 49.32 -45.44
CA ASP E 2 -29.58 48.01 -46.05
C ASP E 2 -28.56 47.76 -47.14
N GLN E 3 -28.47 46.50 -47.56
CA GLN E 3 -27.56 45.98 -48.58
C GLN E 3 -26.10 46.02 -48.13
N LYS E 4 -25.81 46.51 -46.93
CA LYS E 4 -24.46 46.50 -46.38
C LYS E 4 -24.36 45.62 -45.14
N ALA E 5 -25.23 45.85 -44.15
CA ALA E 5 -25.27 44.96 -42.99
C ALA E 5 -25.70 43.56 -43.41
N SER E 6 -26.65 43.46 -44.34
CA SER E 6 -27.06 42.15 -44.85
C SER E 6 -25.89 41.43 -45.52
N TYR E 7 -25.11 42.16 -46.33
CA TYR E 7 -23.95 41.55 -46.97
C TYR E 7 -22.90 41.13 -45.95
N PHE E 8 -22.67 41.95 -44.93
CA PHE E 8 -21.70 41.60 -43.90
C PHE E 8 -22.15 40.35 -43.14
N ILE E 9 -23.44 40.26 -42.81
CA ILE E 9 -23.95 39.07 -42.13
C ILE E 9 -23.82 37.85 -43.02
N ASN E 10 -24.14 38.00 -44.31
CA ASN E 10 -24.00 36.88 -45.24
C ASN E 10 -22.56 36.39 -45.31
N GLU E 11 -21.61 37.32 -45.39
CA GLU E 11 -20.20 36.94 -45.44
C GLU E 11 -19.78 36.24 -44.16
N LYS E 12 -20.07 36.84 -43.00
CA LYS E 12 -19.66 36.29 -41.72
C LYS E 12 -20.38 34.98 -41.41
N LEU E 13 -21.49 34.68 -42.09
CA LEU E 13 -22.23 33.45 -41.85
C LEU E 13 -21.86 32.33 -42.82
N PHE E 14 -21.49 32.64 -44.06
CA PHE E 14 -21.24 31.60 -45.05
C PHE E 14 -19.83 31.60 -45.60
N THR E 15 -19.23 32.76 -45.87
CA THR E 15 -17.86 32.79 -46.37
C THR E 15 -16.91 32.19 -45.34
N GLU E 16 -17.06 32.58 -44.09
CA GLU E 16 -16.38 31.95 -42.96
C GLU E 16 -17.43 31.50 -41.96
N VAL E 17 -17.31 30.26 -41.49
CA VAL E 17 -18.33 29.67 -40.61
C VAL E 17 -18.09 30.21 -39.20
N LYS E 18 -18.91 31.18 -38.78
CA LYS E 18 -18.80 31.78 -37.47
C LYS E 18 -20.12 32.46 -37.09
N PRO E 19 -20.66 32.20 -35.92
CA PRO E 19 -21.89 32.88 -35.49
C PRO E 19 -21.65 34.38 -35.35
N VAL E 20 -22.69 35.16 -35.66
CA VAL E 20 -22.62 36.61 -35.62
C VAL E 20 -23.58 37.13 -34.56
N LEU E 21 -23.14 38.12 -33.80
CA LEU E 21 -23.94 38.79 -32.79
C LEU E 21 -24.25 40.21 -33.24
N PHE E 22 -25.18 40.86 -32.53
CA PHE E 22 -25.47 42.25 -32.84
C PHE E 22 -24.32 43.16 -32.44
N THR E 23 -23.57 42.79 -31.40
CA THR E 23 -22.38 43.56 -31.03
C THR E 23 -21.39 43.64 -32.18
N ASP E 24 -21.35 42.60 -33.02
CA ASP E 24 -20.51 42.66 -34.21
C ASP E 24 -20.94 43.79 -35.13
N LEU E 25 -22.25 43.99 -35.30
CA LEU E 25 -22.73 45.09 -36.13
C LEU E 25 -22.52 46.44 -35.45
N ILE E 26 -22.60 46.50 -34.11
CA ILE E 26 -22.26 47.73 -33.41
C ILE E 26 -20.79 48.09 -33.68
N HIS E 27 -19.92 47.09 -33.66
CA HIS E 27 -18.51 47.35 -33.96
C HIS E 27 -18.30 47.70 -35.43
N HIS E 28 -19.10 47.12 -36.33
CA HIS E 28 -18.88 47.30 -37.76
C HIS E 28 -19.43 48.64 -38.25
N LEU E 29 -20.74 48.85 -38.14
CA LEU E 29 -21.39 50.04 -38.67
C LEU E 29 -21.54 51.17 -37.65
N LYS E 30 -21.10 50.96 -36.41
CA LYS E 30 -21.16 51.98 -35.36
C LYS E 30 -22.57 52.53 -35.19
N ILE E 31 -23.55 51.62 -35.14
CA ILE E 31 -24.95 51.99 -35.03
C ILE E 31 -25.48 51.49 -33.70
N GLY E 32 -26.62 52.05 -33.29
CA GLY E 32 -27.23 51.74 -32.02
C GLY E 32 -27.80 50.33 -31.97
N PRO E 33 -27.98 49.80 -30.77
CA PRO E 33 -28.53 48.43 -30.64
C PRO E 33 -29.91 48.26 -31.24
N SER E 34 -30.76 49.29 -31.16
CA SER E 34 -32.09 49.18 -31.75
C SER E 34 -32.03 49.01 -33.26
N MET E 35 -31.15 49.76 -33.92
CA MET E 35 -30.99 49.62 -35.36
C MET E 35 -30.47 48.24 -35.73
N ALA E 36 -29.52 47.71 -34.94
CA ALA E 36 -29.00 46.37 -35.21
C ALA E 36 -30.09 45.31 -35.03
N LYS E 37 -30.93 45.47 -34.00
CA LYS E 37 -32.03 44.53 -33.79
C LYS E 37 -33.04 44.60 -34.94
N LYS E 38 -33.33 45.82 -35.42
CA LYS E 38 -34.19 45.97 -36.59
C LYS E 38 -33.56 45.31 -37.82
N LEU E 39 -32.23 45.42 -37.95
CA LEU E 39 -31.55 44.78 -39.06
C LEU E 39 -31.65 43.26 -38.99
N MET E 40 -31.50 42.69 -37.79
CA MET E 40 -31.72 41.25 -37.62
C MET E 40 -33.15 40.86 -37.96
N PHE E 41 -34.13 41.66 -37.54
CA PHE E 41 -35.51 41.35 -37.88
C PHE E 41 -35.73 41.39 -39.39
N ASP E 42 -35.14 42.37 -40.07
CA ASP E 42 -35.27 42.46 -41.52
C ASP E 42 -34.60 41.28 -42.21
N TYR E 43 -33.41 40.89 -41.74
CA TYR E 43 -32.70 39.76 -42.34
C TYR E 43 -33.36 38.42 -42.02
N TYR E 44 -34.14 38.35 -40.95
CA TYR E 44 -34.82 37.10 -40.61
C TYR E 44 -35.83 36.71 -41.67
N LYS E 45 -36.39 37.69 -42.38
CA LYS E 45 -37.34 37.45 -43.45
C LYS E 45 -36.59 37.43 -44.79
N GLN E 46 -37.37 37.28 -45.87
CA GLN E 46 -36.88 37.29 -47.26
C GLN E 46 -35.61 36.45 -47.44
N THR E 47 -35.53 35.34 -46.72
CA THR E 47 -34.43 34.39 -46.83
C THR E 47 -35.01 33.00 -47.09
N THR E 48 -34.84 32.51 -48.32
CA THR E 48 -35.34 31.18 -48.66
C THR E 48 -34.47 30.07 -48.10
N ASN E 49 -33.17 30.29 -47.99
CA ASN E 49 -32.23 29.28 -47.51
C ASN E 49 -32.17 29.36 -45.99
N ALA E 50 -32.79 28.39 -45.31
CA ALA E 50 -32.78 28.32 -43.85
C ALA E 50 -31.56 27.52 -43.40
N LYS E 51 -30.39 28.09 -43.64
CA LYS E 51 -29.12 27.45 -43.30
C LYS E 51 -28.58 27.88 -41.95
N TYR E 52 -29.35 28.64 -41.18
CA TYR E 52 -28.92 29.11 -39.87
C TYR E 52 -30.01 28.85 -38.84
N ASN E 53 -29.60 28.71 -37.59
CA ASN E 53 -30.50 28.53 -36.45
C ASN E 53 -30.51 29.82 -35.65
N CYS E 54 -31.62 30.55 -35.73
CA CYS E 54 -31.73 31.82 -35.03
C CYS E 54 -31.77 31.61 -33.52
N VAL E 55 -31.15 32.53 -32.80
CA VAL E 55 -31.13 32.52 -31.34
C VAL E 55 -31.89 33.75 -30.85
N VAL E 56 -32.94 33.54 -30.08
CA VAL E 56 -33.80 34.60 -29.59
C VAL E 56 -33.84 34.53 -28.07
N ILE E 57 -33.61 35.68 -27.42
CA ILE E 57 -33.66 35.76 -25.97
C ILE E 57 -34.97 36.42 -25.56
N CYS E 58 -35.28 36.37 -24.26
CA CYS E 58 -36.48 36.97 -23.72
C CYS E 58 -36.11 37.84 -22.53
N CYS E 59 -36.55 39.11 -22.57
CA CYS E 59 -36.32 40.06 -21.48
C CYS E 59 -37.61 40.18 -20.68
N TYR E 60 -37.62 39.64 -19.47
CA TYR E 60 -38.81 39.64 -18.64
C TYR E 60 -38.95 40.97 -17.89
N LYS E 61 -40.08 41.11 -17.19
CA LYS E 61 -40.30 42.30 -16.39
C LYS E 61 -39.29 42.41 -15.25
N ASP E 62 -38.94 41.27 -14.65
CA ASP E 62 -37.93 41.22 -13.59
C ASP E 62 -36.51 41.11 -14.14
N GLN E 63 -36.32 41.49 -15.40
CA GLN E 63 -35.00 41.44 -16.05
C GLN E 63 -34.41 40.03 -16.02
N THR E 64 -35.28 39.02 -16.17
CA THR E 64 -34.86 37.62 -16.20
C THR E 64 -34.50 37.26 -17.64
N ILE E 65 -33.23 37.44 -17.99
CA ILE E 65 -32.77 37.13 -19.34
C ILE E 65 -32.68 35.62 -19.50
N LYS E 66 -33.38 35.09 -20.49
CA LYS E 66 -33.44 33.65 -20.74
C LYS E 66 -33.24 33.39 -22.22
N ILE E 67 -32.49 32.33 -22.52
CA ILE E 67 -32.26 31.90 -23.89
C ILE E 67 -33.33 30.88 -24.26
N ILE E 68 -34.02 31.12 -25.37
CA ILE E 68 -35.09 30.22 -25.80
C ILE E 68 -34.48 28.99 -26.44
N HIS E 69 -34.86 27.82 -25.93
CA HIS E 69 -34.34 26.55 -26.42
C HIS E 69 -35.40 25.65 -27.05
N ASP E 70 -36.64 25.69 -26.56
CA ASP E 70 -37.70 24.85 -27.11
C ASP E 70 -38.47 25.53 -28.24
N LEU E 71 -38.60 26.85 -28.21
CA LEU E 71 -39.31 27.65 -29.21
C LEU E 71 -40.76 27.24 -29.35
N SER E 72 -41.31 26.48 -28.41
CA SER E 72 -42.70 26.05 -28.46
C SER E 72 -43.51 26.54 -27.27
N ASN E 73 -42.99 26.38 -26.05
CA ASN E 73 -43.70 26.76 -24.84
C ASN E 73 -42.78 27.67 -24.02
N ILE E 74 -42.93 28.98 -24.18
CA ILE E 74 -42.15 29.97 -23.43
C ILE E 74 -42.98 30.40 -22.23
N PRO E 75 -42.53 30.16 -21.01
CA PRO E 75 -43.33 30.55 -19.83
C PRO E 75 -43.43 32.06 -19.70
N GLN E 76 -44.53 32.50 -19.09
CA GLN E 76 -44.79 33.92 -18.83
C GLN E 76 -44.77 34.74 -20.12
N GLN E 77 -45.75 34.43 -20.98
CA GLN E 77 -45.87 35.15 -22.25
C GLN E 77 -46.14 36.63 -22.03
N ASP E 78 -47.02 36.97 -21.09
CA ASP E 78 -47.38 38.36 -20.83
C ASP E 78 -46.31 39.11 -20.07
N SER E 79 -45.34 38.42 -19.44
CA SER E 79 -44.30 39.07 -18.67
C SER E 79 -43.11 39.50 -19.51
N ILE E 80 -43.06 39.14 -20.79
CA ILE E 80 -41.95 39.52 -21.64
C ILE E 80 -42.07 40.99 -22.02
N ILE E 81 -40.98 41.73 -21.88
CA ILE E 81 -40.94 43.15 -22.21
C ILE E 81 -40.14 43.44 -23.47
N ASP E 82 -39.32 42.49 -23.94
CA ASP E 82 -38.53 42.69 -25.14
C ASP E 82 -38.20 41.33 -25.76
N CYS E 83 -38.16 41.28 -27.08
CA CYS E 83 -37.84 40.05 -27.80
C CYS E 83 -37.15 40.41 -29.10
N PHE E 84 -35.95 39.84 -29.29
CA PHE E 84 -35.21 40.05 -30.52
C PHE E 84 -34.23 38.89 -30.73
N ILE E 85 -33.73 38.78 -31.95
CA ILE E 85 -32.81 37.70 -32.31
C ILE E 85 -31.45 38.02 -31.72
N TYR E 86 -31.00 37.20 -30.77
CA TYR E 86 -29.68 37.40 -30.17
C TYR E 86 -28.57 37.19 -31.20
N ALA E 87 -28.62 36.07 -31.92
CA ALA E 87 -27.54 35.74 -32.84
C ALA E 87 -28.05 34.75 -33.87
N PHE E 88 -27.28 34.61 -34.95
CA PHE E 88 -27.55 33.65 -36.01
C PHE E 88 -26.53 32.53 -35.90
N ASN E 89 -27.00 31.31 -35.69
CA ASN E 89 -26.14 30.15 -35.50
C ASN E 89 -26.22 29.24 -36.72
N PRO E 90 -25.12 29.00 -37.43
CA PRO E 90 -25.16 28.07 -38.57
C PRO E 90 -25.32 26.62 -38.17
N MET E 91 -25.14 26.29 -36.90
CA MET E 91 -25.32 24.93 -36.40
C MET E 91 -26.01 24.99 -35.04
N ASP E 92 -26.30 23.81 -34.48
CA ASP E 92 -27.01 23.75 -33.21
C ASP E 92 -26.16 24.29 -32.07
N SER E 93 -24.90 23.87 -31.99
CA SER E 93 -24.02 24.34 -30.92
C SER E 93 -23.62 25.78 -31.17
N PHE E 94 -23.63 26.59 -30.11
CA PHE E 94 -23.29 28.00 -30.23
C PHE E 94 -21.79 28.24 -30.05
N ILE E 95 -21.29 27.95 -28.85
CA ILE E 95 -19.87 28.09 -28.49
C ILE E 95 -19.25 29.33 -29.10
N PRO E 96 -19.70 30.54 -28.74
CA PRO E 96 -19.13 31.75 -29.34
C PRO E 96 -17.70 31.99 -28.87
N TYR E 97 -16.95 32.69 -29.72
CA TYR E 97 -15.57 33.08 -29.42
C TYR E 97 -15.50 34.60 -29.29
N TYR E 98 -14.75 35.05 -28.29
CA TYR E 98 -14.63 36.47 -27.99
C TYR E 98 -13.18 36.90 -28.11
N ASP E 99 -12.97 38.10 -28.65
CA ASP E 99 -11.63 38.64 -28.86
C ASP E 99 -11.65 40.13 -28.51
N ILE E 100 -10.57 40.82 -28.87
CA ILE E 100 -10.44 42.24 -28.57
C ILE E 100 -11.18 43.05 -29.62
N ILE E 101 -12.05 43.95 -29.17
CA ILE E 101 -12.80 44.84 -30.06
C ILE E 101 -12.42 46.27 -29.71
N ASP E 102 -12.02 47.03 -30.73
CA ASP E 102 -11.62 48.43 -30.54
C ASP E 102 -12.86 49.30 -30.57
N GLN E 103 -13.46 49.49 -29.39
CA GLN E 103 -14.68 50.29 -29.25
C GLN E 103 -14.30 51.76 -29.06
N LYS E 104 -13.80 52.35 -30.15
CA LYS E 104 -13.35 53.74 -30.10
C LYS E 104 -14.53 54.70 -29.93
N ASP E 105 -15.58 54.53 -30.74
CA ASP E 105 -16.71 55.45 -30.67
C ASP E 105 -18.06 54.74 -30.83
N CYS E 106 -18.11 53.43 -30.58
CA CYS E 106 -19.36 52.68 -30.69
C CYS E 106 -20.11 52.56 -29.37
N LEU E 107 -19.60 53.16 -28.30
CA LEU E 107 -20.27 53.08 -27.01
C LEU E 107 -21.57 53.85 -27.02
N THR E 108 -22.60 53.26 -26.40
CA THR E 108 -23.86 53.95 -26.17
C THR E 108 -23.96 54.54 -24.76
N ILE E 109 -23.20 54.01 -23.81
CA ILE E 109 -23.10 54.55 -22.47
C ILE E 109 -21.62 54.71 -22.15
N LYS E 110 -21.20 55.94 -21.88
CA LYS E 110 -19.80 56.26 -21.62
C LYS E 110 -19.62 56.60 -20.15
N ASN E 111 -18.62 55.98 -19.52
CA ASN E 111 -18.34 56.25 -18.12
C ASN E 111 -17.85 57.68 -17.93
N SER E 112 -18.24 58.28 -16.80
CA SER E 112 -17.84 59.67 -16.52
C SER E 112 -16.33 59.80 -16.35
N TYR E 113 -15.63 58.72 -16.02
CA TYR E 113 -14.20 58.75 -15.82
C TYR E 113 -13.48 58.46 -17.13
N GLU E 114 -12.58 59.35 -17.53
CA GLU E 114 -11.89 59.23 -18.80
C GLU E 114 -10.59 58.44 -18.62
N LEU E 115 -9.90 58.20 -19.73
CA LEU E 115 -8.64 57.47 -19.74
C LEU E 115 -7.49 58.42 -20.03
N LYS E 116 -6.44 58.34 -19.22
CA LYS E 116 -5.25 59.16 -19.39
C LYS E 116 -4.02 58.27 -19.38
N VAL E 117 -3.08 58.58 -20.27
CA VAL E 117 -1.85 57.80 -20.42
C VAL E 117 -0.67 58.72 -20.13
N SER E 118 0.22 58.27 -19.25
CA SER E 118 1.42 59.02 -18.87
C SER E 118 1.07 60.41 -18.34
N THR F 128 37.33 -18.27 34.13
CA THR F 128 36.50 -17.08 33.97
C THR F 128 35.13 -17.44 33.39
N VAL F 129 34.46 -16.46 32.82
CA VAL F 129 33.14 -16.69 32.23
C VAL F 129 33.29 -17.51 30.95
N TYR F 130 32.42 -18.51 30.79
CA TYR F 130 32.46 -19.33 29.58
C TYR F 130 32.15 -18.51 28.34
N THR F 131 31.18 -17.62 28.43
CA THR F 131 30.71 -16.80 27.30
C THR F 131 30.34 -17.74 26.15
N ARG F 132 30.53 -17.30 24.91
CA ARG F 132 30.23 -18.13 23.74
C ARG F 132 31.36 -18.21 22.73
N GLU F 133 32.26 -17.22 22.67
CA GLU F 133 33.38 -17.30 21.74
C GLU F 133 34.32 -18.45 22.09
N ALA F 134 34.60 -18.63 23.39
CA ALA F 134 35.47 -19.73 23.81
C ALA F 134 34.77 -21.08 23.69
N TYR F 135 33.43 -21.10 23.68
CA TYR F 135 32.71 -22.35 23.52
C TYR F 135 33.01 -23.00 22.17
N PHE F 136 33.08 -22.20 21.11
CA PHE F 136 33.41 -22.74 19.80
C PHE F 136 34.83 -23.28 19.76
N HIS F 137 35.77 -22.59 20.40
CA HIS F 137 37.14 -23.08 20.45
C HIS F 137 37.23 -24.40 21.21
N GLU F 138 36.51 -24.51 22.34
CA GLU F 138 36.48 -25.76 23.07
C GLU F 138 35.83 -26.87 22.27
N LYS F 139 34.78 -26.54 21.50
CA LYS F 139 34.15 -27.51 20.64
C LYS F 139 35.11 -28.01 19.56
N ALA F 140 35.87 -27.11 18.96
CA ALA F 140 36.86 -27.51 17.97
C ALA F 140 37.94 -28.39 18.58
N HIS F 141 38.40 -28.04 19.78
CA HIS F 141 39.39 -28.87 20.47
C HIS F 141 38.83 -30.26 20.77
N GLY F 142 37.58 -30.33 21.19
CA GLY F 142 36.95 -31.62 21.44
C GLY F 142 36.80 -32.44 20.17
N GLN F 143 36.46 -31.78 19.06
CA GLN F 143 36.37 -32.48 17.78
C GLN F 143 37.73 -33.04 17.37
N THR F 144 38.79 -32.24 17.55
CA THR F 144 40.13 -32.72 17.23
C THR F 144 40.52 -33.90 18.12
N LEU F 145 40.21 -33.83 19.41
CA LEU F 145 40.53 -34.93 20.32
C LEU F 145 39.75 -36.19 19.95
N GLN F 146 38.48 -36.04 19.59
CA GLN F 146 37.69 -37.20 19.18
C GLN F 146 38.22 -37.80 17.88
N ASP F 147 38.64 -36.96 16.95
CA ASP F 147 39.23 -37.46 15.71
C ASP F 147 40.51 -38.23 16.00
N GLN F 148 41.35 -37.71 16.91
CA GLN F 148 42.56 -38.42 17.29
C GLN F 148 42.24 -39.76 17.95
N ILE F 149 41.22 -39.78 18.81
CA ILE F 149 40.82 -41.02 19.47
C ILE F 149 40.33 -42.04 18.44
N LEU F 150 39.53 -41.59 17.47
CA LEU F 150 39.05 -42.49 16.43
C LEU F 150 40.19 -43.01 15.57
N LYS F 151 41.17 -42.15 15.26
CA LYS F 151 42.33 -42.60 14.50
C LYS F 151 43.13 -43.64 15.27
N ASP F 152 43.30 -43.42 16.57
CA ASP F 152 44.01 -44.40 17.41
C ASP F 152 43.25 -45.72 17.47
N GLN F 153 41.92 -45.66 17.58
CA GLN F 153 41.11 -46.88 17.61
C GLN F 153 41.21 -47.64 16.30
N TYR F 154 41.16 -46.93 15.17
CA TYR F 154 41.24 -47.56 13.86
C TYR F 154 42.71 -47.81 13.52
N LYS F 155 43.19 -49.00 13.87
CA LYS F 155 44.57 -49.40 13.61
C LYS F 155 44.68 -50.39 12.46
N ASP F 156 43.57 -50.66 11.75
CA ASP F 156 43.58 -51.61 10.66
C ASP F 156 44.18 -51.04 9.37
N GLN F 157 44.36 -49.73 9.29
CA GLN F 157 44.91 -49.12 8.09
C GLN F 157 46.39 -49.50 7.94
N ILE F 158 46.79 -49.79 6.70
CA ILE F 158 48.17 -50.15 6.43
C ILE F 158 49.08 -48.94 6.62
N SER F 159 50.33 -49.19 6.99
CA SER F 159 51.30 -48.13 7.19
C SER F 159 51.83 -47.63 5.85
N SER F 160 51.93 -46.31 5.72
CA SER F 160 52.43 -45.62 4.52
C SER F 160 51.56 -45.88 3.29
N GLN F 161 50.39 -46.49 3.46
CA GLN F 161 49.47 -46.76 2.36
C GLN F 161 48.05 -46.57 2.86
N SER F 162 47.32 -45.66 2.23
CA SER F 162 45.94 -45.34 2.61
C SER F 162 45.86 -44.85 4.07
N SER F 163 46.96 -44.26 4.56
CA SER F 163 47.00 -43.72 5.91
C SER F 163 47.60 -42.32 6.00
N LYS F 164 48.38 -41.89 5.02
CA LYS F 164 48.96 -40.56 5.00
C LYS F 164 48.80 -39.90 3.64
N ILE F 165 47.78 -40.31 2.88
CA ILE F 165 47.55 -39.73 1.56
C ILE F 165 47.14 -38.27 1.68
N PHE F 166 46.34 -37.95 2.70
CA PHE F 166 45.88 -36.59 2.95
C PHE F 166 46.72 -35.88 4.00
N LYS F 167 48.02 -36.16 4.03
CA LYS F 167 48.90 -35.55 5.02
C LYS F 167 48.99 -34.04 4.77
N ASN F 168 49.17 -33.30 5.87
CA ASN F 168 49.23 -31.84 5.88
C ASN F 168 48.18 -31.22 4.94
N CYS F 169 46.95 -31.72 5.07
CA CYS F 169 45.84 -31.24 4.26
C CYS F 169 44.61 -31.07 5.15
N VAL F 170 43.86 -30.00 4.92
CA VAL F 170 42.65 -29.70 5.66
C VAL F 170 41.48 -29.66 4.66
N ILE F 171 40.46 -30.46 4.93
CA ILE F 171 39.31 -30.58 4.05
C ILE F 171 38.05 -30.19 4.82
N TYR F 172 37.26 -29.28 4.25
CA TYR F 172 36.00 -28.84 4.83
C TYR F 172 34.86 -29.21 3.89
N ILE F 173 33.86 -29.90 4.40
CA ILE F 173 32.72 -30.33 3.61
C ILE F 173 31.70 -29.21 3.58
N ASN F 174 31.26 -28.83 2.38
CA ASN F 174 30.30 -27.76 2.19
C ASN F 174 29.14 -28.31 1.38
N GLY F 175 27.92 -28.14 1.90
CA GLY F 175 26.73 -28.54 1.19
C GLY F 175 26.53 -30.05 1.14
N TYR F 176 25.58 -30.43 0.30
CA TYR F 176 25.26 -31.84 0.12
C TYR F 176 26.35 -32.55 -0.67
N THR F 177 26.77 -33.71 -0.19
CA THR F 177 27.78 -34.54 -0.85
C THR F 177 27.20 -35.92 -1.09
N LYS F 178 27.51 -36.49 -2.27
CA LYS F 178 26.99 -37.82 -2.60
C LYS F 178 27.44 -38.89 -1.61
N PRO F 179 28.72 -39.01 -1.25
CA PRO F 179 29.06 -39.92 -0.15
C PRO F 179 28.45 -39.52 1.17
N GLY F 180 28.30 -38.22 1.40
CA GLY F 180 27.71 -37.72 2.65
C GLY F 180 28.75 -37.54 3.74
N ARG F 181 28.48 -36.59 4.62
CA ARG F 181 29.38 -36.34 5.75
C ARG F 181 29.13 -37.36 6.84
N LEU F 182 30.07 -37.42 7.78
CA LEU F 182 30.20 -38.43 8.84
C LEU F 182 30.57 -39.80 8.26
N GLN F 183 30.61 -39.94 6.94
CA GLN F 183 31.21 -41.10 6.28
C GLN F 183 32.48 -40.72 5.55
N LEU F 184 32.45 -39.63 4.79
CA LEU F 184 33.67 -39.06 4.24
C LEU F 184 34.57 -38.54 5.36
N HIS F 185 33.98 -38.15 6.50
CA HIS F 185 34.76 -37.70 7.64
C HIS F 185 35.67 -38.80 8.16
N GLU F 186 35.16 -40.03 8.24
CA GLU F 186 35.98 -41.16 8.67
C GLU F 186 37.12 -41.41 7.70
N MET F 187 36.83 -41.37 6.39
CA MET F 187 37.88 -41.57 5.39
C MET F 187 38.94 -40.50 5.48
N ILE F 188 38.53 -39.25 5.75
CA ILE F 188 39.49 -38.15 5.87
C ILE F 188 40.34 -38.32 7.11
N VAL F 189 39.72 -38.63 8.25
CA VAL F 189 40.45 -38.68 9.52
C VAL F 189 41.39 -39.87 9.55
N LEU F 190 40.91 -41.05 9.14
CA LEU F 190 41.72 -42.25 9.20
C LEU F 190 42.94 -42.17 8.26
N HIS F 191 42.76 -41.55 7.10
CA HIS F 191 43.81 -41.50 6.08
C HIS F 191 44.67 -40.24 6.17
N GLY F 192 44.81 -39.66 7.36
CA GLY F 192 45.68 -38.52 7.56
C GLY F 192 44.99 -37.19 7.30
N GLY F 193 45.51 -36.15 7.91
CA GLY F 193 44.96 -34.82 7.80
C GLY F 193 43.92 -34.51 8.86
N LYS F 194 43.51 -33.25 8.90
CA LYS F 194 42.55 -32.76 9.86
C LYS F 194 41.26 -32.36 9.17
N PHE F 195 40.14 -32.58 9.86
CA PHE F 195 38.81 -32.26 9.35
C PHE F 195 38.31 -30.99 10.02
N LEU F 196 37.77 -30.07 9.22
CA LEU F 196 37.24 -28.81 9.71
C LEU F 196 35.73 -28.80 9.56
N HIS F 197 35.03 -28.52 10.65
CA HIS F 197 33.57 -28.42 10.62
C HIS F 197 33.09 -27.00 10.37
N TYR F 198 33.87 -26.00 10.76
CA TYR F 198 33.52 -24.60 10.57
C TYR F 198 34.68 -23.92 9.87
N LEU F 199 34.41 -23.27 8.73
CA LEU F 199 35.42 -22.54 7.97
C LEU F 199 35.50 -21.10 8.50
N SER F 200 36.00 -20.99 9.73
CA SER F 200 36.10 -19.68 10.37
C SER F 200 37.14 -18.80 9.69
N SER F 201 38.30 -19.36 9.37
CA SER F 201 39.38 -18.63 8.72
C SER F 201 39.71 -19.29 7.39
N LYS F 202 39.87 -18.48 6.35
CA LYS F 202 40.10 -19.00 5.01
C LYS F 202 41.55 -19.42 4.78
N LYS F 203 42.49 -18.99 5.63
CA LYS F 203 43.87 -19.38 5.44
C LYS F 203 44.12 -20.82 5.87
N THR F 204 43.48 -21.25 6.96
CA THR F 204 43.74 -22.57 7.55
C THR F 204 42.88 -23.65 6.90
N VAL F 205 42.92 -23.71 5.57
CA VAL F 205 42.24 -24.76 4.81
C VAL F 205 42.90 -24.88 3.44
N THR F 206 43.20 -26.11 3.03
CA THR F 206 43.86 -26.35 1.74
C THR F 206 42.83 -26.64 0.65
N HIS F 207 41.99 -27.65 0.87
CA HIS F 207 40.99 -28.06 -0.11
C HIS F 207 39.60 -27.98 0.52
N ILE F 208 38.65 -27.46 -0.24
CA ILE F 208 37.26 -27.35 0.19
C ILE F 208 36.40 -28.17 -0.77
N VAL F 209 35.52 -29.00 -0.20
CA VAL F 209 34.69 -29.93 -0.96
C VAL F 209 33.26 -29.41 -0.97
N ALA F 210 32.70 -29.25 -2.17
CA ALA F 210 31.33 -28.78 -2.31
C ALA F 210 30.80 -29.25 -3.66
N SER F 211 29.76 -30.07 -3.65
CA SER F 211 29.19 -30.57 -4.90
C SER F 211 28.59 -29.44 -5.73
N ASN F 212 27.89 -28.51 -5.08
CA ASN F 212 27.26 -27.39 -5.76
C ASN F 212 27.66 -26.09 -5.06
N LEU F 213 27.87 -25.05 -5.86
CA LEU F 213 28.26 -23.74 -5.35
C LEU F 213 27.50 -22.67 -6.12
N PRO F 214 26.90 -21.70 -5.43
CA PRO F 214 26.22 -20.60 -6.13
C PRO F 214 27.23 -19.65 -6.75
N LEU F 215 26.69 -18.70 -7.54
CA LEU F 215 27.55 -17.74 -8.22
C LEU F 215 28.27 -16.83 -7.24
N LYS F 216 27.58 -16.37 -6.20
CA LYS F 216 28.21 -15.48 -5.23
C LYS F 216 29.34 -16.20 -4.49
N LYS F 217 29.11 -17.45 -4.07
CA LYS F 217 30.15 -18.20 -3.39
C LYS F 217 31.29 -18.57 -4.32
N ARG F 218 31.00 -18.81 -5.60
CA ARG F 218 32.06 -19.05 -6.57
C ARG F 218 32.93 -17.82 -6.73
N ILE F 219 32.32 -16.63 -6.78
CA ILE F 219 33.10 -15.40 -6.88
C ILE F 219 33.92 -15.18 -5.62
N GLU F 220 33.31 -15.42 -4.45
CA GLU F 220 34.02 -15.17 -3.19
C GLU F 220 35.17 -16.16 -3.00
N PHE F 221 35.02 -17.39 -3.49
CA PHE F 221 36.02 -18.44 -3.30
C PHE F 221 36.91 -18.62 -4.53
N ALA F 222 37.18 -17.56 -5.27
CA ALA F 222 38.05 -17.69 -6.43
C ALA F 222 39.49 -17.96 -5.98
N ASN F 223 40.26 -18.58 -6.88
CA ASN F 223 41.65 -18.93 -6.63
C ASN F 223 41.81 -19.93 -5.49
N TYR F 224 40.71 -20.53 -5.04
CA TYR F 224 40.76 -21.60 -4.05
C TYR F 224 40.51 -22.95 -4.72
N LYS F 225 41.10 -24.00 -4.14
CA LYS F 225 41.00 -25.35 -4.69
C LYS F 225 39.71 -25.97 -4.22
N VAL F 226 38.68 -25.94 -5.07
CA VAL F 226 37.39 -26.55 -4.80
C VAL F 226 37.29 -27.80 -5.67
N VAL F 227 37.04 -28.95 -5.04
CA VAL F 227 37.05 -30.23 -5.72
C VAL F 227 35.73 -30.95 -5.49
N SER F 228 35.45 -31.90 -6.38
CA SER F 228 34.27 -32.75 -6.24
C SER F 228 34.43 -33.68 -5.05
N PRO F 229 33.33 -34.11 -4.43
CA PRO F 229 33.45 -35.03 -3.28
C PRO F 229 33.95 -36.41 -3.66
N ASP F 230 33.94 -36.78 -4.94
CA ASP F 230 34.50 -38.06 -5.37
C ASP F 230 36.01 -38.10 -5.30
N TRP F 231 36.66 -36.95 -5.08
CA TRP F 231 38.13 -36.92 -5.04
C TRP F 231 38.66 -37.75 -3.87
N ILE F 232 38.04 -37.62 -2.70
CA ILE F 232 38.53 -38.34 -1.52
C ILE F 232 38.39 -39.84 -1.71
N VAL F 233 37.23 -40.29 -2.20
CA VAL F 233 37.00 -41.72 -2.40
C VAL F 233 37.90 -42.26 -3.50
N ASP F 234 38.16 -41.46 -4.54
CA ASP F 234 39.06 -41.89 -5.60
C ASP F 234 40.49 -42.04 -5.09
N SER F 235 40.95 -41.08 -4.28
CA SER F 235 42.29 -41.18 -3.70
C SER F 235 42.40 -42.37 -2.76
N VAL F 236 41.35 -42.62 -1.97
CA VAL F 236 41.37 -43.76 -1.04
C VAL F 236 41.41 -45.07 -1.81
N LYS F 237 40.60 -45.20 -2.86
CA LYS F 237 40.60 -46.42 -3.66
C LYS F 237 41.94 -46.62 -4.36
N GLU F 238 42.52 -45.53 -4.89
CA GLU F 238 43.81 -45.63 -5.58
C GLU F 238 44.99 -45.68 -4.63
N ALA F 239 44.78 -45.43 -3.34
CA ALA F 239 45.82 -45.51 -2.31
C ALA F 239 46.95 -44.52 -2.56
N ARG F 240 46.71 -43.48 -3.35
CA ARG F 240 47.70 -42.44 -3.61
C ARG F 240 46.99 -41.11 -3.77
N LEU F 241 47.59 -40.04 -3.26
CA LEU F 241 47.01 -38.71 -3.38
C LEU F 241 46.85 -38.35 -4.85
N LEU F 242 45.65 -37.85 -5.20
CA LEU F 242 45.34 -37.52 -6.58
C LEU F 242 45.33 -36.02 -6.78
N PRO F 243 45.91 -35.52 -7.88
CA PRO F 243 45.88 -34.08 -8.15
C PRO F 243 44.45 -33.59 -8.35
N TRP F 244 44.21 -32.34 -7.97
CA TRP F 244 42.89 -31.72 -8.08
C TRP F 244 42.66 -31.02 -9.40
N GLN F 245 43.61 -31.10 -10.34
CA GLN F 245 43.41 -30.48 -11.65
C GLN F 245 42.24 -31.12 -12.39
N ASN F 246 42.20 -32.45 -12.44
CA ASN F 246 41.13 -33.13 -13.15
C ASN F 246 39.83 -33.16 -12.37
N TYR F 247 39.90 -33.09 -11.03
CA TYR F 247 38.73 -33.22 -10.17
C TYR F 247 38.22 -31.88 -9.68
N SER F 248 38.66 -30.78 -10.29
CA SER F 248 38.20 -29.46 -9.89
C SER F 248 36.72 -29.29 -10.18
N LEU F 249 36.04 -28.52 -9.31
CA LEU F 249 34.62 -28.28 -9.49
C LEU F 249 34.34 -27.46 -10.74
N THR F 250 35.20 -26.50 -11.04
CA THR F 250 34.99 -25.66 -12.23
C THR F 250 35.12 -26.50 -13.50
N SER F 251 34.21 -26.23 -14.44
CA SER F 251 34.16 -26.94 -15.72
C SER F 251 34.05 -28.46 -15.52
N LYS F 862 12.35 19.91 -50.49
CA LYS F 862 13.21 19.56 -49.37
C LYS F 862 14.16 18.42 -49.75
N ASN F 863 13.65 17.46 -50.52
CA ASN F 863 14.42 16.31 -50.97
C ASN F 863 14.47 16.23 -52.50
N HIS F 864 14.44 17.39 -53.15
CA HIS F 864 14.50 17.48 -54.62
C HIS F 864 13.37 16.67 -55.27
N PHE F 865 12.18 16.70 -54.67
CA PHE F 865 11.03 16.02 -55.23
C PHE F 865 9.77 16.88 -55.23
N MET F 866 9.79 18.08 -54.65
CA MET F 866 8.60 18.93 -54.63
C MET F 866 8.19 19.33 -56.05
N GLY F 867 9.15 19.73 -56.88
CA GLY F 867 8.87 20.17 -58.22
C GLY F 867 8.41 21.61 -58.34
N GLN F 868 8.27 22.32 -57.23
CA GLN F 868 7.81 23.71 -57.23
C GLN F 868 8.19 24.32 -55.88
N ASN F 869 7.64 25.51 -55.60
CA ASN F 869 7.86 26.12 -54.29
C ASN F 869 7.30 25.27 -53.16
N SER F 870 6.25 24.49 -53.44
CA SER F 870 5.69 23.58 -52.46
C SER F 870 5.64 22.17 -53.03
N ILE F 871 5.00 21.25 -52.32
CA ILE F 871 4.93 19.86 -52.78
C ILE F 871 4.13 19.77 -54.08
N PHE F 872 3.08 20.58 -54.21
CA PHE F 872 2.28 20.63 -55.42
C PHE F 872 2.21 22.06 -55.93
N GLN F 873 1.92 22.19 -57.22
CA GLN F 873 1.81 23.49 -57.85
C GLN F 873 0.35 23.88 -57.94
N PRO F 874 -0.11 24.86 -57.17
CA PRO F 874 -1.52 25.26 -57.26
C PRO F 874 -1.85 25.92 -58.59
N ILE F 875 -3.11 25.75 -59.00
CA ILE F 875 -3.57 26.38 -60.24
C ILE F 875 -3.73 27.87 -60.02
N LYS F 876 -3.10 28.67 -60.88
CA LYS F 876 -3.10 30.12 -60.75
C LYS F 876 -4.00 30.71 -61.84
N PHE F 877 -4.98 31.52 -61.42
CA PHE F 877 -5.87 32.23 -62.32
C PHE F 877 -5.84 33.70 -61.99
N GLN F 878 -5.65 34.54 -63.02
CA GLN F 878 -5.55 35.99 -62.84
C GLN F 878 -4.44 36.35 -61.85
N ASN F 879 -3.32 35.65 -61.93
CA ASN F 879 -2.17 35.88 -61.06
C ASN F 879 -2.55 35.78 -59.59
N LEU F 880 -3.38 34.80 -59.25
CA LEU F 880 -3.80 34.55 -57.88
C LEU F 880 -3.50 33.11 -57.51
N THR F 881 -2.98 32.92 -56.29
CA THR F 881 -2.56 31.61 -55.82
C THR F 881 -3.42 31.09 -54.68
N ARG F 882 -3.69 31.91 -53.67
CA ARG F 882 -4.46 31.46 -52.52
C ARG F 882 -5.89 31.12 -52.92
N PHE F 883 -6.39 30.00 -52.40
CA PHE F 883 -7.72 29.54 -52.75
C PHE F 883 -8.80 30.47 -52.20
N LYS F 884 -8.62 30.96 -50.97
CA LYS F 884 -9.58 31.90 -50.42
C LYS F 884 -9.57 33.22 -51.18
N LYS F 885 -8.38 33.67 -51.60
CA LYS F 885 -8.30 34.91 -52.36
C LYS F 885 -9.03 34.80 -53.69
N ILE F 886 -8.83 33.69 -54.40
CA ILE F 886 -9.51 33.54 -55.69
C ILE F 886 -11.01 33.31 -55.48
N CYS F 887 -11.39 32.67 -54.37
CA CYS F 887 -12.81 32.53 -54.07
C CYS F 887 -13.47 33.88 -53.82
N GLN F 888 -12.80 34.74 -53.07
CA GLN F 888 -13.31 36.10 -52.85
C GLN F 888 -13.35 36.89 -54.14
N LEU F 889 -12.35 36.71 -55.00
CA LEU F 889 -12.36 37.39 -56.30
C LEU F 889 -13.54 36.92 -57.14
N VAL F 890 -13.83 35.62 -57.15
CA VAL F 890 -14.96 35.09 -57.88
C VAL F 890 -16.27 35.64 -57.32
N LYS F 891 -16.37 35.71 -55.98
CA LYS F 891 -17.58 36.26 -55.37
C LYS F 891 -17.77 37.72 -55.75
N GLN F 892 -16.70 38.51 -55.73
CA GLN F 892 -16.79 39.90 -56.13
C GLN F 892 -17.19 40.03 -57.60
N TRP F 893 -16.61 39.20 -58.47
CA TRP F 893 -16.93 39.24 -59.89
C TRP F 893 -18.39 38.91 -60.13
N VAL F 894 -18.89 37.84 -59.48
CA VAL F 894 -20.28 37.45 -59.70
C VAL F 894 -21.24 38.46 -59.07
N ALA F 895 -20.83 39.12 -57.98
CA ALA F 895 -21.69 40.15 -57.38
C ALA F 895 -21.79 41.37 -58.28
N GLU F 896 -20.67 41.82 -58.84
CA GLU F 896 -20.71 43.02 -59.69
C GLU F 896 -21.27 42.73 -61.07
N THR F 897 -21.14 41.49 -61.56
CA THR F 897 -21.61 41.17 -62.90
C THR F 897 -23.12 41.07 -62.99
N LEU F 898 -23.81 40.86 -61.87
CA LEU F 898 -25.27 40.75 -61.89
C LEU F 898 -25.91 42.06 -62.34
N GLY F 899 -25.39 43.19 -61.86
CA GLY F 899 -25.93 44.48 -62.24
C GLY F 899 -25.52 44.97 -63.61
N ASP F 900 -24.57 44.31 -64.25
CA ASP F 900 -24.10 44.71 -65.57
C ASP F 900 -24.92 44.09 -66.71
N GLY F 901 -25.88 43.22 -66.39
CA GLY F 901 -26.69 42.59 -67.40
C GLY F 901 -26.12 41.32 -68.01
N GLY F 902 -24.91 40.92 -67.62
CA GLY F 902 -24.31 39.71 -68.13
C GLY F 902 -22.80 39.78 -68.16
N PRO F 903 -22.14 38.70 -67.76
CA PRO F 903 -20.69 38.67 -67.77
C PRO F 903 -20.13 38.61 -69.18
N HIS F 904 -18.89 39.07 -69.33
CA HIS F 904 -18.22 39.04 -70.62
C HIS F 904 -17.88 37.61 -71.01
N GLU F 905 -17.86 37.37 -72.33
CA GLU F 905 -17.55 36.04 -72.83
C GLU F 905 -16.13 35.61 -72.50
N LYS F 906 -15.18 36.56 -72.56
CA LYS F 906 -13.79 36.24 -72.25
C LYS F 906 -13.63 35.78 -70.81
N ASP F 907 -14.31 36.45 -69.87
CA ASP F 907 -14.22 36.05 -68.47
C ASP F 907 -14.80 34.66 -68.26
N VAL F 908 -15.93 34.35 -68.90
CA VAL F 908 -16.52 33.02 -68.78
C VAL F 908 -15.61 31.97 -69.36
N LYS F 909 -14.99 32.26 -70.51
CA LYS F 909 -14.06 31.32 -71.12
C LYS F 909 -12.85 31.09 -70.22
N LEU F 910 -12.32 32.15 -69.62
CA LEU F 910 -11.18 32.00 -68.71
C LEU F 910 -11.57 31.18 -67.48
N PHE F 911 -12.77 31.41 -66.94
CA PHE F 911 -13.22 30.63 -65.80
C PHE F 911 -13.40 29.17 -66.17
N VAL F 912 -13.93 28.89 -67.36
CA VAL F 912 -14.10 27.51 -67.81
C VAL F 912 -12.74 26.83 -67.99
N LYS F 913 -11.78 27.55 -68.56
CA LYS F 913 -10.44 26.99 -68.73
C LYS F 913 -9.80 26.71 -67.38
N TYR F 914 -9.94 27.64 -66.42
CA TYR F 914 -9.39 27.42 -65.09
C TYR F 914 -10.05 26.22 -64.43
N LEU F 915 -11.37 26.07 -64.59
CA LEU F 915 -12.07 24.94 -63.99
C LEU F 915 -11.62 23.62 -64.61
N ILE F 916 -11.42 23.58 -65.92
CA ILE F 916 -11.01 22.33 -66.56
C ILE F 916 -9.57 21.98 -66.21
N LYS F 917 -8.70 22.99 -66.11
CA LYS F 917 -7.35 22.74 -65.62
C LYS F 917 -7.38 22.27 -64.17
N LEU F 918 -8.25 22.86 -63.35
CA LEU F 918 -8.36 22.51 -61.95
C LEU F 918 -8.84 21.07 -61.79
N CYS F 919 -9.79 20.65 -62.63
CA CYS F 919 -10.25 19.26 -62.61
C CYS F 919 -9.17 18.30 -63.08
N ASP F 920 -8.40 18.70 -64.10
CA ASP F 920 -7.39 17.80 -64.65
C ASP F 920 -6.30 17.45 -63.64
N SER F 921 -6.20 18.19 -62.54
CA SER F 921 -5.21 17.91 -61.50
C SER F 921 -5.81 17.18 -60.30
N ASN F 922 -6.98 16.56 -60.47
CA ASN F 922 -7.70 15.85 -59.41
C ASN F 922 -7.88 16.75 -58.19
N ARG F 923 -8.68 17.79 -58.42
CA ARG F 923 -9.08 18.74 -57.39
C ARG F 923 -10.58 18.99 -57.45
N VAL F 924 -11.35 17.92 -57.66
CA VAL F 924 -12.80 18.06 -57.86
C VAL F 924 -13.48 18.62 -56.61
N HIS F 925 -12.86 18.48 -55.43
CA HIS F 925 -13.41 19.11 -54.24
C HIS F 925 -13.41 20.63 -54.37
N LEU F 926 -12.35 21.21 -54.95
CA LEU F 926 -12.32 22.65 -55.16
C LEU F 926 -13.37 23.08 -56.17
N VAL F 927 -13.59 22.28 -57.21
CA VAL F 927 -14.63 22.58 -58.20
C VAL F 927 -16.00 22.55 -57.54
N LEU F 928 -16.24 21.55 -56.68
CA LEU F 928 -17.51 21.47 -55.96
C LEU F 928 -17.69 22.66 -55.03
N HIS F 929 -16.61 23.09 -54.37
CA HIS F 929 -16.68 24.26 -53.51
C HIS F 929 -17.02 25.51 -54.29
N LEU F 930 -16.39 25.69 -55.46
CA LEU F 930 -16.69 26.85 -56.30
C LEU F 930 -18.13 26.83 -56.79
N SER F 931 -18.62 25.65 -57.21
CA SER F 931 -20.01 25.54 -57.63
C SER F 931 -20.96 25.84 -56.49
N ASN F 932 -20.67 25.35 -55.30
CA ASN F 932 -21.50 25.64 -54.13
C ASN F 932 -21.50 27.13 -53.81
N LEU F 933 -20.34 27.78 -53.91
CA LEU F 933 -20.26 29.21 -53.68
C LEU F 933 -21.10 29.99 -54.69
N ILE F 934 -21.02 29.61 -55.96
CA ILE F 934 -21.79 30.30 -57.00
C ILE F 934 -23.28 30.09 -56.76
N SER F 935 -23.68 28.86 -56.45
CA SER F 935 -25.10 28.57 -56.19
C SER F 935 -25.60 29.33 -54.97
N ARG F 936 -24.80 29.40 -53.91
CA ARG F 936 -25.19 30.14 -52.71
C ARG F 936 -25.33 31.63 -53.00
N GLU F 937 -24.40 32.19 -53.78
CA GLU F 937 -24.50 33.60 -54.14
C GLU F 937 -25.76 33.86 -54.96
N LEU F 938 -26.05 32.98 -55.93
CA LEU F 938 -27.26 33.14 -56.74
C LEU F 938 -28.52 33.04 -55.88
N ASN F 939 -28.54 32.10 -54.94
CA ASN F 939 -29.71 31.93 -54.07
C ASN F 939 -29.90 33.15 -53.18
N LEU F 940 -28.81 33.65 -52.59
CA LEU F 940 -28.90 34.77 -51.66
C LEU F 940 -29.10 36.11 -52.36
N CYS F 941 -28.83 36.17 -53.67
CA CYS F 941 -29.12 37.38 -54.44
C CYS F 941 -30.55 37.42 -54.95
N ALA F 942 -31.34 36.37 -54.71
CA ALA F 942 -32.73 36.33 -55.13
C ALA F 942 -33.57 37.25 -54.27
N PHE F 943 -34.76 37.60 -54.80
CA PHE F 943 -35.75 38.49 -54.22
C PHE F 943 -35.29 39.94 -54.15
N LEU F 944 -34.06 40.23 -54.53
CA LEU F 944 -33.52 41.59 -54.61
C LEU F 944 -32.85 41.87 -55.94
N ASN F 945 -32.22 40.86 -56.55
CA ASN F 945 -31.58 40.98 -57.85
C ASN F 945 -32.16 39.95 -58.82
N GLN F 946 -33.48 39.82 -58.84
CA GLN F 946 -34.17 38.85 -59.67
C GLN F 946 -34.83 39.53 -60.85
N ASP F 947 -34.73 38.88 -62.02
CA ASP F 947 -35.40 39.33 -63.24
C ASP F 947 -34.93 40.72 -63.67
N HIS F 948 -33.61 40.86 -63.79
CA HIS F 948 -32.98 42.05 -64.36
C HIS F 948 -31.97 41.68 -65.44
N SER F 949 -32.23 40.60 -66.17
CA SER F 949 -31.40 40.10 -67.27
C SER F 949 -29.99 39.74 -66.84
N GLY F 950 -29.73 39.69 -65.53
CA GLY F 950 -28.41 39.29 -65.05
C GLY F 950 -28.44 37.97 -64.30
N PHE F 951 -29.54 37.71 -63.59
CA PHE F 951 -29.66 36.47 -62.84
C PHE F 951 -29.92 35.29 -63.76
N GLN F 952 -30.75 35.48 -64.80
CA GLN F 952 -31.10 34.37 -65.69
C GLN F 952 -29.88 33.87 -66.46
N THR F 953 -29.11 34.79 -67.04
CA THR F 953 -27.93 34.38 -67.80
C THR F 953 -26.88 33.74 -66.90
N TRP F 954 -26.70 34.29 -65.69
CA TRP F 954 -25.74 33.72 -64.76
C TRP F 954 -26.16 32.31 -64.34
N GLU F 955 -27.45 32.12 -64.07
CA GLU F 955 -27.94 30.77 -63.73
C GLU F 955 -27.75 29.81 -64.90
N ARG F 956 -28.06 30.26 -66.11
CA ARG F 956 -27.89 29.40 -67.28
C ARG F 956 -26.44 29.00 -67.48
N ILE F 957 -25.51 29.95 -67.30
CA ILE F 957 -24.09 29.63 -67.44
C ILE F 957 -23.65 28.68 -66.34
N LEU F 958 -23.98 29.01 -65.08
CA LEU F 958 -23.58 28.18 -63.96
C LEU F 958 -24.19 26.78 -64.01
N LEU F 959 -25.27 26.61 -64.77
CA LEU F 959 -25.77 25.26 -65.03
C LEU F 959 -24.99 24.60 -66.16
N ASN F 960 -25.06 25.19 -67.36
CA ASN F 960 -24.57 24.51 -68.56
C ASN F 960 -23.07 24.26 -68.51
N ASP F 961 -22.28 25.25 -68.08
CA ASP F 961 -20.83 25.15 -68.16
C ASP F 961 -20.20 24.57 -66.90
N ILE F 962 -21.00 24.21 -65.90
CA ILE F 962 -20.48 23.72 -64.62
C ILE F 962 -21.03 22.35 -64.26
N ILE F 963 -22.36 22.20 -64.25
CA ILE F 963 -22.97 20.95 -63.77
C ILE F 963 -22.52 19.75 -64.60
N PRO F 964 -22.56 19.78 -65.94
CA PRO F 964 -21.96 18.66 -66.69
C PRO F 964 -20.46 18.52 -66.45
N LEU F 965 -19.74 19.62 -66.22
CA LEU F 965 -18.30 19.59 -66.05
C LEU F 965 -17.88 18.87 -64.76
N LEU F 966 -18.81 18.66 -63.83
CA LEU F 966 -18.45 18.06 -62.55
C LEU F 966 -18.08 16.59 -62.71
N ASN F 967 -18.84 15.84 -63.49
CA ASN F 967 -18.65 14.39 -63.59
C ASN F 967 -17.73 14.01 -64.75
N ARG F 968 -16.58 14.67 -64.84
CA ARG F 968 -15.56 14.36 -65.84
C ARG F 968 -14.21 14.22 -65.17
N ASN F 969 -13.37 13.38 -65.77
CA ASN F 969 -11.99 13.17 -65.34
C ASN F 969 -11.94 12.69 -63.88
N LYS F 970 -12.50 11.50 -63.65
CA LYS F 970 -12.49 10.88 -62.33
C LYS F 970 -11.16 10.16 -62.11
N HIS F 971 -10.12 10.97 -61.90
CA HIS F 971 -8.77 10.47 -61.72
C HIS F 971 -8.27 10.81 -60.32
N THR F 972 -7.35 9.96 -59.81
CA THR F 972 -6.77 10.14 -58.49
C THR F 972 -5.27 9.87 -58.51
N TYR F 973 -4.60 10.21 -59.61
CA TYR F 973 -3.20 9.95 -59.90
C TYR F 973 -2.88 8.47 -60.05
N GLN F 974 -3.87 7.58 -59.94
CA GLN F 974 -3.62 6.14 -60.06
C GLN F 974 -4.91 5.48 -60.54
N THR F 975 -4.93 5.10 -61.82
CA THR F 975 -6.06 4.42 -62.45
C THR F 975 -7.29 5.31 -62.32
N VAL F 976 -8.48 4.75 -62.14
CA VAL F 976 -9.72 5.50 -62.04
C VAL F 976 -10.42 5.13 -60.74
N ARG F 977 -10.98 6.13 -60.06
CA ARG F 977 -11.70 5.89 -58.82
C ARG F 977 -12.87 4.93 -59.05
N LYS F 978 -13.05 4.00 -58.12
CA LYS F 978 -14.11 3.02 -58.22
C LYS F 978 -15.47 3.68 -58.00
N LEU F 979 -16.51 3.05 -58.52
CA LEU F 979 -17.89 3.54 -58.47
C LEU F 979 -17.94 4.94 -59.12
N ASP F 980 -18.90 5.76 -58.72
CA ASP F 980 -19.06 7.09 -59.28
C ASP F 980 -19.57 8.03 -58.20
N MET F 981 -19.74 9.30 -58.55
CA MET F 981 -20.20 10.31 -57.60
C MET F 981 -21.07 11.31 -58.32
N ASP F 982 -22.20 11.66 -57.70
CA ASP F 982 -23.12 12.66 -58.23
C ASP F 982 -22.94 14.03 -57.60
N PHE F 983 -22.22 14.11 -56.47
CA PHE F 983 -21.86 15.35 -55.79
C PHE F 983 -23.07 15.99 -55.11
N GLU F 984 -22.85 16.59 -53.94
CA GLU F 984 -23.93 17.24 -53.22
C GLU F 984 -24.47 18.44 -53.98
N VAL F 985 -23.58 19.23 -54.57
CA VAL F 985 -23.89 20.46 -55.32
C VAL F 985 -25.07 21.24 -54.75
#